data_7KGI
#
_entry.id   7KGI
#
_cell.length_a   1.00
_cell.length_b   1.00
_cell.length_c   1.00
_cell.angle_alpha   90.00
_cell.angle_beta   90.00
_cell.angle_gamma   90.00
#
_symmetry.space_group_name_H-M   'P 1'
#
loop_
_entity.id
_entity.type
_entity.pdbx_description
1 polymer 'Efflux pump membrane transporter'
2 non-polymer ETHIDIUM
3 non-polymer PHOSPHATIDYLETHANOLAMINE
#
_entity_poly.entity_id   1
_entity_poly.type   'polypeptide(L)'
_entity_poly.pdbx_seq_one_letter_code
;MSQFFIRRPVFAWVIAIFIIIFGLLSIPKLPIARFPSVAPPQVNISATYPGATAKTINDSVVTLIERELSGVKNLLYYSA
TTDTSGTAEITATFKPGTDVEMAQVDVQNKIKAVEARLPQVVRQQGLQVEASSSGFLMLVGINSPNNQYSEVDLSDYLVR
NVVEELKRVEGVGKVQSFGAEKAMRIWVDPNKLVSYGLSISDVNNAIRENNVEIAPGRLGDLPAEKGQLITIPLSAQGQL
SSLEQFKNISLKSKTNGSVIKLSDVANVEIGSQAYNFAILENGKPATAAAIQLSPGANAVKTAEGVRAKIEELKLNLPEG
MEFSIPYDTAPFVKISIEKVIHTLLEAMVLVFIVMYLFLHNVRYTLIPAIVAPIALLGTFTVMLLAGFSINVLTMFGMVL
AIGIIVDDAIVVVENVERIMATEGLSPKDATSKAMKEITSPIIGITLVLAAVFLPMAFASGSVGVIYKQFTLTMSVSILF
SALLALILTPALCATILKPIDGHHQKKGFFAWFDRSFDKVTKKYELMLLKIIKHTVPMMVIFLVITGITFAGMKYWPTAF
MPEEDQGWFMTSFQLPSDATAERTRNVVNQFENNLKDNPDVKSNTAILGWGFSGAGQNVAVAFTTLKDFKERTSSASKMT
SDVNSSMANSTEGETMAVLPPAIDELGTFSGFSLRLQDRANLGMPALLAAQDELMAMAAKNKKFYMVWNEGLPQGDNISL
KIDREKLSALGVKFSDVSDIISTSMGSMYINDFPNQGRMQQVIVQVEAKSRMQLKDILNLKVMGSSGQLVSLSEVVTPQW
NKAPQQYNRYNGRPSLSIAGIPNFDTSSGEAMREMEQLIAKLPKGIGYEWTGISLQEKQSESQMAFLLGLSMLVVFLVLA
ALYESWAIPLSVMLVVPLGIFGAIIAIMSRGLMNDVFFKIGLITIIGLSAKNAILIVEFAKMLKEEGMSLIEATVAAAKL
RLRPILMTSLAFTCGVIPLVIATGASSETQHALGTGVFGGMISATILAIFFVPVFFIFILGAVEKLFSSKKKISS
;
_entity_poly.pdbx_strand_id   A,B,C
#
# COMPACT_ATOMS: atom_id res chain seq x y z
N MET A 1 -37.35 28.88 -9.38
CA MET A 1 -36.46 27.97 -8.60
C MET A 1 -37.19 27.42 -7.39
N SER A 2 -37.49 28.30 -6.43
CA SER A 2 -38.24 27.91 -5.24
C SER A 2 -39.70 27.63 -5.54
N GLN A 3 -40.22 28.05 -6.70
CA GLN A 3 -41.59 27.74 -7.07
C GLN A 3 -41.80 26.23 -7.13
N PHE A 4 -40.79 25.49 -7.57
CA PHE A 4 -40.89 24.04 -7.65
C PHE A 4 -41.28 23.45 -6.30
N PHE A 5 -40.58 23.85 -5.24
CA PHE A 5 -40.82 23.24 -3.93
C PHE A 5 -42.09 23.79 -3.28
N ILE A 6 -42.44 25.04 -3.59
CA ILE A 6 -43.71 25.58 -3.12
C ILE A 6 -44.87 24.79 -3.70
N ARG A 7 -44.80 24.47 -5.00
CA ARG A 7 -45.85 23.68 -5.63
C ARG A 7 -45.84 22.25 -5.13
N ARG A 8 -44.69 21.76 -4.66
CA ARG A 8 -44.51 20.37 -4.23
C ARG A 8 -43.87 20.35 -2.84
N PRO A 9 -44.63 20.70 -1.79
CA PRO A 9 -44.06 20.67 -0.44
C PRO A 9 -43.58 19.29 -0.02
N VAL A 10 -44.26 18.23 -0.47
CA VAL A 10 -43.89 16.88 -0.05
C VAL A 10 -42.48 16.54 -0.53
N PHE A 11 -42.17 16.98 -1.74
CA PHE A 11 -40.84 16.72 -2.33
C PHE A 11 -39.78 17.40 -1.47
N ALA A 12 -39.90 18.62 -0.95
CA ALA A 12 -38.94 19.27 -0.06
C ALA A 12 -38.90 18.59 1.30
N TRP A 13 -40.06 18.20 1.83
CA TRP A 13 -40.07 17.47 3.10
C TRP A 13 -39.34 16.14 2.97
N VAL A 14 -39.43 15.50 1.81
CA VAL A 14 -38.73 14.24 1.60
C VAL A 14 -37.23 14.47 1.57
N ILE A 15 -36.78 15.55 0.92
CA ILE A 15 -35.36 15.88 0.96
C ILE A 15 -34.90 16.09 2.40
N ALA A 16 -35.68 16.85 3.17
CA ALA A 16 -35.32 17.10 4.56
C ALA A 16 -35.24 15.80 5.35
N ILE A 17 -36.20 14.90 5.15
CA ILE A 17 -36.22 13.65 5.87
C ILE A 17 -35.03 12.78 5.47
N PHE A 18 -34.70 12.77 4.19
CA PHE A 18 -33.53 12.01 3.71
C PHE A 18 -32.28 12.55 4.40
N ILE A 19 -32.09 13.87 4.46
CA ILE A 19 -30.92 14.46 5.10
C ILE A 19 -30.88 14.08 6.57
N ILE A 20 -32.03 14.16 7.25
CA ILE A 20 -32.08 13.85 8.67
C ILE A 20 -31.71 12.39 8.91
N ILE A 21 -32.25 11.49 8.09
CA ILE A 21 -31.97 10.06 8.25
C ILE A 21 -30.49 9.78 8.03
N PHE A 22 -29.91 10.38 6.99
CA PHE A 22 -28.49 10.17 6.72
C PHE A 22 -27.64 10.69 7.88
N GLY A 23 -27.98 11.85 8.42
CA GLY A 23 -27.22 12.38 9.55
C GLY A 23 -27.34 11.51 10.78
N LEU A 24 -28.55 11.04 11.09
CA LEU A 24 -28.73 10.17 12.25
C LEU A 24 -27.97 8.86 12.07
N LEU A 25 -27.92 8.34 10.84
CA LEU A 25 -27.14 7.14 10.60
C LEU A 25 -25.64 7.40 10.71
N SER A 26 -25.20 8.59 10.32
CA SER A 26 -23.77 8.89 10.31
C SER A 26 -23.24 9.19 11.71
N ILE A 27 -24.04 9.83 12.55
CA ILE A 27 -23.54 10.27 13.86
C ILE A 27 -22.95 9.12 14.66
N PRO A 28 -23.63 7.98 14.82
CA PRO A 28 -23.07 6.90 15.66
C PRO A 28 -21.92 6.14 15.04
N LYS A 29 -21.39 6.57 13.90
CA LYS A 29 -20.28 5.90 13.22
C LYS A 29 -19.17 6.88 12.92
N LEU A 30 -18.91 7.80 13.85
CA LEU A 30 -17.88 8.82 13.69
C LEU A 30 -16.91 8.75 14.86
N PRO A 31 -15.59 8.70 14.60
CA PRO A 31 -14.64 8.71 15.72
C PRO A 31 -14.75 10.01 16.52
N ILE A 32 -14.43 9.90 17.82
CA ILE A 32 -14.43 11.04 18.73
C ILE A 32 -13.03 11.20 19.29
N ALA A 33 -12.51 12.43 19.26
CA ALA A 33 -11.18 12.73 19.74
C ALA A 33 -11.13 14.16 20.27
N ARG A 34 -10.19 14.42 21.16
CA ARG A 34 -10.11 15.72 21.80
C ARG A 34 -9.53 16.77 20.85
N PHE A 35 -8.47 16.42 20.14
CA PHE A 35 -7.91 17.24 19.07
C PHE A 35 -7.35 16.34 17.98
N PRO A 36 -7.27 16.82 16.75
CA PRO A 36 -6.70 15.99 15.67
C PRO A 36 -5.25 15.64 15.94
N SER A 37 -4.87 14.44 15.52
CA SER A 37 -3.50 14.00 15.72
C SER A 37 -2.55 14.79 14.83
N VAL A 38 -1.50 15.33 15.44
CA VAL A 38 -0.50 16.11 14.71
C VAL A 38 0.87 15.52 15.00
N ALA A 39 0.91 14.22 15.33
CA ALA A 39 2.15 13.54 15.67
C ALA A 39 2.74 12.92 14.43
N PRO A 40 3.94 13.30 13.99
CA PRO A 40 4.56 12.65 12.84
C PRO A 40 4.73 11.16 13.08
N PRO A 41 4.53 10.33 12.06
CA PRO A 41 4.72 8.88 12.25
C PRO A 41 6.15 8.57 12.66
N GLN A 42 6.30 7.57 13.52
CA GLN A 42 7.60 7.15 14.03
C GLN A 42 7.66 5.64 14.13
N VAL A 43 8.83 5.08 13.82
CA VAL A 43 9.08 3.65 13.93
C VAL A 43 10.27 3.45 14.84
N ASN A 44 10.12 2.57 15.83
CA ASN A 44 11.12 2.34 16.86
C ASN A 44 11.71 0.94 16.73
N ILE A 45 13.04 0.86 16.93
CA ILE A 45 13.79 -0.39 16.96
C ILE A 45 14.44 -0.50 18.32
N SER A 46 14.21 -1.63 18.98
CA SER A 46 14.74 -1.88 20.32
C SER A 46 15.70 -3.06 20.26
N ALA A 47 16.86 -2.88 20.88
CA ALA A 47 17.89 -3.90 20.96
C ALA A 47 18.33 -4.05 22.40
N THR A 48 18.80 -5.23 22.75
CA THR A 48 19.21 -5.51 24.12
C THR A 48 20.50 -6.32 24.11
N TYR A 49 21.52 -5.80 24.79
CA TYR A 49 22.80 -6.54 24.97
C TYR A 49 23.03 -6.55 26.48
N PRO A 50 22.58 -7.59 27.21
CA PRO A 50 22.64 -7.56 28.67
C PRO A 50 24.07 -7.58 29.18
N GLY A 51 24.38 -6.64 30.07
CA GLY A 51 25.66 -6.64 30.76
C GLY A 51 26.80 -5.99 30.03
N ALA A 52 26.62 -4.76 29.56
CA ALA A 52 27.67 -4.04 28.86
C ALA A 52 27.52 -2.54 29.07
N THR A 53 28.59 -1.81 28.81
CA THR A 53 28.59 -0.37 28.93
C THR A 53 27.80 0.26 27.78
N ALA A 54 27.43 1.53 27.97
CA ALA A 54 26.73 2.26 26.92
C ALA A 54 27.60 2.40 25.68
N LYS A 55 28.91 2.56 25.87
CA LYS A 55 29.82 2.70 24.74
C LYS A 55 29.80 1.46 23.86
N THR A 56 29.78 0.28 24.47
CA THR A 56 29.78 -0.95 23.69
C THR A 56 28.54 -1.04 22.80
N ILE A 57 27.37 -0.76 23.37
CA ILE A 57 26.14 -0.83 22.58
C ILE A 57 26.13 0.24 21.50
N ASN A 58 26.61 1.45 21.83
CA ASN A 58 26.63 2.52 20.85
C ASN A 58 27.54 2.16 19.67
N ASP A 59 28.71 1.59 19.95
CA ASP A 59 29.66 1.31 18.88
C ASP A 59 29.25 0.09 18.06
N SER A 60 28.75 -0.96 18.74
CA SER A 60 28.53 -2.24 18.09
C SER A 60 27.10 -2.46 17.62
N VAL A 61 26.14 -1.64 18.05
CA VAL A 61 24.74 -1.88 17.73
C VAL A 61 24.13 -0.64 17.08
N VAL A 62 24.18 0.50 17.77
CA VAL A 62 23.47 1.68 17.31
C VAL A 62 24.05 2.17 15.98
N THR A 63 25.38 2.30 15.91
CA THR A 63 26.00 2.86 14.72
C THR A 63 25.75 1.98 13.49
N LEU A 64 25.87 0.67 13.65
CA LEU A 64 25.70 -0.24 12.51
C LEU A 64 24.31 -0.11 11.91
N ILE A 65 23.28 -0.12 12.76
CA ILE A 65 21.91 0.02 12.26
C ILE A 65 21.69 1.41 11.67
N GLU A 66 22.22 2.44 12.33
CA GLU A 66 22.04 3.80 11.85
C GLU A 66 22.66 4.00 10.47
N ARG A 67 23.74 3.27 10.17
CA ARG A 67 24.35 3.40 8.85
C ARG A 67 23.34 3.11 7.75
N GLU A 68 22.61 1.99 7.87
CA GLU A 68 21.64 1.62 6.84
C GLU A 68 20.36 2.44 6.99
N LEU A 69 19.98 2.77 8.22
CA LEU A 69 18.69 3.43 8.46
C LEU A 69 18.64 4.83 7.88
N SER A 70 19.78 5.42 7.51
CA SER A 70 19.77 6.75 6.92
C SER A 70 19.02 6.78 5.60
N GLY A 71 19.24 5.77 4.76
CA GLY A 71 18.66 5.75 3.43
C GLY A 71 17.29 5.12 3.35
N VAL A 72 16.31 5.69 4.05
CA VAL A 72 14.93 5.21 4.04
C VAL A 72 14.03 6.33 3.54
N LYS A 73 13.06 5.97 2.71
CA LYS A 73 12.19 6.96 2.09
C LYS A 73 11.31 7.64 3.13
N ASN A 74 10.99 8.91 2.88
CA ASN A 74 10.08 9.73 3.67
C ASN A 74 10.62 10.02 5.06
N LEU A 75 11.90 9.75 5.31
CA LEU A 75 12.46 10.03 6.63
C LEU A 75 12.57 11.53 6.87
N LEU A 76 12.13 11.96 8.04
CA LEU A 76 12.32 13.33 8.51
C LEU A 76 13.54 13.47 9.41
N TYR A 77 13.70 12.55 10.36
CA TYR A 77 14.93 12.49 11.16
C TYR A 77 14.94 11.16 11.89
N TYR A 78 16.03 10.93 12.61
CA TYR A 78 16.17 9.72 13.41
C TYR A 78 17.11 9.99 14.59
N SER A 79 16.76 9.44 15.75
CA SER A 79 17.54 9.57 16.97
C SER A 79 17.83 8.17 17.53
N ALA A 80 18.84 8.13 18.39
CA ALA A 80 19.24 6.88 19.03
C ALA A 80 19.62 7.18 20.48
N THR A 81 19.20 6.31 21.39
CA THR A 81 19.44 6.48 22.82
C THR A 81 19.93 5.17 23.41
N THR A 82 21.02 5.24 24.17
CA THR A 82 21.57 4.10 24.89
C THR A 82 21.89 4.53 26.32
N ASP A 83 21.53 3.68 27.28
CA ASP A 83 21.77 3.97 28.69
C ASP A 83 22.41 2.77 29.38
N THR A 84 22.61 2.86 30.68
CA THR A 84 23.23 1.78 31.46
C THR A 84 22.19 0.76 31.94
N SER A 85 21.45 0.21 30.99
CA SER A 85 20.52 -0.87 31.27
C SER A 85 20.61 -2.04 30.30
N GLY A 86 21.53 -1.99 29.33
CA GLY A 86 21.63 -3.03 28.34
C GLY A 86 20.66 -2.91 27.19
N THR A 87 19.90 -1.82 27.11
CA THR A 87 18.88 -1.62 26.09
C THR A 87 19.16 -0.35 25.31
N ALA A 88 18.94 -0.41 24.00
CA ALA A 88 19.13 0.73 23.11
C ALA A 88 17.88 0.89 22.25
N GLU A 89 17.46 2.14 22.04
CA GLU A 89 16.27 2.45 21.27
C GLU A 89 16.63 3.42 20.15
N ILE A 90 16.30 3.06 18.92
CA ILE A 90 16.54 3.89 17.74
C ILE A 90 15.18 4.23 17.15
N THR A 91 14.84 5.52 17.15
CA THR A 91 13.56 5.99 16.64
C THR A 91 13.78 6.72 15.32
N ALA A 92 12.86 6.51 14.38
CA ALA A 92 12.91 7.15 13.07
C ALA A 92 11.57 7.81 12.81
N THR A 93 11.57 9.13 12.73
CA THR A 93 10.37 9.92 12.45
C THR A 93 10.34 10.29 10.98
N PHE A 94 9.24 9.97 10.32
CA PHE A 94 9.07 10.14 8.88
C PHE A 94 8.23 11.38 8.60
N LYS A 95 8.12 11.71 7.32
CA LYS A 95 7.33 12.85 6.90
C LYS A 95 5.85 12.59 7.20
N PRO A 96 5.08 13.64 7.52
CA PRO A 96 3.65 13.43 7.78
C PRO A 96 2.95 12.83 6.57
N GLY A 97 1.98 11.96 6.83
CA GLY A 97 1.22 11.30 5.79
C GLY A 97 1.82 10.01 5.26
N THR A 98 3.01 9.65 5.71
CA THR A 98 3.63 8.42 5.27
C THR A 98 2.85 7.21 5.77
N ASP A 99 2.81 6.17 4.94
CA ASP A 99 2.17 4.91 5.32
C ASP A 99 3.09 4.16 6.26
N VAL A 100 2.69 4.06 7.54
CA VAL A 100 3.55 3.45 8.54
C VAL A 100 3.88 2.01 8.21
N GLU A 101 2.97 1.29 7.56
CA GLU A 101 3.27 -0.08 7.15
C GLU A 101 4.43 -0.12 6.17
N MET A 102 4.38 0.72 5.14
CA MET A 102 5.49 0.84 4.19
C MET A 102 6.76 1.33 4.86
N ALA A 103 6.66 2.29 5.78
CA ALA A 103 7.85 2.77 6.47
C ALA A 103 8.52 1.66 7.26
N GLN A 104 7.72 0.87 7.99
CA GLN A 104 8.29 -0.25 8.74
C GLN A 104 8.87 -1.30 7.79
N VAL A 105 8.20 -1.58 6.68
CA VAL A 105 8.73 -2.55 5.72
C VAL A 105 10.10 -2.10 5.24
N ASP A 106 10.23 -0.82 4.86
CA ASP A 106 11.52 -0.31 4.39
C ASP A 106 12.57 -0.35 5.49
N VAL A 107 12.17 0.02 6.71
CA VAL A 107 13.12 0.07 7.83
C VAL A 107 13.68 -1.32 8.10
N GLN A 108 12.81 -2.34 8.08
CA GLN A 108 13.29 -3.69 8.36
C GLN A 108 14.05 -4.26 7.17
N ASN A 109 13.65 -3.90 5.94
CA ASN A 109 14.46 -4.25 4.78
C ASN A 109 15.88 -3.74 4.94
N LYS A 110 16.02 -2.53 5.50
CA LYS A 110 17.36 -1.98 5.73
C LYS A 110 18.07 -2.69 6.87
N ILE A 111 17.37 -2.97 7.98
CA ILE A 111 18.04 -3.59 9.12
C ILE A 111 18.50 -4.99 8.75
N LYS A 112 18.00 -5.61 7.72
CA LYS A 112 18.46 -6.99 7.44
C LYS A 112 19.80 -6.95 6.74
N ALA A 113 20.29 -5.80 6.32
CA ALA A 113 21.64 -5.78 5.75
C ALA A 113 22.70 -6.02 6.81
N VAL A 114 22.53 -5.43 7.99
CA VAL A 114 23.52 -5.53 9.06
C VAL A 114 23.12 -6.57 10.10
N GLU A 115 22.27 -7.53 9.74
CA GLU A 115 21.75 -8.47 10.72
C GLU A 115 22.88 -9.26 11.38
N ALA A 116 23.80 -9.80 10.58
CA ALA A 116 24.83 -10.69 11.09
C ALA A 116 26.03 -9.96 11.69
N ARG A 117 26.16 -8.66 11.45
CA ARG A 117 27.30 -7.93 11.99
C ARG A 117 27.13 -7.61 13.47
N LEU A 118 25.92 -7.72 14.01
CA LEU A 118 25.70 -7.41 15.40
C LEU A 118 26.28 -8.51 16.30
N PRO A 119 26.49 -8.23 17.58
CA PRO A 119 26.97 -9.27 18.50
C PRO A 119 25.98 -10.42 18.57
N GLN A 120 26.51 -11.62 18.80
CA GLN A 120 25.67 -12.81 18.84
C GLN A 120 24.59 -12.68 19.91
N VAL A 121 24.92 -12.08 21.05
CA VAL A 121 23.94 -11.96 22.13
C VAL A 121 22.76 -11.11 21.68
N VAL A 122 23.03 -9.98 21.03
CA VAL A 122 21.95 -9.11 20.58
C VAL A 122 21.02 -9.86 19.63
N ARG A 123 21.60 -10.65 18.73
CA ARG A 123 20.78 -11.46 17.83
C ARG A 123 19.96 -12.47 18.62
N GLN A 124 20.55 -13.08 19.64
CA GLN A 124 19.86 -14.10 20.42
C GLN A 124 18.63 -13.50 21.13
N GLN A 125 18.83 -12.38 21.83
CA GLN A 125 17.70 -11.75 22.50
C GLN A 125 16.68 -11.26 21.48
N GLY A 126 17.13 -10.69 20.37
CA GLY A 126 16.24 -10.26 19.32
C GLY A 126 16.13 -8.76 19.16
N LEU A 127 15.66 -8.33 17.99
CA LEU A 127 15.47 -6.92 17.69
C LEU A 127 13.99 -6.67 17.44
N GLN A 128 13.41 -5.70 18.14
CA GLN A 128 11.98 -5.45 18.08
C GLN A 128 11.71 -4.17 17.31
N VAL A 129 11.01 -4.27 16.18
CA VAL A 129 10.68 -3.13 15.33
C VAL A 129 9.17 -2.97 15.35
N GLU A 130 8.68 -1.79 15.74
CA GLU A 130 7.21 -1.58 15.86
C GLU A 130 6.86 -0.10 15.91
N ALA A 131 5.76 0.34 15.31
CA ALA A 131 5.32 1.73 15.23
C ALA A 131 4.49 2.04 16.46
N SER A 132 4.81 3.08 17.21
CA SER A 132 4.08 3.35 18.48
C SER A 132 3.88 4.85 18.63
N SER A 133 3.44 5.34 19.80
CA SER A 133 3.32 6.79 20.14
C SER A 133 4.19 6.98 21.39
N SER A 134 4.83 8.10 21.63
CA SER A 134 5.77 8.25 22.77
C SER A 134 5.04 8.13 24.10
N GLY A 135 3.87 8.72 24.23
CA GLY A 135 3.11 8.72 25.49
C GLY A 135 2.36 7.45 25.76
N PHE A 136 2.10 7.15 27.02
CA PHE A 136 1.31 5.96 27.43
C PHE A 136 -0.16 6.33 27.40
N LEU A 137 -1.01 5.58 26.72
CA LEU A 137 -2.46 5.81 26.72
C LEU A 137 -3.06 5.39 28.05
N MET A 138 -2.61 4.27 28.61
CA MET A 138 -3.13 3.78 29.89
C MET A 138 -2.13 2.80 30.47
N LEU A 139 -2.30 2.51 31.76
CA LEU A 139 -1.52 1.49 32.46
C LEU A 139 -2.46 0.42 32.98
N VAL A 140 -2.07 -0.84 32.81
CA VAL A 140 -2.81 -1.98 33.32
C VAL A 140 -1.88 -2.77 34.22
N GLY A 141 -2.32 -3.03 35.46
CA GLY A 141 -1.50 -3.73 36.42
C GLY A 141 -2.30 -4.75 37.19
N ILE A 142 -1.59 -5.62 37.89
CA ILE A 142 -2.17 -6.64 38.75
C ILE A 142 -1.56 -6.50 40.13
N ASN A 143 -2.41 -6.44 41.15
CA ASN A 143 -1.98 -6.31 42.53
C ASN A 143 -2.61 -7.40 43.37
N SER A 144 -1.91 -7.77 44.45
CA SER A 144 -2.38 -8.80 45.36
C SER A 144 -2.78 -8.16 46.69
N PRO A 145 -4.08 -7.93 46.94
CA PRO A 145 -4.45 -7.30 48.21
C PRO A 145 -4.01 -8.08 49.43
N ASN A 146 -4.03 -9.41 49.36
CA ASN A 146 -3.69 -10.26 50.49
C ASN A 146 -2.28 -10.82 50.42
N ASN A 147 -1.46 -10.33 49.49
CA ASN A 147 -0.05 -10.72 49.40
C ASN A 147 0.11 -12.23 49.17
N GLN A 148 -0.86 -12.85 48.51
CA GLN A 148 -0.74 -14.28 48.21
C GLN A 148 0.43 -14.55 47.27
N TYR A 149 0.60 -13.73 46.24
CA TYR A 149 1.62 -13.93 45.22
C TYR A 149 2.63 -12.80 45.28
N SER A 150 3.90 -13.16 45.09
CA SER A 150 4.97 -12.18 45.05
C SER A 150 4.92 -11.38 43.75
N GLU A 151 5.69 -10.31 43.69
CA GLU A 151 5.72 -9.46 42.51
C GLU A 151 6.29 -10.19 41.29
N VAL A 152 7.23 -11.11 41.50
CA VAL A 152 7.74 -11.91 40.40
C VAL A 152 6.62 -12.75 39.78
N ASP A 153 5.79 -13.37 40.62
CA ASP A 153 4.67 -14.15 40.11
C ASP A 153 3.67 -13.26 39.38
N LEU A 154 3.42 -12.07 39.91
CA LEU A 154 2.51 -11.14 39.24
C LEU A 154 3.03 -10.78 37.86
N SER A 155 4.31 -10.45 37.78
CA SER A 155 4.95 -10.10 36.49
C SER A 155 4.86 -11.30 35.54
N ASP A 156 5.11 -12.52 36.03
CA ASP A 156 5.05 -13.70 35.18
C ASP A 156 3.65 -13.90 34.63
N TYR A 157 2.64 -13.77 35.48
CA TYR A 157 1.26 -13.92 35.00
C TYR A 157 0.92 -12.85 33.98
N LEU A 158 1.33 -11.60 34.24
CA LEU A 158 1.06 -10.52 33.30
C LEU A 158 1.66 -10.83 31.94
N VAL A 159 2.92 -11.28 31.90
CA VAL A 159 3.56 -11.57 30.63
C VAL A 159 2.90 -12.77 29.95
N ARG A 160 2.60 -13.81 30.73
CA ARG A 160 2.13 -15.05 30.15
C ARG A 160 0.72 -14.92 29.58
N ASN A 161 -0.20 -14.34 30.36
CA ASN A 161 -1.62 -14.44 30.07
C ASN A 161 -2.29 -13.11 29.75
N VAL A 162 -1.60 -11.98 29.93
CA VAL A 162 -2.19 -10.66 29.78
C VAL A 162 -1.56 -9.88 28.65
N VAL A 163 -0.22 -9.88 28.56
CA VAL A 163 0.46 -9.05 27.57
C VAL A 163 0.04 -9.44 26.16
N GLU A 164 0.05 -10.75 25.86
CA GLU A 164 -0.30 -11.19 24.53
C GLU A 164 -1.74 -10.85 24.19
N GLU A 165 -2.65 -11.09 25.12
CA GLU A 165 -4.09 -10.75 24.91
C GLU A 165 -4.21 -9.24 24.69
N LEU A 166 -3.54 -8.42 25.50
CA LEU A 166 -3.64 -6.98 25.37
C LEU A 166 -2.99 -6.46 24.10
N LYS A 167 -2.07 -7.23 23.51
CA LYS A 167 -1.33 -6.80 22.34
C LYS A 167 -2.07 -7.07 21.03
N ARG A 168 -3.18 -7.80 21.07
CA ARG A 168 -3.94 -8.13 19.87
C ARG A 168 -5.12 -7.19 19.65
N VAL A 169 -5.28 -6.18 20.49
CA VAL A 169 -6.38 -5.23 20.35
C VAL A 169 -6.03 -4.19 19.30
N GLU A 170 -7.02 -3.80 18.51
CA GLU A 170 -6.81 -2.81 17.46
C GLU A 170 -6.44 -1.46 18.09
N GLY A 171 -5.46 -0.79 17.48
CA GLY A 171 -4.98 0.49 17.95
C GLY A 171 -3.79 0.42 18.87
N VAL A 172 -3.43 -0.77 19.34
CA VAL A 172 -2.30 -0.93 20.24
C VAL A 172 -1.02 -1.01 19.42
N GLY A 173 -0.09 -0.10 19.68
CA GLY A 173 1.18 -0.09 18.99
C GLY A 173 2.25 -0.85 19.76
N LYS A 174 2.39 -0.55 21.03
CA LYS A 174 3.33 -1.30 21.87
C LYS A 174 2.64 -1.69 23.16
N VAL A 175 3.04 -2.73 23.80
CA VAL A 175 2.67 -3.11 25.16
C VAL A 175 3.98 -3.31 25.92
N GLN A 176 4.47 -2.25 26.55
CA GLN A 176 5.74 -2.28 27.27
C GLN A 176 5.47 -2.83 28.66
N SER A 177 5.94 -4.05 28.92
CA SER A 177 5.75 -4.65 30.22
C SER A 177 6.88 -4.24 31.16
N PHE A 178 6.50 -3.67 32.31
CA PHE A 178 7.44 -3.27 33.33
C PHE A 178 7.74 -4.40 34.31
N GLY A 179 7.55 -5.64 33.89
CA GLY A 179 7.89 -6.79 34.70
C GLY A 179 8.48 -7.88 33.82
N ALA A 180 9.25 -8.75 34.44
CA ALA A 180 9.99 -9.78 33.74
C ALA A 180 9.39 -11.16 34.01
N GLU A 181 9.37 -11.98 32.97
CA GLU A 181 8.88 -13.34 33.10
C GLU A 181 9.86 -14.19 33.90
N LYS A 182 9.36 -15.32 34.41
CA LYS A 182 10.19 -16.18 35.24
C LYS A 182 11.29 -16.82 34.42
N ALA A 183 12.40 -17.13 35.10
CA ALA A 183 13.56 -17.75 34.48
C ALA A 183 14.32 -18.51 35.55
N MET A 184 15.24 -19.37 35.12
CA MET A 184 16.03 -20.19 36.04
C MET A 184 17.35 -19.49 36.28
N ARG A 185 17.44 -18.87 37.47
CA ARG A 185 18.66 -18.10 37.82
C ARG A 185 19.58 -18.96 38.69
N ILE A 186 20.81 -19.15 38.26
CA ILE A 186 21.80 -19.91 39.02
C ILE A 186 22.77 -18.90 39.63
N TRP A 187 22.67 -18.71 40.95
CA TRP A 187 23.52 -17.80 41.69
C TRP A 187 24.71 -18.59 42.21
N VAL A 188 25.86 -18.44 41.54
CA VAL A 188 27.04 -19.21 41.89
C VAL A 188 27.74 -18.57 43.09
N ASP A 189 28.38 -19.41 43.89
CA ASP A 189 29.16 -18.96 45.04
C ASP A 189 30.64 -19.16 44.73
N PRO A 190 31.39 -18.12 44.38
CA PRO A 190 32.80 -18.32 44.01
C PRO A 190 33.64 -19.00 45.09
N ASN A 191 33.30 -18.82 46.37
CA ASN A 191 34.08 -19.47 47.42
C ASN A 191 33.98 -20.99 47.32
N LYS A 192 32.76 -21.51 47.19
CA LYS A 192 32.59 -22.95 47.07
C LYS A 192 33.19 -23.47 45.77
N LEU A 193 33.14 -22.66 44.70
CA LEU A 193 33.81 -23.04 43.46
C LEU A 193 35.31 -23.16 43.67
N VAL A 194 35.90 -22.21 44.41
CA VAL A 194 37.33 -22.26 44.71
C VAL A 194 37.65 -23.52 45.52
N SER A 195 36.81 -23.83 46.51
CA SER A 195 37.06 -25.00 47.34
C SER A 195 37.21 -26.26 46.50
N TYR A 196 36.41 -26.40 45.45
CA TYR A 196 36.45 -27.57 44.59
C TYR A 196 37.24 -27.34 43.31
N GLY A 197 37.84 -26.17 43.14
CA GLY A 197 38.67 -25.91 41.97
C GLY A 197 37.91 -25.97 40.65
N LEU A 198 36.74 -25.36 40.62
CA LEU A 198 35.92 -25.33 39.39
C LEU A 198 35.61 -23.87 39.06
N SER A 199 35.68 -23.49 37.80
CA SER A 199 35.34 -22.15 37.35
C SER A 199 33.87 -22.09 36.94
N ILE A 200 33.35 -20.86 36.82
CA ILE A 200 31.97 -20.68 36.40
C ILE A 200 31.78 -21.19 34.97
N SER A 201 32.83 -21.17 34.15
CA SER A 201 32.73 -21.72 32.81
C SER A 201 32.39 -23.20 32.84
N ASP A 202 32.83 -23.93 33.87
CA ASP A 202 32.46 -25.33 33.98
C ASP A 202 30.94 -25.48 34.13
N VAL A 203 30.33 -24.66 34.99
CA VAL A 203 28.87 -24.69 35.13
C VAL A 203 28.20 -24.27 33.83
N ASN A 204 28.74 -23.25 33.17
CA ASN A 204 28.16 -22.80 31.91
C ASN A 204 28.15 -23.93 30.88
N ASN A 205 29.26 -24.65 30.77
CA ASN A 205 29.31 -25.78 29.84
C ASN A 205 28.39 -26.90 30.27
N ALA A 206 28.29 -27.14 31.58
CA ALA A 206 27.45 -28.23 32.08
C ALA A 206 25.98 -27.98 31.77
N ILE A 207 25.53 -26.73 31.90
CA ILE A 207 24.13 -26.42 31.62
C ILE A 207 23.83 -26.69 30.14
N ARG A 208 24.74 -26.30 29.25
CA ARG A 208 24.58 -26.62 27.84
C ARG A 208 24.59 -28.13 27.63
N GLU A 209 25.44 -28.84 28.37
CA GLU A 209 25.61 -30.27 28.19
C GLU A 209 24.36 -31.05 28.56
N ASN A 210 23.80 -30.76 29.74
CA ASN A 210 22.78 -31.61 30.34
C ASN A 210 21.37 -31.12 30.10
N ASN A 211 21.19 -30.07 29.31
CA ASN A 211 19.87 -29.53 28.97
C ASN A 211 19.65 -29.56 27.47
N VAL A 212 20.14 -30.60 26.81
CA VAL A 212 20.04 -30.74 25.36
C VAL A 212 18.65 -31.26 24.98
N GLU A 213 18.32 -31.19 23.70
CA GLU A 213 17.06 -31.65 23.15
C GLU A 213 17.20 -33.04 22.56
N ILE A 214 16.08 -33.74 22.45
CA ILE A 214 16.03 -35.09 21.92
C ILE A 214 14.86 -35.22 20.95
N ALA A 215 15.08 -35.97 19.89
CA ALA A 215 14.04 -36.30 18.91
C ALA A 215 13.96 -37.82 18.82
N PRO A 216 13.18 -38.48 19.66
CA PRO A 216 13.24 -39.95 19.75
C PRO A 216 12.49 -40.71 18.67
N GLY A 217 11.80 -40.04 17.76
CA GLY A 217 11.09 -40.77 16.73
C GLY A 217 9.92 -41.57 17.30
N ARG A 218 9.63 -42.67 16.62
CA ARG A 218 8.54 -43.54 17.03
C ARG A 218 8.75 -44.95 16.46
N LEU A 219 8.01 -45.90 17.02
CA LEU A 219 8.04 -47.28 16.52
C LEU A 219 7.25 -47.38 15.24
N GLY A 220 7.77 -48.18 14.29
CA GLY A 220 7.09 -48.41 13.04
C GLY A 220 7.14 -47.26 12.06
N ASP A 221 7.98 -46.25 12.30
CA ASP A 221 8.07 -45.12 11.40
C ASP A 221 8.47 -45.58 10.00
N LEU A 222 7.77 -45.06 9.00
CA LEU A 222 8.07 -45.44 7.63
C LEU A 222 9.40 -44.83 7.18
N PRO A 223 10.15 -45.53 6.32
CA PRO A 223 9.83 -46.84 5.74
C PRO A 223 9.97 -47.97 6.75
N ALA A 224 8.93 -48.78 6.89
CA ALA A 224 8.86 -49.82 7.91
C ALA A 224 8.95 -51.19 7.26
N GLU A 225 9.46 -52.16 8.03
CA GLU A 225 9.55 -53.53 7.54
C GLU A 225 8.17 -54.09 7.26
N LYS A 226 8.06 -54.91 6.22
CA LYS A 226 6.78 -55.53 5.90
C LYS A 226 6.28 -56.38 7.06
N GLY A 227 5.00 -56.22 7.38
CA GLY A 227 4.41 -56.97 8.46
C GLY A 227 4.51 -56.24 9.79
N GLN A 228 4.12 -54.97 9.82
CA GLN A 228 4.22 -54.16 11.06
C GLN A 228 2.82 -53.80 11.54
N LEU A 229 2.42 -54.22 12.74
CA LEU A 229 1.03 -53.96 13.20
C LEU A 229 0.96 -52.92 14.32
N ILE A 230 2.05 -52.40 14.86
CA ILE A 230 1.91 -51.33 15.89
C ILE A 230 2.85 -50.15 15.61
N THR A 231 2.34 -48.92 15.67
CA THR A 231 3.20 -47.72 15.57
C THR A 231 2.96 -46.92 16.84
N ILE A 232 3.94 -46.71 17.69
CA ILE A 232 3.77 -46.05 18.97
C ILE A 232 4.73 -44.88 19.04
N PRO A 233 4.27 -43.66 19.32
CA PRO A 233 5.19 -42.55 19.53
C PRO A 233 6.10 -42.79 20.73
N LEU A 234 7.30 -42.24 20.65
CA LEU A 234 8.30 -42.35 21.71
C LEU A 234 8.51 -40.99 22.36
N SER A 235 8.69 -41.00 23.68
CA SER A 235 8.87 -39.77 24.46
C SER A 235 10.15 -39.89 25.29
N ALA A 236 11.02 -38.89 25.16
CA ALA A 236 12.23 -38.79 25.96
C ALA A 236 12.42 -37.34 26.36
N GLN A 237 12.70 -37.12 27.65
CA GLN A 237 12.81 -35.78 28.21
C GLN A 237 14.30 -35.46 28.41
N GLY A 238 14.89 -34.78 27.42
CA GLY A 238 16.25 -34.31 27.53
C GLY A 238 16.41 -32.92 28.09
N GLN A 239 15.31 -32.17 28.18
CA GLN A 239 15.34 -30.82 28.73
C GLN A 239 14.96 -30.87 30.20
N LEU A 240 15.83 -30.35 31.05
CA LEU A 240 15.53 -30.27 32.48
C LEU A 240 14.37 -29.31 32.68
N SER A 241 13.36 -29.75 33.42
CA SER A 241 12.08 -29.05 33.49
C SER A 241 11.66 -28.66 34.91
N SER A 242 12.36 -29.12 35.94
CA SER A 242 11.98 -28.84 37.31
C SER A 242 13.19 -28.37 38.10
N LEU A 243 12.91 -27.66 39.20
CA LEU A 243 13.98 -27.10 40.01
C LEU A 243 14.89 -28.18 40.56
N GLU A 244 14.31 -29.30 41.01
CA GLU A 244 15.14 -30.39 41.54
C GLU A 244 16.08 -30.94 40.48
N GLN A 245 15.58 -31.11 39.26
CA GLN A 245 16.43 -31.64 38.20
C GLN A 245 17.62 -30.73 37.93
N PHE A 246 17.39 -29.42 37.86
CA PHE A 246 18.48 -28.48 37.68
C PHE A 246 19.45 -28.53 38.86
N LYS A 247 18.92 -28.63 40.08
CA LYS A 247 19.77 -28.75 41.25
C LYS A 247 20.58 -30.04 41.22
N ASN A 248 20.13 -31.03 40.45
CA ASN A 248 20.77 -32.34 40.40
C ASN A 248 21.81 -32.47 39.29
N ILE A 249 22.12 -31.39 38.59
CA ILE A 249 23.17 -31.46 37.57
C ILE A 249 24.49 -31.81 38.21
N SER A 250 25.31 -32.60 37.51
CA SER A 250 26.52 -33.17 38.06
C SER A 250 27.74 -32.55 37.42
N LEU A 251 28.74 -32.22 38.25
CA LEU A 251 30.05 -31.74 37.84
C LEU A 251 31.11 -32.65 38.43
N LYS A 252 32.34 -32.52 37.92
CA LYS A 252 33.46 -33.33 38.37
C LYS A 252 34.52 -32.41 38.96
N SER A 253 34.84 -32.61 40.24
CA SER A 253 35.86 -31.83 40.93
C SER A 253 37.20 -32.54 40.77
N LYS A 254 38.14 -31.88 40.10
CA LYS A 254 39.44 -32.49 39.83
C LYS A 254 40.31 -32.54 41.07
N THR A 255 40.12 -31.60 41.99
CA THR A 255 40.94 -31.56 43.20
C THR A 255 40.86 -32.87 43.96
N ASN A 256 39.66 -33.40 44.14
CA ASN A 256 39.45 -34.70 44.74
C ASN A 256 38.93 -35.73 43.75
N GLY A 257 38.71 -35.35 42.49
CA GLY A 257 38.18 -36.29 41.52
C GLY A 257 36.84 -36.85 41.92
N SER A 258 35.92 -36.00 42.36
CA SER A 258 34.67 -36.43 42.96
C SER A 258 33.48 -35.85 42.22
N VAL A 259 32.34 -36.57 42.27
CA VAL A 259 31.11 -36.06 41.69
C VAL A 259 30.49 -35.06 42.65
N ILE A 260 30.17 -33.86 42.14
CA ILE A 260 29.63 -32.78 42.93
C ILE A 260 28.33 -32.32 42.29
N LYS A 261 27.29 -32.17 43.10
CA LYS A 261 26.04 -31.67 42.57
C LYS A 261 26.06 -30.14 42.50
N LEU A 262 25.36 -29.60 41.51
CA LEU A 262 25.39 -28.15 41.28
C LEU A 262 24.92 -27.39 42.51
N SER A 263 23.93 -27.93 43.22
CA SER A 263 23.35 -27.23 44.35
C SER A 263 24.42 -26.85 45.38
N ASP A 264 25.47 -27.66 45.49
CA ASP A 264 26.53 -27.36 46.45
C ASP A 264 27.26 -26.08 46.09
N VAL A 265 27.54 -25.88 44.81
CA VAL A 265 28.38 -24.77 44.37
C VAL A 265 27.55 -23.60 43.83
N ALA A 266 26.24 -23.62 44.06
CA ALA A 266 25.38 -22.54 43.59
C ALA A 266 23.98 -22.75 44.14
N ASN A 267 23.21 -21.67 44.15
CA ASN A 267 21.80 -21.70 44.53
C ASN A 267 20.98 -21.53 43.26
N VAL A 268 20.13 -22.51 42.97
CA VAL A 268 19.30 -22.51 41.78
C VAL A 268 17.89 -22.09 42.19
N GLU A 269 17.39 -21.02 41.57
CA GLU A 269 16.10 -20.47 41.97
C GLU A 269 15.33 -19.99 40.74
N ILE A 270 14.01 -20.12 40.81
CA ILE A 270 13.13 -19.58 39.79
C ILE A 270 12.96 -18.09 40.09
N GLY A 271 13.75 -17.26 39.42
CA GLY A 271 13.70 -15.83 39.62
C GLY A 271 13.18 -15.11 38.40
N SER A 272 13.55 -13.83 38.24
CA SER A 272 13.11 -13.04 37.11
C SER A 272 14.21 -13.00 36.06
N GLN A 273 13.78 -12.91 34.79
CA GLN A 273 14.75 -12.85 33.70
C GLN A 273 15.64 -11.61 33.81
N ALA A 274 15.04 -10.46 34.14
CA ALA A 274 15.78 -9.22 34.29
C ALA A 274 15.24 -8.46 35.49
N TYR A 275 16.11 -7.62 36.07
CA TYR A 275 15.75 -6.77 37.21
C TYR A 275 16.06 -5.32 36.80
N ASN A 276 15.08 -4.66 36.20
CA ASN A 276 15.24 -3.31 35.71
C ASN A 276 14.13 -2.35 36.13
N PHE A 277 12.94 -2.88 36.46
CA PHE A 277 11.78 -2.04 36.73
C PHE A 277 11.08 -2.52 38.00
N ALA A 278 10.35 -1.59 38.62
CA ALA A 278 9.49 -1.91 39.74
C ALA A 278 8.30 -0.96 39.69
N ILE A 279 7.17 -1.39 40.26
CA ILE A 279 5.93 -0.64 40.20
C ILE A 279 5.33 -0.55 41.60
N LEU A 280 4.89 0.66 41.97
CA LEU A 280 4.13 0.89 43.19
C LEU A 280 2.80 1.49 42.79
N GLU A 281 1.73 0.71 42.93
CA GLU A 281 0.41 1.20 42.53
C GLU A 281 -0.04 2.36 43.42
N ASN A 282 -0.16 2.11 44.71
CA ASN A 282 -0.50 3.15 45.68
C ASN A 282 0.39 2.99 46.91
N GLY A 283 1.67 2.74 46.69
CA GLY A 283 2.60 2.41 47.74
C GLY A 283 2.78 0.93 47.96
N LYS A 284 1.88 0.10 47.41
CA LYS A 284 1.98 -1.36 47.49
C LYS A 284 2.63 -1.88 46.22
N PRO A 285 3.76 -2.61 46.29
CA PRO A 285 4.40 -3.08 45.07
C PRO A 285 3.46 -3.94 44.23
N ALA A 286 3.56 -3.77 42.91
CA ALA A 286 2.70 -4.49 41.97
C ALA A 286 3.44 -4.60 40.65
N THR A 287 2.71 -5.00 39.60
CA THR A 287 3.24 -5.05 38.25
C THR A 287 2.29 -4.31 37.32
N ALA A 288 2.85 -3.75 36.26
CA ALA A 288 2.05 -2.95 35.33
C ALA A 288 2.64 -3.05 33.93
N ALA A 289 1.80 -2.81 32.94
CA ALA A 289 2.21 -2.72 31.55
C ALA A 289 1.59 -1.46 30.95
N ALA A 290 2.37 -0.79 30.11
CA ALA A 290 1.97 0.46 29.50
C ALA A 290 1.62 0.23 28.04
N ILE A 291 0.41 0.65 27.64
CA ILE A 291 -0.03 0.56 26.26
C ILE A 291 0.30 1.87 25.57
N GLN A 292 0.93 1.79 24.41
CA GLN A 292 1.25 2.95 23.59
C GLN A 292 0.53 2.81 22.24
N LEU A 293 -0.21 3.85 21.88
CA LEU A 293 -1.08 3.79 20.71
C LEU A 293 -0.27 3.69 19.42
N SER A 294 -0.86 3.03 18.43
CA SER A 294 -0.31 3.00 17.09
C SER A 294 -0.51 4.36 16.44
N PRO A 295 0.32 4.70 15.45
CA PRO A 295 0.18 6.02 14.81
C PRO A 295 -1.19 6.19 14.16
N GLY A 296 -1.75 7.38 14.30
CA GLY A 296 -3.04 7.68 13.70
C GLY A 296 -4.15 6.77 14.16
N ALA A 297 -4.24 6.54 15.47
CA ALA A 297 -5.25 5.66 16.05
C ALA A 297 -6.07 6.44 17.07
N ASN A 298 -7.37 6.15 17.12
CA ASN A 298 -8.27 6.79 18.06
C ASN A 298 -8.02 6.24 19.47
N ALA A 299 -7.87 7.15 20.43
CA ALA A 299 -7.58 6.72 21.80
C ALA A 299 -8.79 6.09 22.47
N VAL A 300 -9.97 6.65 22.22
CA VAL A 300 -11.18 6.18 22.92
C VAL A 300 -11.47 4.74 22.57
N LYS A 301 -11.42 4.39 21.28
CA LYS A 301 -11.73 3.02 20.87
C LYS A 301 -10.69 2.04 21.38
N THR A 302 -9.41 2.43 21.36
CA THR A 302 -8.37 1.56 21.90
C THR A 302 -8.57 1.33 23.39
N ALA A 303 -8.90 2.38 24.14
CA ALA A 303 -9.15 2.22 25.57
C ALA A 303 -10.35 1.32 25.80
N GLU A 304 -11.42 1.49 25.01
CA GLU A 304 -12.59 0.63 25.16
C GLU A 304 -12.24 -0.83 24.90
N GLY A 305 -11.47 -1.10 23.85
CA GLY A 305 -11.07 -2.45 23.56
C GLY A 305 -10.20 -3.06 24.65
N VAL A 306 -9.25 -2.28 25.17
CA VAL A 306 -8.40 -2.77 26.25
C VAL A 306 -9.23 -3.08 27.48
N ARG A 307 -10.16 -2.20 27.83
CA ARG A 307 -11.00 -2.44 28.99
C ARG A 307 -11.88 -3.68 28.79
N ALA A 308 -12.41 -3.86 27.58
CA ALA A 308 -13.21 -5.05 27.30
C ALA A 308 -12.38 -6.31 27.44
N LYS A 309 -11.16 -6.31 26.92
CA LYS A 309 -10.30 -7.49 27.05
C LYS A 309 -9.98 -7.77 28.51
N ILE A 310 -9.67 -6.73 29.28
CA ILE A 310 -9.37 -6.93 30.69
C ILE A 310 -10.59 -7.48 31.43
N GLU A 311 -11.78 -6.95 31.13
CA GLU A 311 -12.99 -7.47 31.73
C GLU A 311 -13.20 -8.94 31.38
N GLU A 312 -12.94 -9.31 30.13
CA GLU A 312 -13.04 -10.71 29.73
C GLU A 312 -12.07 -11.57 30.53
N LEU A 313 -10.84 -11.08 30.72
CA LEU A 313 -9.84 -11.82 31.47
C LEU A 313 -10.10 -11.84 32.97
N LYS A 314 -10.97 -10.97 33.48
CA LYS A 314 -11.31 -10.97 34.90
C LYS A 314 -12.09 -12.21 35.32
N LEU A 315 -12.76 -12.89 34.39
CA LEU A 315 -13.61 -14.02 34.71
C LEU A 315 -12.83 -15.31 34.97
N ASN A 316 -11.52 -15.31 34.71
CA ASN A 316 -10.70 -16.47 35.01
C ASN A 316 -9.42 -16.09 35.76
N LEU A 317 -9.29 -14.86 36.23
CA LEU A 317 -8.10 -14.45 36.94
C LEU A 317 -7.99 -15.22 38.26
N PRO A 318 -6.81 -15.71 38.62
CA PRO A 318 -6.68 -16.45 39.88
C PRO A 318 -7.10 -15.60 41.08
N GLU A 319 -7.70 -16.27 42.06
CA GLU A 319 -8.12 -15.58 43.28
C GLU A 319 -6.90 -15.05 44.03
N GLY A 320 -7.08 -13.91 44.70
CA GLY A 320 -5.99 -13.22 45.35
C GLY A 320 -5.24 -12.27 44.45
N MET A 321 -5.52 -12.29 43.16
CA MET A 321 -4.91 -11.34 42.18
C MET A 321 -6.06 -10.45 41.72
N GLU A 322 -5.84 -9.13 41.58
CA GLU A 322 -6.84 -8.17 41.17
C GLU A 322 -6.27 -7.27 40.08
N PHE A 323 -7.03 -7.11 38.99
CA PHE A 323 -6.65 -6.19 37.93
C PHE A 323 -6.87 -4.74 38.36
N SER A 324 -6.21 -3.83 37.66
CA SER A 324 -6.38 -2.41 37.94
C SER A 324 -5.91 -1.54 36.77
N ILE A 325 -6.67 -0.50 36.46
CA ILE A 325 -6.29 0.48 35.45
C ILE A 325 -6.00 1.80 36.17
N PRO A 326 -4.82 1.96 36.76
CA PRO A 326 -4.59 3.17 37.58
C PRO A 326 -4.66 4.47 36.78
N TYR A 327 -4.08 4.50 35.59
CA TYR A 327 -3.94 5.73 34.82
C TYR A 327 -4.54 5.56 33.44
N ASP A 328 -5.43 6.48 33.07
CA ASP A 328 -6.12 6.46 31.78
C ASP A 328 -6.34 7.88 31.31
N THR A 329 -6.14 8.12 30.01
CA THR A 329 -6.33 9.43 29.41
C THR A 329 -7.59 9.52 28.56
N ALA A 330 -8.37 8.45 28.47
CA ALA A 330 -9.54 8.42 27.59
C ALA A 330 -10.75 9.11 28.20
N PRO A 331 -11.05 8.88 29.48
CA PRO A 331 -12.28 9.48 30.05
C PRO A 331 -12.32 10.99 29.93
N PHE A 332 -11.19 11.66 30.10
CA PHE A 332 -11.17 13.11 29.96
C PHE A 332 -11.59 13.53 28.56
N VAL A 333 -11.14 12.79 27.54
CA VAL A 333 -11.52 13.10 26.17
C VAL A 333 -13.03 12.99 26.00
N LYS A 334 -13.63 11.93 26.56
CA LYS A 334 -15.07 11.76 26.46
C LYS A 334 -15.82 12.90 27.13
N ILE A 335 -15.45 13.23 28.38
CA ILE A 335 -16.19 14.26 29.10
C ILE A 335 -15.96 15.65 28.52
N SER A 336 -14.83 15.89 27.86
CA SER A 336 -14.64 17.18 27.21
C SER A 336 -15.60 17.37 26.05
N ILE A 337 -15.72 16.36 25.18
CA ILE A 337 -16.68 16.44 24.09
C ILE A 337 -18.11 16.48 24.61
N GLU A 338 -18.41 15.78 25.70
CA GLU A 338 -19.74 15.89 26.29
C GLU A 338 -20.05 17.34 26.66
N LYS A 339 -19.12 18.02 27.32
CA LYS A 339 -19.34 19.40 27.71
C LYS A 339 -19.47 20.32 26.50
N VAL A 340 -18.66 20.08 25.47
CA VAL A 340 -18.74 20.92 24.28
C VAL A 340 -20.10 20.74 23.60
N ILE A 341 -20.59 19.50 23.52
CA ILE A 341 -21.91 19.26 22.94
C ILE A 341 -22.98 19.96 23.77
N HIS A 342 -22.86 19.88 25.11
CA HIS A 342 -23.82 20.55 25.97
C HIS A 342 -23.81 22.06 25.72
N THR A 343 -22.62 22.62 25.53
CA THR A 343 -22.51 24.04 25.20
C THR A 343 -23.24 24.34 23.89
N LEU A 344 -23.09 23.47 22.90
CA LEU A 344 -23.79 23.67 21.63
C LEU A 344 -25.29 23.67 21.81
N LEU A 345 -25.81 22.71 22.59
CA LEU A 345 -27.26 22.66 22.81
C LEU A 345 -27.74 23.91 23.55
N GLU A 346 -26.98 24.35 24.56
CA GLU A 346 -27.36 25.56 25.27
C GLU A 346 -27.37 26.77 24.35
N ALA A 347 -26.38 26.87 23.46
CA ALA A 347 -26.36 27.97 22.50
C ALA A 347 -27.59 27.91 21.59
N MET A 348 -27.97 26.70 21.14
CA MET A 348 -29.18 26.56 20.33
C MET A 348 -30.40 27.04 21.08
N VAL A 349 -30.55 26.62 22.34
CA VAL A 349 -31.72 26.99 23.12
C VAL A 349 -31.78 28.51 23.31
N LEU A 350 -30.62 29.12 23.60
CA LEU A 350 -30.59 30.55 23.85
C LEU A 350 -30.85 31.34 22.58
N VAL A 351 -30.38 30.83 21.44
CA VAL A 351 -30.69 31.48 20.16
C VAL A 351 -32.19 31.40 19.87
N PHE A 352 -32.81 30.26 20.21
CA PHE A 352 -34.26 30.15 20.07
C PHE A 352 -34.97 31.17 20.95
N ILE A 353 -34.48 31.34 22.18
CA ILE A 353 -35.07 32.35 23.07
C ILE A 353 -34.94 33.73 22.45
N VAL A 354 -33.77 34.04 21.87
CA VAL A 354 -33.58 35.34 21.24
C VAL A 354 -34.56 35.54 20.09
N MET A 355 -34.71 34.52 19.25
CA MET A 355 -35.62 34.65 18.12
C MET A 355 -37.05 34.87 18.59
N TYR A 356 -37.48 34.15 19.63
CA TYR A 356 -38.83 34.38 20.14
C TYR A 356 -38.98 35.78 20.71
N LEU A 357 -37.96 36.27 21.42
CA LEU A 357 -38.04 37.60 21.99
C LEU A 357 -38.20 38.66 20.92
N PHE A 358 -37.45 38.53 19.82
CA PHE A 358 -37.42 39.61 18.84
C PHE A 358 -38.54 39.48 17.81
N LEU A 359 -38.86 38.25 17.38
CA LEU A 359 -39.84 38.08 16.31
C LEU A 359 -41.26 38.31 16.80
N HIS A 360 -41.51 38.14 18.09
CA HIS A 360 -42.79 38.34 18.77
C HIS A 360 -43.78 37.22 18.49
N ASN A 361 -43.44 36.21 17.69
CA ASN A 361 -44.36 35.14 17.35
C ASN A 361 -43.62 33.81 17.35
N VAL A 362 -44.27 32.78 17.90
CA VAL A 362 -43.66 31.45 17.95
C VAL A 362 -43.60 30.82 16.56
N ARG A 363 -44.65 31.01 15.76
CA ARG A 363 -44.71 30.36 14.45
C ARG A 363 -43.55 30.80 13.57
N TYR A 364 -43.25 32.10 13.54
CA TYR A 364 -42.14 32.58 12.73
C TYR A 364 -40.81 32.04 13.24
N THR A 365 -40.65 31.98 14.56
CA THR A 365 -39.44 31.41 15.15
C THR A 365 -39.31 29.91 14.92
N LEU A 366 -40.40 29.24 14.56
CA LEU A 366 -40.35 27.78 14.39
C LEU A 366 -39.44 27.39 13.23
N ILE A 367 -39.62 27.99 12.06
CA ILE A 367 -38.97 27.54 10.84
C ILE A 367 -37.44 27.53 10.99
N PRO A 368 -36.83 28.59 11.52
CA PRO A 368 -35.38 28.53 11.74
C PRO A 368 -34.97 27.37 12.64
N ALA A 369 -35.78 27.06 13.65
CA ALA A 369 -35.49 25.91 14.50
C ALA A 369 -35.63 24.60 13.74
N ILE A 370 -36.49 24.57 12.72
CA ILE A 370 -36.59 23.38 11.88
C ILE A 370 -35.34 23.24 11.02
N VAL A 371 -34.83 24.35 10.49
CA VAL A 371 -33.80 24.30 9.47
C VAL A 371 -32.41 24.20 10.09
N ALA A 372 -32.26 24.63 11.34
CA ALA A 372 -30.94 24.65 11.95
C ALA A 372 -30.37 23.24 12.13
N PRO A 373 -31.11 22.30 12.76
CA PRO A 373 -30.52 20.97 12.99
C PRO A 373 -30.16 20.23 11.73
N ILE A 374 -30.90 20.45 10.64
CA ILE A 374 -30.69 19.67 9.42
C ILE A 374 -29.33 19.98 8.82
N ALA A 375 -28.91 21.25 8.89
CA ALA A 375 -27.60 21.61 8.37
C ALA A 375 -26.49 20.89 9.14
N LEU A 376 -26.61 20.82 10.47
CA LEU A 376 -25.60 20.12 11.26
C LEU A 376 -25.63 18.63 10.98
N LEU A 377 -26.82 18.04 10.76
CA LEU A 377 -26.89 16.63 10.41
C LEU A 377 -26.20 16.37 9.08
N GLY A 378 -26.43 17.24 8.09
CA GLY A 378 -25.72 17.12 6.83
C GLY A 378 -24.22 17.25 6.98
N THR A 379 -23.77 18.15 7.85
CA THR A 379 -22.33 18.28 8.12
C THR A 379 -21.80 17.00 8.74
N PHE A 380 -22.57 16.39 9.65
CA PHE A 380 -22.17 15.09 10.20
C PHE A 380 -21.99 14.06 9.11
N THR A 381 -22.95 13.98 8.18
CA THR A 381 -22.85 13.03 7.08
C THR A 381 -21.62 13.32 6.22
N VAL A 382 -21.38 14.59 5.92
CA VAL A 382 -20.24 14.96 5.07
C VAL A 382 -18.92 14.60 5.73
N MET A 383 -18.79 14.88 7.03
CA MET A 383 -17.55 14.53 7.73
C MET A 383 -17.39 13.02 7.89
N LEU A 384 -18.48 12.27 8.01
CA LEU A 384 -18.35 10.82 7.95
C LEU A 384 -17.82 10.38 6.60
N LEU A 385 -18.34 10.96 5.52
CA LEU A 385 -17.84 10.61 4.19
C LEU A 385 -16.37 10.97 4.05
N ALA A 386 -15.97 12.13 4.59
CA ALA A 386 -14.58 12.57 4.54
C ALA A 386 -13.71 11.93 5.60
N GLY A 387 -14.31 11.31 6.62
CA GLY A 387 -13.56 10.60 7.64
C GLY A 387 -13.14 11.42 8.83
N PHE A 388 -13.40 12.73 8.84
CA PHE A 388 -13.03 13.55 9.98
C PHE A 388 -13.82 13.12 11.22
N SER A 389 -13.16 13.19 12.37
CA SER A 389 -13.73 12.74 13.63
C SER A 389 -14.51 13.86 14.30
N ILE A 390 -15.35 13.47 15.26
CA ILE A 390 -16.08 14.43 16.10
C ILE A 390 -15.10 14.93 17.16
N ASN A 391 -14.57 16.13 16.97
CA ASN A 391 -13.55 16.68 17.84
C ASN A 391 -13.91 18.11 18.21
N VAL A 392 -13.21 18.64 19.23
CA VAL A 392 -13.56 19.92 19.80
C VAL A 392 -13.56 21.01 18.72
N LEU A 393 -12.64 20.91 17.75
CA LEU A 393 -12.62 21.90 16.68
C LEU A 393 -13.91 21.86 15.88
N THR A 394 -14.38 20.65 15.52
CA THR A 394 -15.60 20.53 14.73
C THR A 394 -16.81 21.05 15.48
N MET A 395 -16.91 20.72 16.77
CA MET A 395 -18.06 21.16 17.56
C MET A 395 -18.02 22.66 17.79
N PHE A 396 -16.81 23.20 17.95
CA PHE A 396 -16.66 24.67 18.07
C PHE A 396 -17.12 25.30 16.76
N GLY A 397 -16.74 24.75 15.61
CA GLY A 397 -17.21 25.25 14.33
C GLY A 397 -18.72 25.23 14.22
N MET A 398 -19.34 24.12 14.64
CA MET A 398 -20.79 24.03 14.62
C MET A 398 -21.42 25.08 15.52
N VAL A 399 -20.86 25.27 16.72
CA VAL A 399 -21.40 26.25 17.66
C VAL A 399 -21.35 27.65 17.06
N LEU A 400 -20.21 28.01 16.47
CA LEU A 400 -20.08 29.34 15.87
C LEU A 400 -20.97 29.47 14.63
N ALA A 401 -21.23 28.37 13.93
CA ALA A 401 -22.02 28.42 12.72
C ALA A 401 -23.53 28.39 12.99
N ILE A 402 -23.94 28.09 14.23
CA ILE A 402 -25.38 28.10 14.53
C ILE A 402 -25.99 29.44 14.14
N GLY A 403 -25.35 30.54 14.54
CA GLY A 403 -25.93 31.85 14.31
C GLY A 403 -26.06 32.17 12.84
N ILE A 404 -25.06 31.78 12.05
CA ILE A 404 -25.11 32.07 10.62
C ILE A 404 -26.15 31.20 9.93
N ILE A 405 -26.24 29.92 10.30
CA ILE A 405 -27.20 29.05 9.64
C ILE A 405 -28.62 29.50 9.94
N VAL A 406 -28.88 29.93 11.18
CA VAL A 406 -30.21 30.43 11.49
C VAL A 406 -30.48 31.76 10.80
N ASP A 407 -29.44 32.38 10.35
CA ASP A 407 -29.60 33.75 9.85
C ASP A 407 -30.15 33.78 8.44
N ASP A 408 -30.12 32.74 7.62
CA ASP A 408 -30.83 32.67 6.36
C ASP A 408 -32.33 32.44 6.56
N ALA A 409 -32.67 31.53 7.48
CA ALA A 409 -34.07 31.31 7.80
C ALA A 409 -34.71 32.56 8.37
N ILE A 410 -34.00 33.26 9.26
CA ILE A 410 -34.52 34.50 9.79
C ILE A 410 -34.77 35.50 8.67
N VAL A 411 -33.83 35.59 7.73
CA VAL A 411 -33.96 36.55 6.63
C VAL A 411 -35.19 36.25 5.80
N VAL A 412 -35.34 34.99 5.39
CA VAL A 412 -36.47 34.65 4.51
C VAL A 412 -37.80 34.86 5.24
N VAL A 413 -37.88 34.40 6.49
CA VAL A 413 -39.16 34.52 7.20
C VAL A 413 -39.49 35.98 7.46
N GLU A 414 -38.48 36.80 7.80
CA GLU A 414 -38.74 38.20 8.06
C GLU A 414 -39.13 38.94 6.78
N ASN A 415 -38.51 38.59 5.65
CA ASN A 415 -38.91 39.19 4.39
C ASN A 415 -40.36 38.84 4.05
N VAL A 416 -40.74 37.57 4.25
CA VAL A 416 -42.13 37.19 4.00
C VAL A 416 -43.07 37.97 4.91
N GLU A 417 -42.72 38.09 6.19
CA GLU A 417 -43.56 38.82 7.13
C GLU A 417 -43.71 40.27 6.71
N ARG A 418 -42.60 40.91 6.34
CA ARG A 418 -42.63 42.32 5.98
C ARG A 418 -43.46 42.54 4.72
N ILE A 419 -43.29 41.69 3.70
CA ILE A 419 -44.05 41.87 2.47
C ILE A 419 -45.53 41.62 2.71
N MET A 420 -45.85 40.62 3.55
CA MET A 420 -47.25 40.35 3.86
C MET A 420 -47.88 41.53 4.59
N ALA A 421 -47.17 42.08 5.57
CA ALA A 421 -47.72 43.19 6.34
C ALA A 421 -47.88 44.44 5.48
N THR A 422 -46.87 44.76 4.68
CA THR A 422 -46.91 45.98 3.88
C THR A 422 -47.87 45.84 2.70
N GLU A 423 -47.86 44.70 2.03
CA GLU A 423 -48.66 44.46 0.84
C GLU A 423 -49.64 43.33 1.10
N GLY A 424 -50.89 43.52 0.71
CA GLY A 424 -51.92 42.52 0.91
C GLY A 424 -51.87 41.40 -0.12
N LEU A 425 -51.44 40.23 0.30
CA LEU A 425 -51.37 39.07 -0.58
C LEU A 425 -51.55 37.80 0.26
N SER A 426 -51.94 36.73 -0.41
CA SER A 426 -52.05 35.45 0.27
C SER A 426 -50.66 35.00 0.71
N PRO A 427 -50.53 34.33 1.86
CA PRO A 427 -49.19 33.92 2.31
C PRO A 427 -48.44 33.08 1.29
N LYS A 428 -49.13 32.19 0.59
CA LYS A 428 -48.46 31.32 -0.38
C LYS A 428 -47.84 32.13 -1.52
N ASP A 429 -48.59 33.11 -2.04
CA ASP A 429 -48.06 33.96 -3.10
C ASP A 429 -47.05 34.97 -2.54
N ALA A 430 -47.27 35.42 -1.30
CA ALA A 430 -46.33 36.34 -0.68
C ALA A 430 -44.95 35.69 -0.53
N THR A 431 -44.92 34.40 -0.18
CA THR A 431 -43.64 33.70 -0.08
C THR A 431 -42.93 33.68 -1.42
N SER A 432 -43.65 33.39 -2.51
CA SER A 432 -43.04 33.35 -3.83
C SER A 432 -42.49 34.73 -4.20
N LYS A 433 -43.28 35.78 -3.95
CA LYS A 433 -42.83 37.12 -4.30
C LYS A 433 -41.59 37.51 -3.50
N ALA A 434 -41.59 37.21 -2.19
CA ALA A 434 -40.44 37.53 -1.36
C ALA A 434 -39.20 36.76 -1.81
N MET A 435 -39.36 35.48 -2.13
CA MET A 435 -38.23 34.70 -2.60
C MET A 435 -37.68 35.25 -3.91
N LYS A 436 -38.57 35.67 -4.81
CA LYS A 436 -38.13 36.29 -6.05
C LYS A 436 -37.36 37.58 -5.77
N GLU A 437 -37.84 38.37 -4.81
CA GLU A 437 -37.23 39.67 -4.55
C GLU A 437 -35.79 39.53 -4.06
N ILE A 438 -35.53 38.57 -3.17
CA ILE A 438 -34.26 38.50 -2.45
C ILE A 438 -33.50 37.22 -2.78
N THR A 439 -33.66 36.69 -4.00
CA THR A 439 -32.97 35.45 -4.36
C THR A 439 -31.47 35.66 -4.49
N SER A 440 -31.07 36.67 -5.27
CA SER A 440 -29.65 36.86 -5.57
C SER A 440 -28.82 37.19 -4.34
N PRO A 441 -29.25 38.07 -3.44
CA PRO A 441 -28.43 38.36 -2.26
C PRO A 441 -28.07 37.14 -1.44
N ILE A 442 -29.00 36.19 -1.28
CA ILE A 442 -28.72 35.00 -0.49
C ILE A 442 -27.59 34.19 -1.14
N ILE A 443 -27.68 33.98 -2.45
CA ILE A 443 -26.67 33.18 -3.14
C ILE A 443 -25.30 33.87 -3.07
N GLY A 444 -25.28 35.17 -3.34
CA GLY A 444 -24.01 35.89 -3.31
C GLY A 444 -23.39 35.91 -1.92
N ILE A 445 -24.22 36.09 -0.90
CA ILE A 445 -23.74 36.13 0.47
C ILE A 445 -23.22 34.76 0.89
N THR A 446 -23.90 33.69 0.46
CA THR A 446 -23.41 32.35 0.76
C THR A 446 -22.05 32.12 0.11
N LEU A 447 -21.90 32.58 -1.14
CA LEU A 447 -20.61 32.45 -1.81
C LEU A 447 -19.52 33.20 -1.05
N VAL A 448 -19.82 34.43 -0.62
CA VAL A 448 -18.83 35.22 0.11
C VAL A 448 -18.45 34.52 1.42
N LEU A 449 -19.45 34.07 2.19
CA LEU A 449 -19.17 33.42 3.46
C LEU A 449 -18.34 32.16 3.25
N ALA A 450 -18.68 31.35 2.25
CA ALA A 450 -17.89 30.15 1.99
C ALA A 450 -16.46 30.52 1.61
N ALA A 451 -16.29 31.53 0.76
CA ALA A 451 -14.97 31.96 0.32
C ALA A 451 -14.15 32.58 1.43
N VAL A 452 -14.78 33.03 2.51
CA VAL A 452 -14.01 33.58 3.64
C VAL A 452 -13.18 32.49 4.30
N PHE A 453 -13.76 31.31 4.51
CA PHE A 453 -13.10 30.28 5.31
C PHE A 453 -12.29 29.30 4.48
N LEU A 454 -12.63 29.09 3.22
CA LEU A 454 -11.93 28.12 2.38
C LEU A 454 -10.43 28.39 2.29
N PRO A 455 -10.00 29.63 2.09
CA PRO A 455 -8.57 29.91 1.89
C PRO A 455 -7.66 29.56 3.05
N MET A 456 -8.20 29.35 4.26
CA MET A 456 -7.38 28.94 5.39
C MET A 456 -7.35 27.43 5.58
N ALA A 457 -8.07 26.67 4.75
CA ALA A 457 -8.03 25.21 4.81
C ALA A 457 -6.85 24.62 4.03
N PHE A 458 -6.17 25.42 3.22
CA PHE A 458 -5.05 24.95 2.42
C PHE A 458 -3.70 25.16 3.12
N ALA A 459 -3.70 25.65 4.36
CA ALA A 459 -2.46 25.83 5.08
C ALA A 459 -1.81 24.48 5.39
N SER A 460 -0.50 24.52 5.62
CA SER A 460 0.29 23.32 5.85
C SER A 460 0.68 23.24 7.33
N GLY A 461 1.03 22.03 7.75
CA GLY A 461 1.44 21.79 9.12
C GLY A 461 0.28 21.44 10.03
N SER A 462 0.61 21.29 11.32
CA SER A 462 -0.41 20.98 12.30
C SER A 462 -1.45 22.09 12.39
N VAL A 463 -0.99 23.35 12.36
CA VAL A 463 -1.91 24.48 12.39
C VAL A 463 -2.83 24.44 11.17
N GLY A 464 -2.28 24.02 10.02
CA GLY A 464 -3.11 23.91 8.83
C GLY A 464 -4.23 22.91 8.99
N VAL A 465 -3.93 21.74 9.58
CA VAL A 465 -4.96 20.74 9.81
C VAL A 465 -5.97 21.24 10.83
N ILE A 466 -5.48 21.96 11.85
CA ILE A 466 -6.40 22.50 12.86
C ILE A 466 -7.38 23.47 12.21
N TYR A 467 -6.90 24.33 11.32
CA TYR A 467 -7.81 25.20 10.58
C TYR A 467 -8.71 24.41 9.64
N LYS A 468 -8.20 23.31 9.07
CA LYS A 468 -9.01 22.51 8.17
C LYS A 468 -10.21 21.90 8.87
N GLN A 469 -10.02 21.40 10.10
CA GLN A 469 -11.14 20.82 10.83
C GLN A 469 -12.26 21.84 11.01
N PHE A 470 -11.91 23.07 11.38
CA PHE A 470 -12.91 24.12 11.51
C PHE A 470 -13.52 24.47 10.15
N THR A 471 -12.70 24.57 9.12
CA THR A 471 -13.16 25.05 7.81
C THR A 471 -14.15 24.09 7.17
N LEU A 472 -13.88 22.79 7.22
CA LEU A 472 -14.80 21.85 6.58
C LEU A 472 -16.20 21.99 7.16
N THR A 473 -16.33 21.88 8.48
CA THR A 473 -17.64 21.98 9.09
C THR A 473 -18.25 23.35 8.86
N MET A 474 -17.45 24.42 8.96
CA MET A 474 -18.00 25.76 8.80
C MET A 474 -18.60 25.94 7.41
N SER A 475 -17.81 25.64 6.37
CA SER A 475 -18.27 25.85 5.00
C SER A 475 -19.43 24.92 4.66
N VAL A 476 -19.35 23.65 5.08
CA VAL A 476 -20.43 22.72 4.77
C VAL A 476 -21.72 23.15 5.44
N SER A 477 -21.64 23.60 6.70
CA SER A 477 -22.84 24.06 7.40
C SER A 477 -23.42 25.29 6.72
N ILE A 478 -22.58 26.24 6.31
CA ILE A 478 -23.08 27.43 5.62
C ILE A 478 -23.78 27.04 4.33
N LEU A 479 -23.15 26.15 3.55
CA LEU A 479 -23.73 25.75 2.28
C LEU A 479 -25.06 25.04 2.47
N PHE A 480 -25.14 24.14 3.45
CA PHE A 480 -26.38 23.39 3.73
C PHE A 480 -27.47 24.35 4.22
N SER A 481 -27.11 25.33 5.05
CA SER A 481 -28.08 26.31 5.51
C SER A 481 -28.64 27.12 4.35
N ALA A 482 -27.76 27.56 3.44
CA ALA A 482 -28.23 28.28 2.26
C ALA A 482 -29.12 27.40 1.38
N LEU A 483 -28.73 26.15 1.19
CA LEU A 483 -29.52 25.22 0.37
C LEU A 483 -30.90 25.01 0.96
N LEU A 484 -30.98 24.84 2.28
CA LEU A 484 -32.28 24.69 2.92
C LEU A 484 -33.10 25.98 2.83
N ALA A 485 -32.42 27.12 2.92
CA ALA A 485 -33.12 28.40 2.78
C ALA A 485 -33.74 28.55 1.39
N LEU A 486 -33.01 28.13 0.35
CA LEU A 486 -33.51 28.26 -1.01
C LEU A 486 -34.46 27.14 -1.42
N ILE A 487 -34.61 26.10 -0.57
CA ILE A 487 -35.44 24.96 -0.91
C ILE A 487 -36.50 24.74 0.16
N LEU A 488 -36.07 24.47 1.40
CA LEU A 488 -37.01 24.02 2.42
C LEU A 488 -37.79 25.19 3.02
N THR A 489 -37.12 26.29 3.34
CA THR A 489 -37.78 27.37 4.07
C THR A 489 -39.01 27.94 3.36
N PRO A 490 -38.98 28.23 2.04
CA PRO A 490 -40.21 28.74 1.41
C PRO A 490 -41.37 27.77 1.53
N ALA A 491 -41.09 26.48 1.36
CA ALA A 491 -42.14 25.48 1.50
C ALA A 491 -42.65 25.43 2.94
N LEU A 492 -41.76 25.50 3.92
CA LEU A 492 -42.18 25.49 5.30
C LEU A 492 -43.09 26.68 5.61
N CYS A 493 -42.72 27.86 5.11
CA CYS A 493 -43.51 29.05 5.40
C CYS A 493 -44.85 29.00 4.68
N ALA A 494 -44.88 28.42 3.47
CA ALA A 494 -46.13 28.28 2.74
C ALA A 494 -47.05 27.28 3.42
N THR A 495 -46.49 26.21 4.00
CA THR A 495 -47.32 25.14 4.53
C THR A 495 -47.77 25.43 5.96
N ILE A 496 -46.84 25.84 6.82
CA ILE A 496 -47.09 26.00 8.25
C ILE A 496 -47.61 27.40 8.58
N LEU A 497 -46.87 28.43 8.21
CA LEU A 497 -47.23 29.78 8.59
C LEU A 497 -48.60 30.15 8.03
N LYS A 498 -49.37 30.88 8.82
CA LYS A 498 -50.72 31.30 8.49
C LYS A 498 -50.82 32.82 8.62
N PRO A 499 -51.77 33.45 7.92
CA PRO A 499 -51.83 34.91 7.94
C PRO A 499 -52.04 35.45 9.35
N ILE A 500 -51.35 36.56 9.64
CA ILE A 500 -51.41 37.17 10.96
C ILE A 500 -52.39 38.35 10.93
N GLY A 508 -48.00 42.84 26.65
CA GLY A 508 -47.04 42.91 27.73
C GLY A 508 -45.67 43.35 27.27
N PHE A 509 -44.72 42.41 27.29
CA PHE A 509 -43.36 42.72 26.88
C PHE A 509 -43.29 43.10 25.40
N PHE A 510 -44.07 42.42 24.57
CA PHE A 510 -43.98 42.64 23.13
C PHE A 510 -44.37 44.06 22.75
N ALA A 511 -45.41 44.61 23.38
CA ALA A 511 -45.86 45.96 23.05
C ALA A 511 -44.75 46.97 23.34
N TRP A 512 -44.19 46.93 24.55
CA TRP A 512 -43.12 47.84 24.90
C TRP A 512 -41.92 47.64 24.00
N PHE A 513 -41.59 46.39 23.70
CA PHE A 513 -40.45 46.10 22.84
C PHE A 513 -40.62 46.76 21.47
N ASP A 514 -41.77 46.54 20.83
CA ASP A 514 -41.96 47.09 19.49
C ASP A 514 -42.02 48.62 19.51
N ARG A 515 -42.70 49.19 20.50
CA ARG A 515 -42.74 50.66 20.58
C ARG A 515 -41.35 51.24 20.78
N SER A 516 -40.58 50.66 21.70
CA SER A 516 -39.23 51.16 21.97
C SER A 516 -38.35 51.01 20.74
N PHE A 517 -38.53 49.92 19.99
CA PHE A 517 -37.68 49.70 18.82
C PHE A 517 -38.06 50.63 17.68
N ASP A 518 -39.35 50.97 17.54
CA ASP A 518 -39.73 52.00 16.56
C ASP A 518 -39.14 53.35 16.94
N LYS A 519 -39.21 53.70 18.24
CA LYS A 519 -38.58 54.94 18.69
C LYS A 519 -37.09 54.92 18.42
N VAL A 520 -36.44 53.76 18.65
CA VAL A 520 -35.02 53.63 18.41
C VAL A 520 -34.71 53.77 16.93
N THR A 521 -35.60 53.27 16.07
CA THR A 521 -35.40 53.43 14.64
C THR A 521 -35.43 54.90 14.24
N LYS A 522 -36.41 55.65 14.75
CA LYS A 522 -36.45 57.08 14.46
C LYS A 522 -35.21 57.80 14.97
N LYS A 523 -34.83 57.52 16.22
CA LYS A 523 -33.65 58.15 16.79
C LYS A 523 -32.41 57.80 16.00
N TYR A 524 -32.29 56.54 15.58
CA TYR A 524 -31.13 56.10 14.80
C TYR A 524 -31.08 56.82 13.46
N GLU A 525 -32.23 57.01 12.82
CA GLU A 525 -32.25 57.79 11.59
C GLU A 525 -31.70 59.19 11.84
N LEU A 526 -32.14 59.82 12.93
CA LEU A 526 -31.66 61.17 13.22
C LEU A 526 -30.15 61.20 13.47
N MET A 527 -29.65 60.32 14.35
CA MET A 527 -28.21 60.31 14.59
C MET A 527 -27.44 59.96 13.33
N LEU A 528 -27.97 59.06 12.51
CA LEU A 528 -27.24 58.68 11.31
C LEU A 528 -27.14 59.84 10.33
N LEU A 529 -28.19 60.64 10.22
CA LEU A 529 -28.08 61.87 9.43
C LEU A 529 -26.98 62.78 9.99
N LYS A 530 -27.04 63.07 11.30
CA LYS A 530 -26.05 63.96 11.89
C LYS A 530 -24.63 63.41 11.69
N ILE A 531 -24.48 62.08 11.79
CA ILE A 531 -23.19 61.44 11.59
C ILE A 531 -22.72 61.60 10.15
N ILE A 532 -23.62 61.36 9.19
CA ILE A 532 -23.24 61.47 7.78
C ILE A 532 -22.81 62.89 7.47
N LYS A 533 -23.31 63.87 8.23
CA LYS A 533 -22.88 65.25 7.98
C LYS A 533 -21.37 65.39 8.13
N HIS A 534 -20.78 64.80 9.17
CA HIS A 534 -19.36 64.97 9.48
C HIS A 534 -18.58 63.74 8.98
N THR A 535 -17.83 63.94 7.90
CA THR A 535 -17.19 62.80 7.24
C THR A 535 -15.70 62.71 7.59
N VAL A 536 -14.95 63.79 7.33
CA VAL A 536 -13.50 63.76 7.56
C VAL A 536 -13.17 63.36 8.99
N PRO A 537 -13.88 63.83 10.02
CA PRO A 537 -13.51 63.40 11.38
C PRO A 537 -13.59 61.91 11.55
N MET A 538 -14.57 61.24 10.92
CA MET A 538 -14.68 59.80 11.12
C MET A 538 -13.73 59.01 10.22
N MET A 539 -13.36 59.54 9.06
CA MET A 539 -12.25 58.86 8.37
C MET A 539 -10.98 58.94 9.22
N VAL A 540 -10.73 60.09 9.85
CA VAL A 540 -9.58 60.19 10.74
C VAL A 540 -9.70 59.20 11.89
N ILE A 541 -10.89 59.11 12.49
CA ILE A 541 -11.11 58.18 13.59
C ILE A 541 -10.87 56.74 13.15
N PHE A 542 -11.37 56.38 11.97
CA PHE A 542 -11.19 55.02 11.48
C PHE A 542 -9.72 54.71 11.25
N LEU A 543 -8.96 55.67 10.69
CA LEU A 543 -7.53 55.46 10.52
C LEU A 543 -6.84 55.27 11.86
N VAL A 544 -7.22 56.07 12.87
CA VAL A 544 -6.63 55.93 14.19
C VAL A 544 -6.94 54.56 14.78
N ILE A 545 -8.19 54.10 14.63
CA ILE A 545 -8.57 52.80 15.17
C ILE A 545 -7.82 51.69 14.45
N THR A 546 -7.62 51.82 13.14
CA THR A 546 -6.85 50.82 12.41
C THR A 546 -5.41 50.77 12.91
N GLY A 547 -4.81 51.93 13.14
CA GLY A 547 -3.47 51.96 13.73
C GLY A 547 -3.43 51.29 15.08
N ILE A 548 -4.44 51.56 15.91
CA ILE A 548 -4.50 50.94 17.23
C ILE A 548 -4.60 49.42 17.11
N THR A 549 -5.44 48.94 16.18
CA THR A 549 -5.57 47.50 15.99
C THR A 549 -4.25 46.89 15.58
N PHE A 550 -3.55 47.50 14.62
CA PHE A 550 -2.27 46.97 14.18
C PHE A 550 -1.26 46.94 15.34
N ALA A 551 -1.19 48.02 16.11
CA ALA A 551 -0.26 48.07 17.22
C ALA A 551 -0.58 47.00 18.26
N GLY A 552 -1.84 46.89 18.64
CA GLY A 552 -2.24 45.90 19.63
C GLY A 552 -1.95 44.48 19.16
N MET A 553 -2.19 44.21 17.88
CA MET A 553 -1.84 42.90 17.34
C MET A 553 -0.34 42.66 17.45
N LYS A 554 0.46 43.70 17.16
CA LYS A 554 1.91 43.54 17.20
C LYS A 554 2.41 43.26 18.61
N TYR A 555 1.92 44.00 19.60
CA TYR A 555 2.54 43.94 20.93
C TYR A 555 2.35 42.58 21.59
N TRP A 556 1.12 42.07 21.64
CA TRP A 556 0.82 40.98 22.55
C TRP A 556 1.56 39.71 22.13
N PRO A 557 1.95 38.86 23.10
CA PRO A 557 2.57 37.58 22.74
C PRO A 557 1.53 36.62 22.16
N THR A 558 2.00 35.41 21.86
CA THR A 558 1.15 34.37 21.29
C THR A 558 1.46 33.03 21.95
N ALA A 559 0.42 32.22 22.09
CA ALA A 559 0.54 30.85 22.60
C ALA A 559 -0.28 29.93 21.70
N PHE A 560 0.35 28.85 21.22
CA PHE A 560 -0.33 27.98 20.28
C PHE A 560 -1.61 27.38 20.87
N MET A 561 -1.52 26.89 22.11
CA MET A 561 -2.68 26.36 22.81
C MET A 561 -2.62 26.80 24.27
N PRO A 562 -3.77 27.00 24.91
CA PRO A 562 -3.76 27.39 26.32
C PRO A 562 -3.47 26.21 27.23
N GLU A 563 -3.15 26.54 28.49
CA GLU A 563 -2.95 25.50 29.49
C GLU A 563 -4.28 24.84 29.84
N GLU A 564 -4.20 23.60 30.32
CA GLU A 564 -5.39 22.81 30.55
C GLU A 564 -5.29 22.09 31.89
N ASP A 565 -6.45 21.79 32.46
CA ASP A 565 -6.57 20.99 33.69
C ASP A 565 -7.11 19.63 33.28
N GLN A 566 -6.20 18.69 33.03
CA GLN A 566 -6.55 17.39 32.48
C GLN A 566 -6.79 16.35 33.58
N GLY A 567 -6.67 16.73 34.84
CA GLY A 567 -6.94 15.84 35.95
C GLY A 567 -5.81 14.89 36.29
N TRP A 568 -4.63 15.05 35.69
CA TRP A 568 -3.50 14.20 36.00
C TRP A 568 -2.21 14.98 35.81
N PHE A 569 -1.19 14.58 36.57
CA PHE A 569 0.15 15.15 36.43
C PHE A 569 1.15 14.10 36.85
N MET A 570 2.31 14.14 36.20
CA MET A 570 3.37 13.13 36.44
C MET A 570 4.63 13.79 36.98
N THR A 571 5.32 13.16 37.92
CA THR A 571 6.56 13.64 38.49
C THR A 571 7.73 12.75 38.05
N SER A 572 8.90 13.39 37.85
CA SER A 572 10.12 12.68 37.37
C SER A 572 11.27 12.84 38.37
N PHE A 573 11.80 11.77 38.96
CA PHE A 573 12.83 11.77 39.99
C PHE A 573 14.15 11.36 39.37
N GLN A 574 15.18 12.18 39.58
CA GLN A 574 16.52 11.93 39.04
C GLN A 574 17.51 12.01 40.20
N LEU A 575 18.22 10.92 40.45
CA LEU A 575 19.23 10.87 41.50
C LEU A 575 20.61 10.80 40.86
N PRO A 576 21.66 11.04 41.63
CA PRO A 576 23.02 10.94 41.08
C PRO A 576 23.31 9.54 40.58
N SER A 577 24.33 9.45 39.72
CA SER A 577 24.64 8.18 39.04
C SER A 577 25.04 7.08 40.00
N ASP A 578 25.55 7.40 41.18
CA ASP A 578 25.90 6.39 42.17
C ASP A 578 24.69 5.91 42.97
N ALA A 579 23.52 6.50 42.74
CA ALA A 579 22.33 6.13 43.49
C ALA A 579 21.92 4.70 43.14
N THR A 580 21.37 4.00 44.14
CA THR A 580 20.86 2.65 43.98
C THR A 580 19.34 2.68 43.98
N ALA A 581 18.73 1.53 43.67
CA ALA A 581 17.28 1.43 43.68
C ALA A 581 16.72 1.73 45.06
N GLU A 582 17.48 1.44 46.12
CA GLU A 582 16.99 1.66 47.47
C GLU A 582 16.78 3.14 47.75
N ARG A 583 17.77 3.98 47.41
CA ARG A 583 17.65 5.41 47.67
C ARG A 583 16.55 6.04 46.80
N THR A 584 16.48 5.64 45.53
CA THR A 584 15.43 6.17 44.67
C THR A 584 14.05 5.77 45.19
N ARG A 585 13.91 4.53 45.64
CA ARG A 585 12.63 4.10 46.21
C ARG A 585 12.32 4.86 47.50
N ASN A 586 13.33 5.16 48.32
CA ASN A 586 13.09 5.97 49.51
C ASN A 586 12.59 7.36 49.14
N VAL A 587 13.19 7.97 48.12
CA VAL A 587 12.75 9.29 47.69
C VAL A 587 11.32 9.24 47.16
N VAL A 588 11.01 8.22 46.35
CA VAL A 588 9.66 8.09 45.83
C VAL A 588 8.66 7.83 46.94
N ASN A 589 9.07 7.09 47.97
CA ASN A 589 8.19 6.85 49.11
C ASN A 589 7.95 8.14 49.88
N GLN A 590 8.97 8.98 50.04
CA GLN A 590 8.76 10.28 50.65
C GLN A 590 7.78 11.10 49.85
N PHE A 591 7.93 11.10 48.52
CA PHE A 591 7.00 11.84 47.67
C PHE A 591 5.57 11.33 47.84
N GLU A 592 5.41 10.00 47.87
CA GLU A 592 4.08 9.42 48.06
C GLU A 592 3.50 9.76 49.42
N ASN A 593 4.32 9.74 50.46
CA ASN A 593 3.85 10.12 51.79
C ASN A 593 3.36 11.56 51.80
N ASN A 594 4.11 12.44 51.14
CA ASN A 594 3.67 13.84 51.04
C ASN A 594 2.35 13.93 50.28
N LEU A 595 2.23 13.20 49.17
CA LEU A 595 1.03 13.31 48.34
C LEU A 595 -0.19 12.69 49.00
N LYS A 596 0.02 11.74 49.92
CA LYS A 596 -1.12 11.02 50.50
C LYS A 596 -2.04 11.95 51.27
N ASP A 597 -1.49 12.95 51.94
CA ASP A 597 -2.29 13.80 52.83
C ASP A 597 -3.39 14.51 52.04
N ASN A 598 -3.07 15.02 50.85
CA ASN A 598 -4.05 15.77 50.09
C ASN A 598 -5.22 14.85 49.70
N PRO A 599 -6.46 15.29 49.89
CA PRO A 599 -7.62 14.45 49.54
C PRO A 599 -8.09 14.58 48.10
N ASP A 600 -7.30 15.20 47.22
CA ASP A 600 -7.71 15.47 45.85
C ASP A 600 -6.94 14.62 44.83
N VAL A 601 -6.39 13.49 45.25
CA VAL A 601 -5.63 12.61 44.37
C VAL A 601 -6.25 11.22 44.46
N LYS A 602 -6.74 10.70 43.33
CA LYS A 602 -7.37 9.39 43.33
C LYS A 602 -6.33 8.28 43.43
N SER A 603 -5.23 8.39 42.68
CA SER A 603 -4.22 7.35 42.63
C SER A 603 -2.85 7.98 42.44
N ASN A 604 -1.81 7.25 42.88
CA ASN A 604 -0.42 7.69 42.76
C ASN A 604 0.42 6.47 42.38
N THR A 605 0.59 6.27 41.07
CA THR A 605 1.36 5.14 40.56
C THR A 605 2.79 5.59 40.25
N ALA A 606 3.76 4.82 40.73
CA ALA A 606 5.17 5.15 40.59
C ALA A 606 5.89 4.01 39.89
N ILE A 607 6.71 4.36 38.90
CA ILE A 607 7.56 3.41 38.20
C ILE A 607 9.01 3.71 38.58
N LEU A 608 9.70 2.71 39.12
CA LEU A 608 11.08 2.85 39.57
C LEU A 608 11.99 2.10 38.62
N GLY A 609 13.06 2.76 38.19
CA GLY A 609 14.01 2.18 37.26
C GLY A 609 13.78 2.51 35.81
N TRP A 610 12.71 3.24 35.49
CA TRP A 610 12.41 3.61 34.11
C TRP A 610 12.09 5.09 34.04
N GLY A 611 12.60 5.79 33.06
CA GLY A 611 12.23 7.21 32.91
C GLY A 611 12.22 7.58 31.45
N PHE A 612 11.49 8.60 31.03
CA PHE A 612 11.41 8.89 29.57
C PHE A 612 12.80 9.27 29.05
N SER A 613 13.59 10.01 29.81
CA SER A 613 14.97 10.37 29.41
C SER A 613 15.83 9.11 29.28
N GLY A 614 15.71 8.21 30.24
CA GLY A 614 16.52 6.97 30.21
C GLY A 614 16.18 6.04 31.35
N ALA A 615 16.67 4.82 31.33
CA ALA A 615 16.36 3.80 32.32
C ALA A 615 17.59 3.54 33.17
N GLY A 616 17.39 3.51 34.49
CA GLY A 616 18.47 3.24 35.42
C GLY A 616 17.96 3.29 36.84
N GLN A 617 18.81 2.79 37.75
CA GLN A 617 18.44 2.76 39.16
C GLN A 617 18.23 4.16 39.71
N ASN A 618 18.81 5.18 39.07
CA ASN A 618 18.75 6.54 39.58
C ASN A 618 17.59 7.35 39.02
N VAL A 619 16.75 6.75 38.18
CA VAL A 619 15.64 7.47 37.55
C VAL A 619 14.33 6.80 37.94
N ALA A 620 13.29 7.61 38.08
CA ALA A 620 11.96 7.11 38.38
C ALA A 620 10.92 8.08 37.85
N VAL A 621 9.72 7.56 37.60
CA VAL A 621 8.60 8.36 37.11
C VAL A 621 7.35 7.98 37.88
N ALA A 622 6.57 9.00 38.25
CA ALA A 622 5.32 8.82 38.98
C ALA A 622 4.18 9.48 38.23
N PHE A 623 3.04 8.79 38.19
CA PHE A 623 1.83 9.29 37.55
C PHE A 623 0.78 9.54 38.64
N THR A 624 0.30 10.78 38.70
CA THR A 624 -0.72 11.17 39.67
C THR A 624 -1.98 11.58 38.93
N THR A 625 -3.12 11.01 39.34
CA THR A 625 -4.41 11.35 38.76
C THR A 625 -5.23 12.10 39.81
N LEU A 626 -5.71 13.27 39.45
CA LEU A 626 -6.55 14.05 40.34
C LEU A 626 -8.00 13.58 40.24
N LYS A 627 -8.74 13.77 41.34
CA LYS A 627 -10.14 13.38 41.38
C LYS A 627 -10.94 14.27 40.43
N ASP A 628 -12.26 14.01 40.37
CA ASP A 628 -13.12 14.76 39.46
C ASP A 628 -13.04 16.25 39.77
N PHE A 629 -13.07 17.07 38.71
CA PHE A 629 -12.93 18.50 38.89
C PHE A 629 -14.02 19.07 39.79
N LYS A 630 -15.27 18.64 39.58
CA LYS A 630 -16.37 19.14 40.37
C LYS A 630 -16.21 18.77 41.84
N GLU A 631 -15.83 17.52 42.11
CA GLU A 631 -15.73 17.06 43.50
C GLU A 631 -14.53 17.68 44.20
N ARG A 632 -13.37 17.71 43.54
CA ARG A 632 -12.17 18.20 44.17
C ARG A 632 -12.08 19.72 44.04
N THR A 633 -11.35 20.32 44.98
CA THR A 633 -11.20 21.77 45.04
C THR A 633 -9.72 22.14 45.00
N SER A 634 -9.19 22.24 43.78
CA SER A 634 -7.80 22.61 43.58
C SER A 634 -7.48 22.72 42.09
N SER A 635 -6.32 23.28 41.76
CA SER A 635 -5.87 23.38 40.39
C SER A 635 -4.68 22.45 40.18
N ALA A 636 -4.59 21.90 38.97
CA ALA A 636 -3.47 21.01 38.66
C ALA A 636 -2.15 21.73 38.81
N SER A 637 -2.07 22.98 38.35
CA SER A 637 -0.87 23.77 38.55
C SER A 637 -0.57 23.96 40.03
N LYS A 638 -1.60 24.15 40.85
CA LYS A 638 -1.39 24.30 42.29
C LYS A 638 -0.79 23.03 42.88
N MET A 639 -1.31 21.86 42.51
CA MET A 639 -0.74 20.61 42.99
C MET A 639 0.70 20.43 42.52
N THR A 640 0.96 20.76 41.25
CA THR A 640 2.32 20.64 40.74
C THR A 640 3.28 21.54 41.51
N SER A 641 2.88 22.78 41.76
CA SER A 641 3.74 23.70 42.51
C SER A 641 3.95 23.22 43.94
N ASP A 642 2.89 22.72 44.58
CA ASP A 642 3.02 22.21 45.94
C ASP A 642 4.02 21.07 45.98
N VAL A 643 3.89 20.10 45.07
CA VAL A 643 4.81 18.97 45.03
C VAL A 643 6.23 19.45 44.79
N ASN A 644 6.41 20.35 43.80
CA ASN A 644 7.75 20.79 43.45
C ASN A 644 8.42 21.51 44.61
N SER A 645 7.67 22.37 45.30
CA SER A 645 8.26 23.13 46.41
C SER A 645 8.55 22.23 47.60
N SER A 646 7.62 21.33 47.95
CA SER A 646 7.79 20.51 49.14
C SER A 646 8.88 19.47 48.93
N MET A 647 8.94 18.86 47.74
CA MET A 647 9.86 17.75 47.52
C MET A 647 11.31 18.21 47.54
N ALA A 648 11.55 19.53 47.47
CA ALA A 648 12.92 20.03 47.34
C ALA A 648 13.63 20.19 48.68
N ASN A 649 12.91 20.09 49.80
CA ASN A 649 13.53 20.40 51.10
C ASN A 649 14.77 19.53 51.33
N SER A 650 14.57 18.22 51.44
CA SER A 650 15.69 17.30 51.58
C SER A 650 15.30 15.92 51.06
N THR A 651 15.61 15.62 49.80
CA THR A 651 15.20 14.37 49.17
C THR A 651 16.27 13.75 48.29
N GLU A 652 17.51 14.23 48.38
CA GLU A 652 18.66 13.58 47.74
C GLU A 652 18.46 13.43 46.23
N GLY A 653 17.88 14.42 45.57
CA GLY A 653 17.73 14.33 44.13
C GLY A 653 16.88 15.46 43.58
N GLU A 654 16.68 15.42 42.26
CA GLU A 654 15.88 16.40 41.56
C GLU A 654 14.52 15.80 41.24
N THR A 655 13.47 16.39 41.79
CA THR A 655 12.09 15.97 41.54
C THR A 655 11.36 17.13 40.88
N MET A 656 10.89 16.92 39.65
CA MET A 656 10.27 17.97 38.85
C MET A 656 8.88 17.50 38.44
N ALA A 657 7.86 17.95 39.17
CA ALA A 657 6.48 17.71 38.77
C ALA A 657 6.05 18.73 37.73
N VAL A 658 5.29 18.27 36.74
CA VAL A 658 4.90 19.13 35.62
C VAL A 658 3.46 18.82 35.20
N LEU A 659 2.93 19.61 34.26
CA LEU A 659 1.57 19.47 33.78
C LEU A 659 1.54 18.83 32.41
N PRO A 660 0.47 18.10 32.07
CA PRO A 660 0.40 17.51 30.74
C PRO A 660 0.38 18.60 29.68
N PRO A 661 0.96 18.34 28.50
CA PRO A 661 0.98 19.38 27.46
C PRO A 661 -0.39 19.79 26.96
N ALA A 662 -1.35 18.87 26.93
CA ALA A 662 -2.68 19.01 26.35
C ALA A 662 -2.64 18.90 24.83
N ILE A 663 -1.46 18.78 24.23
CA ILE A 663 -1.33 18.58 22.79
C ILE A 663 -0.04 17.80 22.55
N ASP A 664 0.17 17.33 21.32
CA ASP A 664 1.29 16.46 20.99
C ASP A 664 2.59 17.27 21.00
N GLU A 665 3.31 17.17 22.12
CA GLU A 665 4.68 17.68 22.22
C GLU A 665 4.78 19.15 21.83
N LEU A 666 3.81 19.94 22.27
CA LEU A 666 3.89 21.39 22.15
C LEU A 666 3.57 22.05 23.48
N GLY A 667 2.64 21.50 24.26
CA GLY A 667 2.22 22.15 25.51
C GLY A 667 3.32 22.06 26.56
N THR A 668 4.40 21.34 26.27
CA THR A 668 5.55 21.29 27.20
C THR A 668 6.13 22.70 27.28
N PHE A 669 5.89 23.53 26.27
CA PHE A 669 6.39 24.93 26.23
C PHE A 669 7.91 24.92 25.99
N SER A 670 8.44 23.87 25.40
CA SER A 670 9.90 23.91 25.07
C SER A 670 10.03 24.64 23.74
N GLY A 671 10.48 25.89 23.78
CA GLY A 671 10.58 26.68 22.54
C GLY A 671 11.56 26.05 21.57
N PHE A 672 12.69 25.56 22.07
CA PHE A 672 13.74 25.02 21.19
C PHE A 672 14.12 23.59 21.60
N SER A 673 13.96 22.62 20.71
CA SER A 673 14.46 21.25 21.03
C SER A 673 15.90 21.18 20.54
N LEU A 674 16.83 21.84 21.23
CA LEU A 674 18.22 21.92 20.75
C LEU A 674 18.92 20.56 20.80
N ARG A 675 19.45 20.08 19.67
CA ARG A 675 20.22 18.84 19.68
C ARG A 675 21.66 19.22 19.33
N LEU A 676 22.47 19.49 20.35
CA LEU A 676 23.84 19.93 20.12
C LEU A 676 24.69 18.76 19.66
N GLN A 677 25.28 18.88 18.48
CA GLN A 677 25.93 17.76 17.80
C GLN A 677 27.44 17.94 17.82
N ASP A 678 28.15 16.88 17.42
CA ASP A 678 29.61 16.87 17.29
C ASP A 678 29.92 16.34 15.89
N ARG A 679 29.98 17.25 14.92
CA ARG A 679 30.10 16.88 13.52
C ARG A 679 31.54 16.79 13.03
N ALA A 680 32.52 17.18 13.85
CA ALA A 680 33.92 17.14 13.46
C ALA A 680 34.74 16.17 14.30
N ASN A 681 34.09 15.23 14.99
CA ASN A 681 34.76 14.19 15.77
C ASN A 681 35.60 14.79 16.91
N LEU A 682 35.10 15.84 17.57
CA LEU A 682 35.81 16.38 18.72
C LEU A 682 35.76 15.44 19.92
N GLY A 683 34.76 14.58 19.99
CA GLY A 683 34.63 13.64 21.07
C GLY A 683 33.59 14.07 22.09
N MET A 684 33.12 13.09 22.87
CA MET A 684 32.11 13.38 23.89
C MET A 684 32.59 14.41 24.91
N PRO A 685 33.81 14.35 25.43
CA PRO A 685 34.22 15.37 26.42
C PRO A 685 34.15 16.79 25.87
N ALA A 686 34.58 17.00 24.62
CA ALA A 686 34.52 18.34 24.04
C ALA A 686 33.07 18.79 23.87
N LEU A 687 32.20 17.89 23.43
CA LEU A 687 30.79 18.24 23.29
C LEU A 687 30.18 18.60 24.64
N LEU A 688 30.56 17.86 25.69
CA LEU A 688 30.05 18.17 27.02
C LEU A 688 30.56 19.53 27.50
N ALA A 689 31.83 19.85 27.23
CA ALA A 689 32.36 21.15 27.61
C ALA A 689 31.62 22.27 26.87
N ALA A 690 31.37 22.08 25.57
CA ALA A 690 30.63 23.09 24.82
C ALA A 690 29.20 23.20 25.34
N GLN A 691 28.60 22.09 25.74
CA GLN A 691 27.27 22.14 26.33
C GLN A 691 27.27 22.93 27.62
N ASP A 692 28.29 22.76 28.45
CA ASP A 692 28.40 23.55 29.68
C ASP A 692 28.55 25.02 29.36
N GLU A 693 29.38 25.35 28.37
CA GLU A 693 29.56 26.75 27.98
C GLU A 693 28.24 27.34 27.50
N LEU A 694 27.50 26.60 26.68
CA LEU A 694 26.22 27.08 26.20
C LEU A 694 25.20 27.22 27.33
N MET A 695 25.25 26.31 28.30
CA MET A 695 24.38 26.43 29.47
C MET A 695 24.67 27.71 30.23
N ALA A 696 25.95 28.01 30.45
CA ALA A 696 26.31 29.24 31.12
C ALA A 696 25.84 30.47 30.33
N MET A 697 26.06 30.45 29.02
CA MET A 697 25.66 31.58 28.19
C MET A 697 24.16 31.79 28.23
N ALA A 698 23.38 30.71 28.15
CA ALA A 698 21.93 30.82 28.25
C ALA A 698 21.50 31.31 29.63
N ALA A 699 22.19 30.88 30.68
CA ALA A 699 21.88 31.37 32.01
C ALA A 699 22.09 32.88 32.09
N LYS A 700 23.17 33.38 31.50
CA LYS A 700 23.38 34.83 31.47
C LYS A 700 22.30 35.52 30.64
N ASN A 701 21.90 34.91 29.53
CA ASN A 701 20.93 35.54 28.64
C ASN A 701 19.61 35.78 29.36
N LYS A 702 19.02 36.95 29.11
CA LYS A 702 17.78 37.35 29.76
C LYS A 702 16.53 37.00 28.95
N LYS A 703 16.67 36.50 27.73
CA LYS A 703 15.53 36.17 26.90
C LYS A 703 15.03 34.75 27.11
N PHE A 704 15.70 33.96 27.95
CA PHE A 704 15.35 32.57 28.20
C PHE A 704 14.96 32.41 29.66
N TYR A 705 13.77 31.84 29.90
CA TYR A 705 13.29 31.72 31.27
C TYR A 705 14.16 30.75 32.07
N MET A 706 14.35 29.55 31.53
CA MET A 706 15.14 28.50 32.23
C MET A 706 15.63 27.48 31.20
N VAL A 707 16.87 27.00 31.31
CA VAL A 707 17.45 26.07 30.33
C VAL A 707 17.86 24.82 31.10
N TRP A 708 17.08 23.76 30.95
CA TRP A 708 17.44 22.47 31.53
C TRP A 708 18.06 21.56 30.48
N ASN A 709 18.60 20.43 30.94
CA ASN A 709 19.30 19.48 30.09
C ASN A 709 18.59 18.14 30.15
N GLU A 710 18.34 17.52 29.00
CA GLU A 710 17.55 16.27 28.98
C GLU A 710 18.49 15.06 28.95
N GLY A 711 18.53 14.24 30.00
CA GLY A 711 19.49 13.12 29.99
C GLY A 711 19.98 12.74 31.37
N LEU A 712 20.63 11.58 31.49
CA LEU A 712 21.10 11.08 32.81
C LEU A 712 22.30 11.89 33.26
N PRO A 713 22.61 11.93 34.56
CA PRO A 713 23.80 12.67 34.95
C PRO A 713 25.10 11.96 34.58
N GLN A 714 26.17 12.68 34.30
CA GLN A 714 27.50 12.07 34.01
C GLN A 714 28.00 11.39 35.30
N GLY A 715 28.74 10.28 35.23
CA GLY A 715 29.12 9.53 36.45
C GLY A 715 30.53 8.95 36.41
N ASP A 716 30.98 8.29 37.47
CA ASP A 716 32.34 7.68 37.53
C ASP A 716 32.37 6.31 36.86
N ASN A 717 33.55 5.69 36.71
CA ASN A 717 33.69 4.36 36.06
C ASN A 717 34.96 3.67 36.55
N ILE A 718 34.89 2.50 37.19
CA ILE A 718 36.03 1.72 37.64
C ILE A 718 36.42 0.77 36.51
N SER A 719 37.34 1.22 35.65
CA SER A 719 37.73 0.45 34.48
C SER A 719 38.97 -0.37 34.79
N LEU A 720 39.01 -1.59 34.27
CA LEU A 720 40.04 -2.56 34.59
C LEU A 720 40.99 -2.71 33.41
N LYS A 721 42.29 -2.58 33.67
CA LYS A 721 43.32 -2.81 32.67
C LYS A 721 43.93 -4.18 32.91
N ILE A 722 43.93 -5.03 31.88
CA ILE A 722 44.48 -6.37 31.95
C ILE A 722 45.70 -6.44 31.04
N ASP A 723 46.85 -6.70 31.63
CA ASP A 723 48.09 -6.78 30.85
C ASP A 723 48.15 -8.11 30.12
N ARG A 724 48.34 -8.05 28.80
CA ARG A 724 48.42 -9.26 28.01
C ARG A 724 49.63 -10.09 28.38
N GLU A 725 50.76 -9.43 28.67
CA GLU A 725 51.98 -10.16 29.01
C GLU A 725 51.80 -10.98 30.28
N LYS A 726 51.19 -10.39 31.30
CA LYS A 726 51.00 -11.10 32.57
C LYS A 726 50.13 -12.33 32.38
N LEU A 727 49.02 -12.18 31.65
CA LEU A 727 48.13 -13.32 31.42
C LEU A 727 48.81 -14.38 30.57
N SER A 728 49.58 -13.96 29.56
CA SER A 728 50.27 -14.93 28.71
C SER A 728 51.32 -15.70 29.49
N ALA A 729 52.00 -15.05 30.43
CA ALA A 729 53.03 -15.74 31.20
C ALA A 729 52.45 -16.93 31.95
N LEU A 730 51.27 -16.75 32.56
CA LEU A 730 50.64 -17.86 33.27
C LEU A 730 50.10 -18.89 32.29
N GLY A 731 49.71 -18.45 31.09
CA GLY A 731 49.10 -19.32 30.11
C GLY A 731 47.58 -19.26 30.06
N VAL A 732 46.97 -18.31 30.77
CA VAL A 732 45.51 -18.19 30.76
C VAL A 732 45.06 -17.57 29.45
N LYS A 733 44.07 -18.19 28.82
CA LYS A 733 43.49 -17.64 27.60
C LYS A 733 42.68 -16.40 27.94
N PHE A 734 42.86 -15.33 27.16
CA PHE A 734 42.11 -14.10 27.41
C PHE A 734 40.62 -14.33 27.27
N SER A 735 40.21 -15.29 26.43
CA SER A 735 38.80 -15.58 26.26
C SER A 735 38.16 -16.02 27.57
N ASP A 736 38.85 -16.87 28.33
CA ASP A 736 38.30 -17.33 29.60
C ASP A 736 38.21 -16.18 30.61
N VAL A 737 39.21 -15.29 30.62
CA VAL A 737 39.12 -14.12 31.47
C VAL A 737 37.88 -13.30 31.14
N SER A 738 37.68 -13.03 29.85
CA SER A 738 36.51 -12.25 29.44
C SER A 738 35.22 -12.95 29.84
N ASP A 739 35.15 -14.27 29.62
CA ASP A 739 33.91 -14.99 29.88
C ASP A 739 33.61 -15.02 31.38
N ILE A 740 34.62 -15.23 32.22
CA ILE A 740 34.38 -15.23 33.66
C ILE A 740 33.89 -13.85 34.09
N ILE A 741 34.54 -12.79 33.59
CA ILE A 741 34.14 -11.45 34.00
C ILE A 741 32.68 -11.20 33.62
N SER A 742 32.40 -11.56 32.37
CA SER A 742 31.07 -11.31 31.77
C SER A 742 29.98 -12.07 32.48
N THR A 743 30.17 -13.34 32.77
CA THR A 743 29.18 -14.21 33.41
C THR A 743 29.07 -13.90 34.90
N SER A 744 30.18 -13.66 35.56
CA SER A 744 30.15 -13.34 37.01
C SER A 744 29.38 -12.03 37.22
N MET A 745 29.95 -10.90 36.80
CA MET A 745 29.30 -9.59 37.02
C MET A 745 28.03 -9.50 36.19
N GLY A 746 28.13 -9.56 34.87
CA GLY A 746 26.95 -9.54 33.97
C GLY A 746 26.23 -10.88 33.98
N SER A 747 25.04 -10.98 33.45
CA SER A 747 24.36 -12.30 33.38
C SER A 747 24.95 -13.15 32.25
N MET A 748 24.78 -14.47 32.31
CA MET A 748 25.18 -15.33 31.15
C MET A 748 23.95 -16.13 30.73
N TYR A 749 23.50 -15.97 29.50
CA TYR A 749 22.29 -16.67 29.03
C TYR A 749 22.76 -17.91 28.27
N ILE A 750 22.11 -19.04 28.47
CA ILE A 750 22.60 -20.26 27.87
C ILE A 750 21.55 -20.91 26.97
N ASN A 751 20.42 -21.28 27.53
CA ASN A 751 19.39 -22.00 26.77
C ASN A 751 18.04 -21.71 27.40
N ASP A 752 17.02 -22.42 26.90
CA ASP A 752 15.65 -22.31 27.38
C ASP A 752 15.18 -23.67 27.87
N PHE A 753 14.50 -23.67 29.00
CA PHE A 753 13.94 -24.93 29.55
C PHE A 753 12.41 -24.81 29.56
N PRO A 754 11.69 -25.93 29.51
CA PRO A 754 10.22 -25.89 29.53
C PRO A 754 9.66 -25.89 30.95
N ASN A 755 8.89 -24.85 31.28
CA ASN A 755 8.24 -24.72 32.57
C ASN A 755 6.76 -24.47 32.33
N GLN A 756 5.93 -25.48 32.62
CA GLN A 756 4.48 -25.37 32.50
C GLN A 756 4.07 -24.94 31.09
N GLY A 757 4.67 -25.57 30.08
CA GLY A 757 4.27 -25.36 28.71
C GLY A 757 4.88 -24.16 28.01
N ARG A 758 5.86 -23.50 28.61
CA ARG A 758 6.50 -22.35 28.01
C ARG A 758 8.01 -22.46 28.18
N MET A 759 8.73 -21.99 27.17
CA MET A 759 10.19 -22.00 27.18
C MET A 759 10.69 -20.73 27.85
N GLN A 760 11.42 -20.89 28.96
CA GLN A 760 11.94 -19.76 29.73
C GLN A 760 13.45 -19.87 29.84
N GLN A 761 14.10 -18.72 29.95
CA GLN A 761 15.55 -18.65 29.87
C GLN A 761 16.20 -19.25 31.12
N VAL A 762 17.43 -19.72 30.93
CA VAL A 762 18.30 -20.16 32.02
C VAL A 762 19.48 -19.19 32.04
N ILE A 763 19.68 -18.51 33.15
CA ILE A 763 20.71 -17.48 33.28
C ILE A 763 21.59 -17.81 34.47
N VAL A 764 22.90 -17.66 34.29
CA VAL A 764 23.90 -17.95 35.30
C VAL A 764 24.58 -16.65 35.68
N GLN A 765 24.65 -16.37 36.98
CA GLN A 765 25.34 -15.18 37.48
C GLN A 765 25.86 -15.50 38.87
N VAL A 766 26.80 -14.69 39.35
CA VAL A 766 27.34 -14.86 40.69
C VAL A 766 26.38 -14.28 41.71
N GLU A 767 26.35 -14.87 42.90
CA GLU A 767 25.43 -14.41 43.94
C GLU A 767 25.76 -12.98 44.34
N ALA A 768 24.75 -12.30 44.87
CA ALA A 768 24.86 -10.86 45.11
C ALA A 768 26.03 -10.54 46.04
N LYS A 769 26.27 -11.38 47.05
CA LYS A 769 27.30 -11.06 48.03
C LYS A 769 28.68 -11.00 47.40
N SER A 770 28.98 -11.92 46.47
CA SER A 770 30.31 -12.05 45.91
C SER A 770 30.50 -11.20 44.65
N ARG A 771 29.50 -10.41 44.26
CA ARG A 771 29.63 -9.45 43.18
C ARG A 771 29.23 -8.05 43.65
N MET A 772 29.53 -7.74 44.91
CA MET A 772 28.99 -6.55 45.54
C MET A 772 30.01 -5.42 45.71
N GLN A 773 31.31 -5.72 45.73
CA GLN A 773 32.33 -4.71 45.93
C GLN A 773 33.49 -4.99 45.00
N LEU A 774 34.34 -3.97 44.83
CA LEU A 774 35.53 -4.11 44.00
C LEU A 774 36.45 -5.23 44.48
N LYS A 775 36.51 -5.46 45.79
CA LYS A 775 37.37 -6.52 46.31
C LYS A 775 36.90 -7.90 45.84
N ASP A 776 35.59 -8.12 45.81
CA ASP A 776 35.08 -9.44 45.45
C ASP A 776 35.45 -9.82 44.01
N ILE A 777 35.32 -8.87 43.08
CA ILE A 777 35.60 -9.17 41.67
C ILE A 777 37.07 -9.43 41.42
N LEU A 778 37.96 -8.90 42.26
CA LEU A 778 39.39 -9.12 42.12
C LEU A 778 39.83 -10.47 42.66
N ASN A 779 38.91 -11.22 43.29
CA ASN A 779 39.18 -12.56 43.78
C ASN A 779 38.55 -13.64 42.92
N LEU A 780 38.07 -13.29 41.72
CA LEU A 780 37.57 -14.30 40.79
C LEU A 780 38.75 -15.07 40.20
N LYS A 781 38.45 -16.24 39.62
CA LYS A 781 39.47 -17.22 39.30
C LYS A 781 39.45 -17.57 37.82
N VAL A 782 40.59 -18.06 37.33
CA VAL A 782 40.74 -18.61 36.00
C VAL A 782 41.59 -19.87 36.08
N MET A 783 41.35 -20.79 35.14
CA MET A 783 42.22 -21.95 35.00
C MET A 783 43.54 -21.53 34.36
N GLY A 784 44.64 -22.02 34.92
CA GLY A 784 45.96 -21.66 34.44
C GLY A 784 46.64 -22.76 33.65
N SER A 785 45.86 -23.73 33.18
CA SER A 785 46.36 -24.85 32.39
C SER A 785 47.11 -25.85 33.27
N SER A 786 47.28 -25.53 34.56
CA SER A 786 47.91 -26.43 35.51
C SER A 786 46.94 -26.95 36.56
N GLY A 787 45.66 -26.62 36.43
CA GLY A 787 44.67 -26.96 37.44
C GLY A 787 44.54 -25.95 38.55
N GLN A 788 45.38 -24.91 38.56
CA GLN A 788 45.32 -23.89 39.59
C GLN A 788 44.31 -22.81 39.23
N LEU A 789 43.98 -21.99 40.22
CA LEU A 789 43.04 -20.90 40.06
C LEU A 789 43.77 -19.58 40.35
N VAL A 790 43.62 -18.62 39.44
CA VAL A 790 44.43 -17.40 39.44
C VAL A 790 43.53 -16.21 39.70
N SER A 791 43.95 -15.32 40.61
CA SER A 791 43.18 -14.13 40.93
C SER A 791 43.28 -13.10 39.81
N LEU A 792 42.20 -12.32 39.65
CA LEU A 792 42.25 -11.19 38.72
C LEU A 792 43.17 -10.08 39.23
N SER A 793 43.28 -9.93 40.56
CA SER A 793 44.18 -8.93 41.11
C SER A 793 45.60 -9.11 40.59
N GLU A 794 45.97 -10.35 40.28
CA GLU A 794 47.30 -10.60 39.71
C GLU A 794 47.45 -9.92 38.36
N VAL A 795 46.42 -9.95 37.53
CA VAL A 795 46.45 -9.39 36.19
C VAL A 795 45.68 -8.07 36.10
N VAL A 796 44.47 -8.05 36.66
CA VAL A 796 43.62 -6.87 36.59
C VAL A 796 44.18 -5.76 37.46
N THR A 797 44.21 -4.54 36.91
CA THR A 797 44.50 -3.33 37.66
C THR A 797 43.30 -2.40 37.54
N PRO A 798 42.57 -2.12 38.62
CA PRO A 798 41.42 -1.20 38.51
C PRO A 798 41.88 0.25 38.65
N GLN A 799 41.27 1.13 37.86
CA GLN A 799 41.52 2.57 37.97
C GLN A 799 40.22 3.31 37.73
N TRP A 800 40.02 4.40 38.46
CA TRP A 800 38.75 5.12 38.42
C TRP A 800 38.86 6.34 37.51
N ASN A 801 37.86 6.52 36.65
CA ASN A 801 37.79 7.64 35.74
C ASN A 801 36.39 8.23 35.77
N LYS A 802 36.22 9.38 35.12
CA LYS A 802 34.94 10.06 35.03
C LYS A 802 34.44 9.92 33.59
N ALA A 803 33.32 9.25 33.41
CA ALA A 803 32.81 8.89 32.09
C ALA A 803 31.34 9.25 31.95
N PRO A 804 30.87 9.43 30.71
CA PRO A 804 29.44 9.64 30.49
C PRO A 804 28.63 8.39 30.77
N GLN A 805 27.34 8.59 31.07
CA GLN A 805 26.44 7.51 31.40
C GLN A 805 25.45 7.16 30.30
N GLN A 806 25.05 8.12 29.48
CA GLN A 806 24.09 7.89 28.41
C GLN A 806 24.68 8.38 27.10
N TYR A 807 24.49 7.62 26.03
CA TYR A 807 24.97 7.98 24.71
C TYR A 807 23.77 8.24 23.81
N ASN A 808 23.66 9.45 23.29
CA ASN A 808 22.58 9.85 22.41
C ASN A 808 23.13 10.32 21.07
N ARG A 809 22.39 10.03 20.01
CA ARG A 809 22.76 10.43 18.67
C ARG A 809 21.55 11.00 17.96
N TYR A 810 21.77 12.05 17.17
CA TYR A 810 20.67 12.67 16.37
C TYR A 810 21.13 12.82 14.93
N ASN A 811 20.48 12.15 13.98
CA ASN A 811 20.82 12.18 12.56
C ASN A 811 22.26 11.75 12.32
N GLY A 812 22.70 10.71 13.03
CA GLY A 812 24.02 10.16 12.85
C GLY A 812 25.15 10.92 13.50
N ARG A 813 24.84 11.91 14.35
CA ARG A 813 25.86 12.68 15.04
C ARG A 813 25.72 12.50 16.54
N PRO A 814 26.82 12.27 17.27
CA PRO A 814 26.73 12.31 18.74
C PRO A 814 26.10 13.62 19.18
N SER A 815 25.07 13.52 20.02
CA SER A 815 24.23 14.67 20.32
C SER A 815 23.89 14.71 21.81
N LEU A 816 23.73 15.94 22.29
CA LEU A 816 23.22 16.21 23.64
C LEU A 816 21.89 16.92 23.47
N SER A 817 20.85 16.42 24.15
CA SER A 817 19.53 16.99 24.04
C SER A 817 19.36 18.13 25.05
N ILE A 818 18.88 19.28 24.56
CA ILE A 818 18.63 20.45 25.38
C ILE A 818 17.20 20.91 25.08
N ALA A 819 16.43 21.18 26.13
CA ALA A 819 15.07 21.67 25.99
C ALA A 819 14.89 22.87 26.91
N GLY A 820 14.33 23.96 26.37
CA GLY A 820 14.18 25.16 27.16
C GLY A 820 13.05 26.06 26.69
N ILE A 821 12.82 27.10 27.49
CA ILE A 821 11.64 27.94 27.42
C ILE A 821 12.08 29.37 27.19
N PRO A 822 11.52 30.10 26.23
CA PRO A 822 11.79 31.54 26.14
C PRO A 822 11.04 32.31 27.22
N ASN A 823 11.59 33.48 27.55
CA ASN A 823 10.92 34.36 28.52
C ASN A 823 9.65 34.93 27.92
N PHE A 824 8.63 35.08 28.76
CA PHE A 824 7.37 35.66 28.30
C PHE A 824 7.58 37.11 27.88
N ASP A 825 6.78 37.53 26.91
CA ASP A 825 6.83 38.82 26.20
C ASP A 825 7.92 38.82 25.13
N THR A 826 8.66 37.74 24.96
CA THR A 826 9.68 37.61 23.93
C THR A 826 9.34 36.45 23.02
N SER A 827 9.50 36.66 21.70
CA SER A 827 9.13 35.65 20.73
C SER A 827 10.01 34.41 20.88
N SER A 828 9.37 33.23 20.80
CA SER A 828 10.11 31.98 20.86
C SER A 828 11.06 31.84 19.67
N GLY A 829 10.60 32.23 18.48
CA GLY A 829 11.47 32.19 17.32
C GLY A 829 12.69 33.09 17.49
N GLU A 830 12.49 34.27 18.07
CA GLU A 830 13.63 35.14 18.36
C GLU A 830 14.57 34.47 19.37
N ALA A 831 14.01 33.73 20.33
CA ALA A 831 14.86 33.03 21.29
C ALA A 831 15.71 31.97 20.60
N MET A 832 15.11 31.19 19.70
CA MET A 832 15.87 30.20 18.96
C MET A 832 16.94 30.85 18.09
N ARG A 833 16.61 31.96 17.44
CA ARG A 833 17.57 32.66 16.61
C ARG A 833 18.72 33.19 17.47
N GLU A 834 18.42 33.69 18.66
CA GLU A 834 19.48 34.11 19.58
C GLU A 834 20.37 32.94 19.94
N MET A 835 19.77 31.78 20.23
CA MET A 835 20.55 30.60 20.55
C MET A 835 21.43 30.17 19.39
N GLU A 836 21.00 30.45 18.16
CA GLU A 836 21.85 30.13 17.02
C GLU A 836 23.20 30.85 17.12
N GLN A 837 23.18 32.13 17.48
CA GLN A 837 24.43 32.88 17.62
C GLN A 837 25.28 32.33 18.77
N LEU A 838 24.64 32.00 19.90
CA LEU A 838 25.38 31.45 21.02
C LEU A 838 26.07 30.16 20.63
N ILE A 839 25.37 29.30 19.87
CA ILE A 839 25.99 28.07 19.37
C ILE A 839 27.15 28.40 18.43
N ALA A 840 26.94 29.38 17.55
CA ALA A 840 28.00 29.77 16.63
C ALA A 840 29.24 30.23 17.38
N LYS A 841 29.08 30.83 18.55
CA LYS A 841 30.21 31.23 19.36
C LYS A 841 30.92 30.05 20.03
N LEU A 842 30.33 28.86 20.00
CA LEU A 842 30.99 27.69 20.56
C LEU A 842 32.14 27.27 19.65
N PRO A 843 33.07 26.47 20.17
CA PRO A 843 34.25 26.09 19.38
C PRO A 843 33.86 25.47 18.03
N LYS A 844 34.85 25.42 17.14
CA LYS A 844 34.62 24.90 15.81
C LYS A 844 34.32 23.41 15.85
N GLY A 845 33.55 22.94 14.87
CA GLY A 845 33.20 21.54 14.77
C GLY A 845 31.93 21.14 15.49
N ILE A 846 31.27 22.06 16.18
CA ILE A 846 30.06 21.77 16.94
C ILE A 846 28.88 22.45 16.27
N GLY A 847 27.88 21.66 15.89
CA GLY A 847 26.70 22.17 15.24
C GLY A 847 25.47 21.97 16.11
N TYR A 848 24.31 22.26 15.53
CA TYR A 848 23.05 22.17 16.25
C TYR A 848 21.93 21.90 15.25
N GLU A 849 20.82 21.40 15.76
CA GLU A 849 19.60 21.23 14.99
C GLU A 849 18.42 21.24 15.95
N TRP A 850 17.24 21.47 15.39
CA TRP A 850 16.01 21.52 16.17
C TRP A 850 15.13 20.32 15.81
N THR A 851 14.42 19.82 16.82
CA THR A 851 13.65 18.58 16.71
C THR A 851 12.17 18.89 16.89
N GLY A 852 11.34 18.37 15.99
CA GLY A 852 9.90 18.41 16.15
C GLY A 852 9.27 19.78 16.00
N ILE A 853 8.76 20.32 17.11
CA ILE A 853 7.96 21.54 17.04
C ILE A 853 8.77 22.70 16.47
N SER A 854 10.03 22.81 16.86
CA SER A 854 10.86 23.91 16.36
C SER A 854 11.02 23.84 14.84
N LEU A 855 11.21 22.63 14.30
CA LEU A 855 11.33 22.48 12.86
C LEU A 855 10.07 22.95 12.15
N GLN A 856 8.90 22.59 12.69
CA GLN A 856 7.64 23.06 12.11
C GLN A 856 7.53 24.57 12.21
N GLU A 857 7.93 25.15 13.35
CA GLU A 857 7.83 26.59 13.56
C GLU A 857 8.85 27.37 12.76
N LYS A 858 9.85 26.70 12.19
CA LYS A 858 10.88 27.41 11.43
C LYS A 858 10.29 28.20 10.29
N GLN A 859 9.33 27.61 9.55
CA GLN A 859 8.73 28.24 8.39
C GLN A 859 7.25 28.53 8.54
N SER A 860 6.72 28.46 9.76
CA SER A 860 5.27 28.62 9.94
C SER A 860 4.84 30.07 9.86
N GLU A 861 5.71 31.00 10.31
CA GLU A 861 5.28 32.38 10.50
C GLU A 861 4.84 33.03 9.19
N SER A 862 5.60 32.80 8.11
CA SER A 862 5.36 33.56 6.89
C SER A 862 4.00 33.26 6.27
N GLN A 863 3.46 32.07 6.50
CA GLN A 863 2.25 31.66 5.78
C GLN A 863 1.04 32.50 6.17
N MET A 864 0.77 32.64 7.47
CA MET A 864 -0.52 33.15 7.92
C MET A 864 -0.91 34.42 7.16
N ALA A 865 -0.07 35.45 7.21
CA ALA A 865 -0.43 36.72 6.58
C ALA A 865 -0.79 36.51 5.12
N PHE A 866 0.06 35.81 4.36
CA PHE A 866 -0.25 35.57 2.96
C PHE A 866 -1.64 34.97 2.81
N LEU A 867 -1.94 33.93 3.58
CA LEU A 867 -3.28 33.35 3.53
C LEU A 867 -4.33 34.41 3.84
N LEU A 868 -4.17 35.11 4.96
CA LEU A 868 -5.12 36.15 5.31
C LEU A 868 -5.14 37.25 4.27
N GLY A 869 -4.04 37.41 3.52
CA GLY A 869 -4.04 38.30 2.38
C GLY A 869 -4.91 37.75 1.27
N LEU A 870 -4.65 36.51 0.87
CA LEU A 870 -5.41 35.93 -0.23
C LEU A 870 -6.89 35.84 0.11
N SER A 871 -7.21 35.41 1.34
CA SER A 871 -8.60 35.33 1.76
C SER A 871 -9.29 36.68 1.58
N MET A 872 -8.54 37.78 1.73
CA MET A 872 -9.12 39.08 1.44
C MET A 872 -9.35 39.26 -0.06
N LEU A 873 -8.31 39.03 -0.87
CA LEU A 873 -8.39 39.33 -2.29
C LEU A 873 -9.62 38.69 -2.91
N VAL A 874 -9.78 37.37 -2.72
CA VAL A 874 -10.90 36.67 -3.33
C VAL A 874 -12.21 37.36 -2.99
N VAL A 875 -12.40 37.71 -1.72
CA VAL A 875 -13.65 38.35 -1.32
C VAL A 875 -13.93 39.56 -2.20
N PHE A 876 -12.93 40.44 -2.34
CA PHE A 876 -13.13 41.62 -3.17
C PHE A 876 -13.63 41.21 -4.55
N LEU A 877 -12.93 40.28 -5.19
CA LEU A 877 -13.32 39.86 -6.52
C LEU A 877 -14.78 39.41 -6.52
N VAL A 878 -15.15 38.59 -5.56
CA VAL A 878 -16.53 38.09 -5.51
C VAL A 878 -17.49 39.25 -5.42
N LEU A 879 -17.21 40.22 -4.55
CA LEU A 879 -18.09 41.37 -4.46
C LEU A 879 -18.11 42.14 -5.78
N ALA A 880 -16.94 42.27 -6.43
CA ALA A 880 -16.92 42.92 -7.73
C ALA A 880 -17.82 42.18 -8.71
N ALA A 881 -17.94 40.86 -8.56
CA ALA A 881 -18.87 40.11 -9.39
C ALA A 881 -20.32 40.40 -9.00
N LEU A 882 -20.59 40.54 -7.70
CA LEU A 882 -21.97 40.66 -7.24
C LEU A 882 -22.55 42.01 -7.60
N TYR A 883 -21.81 43.08 -7.36
CA TYR A 883 -22.30 44.44 -7.55
C TYR A 883 -21.96 45.01 -8.92
N GLU A 884 -21.22 44.28 -9.75
CA GLU A 884 -20.85 44.76 -11.08
C GLU A 884 -20.13 46.10 -11.00
N SER A 885 -19.29 46.25 -9.98
CA SER A 885 -18.58 47.50 -9.75
C SER A 885 -17.25 47.21 -9.06
N TRP A 886 -16.23 47.97 -9.43
CA TRP A 886 -14.91 47.85 -8.83
C TRP A 886 -14.75 48.68 -7.57
N ALA A 887 -15.69 49.56 -7.27
CA ALA A 887 -15.60 50.48 -6.14
C ALA A 887 -16.50 50.11 -4.98
N ILE A 888 -17.72 49.66 -5.24
CA ILE A 888 -18.66 49.27 -4.20
C ILE A 888 -18.03 48.19 -3.32
N PRO A 889 -17.35 47.19 -3.91
CA PRO A 889 -16.76 46.14 -3.06
C PRO A 889 -15.84 46.66 -1.97
N LEU A 890 -15.12 47.75 -2.25
CA LEU A 890 -14.21 48.30 -1.24
C LEU A 890 -14.95 48.71 0.03
N SER A 891 -16.22 49.12 -0.10
CA SER A 891 -16.96 49.60 1.07
C SER A 891 -17.08 48.49 2.12
N VAL A 892 -17.39 47.27 1.68
CA VAL A 892 -17.48 46.16 2.62
C VAL A 892 -16.10 45.74 3.11
N MET A 893 -15.06 46.08 2.36
CA MET A 893 -13.72 45.55 2.66
C MET A 893 -13.15 46.17 3.93
N LEU A 894 -13.19 47.50 4.06
CA LEU A 894 -12.56 48.17 5.18
C LEU A 894 -13.39 48.13 6.46
N VAL A 895 -14.44 47.31 6.50
CA VAL A 895 -15.18 47.08 7.74
C VAL A 895 -14.43 46.14 8.68
N VAL A 896 -13.37 45.49 8.20
CA VAL A 896 -12.72 44.44 8.98
C VAL A 896 -12.15 44.96 10.30
N PRO A 897 -11.38 46.04 10.33
CA PRO A 897 -10.71 46.42 11.59
C PRO A 897 -11.69 46.78 12.70
N LEU A 898 -12.94 47.10 12.37
CA LEU A 898 -13.89 47.53 13.39
C LEU A 898 -14.12 46.43 14.41
N GLY A 899 -14.28 45.20 13.95
CA GLY A 899 -14.44 44.08 14.88
C GLY A 899 -13.13 43.63 15.49
N ILE A 900 -12.02 43.81 14.76
CA ILE A 900 -10.72 43.39 15.26
C ILE A 900 -10.33 44.21 16.49
N PHE A 901 -10.66 45.51 16.47
CA PHE A 901 -10.33 46.35 17.62
C PHE A 901 -11.00 45.83 18.89
N GLY A 902 -12.29 45.49 18.79
CA GLY A 902 -12.99 44.97 19.95
C GLY A 902 -12.41 43.65 20.44
N ALA A 903 -12.09 42.75 19.51
CA ALA A 903 -11.53 41.46 19.91
C ALA A 903 -10.19 41.65 20.61
N ILE A 904 -9.32 42.50 20.06
CA ILE A 904 -8.00 42.68 20.66
C ILE A 904 -8.13 43.32 22.04
N ILE A 905 -9.00 44.32 22.19
CA ILE A 905 -9.15 44.95 23.49
C ILE A 905 -9.80 44.00 24.49
N ALA A 906 -10.71 43.15 24.02
CA ALA A 906 -11.34 42.17 24.91
C ALA A 906 -10.34 41.16 25.42
N ILE A 907 -9.49 40.63 24.54
CA ILE A 907 -8.47 39.68 24.97
C ILE A 907 -7.44 40.38 25.85
N MET A 908 -7.23 41.68 25.64
CA MET A 908 -6.46 42.46 26.61
C MET A 908 -7.13 42.44 27.97
N SER A 909 -8.45 42.65 28.00
CA SER A 909 -9.17 42.70 29.26
C SER A 909 -9.09 41.38 30.01
N ARG A 910 -9.28 40.26 29.30
CA ARG A 910 -9.25 38.95 29.93
C ARG A 910 -7.84 38.37 30.02
N GLY A 911 -6.84 39.03 29.44
CA GLY A 911 -5.47 38.59 29.59
C GLY A 911 -5.22 37.19 29.06
N LEU A 912 -5.72 36.88 27.87
CA LEU A 912 -5.51 35.59 27.23
C LEU A 912 -4.61 35.78 26.02
N MET A 913 -3.55 34.97 25.95
CA MET A 913 -2.59 35.10 24.86
C MET A 913 -3.20 34.66 23.54
N ASN A 914 -2.64 35.18 22.45
CA ASN A 914 -3.10 34.83 21.12
C ASN A 914 -2.93 33.34 20.88
N ASP A 915 -3.92 32.73 20.24
CA ASP A 915 -3.89 31.31 19.93
C ASP A 915 -4.72 31.07 18.68
N VAL A 916 -4.71 29.81 18.22
CA VAL A 916 -5.47 29.45 17.03
C VAL A 916 -6.95 29.76 17.24
N PHE A 917 -7.44 29.62 18.47
CA PHE A 917 -8.83 29.92 18.75
C PHE A 917 -9.15 31.38 18.44
N PHE A 918 -8.25 32.29 18.83
CA PHE A 918 -8.46 33.70 18.54
C PHE A 918 -8.47 33.97 17.03
N LYS A 919 -7.54 33.33 16.30
CA LYS A 919 -7.49 33.50 14.85
C LYS A 919 -8.78 33.00 14.20
N ILE A 920 -9.33 31.92 14.73
CA ILE A 920 -10.64 31.45 14.25
C ILE A 920 -11.69 32.53 14.46
N GLY A 921 -11.69 33.14 15.64
CA GLY A 921 -12.62 34.24 15.89
C GLY A 921 -12.36 35.42 14.98
N LEU A 922 -11.09 35.69 14.69
CA LEU A 922 -10.75 36.77 13.77
C LEU A 922 -11.38 36.53 12.40
N ILE A 923 -11.18 35.34 11.83
CA ILE A 923 -11.73 35.05 10.52
C ILE A 923 -13.26 35.06 10.56
N THR A 924 -13.85 34.54 11.64
CA THR A 924 -15.30 34.54 11.74
C THR A 924 -15.86 35.95 11.75
N ILE A 925 -15.26 36.84 12.54
CA ILE A 925 -15.75 38.21 12.61
C ILE A 925 -15.50 38.94 11.30
N ILE A 926 -14.44 38.58 10.57
CA ILE A 926 -14.14 39.31 9.31
C ILE A 926 -15.18 38.84 8.31
N GLY A 927 -15.64 37.57 8.31
CA GLY A 927 -16.74 37.15 7.46
C GLY A 927 -18.05 37.81 7.84
N LEU A 928 -18.32 37.90 9.14
CA LEU A 928 -19.65 38.32 9.60
C LEU A 928 -19.87 39.82 9.47
N SER A 929 -18.84 40.63 9.71
CA SER A 929 -19.00 42.07 9.52
C SER A 929 -19.25 42.38 8.05
N ALA A 930 -18.58 41.66 7.16
CA ALA A 930 -18.86 41.79 5.73
C ALA A 930 -20.28 41.32 5.42
N LYS A 931 -20.72 40.32 6.14
CA LYS A 931 -22.09 39.83 5.92
C LYS A 931 -23.06 40.94 6.32
N ASN A 932 -22.79 41.69 7.40
CA ASN A 932 -23.68 42.78 7.79
C ASN A 932 -23.62 43.93 6.81
N ALA A 933 -22.44 44.25 6.28
CA ALA A 933 -22.31 45.39 5.38
C ALA A 933 -22.88 45.10 3.99
N ILE A 934 -22.86 43.83 3.58
CA ILE A 934 -23.24 43.49 2.20
C ILE A 934 -24.68 43.89 1.91
N LEU A 935 -25.60 43.52 2.79
CA LEU A 935 -27.01 43.80 2.50
C LEU A 935 -27.30 45.30 2.52
N ILE A 936 -26.71 46.04 3.47
CA ILE A 936 -26.95 47.48 3.50
C ILE A 936 -26.42 48.13 2.24
N VAL A 937 -25.23 47.75 1.78
CA VAL A 937 -24.72 48.35 0.55
C VAL A 937 -25.57 47.94 -0.64
N GLU A 938 -26.10 46.71 -0.63
CA GLU A 938 -26.94 46.26 -1.73
C GLU A 938 -28.23 47.07 -1.80
N PHE A 939 -28.88 47.32 -0.66
CA PHE A 939 -30.08 48.15 -0.68
C PHE A 939 -29.77 49.60 -1.00
N ALA A 940 -28.59 50.10 -0.60
CA ALA A 940 -28.19 51.42 -1.06
C ALA A 940 -28.07 51.46 -2.58
N LYS A 941 -27.50 50.40 -3.18
CA LYS A 941 -27.44 50.30 -4.63
C LYS A 941 -28.83 50.29 -5.24
N MET A 942 -29.76 49.55 -4.63
CA MET A 942 -31.12 49.50 -5.15
C MET A 942 -31.77 50.87 -5.12
N LEU A 943 -31.63 51.57 -3.99
CA LEU A 943 -32.22 52.91 -3.89
C LEU A 943 -31.58 53.87 -4.88
N LYS A 944 -30.27 53.73 -5.12
CA LYS A 944 -29.63 54.52 -6.16
C LYS A 944 -30.22 54.20 -7.53
N GLU A 945 -30.47 52.92 -7.80
CA GLU A 945 -31.12 52.53 -9.05
C GLU A 945 -32.48 53.19 -9.18
N GLU A 946 -33.19 53.34 -8.05
CA GLU A 946 -34.46 54.06 -8.09
C GLU A 946 -34.27 55.52 -8.48
N GLY A 947 -33.03 56.02 -8.43
CA GLY A 947 -32.75 57.41 -8.71
C GLY A 947 -32.72 58.32 -7.50
N MET A 948 -32.67 57.75 -6.30
CA MET A 948 -32.78 58.53 -5.08
C MET A 948 -31.40 58.78 -4.49
N SER A 949 -31.17 60.02 -4.05
CA SER A 949 -29.82 60.53 -3.83
C SER A 949 -29.01 59.63 -2.90
N LEU A 950 -27.68 59.80 -2.97
CA LEU A 950 -26.78 58.91 -2.26
C LEU A 950 -26.94 59.02 -0.75
N ILE A 951 -27.00 60.25 -0.22
CA ILE A 951 -27.15 60.41 1.22
C ILE A 951 -28.52 59.91 1.67
N GLU A 952 -29.56 60.36 0.99
CA GLU A 952 -30.94 59.94 1.34
C GLU A 952 -31.12 58.45 1.09
N ALA A 953 -30.51 57.88 0.04
CA ALA A 953 -30.55 56.44 -0.19
C ALA A 953 -29.86 55.68 0.93
N THR A 954 -28.68 56.15 1.35
CA THR A 954 -27.94 55.48 2.41
C THR A 954 -28.73 55.48 3.71
N VAL A 955 -29.29 56.64 4.08
CA VAL A 955 -30.03 56.71 5.34
C VAL A 955 -31.27 55.83 5.28
N ALA A 956 -31.98 55.83 4.14
CA ALA A 956 -33.16 55.00 4.02
C ALA A 956 -32.83 53.51 4.11
N ALA A 957 -31.78 53.09 3.42
CA ALA A 957 -31.37 51.69 3.48
C ALA A 957 -30.94 51.31 4.89
N ALA A 958 -30.20 52.19 5.56
CA ALA A 958 -29.78 51.92 6.93
C ALA A 958 -31.00 51.80 7.85
N LYS A 959 -31.99 52.68 7.69
CA LYS A 959 -33.18 52.59 8.52
C LYS A 959 -33.92 51.28 8.26
N LEU A 960 -34.04 50.88 6.99
CA LEU A 960 -34.76 49.65 6.68
C LEU A 960 -34.04 48.43 7.24
N ARG A 961 -32.72 48.39 7.12
CA ARG A 961 -31.93 47.22 7.50
C ARG A 961 -31.45 47.27 8.95
N LEU A 962 -31.76 48.33 9.70
CA LEU A 962 -31.29 48.43 11.08
C LEU A 962 -31.70 47.22 11.90
N ARG A 963 -32.99 46.89 11.91
CA ARG A 963 -33.47 45.85 12.82
C ARG A 963 -32.84 44.50 12.52
N PRO A 964 -32.76 44.03 11.27
CA PRO A 964 -32.09 42.74 11.03
C PRO A 964 -30.61 42.72 11.38
N ILE A 965 -29.91 43.86 11.28
CA ILE A 965 -28.51 43.90 11.72
C ILE A 965 -28.41 43.53 13.19
N LEU A 966 -29.23 44.18 14.03
CA LEU A 966 -29.24 43.83 15.44
C LEU A 966 -29.69 42.39 15.64
N MET A 967 -30.69 41.95 14.86
CA MET A 967 -31.12 40.56 14.91
C MET A 967 -29.94 39.61 14.82
N THR A 968 -29.30 39.62 13.65
CA THR A 968 -28.19 38.67 13.40
C THR A 968 -27.04 38.90 14.38
N SER A 969 -26.67 40.15 14.66
CA SER A 969 -25.50 40.42 15.49
C SER A 969 -25.84 39.85 16.84
N LEU A 970 -26.90 40.22 17.52
CA LEU A 970 -27.26 39.74 18.85
C LEU A 970 -27.43 38.24 18.84
N ALA A 971 -27.95 37.66 17.76
CA ALA A 971 -28.07 36.22 17.69
C ALA A 971 -26.71 35.56 17.90
N PHE A 972 -25.71 35.97 17.11
CA PHE A 972 -24.41 35.31 17.23
C PHE A 972 -23.80 35.63 18.59
N THR A 973 -23.87 36.90 19.02
CA THR A 973 -23.20 37.31 20.24
C THR A 973 -23.76 36.59 21.45
N CYS A 974 -25.08 36.43 21.50
CA CYS A 974 -25.71 35.73 22.61
C CYS A 974 -25.48 34.23 22.50
N GLY A 975 -25.31 33.72 21.28
CA GLY A 975 -25.04 32.30 21.10
C GLY A 975 -23.70 31.86 21.64
N VAL A 976 -22.72 32.75 21.72
CA VAL A 976 -21.38 32.40 22.19
C VAL A 976 -21.22 32.69 23.69
N ILE A 977 -22.26 33.16 24.35
CA ILE A 977 -22.17 33.44 25.78
C ILE A 977 -21.79 32.18 26.56
N PRO A 978 -22.35 31.00 26.26
CA PRO A 978 -22.01 29.82 27.07
C PRO A 978 -20.52 29.49 27.08
N LEU A 979 -19.80 29.74 25.99
CA LEU A 979 -18.39 29.35 25.92
C LEU A 979 -17.58 30.07 27.00
N VAL A 980 -17.77 31.38 27.13
CA VAL A 980 -16.96 32.15 28.08
C VAL A 980 -17.34 31.82 29.52
N ILE A 981 -18.64 31.72 29.80
CA ILE A 981 -19.09 31.55 31.18
C ILE A 981 -18.75 30.14 31.67
N ALA A 982 -18.90 29.13 30.83
CA ALA A 982 -18.78 27.75 31.27
C ALA A 982 -17.35 27.46 31.75
N THR A 983 -17.26 26.77 32.88
CA THR A 983 -15.99 26.34 33.46
C THR A 983 -16.04 24.84 33.71
N GLY A 984 -15.00 24.14 33.30
CA GLY A 984 -14.95 22.70 33.49
C GLY A 984 -13.91 22.07 32.58
N ALA A 985 -14.11 20.78 32.30
CA ALA A 985 -13.18 20.03 31.48
C ALA A 985 -13.06 20.67 30.10
N SER A 986 -11.81 20.97 29.71
CA SER A 986 -11.51 21.58 28.42
C SER A 986 -12.26 22.88 28.19
N SER A 987 -12.72 23.53 29.26
CA SER A 987 -13.45 24.79 29.16
C SER A 987 -12.54 25.99 28.98
N GLU A 988 -11.23 25.84 29.23
CA GLU A 988 -10.31 26.93 28.96
C GLU A 988 -10.24 27.25 27.47
N THR A 989 -10.27 26.21 26.63
CA THR A 989 -10.35 26.44 25.19
C THR A 989 -11.64 27.16 24.82
N GLN A 990 -12.74 26.79 25.48
CA GLN A 990 -14.01 27.48 25.24
C GLN A 990 -13.89 28.95 25.61
N HIS A 991 -13.28 29.26 26.76
CA HIS A 991 -13.07 30.65 27.12
C HIS A 991 -12.26 31.38 26.06
N ALA A 992 -11.14 30.79 25.65
CA ALA A 992 -10.26 31.45 24.69
C ALA A 992 -10.99 31.73 23.38
N LEU A 993 -11.79 30.76 22.91
CA LEU A 993 -12.49 30.95 21.64
C LEU A 993 -13.64 31.93 21.78
N GLY A 994 -14.30 31.95 22.94
CA GLY A 994 -15.53 32.70 23.07
C GLY A 994 -15.31 34.17 23.40
N THR A 995 -14.34 34.46 24.26
CA THR A 995 -14.14 35.85 24.70
C THR A 995 -13.82 36.75 23.52
N GLY A 996 -12.89 36.30 22.66
CA GLY A 996 -12.48 37.12 21.53
C GLY A 996 -13.62 37.38 20.57
N VAL A 997 -14.39 36.35 20.23
CA VAL A 997 -15.51 36.53 19.31
C VAL A 997 -16.56 37.43 19.91
N PHE A 998 -16.85 37.26 21.21
CA PHE A 998 -17.86 38.09 21.86
C PHE A 998 -17.47 39.56 21.78
N GLY A 999 -16.26 39.89 22.22
CA GLY A 999 -15.82 41.28 22.16
C GLY A 999 -15.77 41.80 20.74
N GLY A 1000 -15.25 41.00 19.81
CA GLY A 1000 -15.15 41.44 18.43
C GLY A 1000 -16.50 41.76 17.82
N MET A 1001 -17.51 40.91 18.07
CA MET A 1001 -18.83 41.18 17.50
C MET A 1001 -19.50 42.36 18.18
N ILE A 1002 -19.32 42.52 19.50
CA ILE A 1002 -19.89 43.70 20.14
C ILE A 1002 -19.34 44.97 19.48
N SER A 1003 -18.00 45.05 19.37
CA SER A 1003 -17.40 46.23 18.77
C SER A 1003 -17.83 46.37 17.30
N ALA A 1004 -17.82 45.27 16.56
CA ALA A 1004 -18.16 45.34 15.14
C ALA A 1004 -19.56 45.88 14.94
N THR A 1005 -20.55 45.28 15.61
CA THR A 1005 -21.90 45.81 15.51
C THR A 1005 -21.92 47.30 15.86
N ILE A 1006 -21.52 47.65 17.09
CA ILE A 1006 -21.72 48.99 17.59
C ILE A 1006 -21.06 50.03 16.69
N LEU A 1007 -19.84 49.74 16.24
CA LEU A 1007 -19.09 50.73 15.46
C LEU A 1007 -19.53 50.71 14.00
N ALA A 1008 -19.49 49.53 13.37
CA ALA A 1008 -19.80 49.45 11.95
C ALA A 1008 -21.19 50.01 11.65
N ILE A 1009 -22.18 49.75 12.51
CA ILE A 1009 -23.53 50.20 12.23
C ILE A 1009 -23.54 51.70 11.92
N PHE A 1010 -22.58 52.45 12.48
CA PHE A 1010 -22.49 53.88 12.19
C PHE A 1010 -21.49 54.15 11.07
N PHE A 1011 -20.33 53.48 11.11
CA PHE A 1011 -19.24 53.85 10.21
C PHE A 1011 -19.52 53.44 8.76
N VAL A 1012 -20.12 52.27 8.53
CA VAL A 1012 -20.12 51.69 7.20
C VAL A 1012 -20.80 52.58 6.16
N PRO A 1013 -21.98 53.17 6.41
CA PRO A 1013 -22.53 54.07 5.40
C PRO A 1013 -21.60 55.21 5.08
N VAL A 1014 -20.86 55.68 6.09
CA VAL A 1014 -20.05 56.88 5.93
C VAL A 1014 -18.95 56.65 4.90
N PHE A 1015 -18.16 55.58 5.06
CA PHE A 1015 -17.07 55.40 4.10
C PHE A 1015 -17.56 54.72 2.83
N PHE A 1016 -18.74 54.10 2.85
CA PHE A 1016 -19.34 53.72 1.57
C PHE A 1016 -19.64 54.97 0.73
N ILE A 1017 -20.25 55.98 1.35
CA ILE A 1017 -20.49 57.25 0.66
C ILE A 1017 -19.16 57.88 0.26
N PHE A 1018 -18.15 57.76 1.11
CA PHE A 1018 -16.84 58.33 0.78
C PHE A 1018 -16.25 57.68 -0.46
N ILE A 1019 -16.32 56.35 -0.57
CA ILE A 1019 -15.80 55.67 -1.74
C ILE A 1019 -16.60 56.05 -2.98
N LEU A 1020 -17.93 56.13 -2.85
CA LEU A 1020 -18.74 56.55 -4.01
C LEU A 1020 -18.35 57.95 -4.45
N GLY A 1021 -18.17 58.88 -3.50
CA GLY A 1021 -17.77 60.22 -3.86
C GLY A 1021 -16.39 60.27 -4.49
N ALA A 1022 -15.47 59.45 -3.99
CA ALA A 1022 -14.13 59.40 -4.57
C ALA A 1022 -14.16 58.92 -6.01
N VAL A 1023 -14.92 57.86 -6.28
CA VAL A 1023 -15.00 57.35 -7.65
C VAL A 1023 -15.71 58.36 -8.54
N GLU A 1024 -16.69 59.08 -8.00
CA GLU A 1024 -17.33 60.15 -8.76
C GLU A 1024 -16.33 61.24 -9.10
N LYS A 1025 -15.48 61.61 -8.12
CA LYS A 1025 -14.45 62.61 -8.37
C LYS A 1025 -13.49 62.16 -9.46
N LEU A 1026 -13.08 60.89 -9.42
CA LEU A 1026 -12.19 60.38 -10.46
C LEU A 1026 -12.87 60.43 -11.83
N PHE A 1027 -14.14 60.06 -11.89
CA PHE A 1027 -14.90 60.09 -13.13
C PHE A 1027 -16.07 61.06 -13.04
N MET B 1 -27.23 32.96 -22.83
CA MET B 1 -26.21 33.04 -23.91
C MET B 1 -24.99 33.81 -23.44
N SER B 2 -24.05 34.04 -24.36
CA SER B 2 -22.85 34.82 -24.04
C SER B 2 -23.17 36.30 -23.84
N GLN B 3 -24.39 36.74 -24.25
CA GLN B 3 -24.85 38.17 -24.14
C GLN B 3 -24.89 38.57 -22.68
N PHE B 4 -24.97 37.64 -21.77
CA PHE B 4 -24.77 37.90 -20.34
C PHE B 4 -23.44 38.60 -20.11
N PHE B 5 -22.35 37.95 -20.46
CA PHE B 5 -21.02 38.52 -20.13
C PHE B 5 -20.79 39.75 -21.01
N ILE B 6 -21.57 40.03 -22.07
CA ILE B 6 -21.43 41.26 -22.81
C ILE B 6 -21.83 42.45 -21.96
N ARG B 7 -22.85 42.28 -21.09
CA ARG B 7 -23.28 43.37 -20.23
C ARG B 7 -22.69 43.30 -18.83
N ARG B 8 -21.79 42.35 -18.57
CA ARG B 8 -21.11 42.23 -17.28
C ARG B 8 -19.60 42.06 -17.52
N PRO B 9 -18.91 43.12 -17.94
CA PRO B 9 -17.45 43.02 -18.08
C PRO B 9 -16.75 42.69 -16.78
N VAL B 10 -17.26 43.19 -15.65
CA VAL B 10 -16.59 42.98 -14.37
C VAL B 10 -16.56 41.49 -14.03
N PHE B 11 -17.67 40.79 -14.31
CA PHE B 11 -17.82 39.37 -13.92
C PHE B 11 -16.92 38.49 -14.80
N ALA B 12 -16.66 38.81 -16.05
CA ALA B 12 -15.68 38.12 -16.89
C ALA B 12 -14.26 38.45 -16.45
N TRP B 13 -14.00 39.72 -16.15
CA TRP B 13 -12.66 40.12 -15.74
C TRP B 13 -12.26 39.45 -14.43
N VAL B 14 -13.19 39.35 -13.47
CA VAL B 14 -12.86 38.70 -12.21
C VAL B 14 -12.67 37.20 -12.41
N ILE B 15 -13.42 36.59 -13.33
CA ILE B 15 -13.17 35.19 -13.66
C ILE B 15 -11.75 35.02 -14.19
N ALA B 16 -11.35 35.90 -15.10
CA ALA B 16 -9.99 35.84 -15.63
C ALA B 16 -8.97 36.04 -14.52
N ILE B 17 -9.27 36.93 -13.57
CA ILE B 17 -8.35 37.21 -12.47
C ILE B 17 -8.23 35.98 -11.57
N PHE B 18 -9.35 35.28 -11.42
CA PHE B 18 -9.38 34.06 -10.56
C PHE B 18 -8.58 32.97 -11.24
N ILE B 19 -8.58 32.87 -12.57
CA ILE B 19 -7.77 31.91 -13.31
C ILE B 19 -6.29 32.28 -13.22
N ILE B 20 -5.98 33.57 -13.40
CA ILE B 20 -4.59 34.02 -13.36
C ILE B 20 -3.99 33.78 -11.97
N ILE B 21 -4.74 34.11 -10.92
CA ILE B 21 -4.23 33.94 -9.56
C ILE B 21 -3.96 32.47 -9.28
N PHE B 22 -4.89 31.60 -9.65
CA PHE B 22 -4.70 30.16 -9.39
C PHE B 22 -3.53 29.61 -10.18
N GLY B 23 -3.39 30.00 -11.45
CA GLY B 23 -2.29 29.49 -12.24
C GLY B 23 -0.93 29.99 -11.77
N LEU B 24 -0.84 31.29 -11.47
CA LEU B 24 0.42 31.85 -11.02
C LEU B 24 0.82 31.31 -9.65
N LEU B 25 -0.16 31.00 -8.80
CA LEU B 25 0.09 30.39 -7.50
C LEU B 25 0.18 28.88 -7.57
N SER B 26 0.41 28.33 -8.76
CA SER B 26 0.51 26.89 -8.95
C SER B 26 1.84 26.53 -9.60
N ILE B 27 2.31 27.38 -10.51
CA ILE B 27 3.59 27.11 -11.18
C ILE B 27 4.73 26.95 -10.18
N PRO B 28 4.82 27.73 -9.10
CA PRO B 28 5.99 27.57 -8.21
C PRO B 28 6.10 26.19 -7.62
N LYS B 29 4.97 25.53 -7.34
CA LYS B 29 4.96 24.25 -6.67
C LYS B 29 5.01 23.05 -7.61
N LEU B 30 4.91 23.28 -8.92
CA LEU B 30 5.01 22.17 -9.87
C LEU B 30 6.44 21.63 -9.91
N PRO B 31 6.61 20.30 -9.88
CA PRO B 31 7.95 19.74 -10.07
C PRO B 31 8.47 20.03 -11.47
N ILE B 32 9.79 20.25 -11.56
CA ILE B 32 10.42 20.52 -12.90
C ILE B 32 11.47 19.45 -13.18
N ALA B 33 11.34 18.73 -14.29
CA ALA B 33 12.25 17.68 -14.70
C ALA B 33 12.36 17.69 -16.22
N ARG B 34 13.18 16.78 -16.75
CA ARG B 34 13.32 16.69 -18.19
C ARG B 34 12.20 15.87 -18.80
N PHE B 35 12.10 14.62 -18.38
CA PHE B 35 11.00 13.75 -18.87
C PHE B 35 10.26 13.18 -17.67
N PRO B 36 8.98 12.82 -17.82
CA PRO B 36 8.27 12.12 -16.75
C PRO B 36 8.67 10.67 -16.68
N SER B 37 8.00 9.87 -15.84
CA SER B 37 8.35 8.45 -15.71
C SER B 37 7.88 7.73 -16.96
N VAL B 38 8.78 7.60 -17.94
CA VAL B 38 8.46 7.01 -19.23
C VAL B 38 9.28 5.75 -19.45
N ALA B 39 9.71 5.12 -18.36
CA ALA B 39 10.53 3.92 -18.43
C ALA B 39 9.98 2.87 -17.48
N PRO B 40 10.12 1.58 -17.82
CA PRO B 40 9.71 0.53 -16.89
C PRO B 40 10.57 0.54 -15.64
N PRO B 41 9.95 0.44 -14.45
CA PRO B 41 10.75 0.30 -13.23
C PRO B 41 11.38 -1.09 -13.15
N GLN B 42 12.50 -1.18 -12.43
CA GLN B 42 13.24 -2.42 -12.29
C GLN B 42 13.48 -2.70 -10.80
N VAL B 43 13.46 -3.99 -10.46
CA VAL B 43 13.71 -4.45 -9.09
C VAL B 43 14.77 -5.53 -9.14
N ASN B 44 15.79 -5.41 -8.28
CA ASN B 44 16.97 -6.32 -8.32
C ASN B 44 17.07 -7.21 -7.09
N ILE B 45 16.95 -8.52 -7.23
CA ILE B 45 17.12 -9.49 -6.17
C ILE B 45 18.58 -9.95 -6.21
N SER B 46 19.30 -9.72 -5.12
CA SER B 46 20.71 -10.06 -5.01
C SER B 46 20.84 -11.29 -4.12
N ALA B 47 21.57 -12.29 -4.61
CA ALA B 47 21.83 -13.53 -3.90
C ALA B 47 23.33 -13.73 -3.74
N THR B 48 23.73 -14.20 -2.57
CA THR B 48 25.14 -14.41 -2.25
C THR B 48 25.36 -15.90 -1.94
N TYR B 49 26.17 -16.57 -2.74
CA TYR B 49 26.53 -17.98 -2.47
C TYR B 49 28.05 -18.01 -2.67
N PRO B 50 28.83 -17.52 -1.68
CA PRO B 50 30.28 -17.32 -1.89
C PRO B 50 31.03 -18.59 -2.22
N GLY B 51 30.66 -19.74 -1.64
CA GLY B 51 31.37 -20.98 -1.86
C GLY B 51 31.04 -21.70 -3.14
N ALA B 52 30.68 -20.98 -4.19
CA ALA B 52 30.26 -21.59 -5.44
C ALA B 52 30.84 -20.86 -6.64
N THR B 53 31.04 -21.60 -7.73
CA THR B 53 31.43 -21.02 -9.00
C THR B 53 30.21 -20.49 -9.73
N ALA B 54 30.46 -19.69 -10.78
CA ALA B 54 29.36 -19.08 -11.52
C ALA B 54 28.36 -20.14 -12.00
N LYS B 55 28.87 -21.26 -12.51
CA LYS B 55 27.98 -22.31 -13.00
C LYS B 55 27.12 -22.86 -11.87
N THR B 56 27.70 -23.09 -10.70
CA THR B 56 26.94 -23.64 -9.58
C THR B 56 25.88 -22.65 -9.11
N ILE B 57 26.23 -21.37 -9.01
CA ILE B 57 25.24 -20.36 -8.61
C ILE B 57 24.11 -20.31 -9.62
N ASN B 58 24.43 -20.35 -10.91
CA ASN B 58 23.39 -20.37 -11.93
C ASN B 58 22.50 -21.59 -11.78
N ASP B 59 23.09 -22.76 -11.51
CA ASP B 59 22.33 -24.00 -11.49
C ASP B 59 21.41 -24.08 -10.28
N SER B 60 21.91 -23.69 -9.10
CA SER B 60 21.20 -23.97 -7.85
C SER B 60 20.62 -22.72 -7.19
N VAL B 61 20.85 -21.53 -7.74
CA VAL B 61 20.33 -20.31 -7.14
C VAL B 61 19.52 -19.51 -8.16
N VAL B 62 20.15 -19.18 -9.29
CA VAL B 62 19.50 -18.30 -10.26
C VAL B 62 18.27 -18.97 -10.85
N THR B 63 18.40 -20.23 -11.27
CA THR B 63 17.27 -20.91 -11.89
C THR B 63 16.13 -21.11 -10.89
N LEU B 64 16.47 -21.45 -9.65
CA LEU B 64 15.43 -21.68 -8.65
C LEU B 64 14.64 -20.42 -8.37
N ILE B 65 15.33 -19.29 -8.20
CA ILE B 65 14.66 -18.05 -7.83
C ILE B 65 13.83 -17.51 -8.99
N GLU B 66 14.36 -17.55 -10.22
CA GLU B 66 13.67 -16.95 -11.35
C GLU B 66 12.32 -17.61 -11.60
N ARG B 67 12.10 -18.82 -11.12
CA ARG B 67 10.84 -19.55 -11.44
C ARG B 67 9.65 -18.95 -10.70
N GLU B 68 9.87 -18.17 -9.63
CA GLU B 68 8.73 -17.64 -8.84
C GLU B 68 8.24 -16.32 -9.42
N LEU B 69 8.93 -15.76 -10.40
CA LEU B 69 8.58 -14.44 -10.96
C LEU B 69 7.27 -14.48 -11.77
N SER B 70 6.81 -15.64 -12.20
CA SER B 70 5.59 -15.72 -13.06
C SER B 70 4.37 -15.17 -12.33
N GLY B 71 4.20 -15.47 -11.05
CA GLY B 71 3.06 -14.97 -10.27
C GLY B 71 3.04 -13.46 -10.14
N VAL B 72 4.19 -12.82 -9.96
CA VAL B 72 4.26 -11.34 -9.73
C VAL B 72 3.41 -10.57 -10.75
N LYS B 73 2.53 -9.68 -10.29
CA LYS B 73 1.68 -8.85 -11.12
C LYS B 73 2.49 -7.76 -11.82
N ASN B 74 2.03 -7.41 -13.03
CA ASN B 74 2.61 -6.31 -13.79
C ASN B 74 4.10 -6.52 -14.05
N LEU B 75 4.46 -7.75 -14.40
CA LEU B 75 5.82 -8.11 -14.75
C LEU B 75 5.95 -8.17 -16.26
N LEU B 76 6.84 -7.35 -16.80
CA LEU B 76 7.06 -7.31 -18.27
C LEU B 76 8.06 -8.39 -18.62
N TYR B 77 9.29 -8.26 -18.15
CA TYR B 77 10.35 -9.27 -18.43
C TYR B 77 11.26 -9.40 -17.21
N TYR B 78 12.02 -10.49 -17.14
CA TYR B 78 12.96 -10.72 -16.02
C TYR B 78 14.25 -11.31 -16.59
N SER B 79 15.40 -10.91 -16.07
CA SER B 79 16.70 -11.40 -16.51
C SER B 79 17.55 -11.70 -15.29
N ALA B 80 18.61 -12.45 -15.50
CA ALA B 80 19.50 -12.86 -14.42
C ALA B 80 20.94 -12.89 -14.93
N THR B 81 21.87 -12.49 -14.07
CA THR B 81 23.29 -12.45 -14.41
C THR B 81 24.11 -12.95 -13.23
N THR B 82 25.08 -13.81 -13.53
CA THR B 82 26.03 -14.29 -12.53
C THR B 82 27.42 -14.41 -13.15
N ASP B 83 28.44 -14.32 -12.30
CA ASP B 83 29.82 -14.41 -12.75
C ASP B 83 30.65 -15.06 -11.65
N THR B 84 31.96 -15.17 -11.90
CA THR B 84 32.88 -15.77 -10.94
C THR B 84 33.25 -14.76 -9.84
N SER B 85 32.21 -14.28 -9.16
CA SER B 85 32.37 -13.33 -8.08
C SER B 85 31.62 -13.73 -6.82
N GLY B 86 30.87 -14.83 -6.85
CA GLY B 86 30.16 -15.31 -5.69
C GLY B 86 28.79 -14.68 -5.47
N THR B 87 28.31 -13.86 -6.40
CA THR B 87 27.02 -13.21 -6.27
C THR B 87 26.25 -13.32 -7.57
N ALA B 88 24.92 -13.28 -7.45
CA ALA B 88 24.01 -13.34 -8.59
C ALA B 88 22.97 -12.22 -8.45
N GLU B 89 22.58 -11.64 -9.59
CA GLU B 89 21.63 -10.54 -9.62
C GLU B 89 20.51 -10.86 -10.59
N ILE B 90 19.28 -10.80 -10.11
CA ILE B 90 18.09 -11.05 -10.93
C ILE B 90 17.27 -9.77 -10.99
N THR B 91 17.16 -9.20 -12.18
CA THR B 91 16.47 -7.94 -12.38
C THR B 91 15.13 -8.20 -13.07
N ALA B 92 14.05 -7.77 -12.43
CA ALA B 92 12.70 -7.93 -12.95
C ALA B 92 12.16 -6.56 -13.33
N THR B 93 11.68 -6.43 -14.56
CA THR B 93 11.10 -5.20 -15.06
C THR B 93 9.59 -5.30 -15.07
N PHE B 94 8.92 -4.21 -14.72
CA PHE B 94 7.48 -4.18 -14.55
C PHE B 94 6.86 -3.22 -15.56
N LYS B 95 5.54 -3.20 -15.62
CA LYS B 95 4.85 -2.36 -16.58
C LYS B 95 5.16 -0.89 -16.29
N PRO B 96 5.27 -0.05 -17.32
CA PRO B 96 5.50 1.38 -17.07
C PRO B 96 4.37 1.98 -16.26
N GLY B 97 4.73 2.88 -15.35
CA GLY B 97 3.76 3.53 -14.51
C GLY B 97 3.12 2.60 -13.49
N THR B 98 3.94 2.04 -12.59
CA THR B 98 3.46 1.17 -11.55
C THR B 98 4.17 1.50 -10.24
N ASP B 99 3.55 1.07 -9.14
CA ASP B 99 4.08 1.35 -7.81
C ASP B 99 5.28 0.44 -7.54
N VAL B 100 6.45 1.04 -7.36
CA VAL B 100 7.67 0.24 -7.18
C VAL B 100 7.68 -0.47 -5.83
N GLU B 101 7.19 0.17 -4.78
CA GLU B 101 7.20 -0.47 -3.46
C GLU B 101 6.30 -1.69 -3.44
N MET B 102 5.11 -1.60 -4.06
CA MET B 102 4.23 -2.75 -4.13
C MET B 102 4.88 -3.89 -4.90
N ALA B 103 5.55 -3.59 -6.02
CA ALA B 103 6.25 -4.63 -6.77
C ALA B 103 7.35 -5.26 -5.94
N GLN B 104 8.10 -4.43 -5.19
CA GLN B 104 9.17 -4.96 -4.35
C GLN B 104 8.62 -5.90 -3.29
N VAL B 105 7.55 -5.51 -2.61
CA VAL B 105 7.00 -6.37 -1.56
C VAL B 105 6.41 -7.64 -2.17
N ASP B 106 5.90 -7.53 -3.37
CA ASP B 106 5.21 -8.68 -3.99
C ASP B 106 6.25 -9.59 -4.60
N VAL B 107 7.48 -9.19 -4.90
CA VAL B 107 8.60 -10.07 -5.24
C VAL B 107 9.20 -10.67 -3.97
N GLN B 108 9.30 -9.88 -2.90
CA GLN B 108 9.82 -10.41 -1.65
C GLN B 108 8.95 -11.54 -1.13
N ASN B 109 7.62 -11.37 -1.20
CA ASN B 109 6.71 -12.42 -0.76
C ASN B 109 6.86 -13.67 -1.63
N LYS B 110 6.98 -13.49 -2.95
CA LYS B 110 7.04 -14.63 -3.85
C LYS B 110 8.35 -15.41 -3.74
N ILE B 111 9.47 -14.73 -3.45
CA ILE B 111 10.77 -15.39 -3.43
C ILE B 111 10.93 -16.31 -2.22
N LYS B 112 10.07 -16.20 -1.21
CA LYS B 112 10.16 -17.08 -0.05
C LYS B 112 9.66 -18.50 -0.32
N ALA B 113 8.98 -18.72 -1.45
CA ALA B 113 8.49 -20.06 -1.76
C ALA B 113 9.64 -21.04 -1.92
N VAL B 114 10.80 -20.57 -2.39
CA VAL B 114 11.94 -21.45 -2.64
C VAL B 114 12.99 -21.39 -1.54
N GLU B 115 12.76 -20.62 -0.47
CA GLU B 115 13.76 -20.51 0.58
C GLU B 115 14.06 -21.85 1.20
N ALA B 116 13.02 -22.65 1.48
CA ALA B 116 13.23 -23.99 2.01
C ALA B 116 13.99 -24.86 1.01
N ARG B 117 13.62 -24.78 -0.28
CA ARG B 117 14.28 -25.56 -1.31
C ARG B 117 15.64 -25.00 -1.71
N LEU B 118 15.90 -23.73 -1.46
CA LEU B 118 17.19 -23.15 -1.80
C LEU B 118 18.29 -23.83 -1.00
N PRO B 119 19.49 -23.99 -1.56
CA PRO B 119 20.59 -24.59 -0.79
C PRO B 119 20.68 -23.99 0.61
N GLN B 120 20.99 -24.86 1.58
CA GLN B 120 21.02 -24.43 2.97
C GLN B 120 22.04 -23.32 3.20
N VAL B 121 23.16 -23.35 2.49
CA VAL B 121 24.18 -22.32 2.66
C VAL B 121 23.64 -20.97 2.21
N VAL B 122 22.88 -20.95 1.12
CA VAL B 122 22.35 -19.69 0.59
C VAL B 122 21.37 -19.06 1.58
N ARG B 123 20.62 -19.91 2.30
CA ARG B 123 19.53 -19.39 3.13
C ARG B 123 20.05 -18.43 4.20
N GLN B 124 21.15 -18.78 4.86
CA GLN B 124 21.62 -17.96 5.98
C GLN B 124 21.98 -16.55 5.52
N GLN B 125 22.70 -16.43 4.40
CA GLN B 125 23.06 -15.11 3.90
C GLN B 125 21.81 -14.32 3.50
N GLY B 126 20.86 -14.97 2.85
CA GLY B 126 19.61 -14.34 2.48
C GLY B 126 19.68 -13.64 1.13
N LEU B 127 18.51 -13.19 0.69
CA LEU B 127 18.36 -12.49 -0.58
C LEU B 127 17.87 -11.07 -0.31
N GLN B 128 18.40 -10.10 -1.05
CA GLN B 128 18.03 -8.70 -0.87
C GLN B 128 17.26 -8.21 -2.09
N VAL B 129 16.03 -7.76 -1.88
CA VAL B 129 15.18 -7.24 -2.94
C VAL B 129 15.13 -5.73 -2.77
N GLU B 130 15.52 -4.99 -3.81
CA GLU B 130 15.56 -3.51 -3.70
C GLU B 130 15.19 -2.84 -5.04
N ALA B 131 14.71 -1.60 -5.01
CA ALA B 131 14.39 -0.85 -6.24
C ALA B 131 15.70 -0.55 -6.98
N SER B 132 15.70 -0.62 -8.31
CA SER B 132 16.96 -0.45 -9.07
C SER B 132 16.85 0.68 -10.08
N SER B 133 17.82 1.58 -10.15
CA SER B 133 17.83 2.61 -11.21
C SER B 133 18.93 2.23 -12.21
N SER B 134 18.81 2.60 -13.47
CA SER B 134 19.80 2.14 -14.48
C SER B 134 20.87 3.18 -14.75
N GLY B 135 20.84 4.34 -14.12
CA GLY B 135 21.82 5.39 -14.49
C GLY B 135 22.27 6.23 -13.32
N PHE B 136 23.35 6.98 -13.48
CA PHE B 136 23.86 7.85 -12.39
C PHE B 136 23.35 9.28 -12.54
N LEU B 137 23.41 10.07 -11.48
CA LEU B 137 23.01 11.47 -11.51
C LEU B 137 24.19 12.39 -11.21
N MET B 138 24.96 12.09 -10.17
CA MET B 138 26.10 12.90 -9.76
C MET B 138 27.27 11.99 -9.39
N LEU B 139 28.47 12.52 -9.56
CA LEU B 139 29.70 11.85 -9.12
C LEU B 139 30.45 12.80 -8.21
N VAL B 140 30.48 12.50 -6.92
CA VAL B 140 31.11 13.36 -5.92
C VAL B 140 32.45 12.72 -5.56
N GLY B 141 33.53 13.43 -5.80
CA GLY B 141 34.86 12.87 -5.62
C GLY B 141 35.69 13.68 -4.65
N ILE B 142 36.69 13.00 -4.07
CA ILE B 142 37.70 13.63 -3.22
C ILE B 142 39.05 13.27 -3.81
N ASN B 143 39.88 14.29 -4.03
CA ASN B 143 41.21 14.12 -4.59
C ASN B 143 42.20 14.97 -3.81
N SER B 144 43.47 14.54 -3.81
CA SER B 144 44.53 15.24 -3.10
C SER B 144 45.48 15.89 -4.09
N PRO B 145 45.41 17.20 -4.32
CA PRO B 145 46.34 17.82 -5.27
C PRO B 145 47.80 17.63 -4.90
N ASN B 146 48.12 17.65 -3.61
CA ASN B 146 49.51 17.54 -3.16
C ASN B 146 49.93 16.11 -2.85
N ASN B 147 49.05 15.13 -3.08
CA ASN B 147 49.34 13.72 -2.81
C ASN B 147 49.56 13.45 -1.32
N GLN B 148 49.05 14.32 -0.45
CA GLN B 148 49.21 14.11 0.98
C GLN B 148 48.53 12.81 1.43
N TYR B 149 47.35 12.53 0.89
CA TYR B 149 46.61 11.31 1.19
C TYR B 149 46.55 10.43 -0.05
N SER B 150 46.63 9.12 0.18
CA SER B 150 46.59 8.14 -0.88
C SER B 150 45.14 7.74 -1.16
N GLU B 151 44.97 6.79 -2.08
CA GLU B 151 43.63 6.33 -2.42
C GLU B 151 42.93 5.71 -1.22
N VAL B 152 43.66 4.93 -0.42
CA VAL B 152 43.06 4.27 0.73
C VAL B 152 42.54 5.31 1.72
N ASP B 153 43.35 6.32 2.03
CA ASP B 153 42.93 7.34 2.98
C ASP B 153 41.75 8.14 2.45
N LEU B 154 41.79 8.51 1.17
CA LEU B 154 40.67 9.26 0.59
C LEU B 154 39.38 8.45 0.63
N SER B 155 39.46 7.16 0.28
CA SER B 155 38.26 6.33 0.33
C SER B 155 37.75 6.18 1.75
N ASP B 156 38.67 6.01 2.72
CA ASP B 156 38.25 5.90 4.11
C ASP B 156 37.53 7.16 4.56
N TYR B 157 38.08 8.33 4.24
CA TYR B 157 37.42 9.58 4.62
C TYR B 157 36.06 9.70 3.94
N LEU B 158 35.99 9.36 2.65
CA LEU B 158 34.74 9.48 1.91
C LEU B 158 33.66 8.61 2.55
N VAL B 159 33.99 7.37 2.89
CA VAL B 159 32.99 6.49 3.48
C VAL B 159 32.65 6.93 4.90
N ARG B 160 33.64 7.39 5.66
CA ARG B 160 33.41 7.70 7.07
C ARG B 160 32.55 8.95 7.24
N ASN B 161 32.88 10.04 6.52
CA ASN B 161 32.36 11.35 6.85
C ASN B 161 31.45 11.96 5.79
N VAL B 162 31.36 11.36 4.59
CA VAL B 162 30.65 11.97 3.48
C VAL B 162 29.48 11.11 3.00
N VAL B 163 29.72 9.81 2.82
CA VAL B 163 28.70 8.96 2.18
C VAL B 163 27.40 8.99 2.98
N GLU B 164 27.49 8.83 4.30
CA GLU B 164 26.28 8.86 5.12
C GLU B 164 25.61 10.23 5.04
N GLU B 165 26.39 11.30 5.06
CA GLU B 165 25.81 12.64 4.94
C GLU B 165 25.13 12.84 3.60
N LEU B 166 25.76 12.36 2.52
CA LEU B 166 25.12 12.46 1.21
C LEU B 166 23.82 11.68 1.16
N LYS B 167 23.78 10.50 1.81
CA LYS B 167 22.54 9.75 1.86
C LYS B 167 21.42 10.55 2.50
N ARG B 168 21.75 11.48 3.40
CA ARG B 168 20.75 12.29 4.06
C ARG B 168 20.12 13.31 3.12
N VAL B 169 20.75 13.59 1.97
CA VAL B 169 20.22 14.58 1.05
C VAL B 169 18.84 14.14 0.59
N GLU B 170 17.96 15.12 0.38
CA GLU B 170 16.61 14.84 -0.10
C GLU B 170 16.66 14.21 -1.48
N GLY B 171 15.89 13.15 -1.68
CA GLY B 171 15.71 12.52 -2.96
C GLY B 171 16.79 11.52 -3.35
N VAL B 172 17.89 11.47 -2.60
CA VAL B 172 18.95 10.51 -2.93
C VAL B 172 18.43 9.10 -2.73
N GLY B 173 18.64 8.26 -3.75
CA GLY B 173 18.18 6.89 -3.70
C GLY B 173 19.26 5.92 -3.28
N LYS B 174 20.46 6.08 -3.84
CA LYS B 174 21.58 5.23 -3.46
C LYS B 174 22.86 6.04 -3.55
N VAL B 175 23.84 5.68 -2.71
CA VAL B 175 25.18 6.24 -2.79
C VAL B 175 26.14 5.06 -2.88
N GLN B 176 26.74 4.89 -4.06
CA GLN B 176 27.65 3.77 -4.33
C GLN B 176 29.07 4.29 -4.25
N SER B 177 29.83 3.81 -3.26
CA SER B 177 31.20 4.24 -3.06
C SER B 177 32.12 3.26 -3.76
N PHE B 178 32.93 3.76 -4.70
CA PHE B 178 33.90 2.95 -5.41
C PHE B 178 35.22 2.80 -4.66
N GLY B 179 35.23 3.14 -3.37
CA GLY B 179 36.38 2.91 -2.53
C GLY B 179 36.07 1.90 -1.44
N ALA B 180 36.88 1.87 -0.38
CA ALA B 180 36.66 0.93 0.70
C ALA B 180 37.15 1.55 2.01
N GLU B 181 36.61 1.03 3.11
CA GLU B 181 37.02 1.49 4.44
C GLU B 181 38.37 0.90 4.82
N LYS B 182 38.91 1.40 5.92
CA LYS B 182 40.18 0.90 6.43
C LYS B 182 39.95 -0.31 7.34
N ALA B 183 40.93 -1.21 7.34
CA ALA B 183 40.83 -2.45 8.10
C ALA B 183 42.23 -2.98 8.35
N MET B 184 42.32 -3.93 9.29
CA MET B 184 43.59 -4.57 9.63
C MET B 184 43.75 -5.80 8.74
N ARG B 185 44.73 -5.74 7.84
CA ARG B 185 45.03 -6.83 6.92
C ARG B 185 46.22 -7.62 7.46
N ILE B 186 46.03 -8.93 7.58
CA ILE B 186 47.09 -9.84 8.03
C ILE B 186 47.49 -10.69 6.84
N TRP B 187 48.65 -10.39 6.26
CA TRP B 187 49.17 -11.10 5.10
C TRP B 187 49.99 -12.27 5.62
N VAL B 188 49.43 -13.47 5.53
CA VAL B 188 50.06 -14.66 6.09
C VAL B 188 50.91 -15.34 5.03
N ASP B 189 52.05 -15.88 5.45
CA ASP B 189 52.94 -16.63 4.58
C ASP B 189 52.76 -18.12 4.87
N PRO B 190 52.21 -18.92 3.96
CA PRO B 190 51.97 -20.34 4.29
C PRO B 190 53.24 -21.09 4.63
N ASN B 191 54.37 -20.74 4.02
CA ASN B 191 55.61 -21.46 4.27
C ASN B 191 56.00 -21.37 5.74
N LYS B 192 55.96 -20.16 6.31
CA LYS B 192 56.32 -20.00 7.71
C LYS B 192 55.35 -20.75 8.62
N LEU B 193 54.05 -20.68 8.32
CA LEU B 193 53.07 -21.37 9.15
C LEU B 193 53.31 -22.88 9.14
N VAL B 194 53.54 -23.46 7.97
CA VAL B 194 53.74 -24.89 7.88
C VAL B 194 55.06 -25.29 8.54
N SER B 195 56.09 -24.45 8.39
CA SER B 195 57.36 -24.72 9.06
C SER B 195 57.20 -24.73 10.58
N TYR B 196 56.39 -23.82 11.10
CA TYR B 196 56.14 -23.75 12.53
C TYR B 196 55.06 -24.71 13.00
N GLY B 197 54.44 -25.46 12.09
CA GLY B 197 53.43 -26.43 12.44
C GLY B 197 52.03 -25.88 12.61
N LEU B 198 51.79 -24.62 12.24
CA LEU B 198 50.50 -24.00 12.39
C LEU B 198 49.78 -23.91 11.05
N SER B 199 48.48 -23.60 11.11
CA SER B 199 47.62 -23.53 9.94
C SER B 199 46.86 -22.21 9.95
N ILE B 200 46.12 -21.96 8.86
CA ILE B 200 45.35 -20.73 8.72
C ILE B 200 44.20 -20.64 9.71
N SER B 201 43.76 -21.76 10.28
CA SER B 201 42.74 -21.72 11.30
C SER B 201 43.28 -21.21 12.63
N ASP B 202 44.55 -21.49 12.93
CA ASP B 202 45.13 -21.09 14.20
C ASP B 202 45.19 -19.57 14.33
N VAL B 203 45.56 -18.87 13.26
CA VAL B 203 45.62 -17.42 13.33
C VAL B 203 44.23 -16.84 13.57
N ASN B 204 43.23 -17.36 12.87
CA ASN B 204 41.86 -16.91 13.09
C ASN B 204 41.44 -17.13 14.53
N ASN B 205 41.70 -18.33 15.06
CA ASN B 205 41.29 -18.63 16.43
C ASN B 205 42.00 -17.73 17.43
N ALA B 206 43.31 -17.49 17.22
CA ALA B 206 44.05 -16.61 18.12
C ALA B 206 43.50 -15.20 18.09
N ILE B 207 43.16 -14.70 16.89
CA ILE B 207 42.59 -13.36 16.78
C ILE B 207 41.26 -13.29 17.50
N ARG B 208 40.42 -14.32 17.34
CA ARG B 208 39.14 -14.31 18.04
C ARG B 208 39.34 -14.31 19.56
N GLU B 209 40.27 -15.14 20.04
CA GLU B 209 40.47 -15.24 21.49
C GLU B 209 41.01 -13.92 22.05
N ASN B 210 42.06 -13.38 21.45
CA ASN B 210 42.67 -12.17 21.98
C ASN B 210 41.80 -10.95 21.75
N ASN B 211 41.26 -10.81 20.54
CA ASN B 211 40.38 -9.69 20.21
C ASN B 211 38.95 -10.11 20.52
N VAL B 212 38.60 -10.05 21.81
CA VAL B 212 37.27 -10.45 22.29
C VAL B 212 36.68 -9.29 23.06
N GLU B 213 35.41 -9.00 22.78
CA GLU B 213 34.71 -7.90 23.44
C GLU B 213 34.16 -8.39 24.77
N ILE B 214 34.73 -7.89 25.87
CA ILE B 214 34.25 -8.26 27.19
C ILE B 214 32.90 -7.58 27.45
N ALA B 215 32.14 -8.17 28.37
CA ALA B 215 30.81 -7.68 28.72
C ALA B 215 30.73 -7.51 30.23
N PRO B 216 31.47 -6.54 30.77
CA PRO B 216 31.43 -6.32 32.22
C PRO B 216 30.06 -5.87 32.69
N GLY B 217 29.74 -6.21 33.94
CA GLY B 217 28.45 -5.88 34.50
C GLY B 217 28.43 -4.54 35.22
N ARG B 218 28.04 -4.56 36.49
CA ARG B 218 27.91 -3.35 37.28
C ARG B 218 27.84 -3.73 38.76
N LEU B 219 28.60 -3.00 39.57
CA LEU B 219 28.54 -3.22 41.01
C LEU B 219 27.19 -2.77 41.56
N GLY B 220 26.68 -3.53 42.51
CA GLY B 220 25.36 -3.26 43.06
C GLY B 220 24.27 -3.38 42.03
N ASP B 221 24.37 -4.36 41.13
CA ASP B 221 23.36 -4.59 40.10
C ASP B 221 22.28 -5.50 40.65
N LEU B 222 21.03 -5.16 40.35
CA LEU B 222 19.92 -5.93 40.89
C LEU B 222 19.95 -7.36 40.34
N PRO B 223 19.69 -8.37 41.18
CA PRO B 223 19.36 -8.26 42.62
C PRO B 223 20.57 -7.85 43.45
N ALA B 224 20.37 -6.90 44.36
CA ALA B 224 21.45 -6.33 45.15
C ALA B 224 21.16 -6.51 46.63
N GLU B 225 22.23 -6.54 47.42
CA GLU B 225 22.10 -6.71 48.86
C GLU B 225 21.60 -5.43 49.51
N LYS B 226 21.00 -5.59 50.68
CA LYS B 226 20.44 -4.46 51.40
C LYS B 226 21.54 -3.56 51.96
N GLY B 227 21.27 -2.25 52.01
CA GLY B 227 22.15 -1.30 52.63
C GLY B 227 23.13 -0.61 51.70
N GLN B 228 23.25 -1.05 50.45
CA GLN B 228 24.20 -0.42 49.54
C GLN B 228 23.73 0.98 49.16
N LEU B 229 24.71 1.86 48.89
CA LEU B 229 24.42 3.22 48.46
C LEU B 229 25.13 3.60 47.17
N ILE B 230 26.09 2.80 46.70
CA ILE B 230 26.88 3.12 45.53
C ILE B 230 26.74 2.00 44.51
N THR B 231 26.40 2.36 43.28
CA THR B 231 26.45 1.47 42.13
C THR B 231 27.28 2.15 41.06
N ILE B 232 28.31 1.46 40.56
CA ILE B 232 29.28 2.03 39.65
C ILE B 232 29.41 1.11 38.44
N PRO B 233 29.32 1.63 37.21
CA PRO B 233 29.56 0.79 36.03
C PRO B 233 31.00 0.27 36.02
N LEU B 234 31.18 -0.91 35.44
CA LEU B 234 32.51 -1.51 35.28
C LEU B 234 32.77 -1.70 33.80
N SER B 235 33.97 -1.31 33.36
CA SER B 235 34.35 -1.37 31.95
C SER B 235 35.65 -2.14 31.80
N ALA B 236 35.75 -2.88 30.70
CA ALA B 236 36.96 -3.63 30.35
C ALA B 236 36.98 -3.81 28.85
N GLN B 237 38.14 -3.55 28.25
CA GLN B 237 38.30 -3.59 26.79
C GLN B 237 39.24 -4.73 26.43
N GLY B 238 38.69 -5.74 25.76
CA GLY B 238 39.47 -6.84 25.22
C GLY B 238 39.74 -6.74 23.74
N GLN B 239 39.50 -5.59 23.13
CA GLN B 239 39.69 -5.39 21.70
C GLN B 239 41.00 -4.65 21.46
N LEU B 240 41.79 -5.13 20.49
CA LEU B 240 43.07 -4.53 20.16
C LEU B 240 42.85 -3.41 19.15
N SER B 241 43.53 -2.28 19.34
CA SER B 241 43.30 -1.09 18.55
C SER B 241 44.56 -0.55 17.86
N SER B 242 45.72 -1.18 18.08
CA SER B 242 46.97 -0.67 17.52
C SER B 242 47.73 -1.82 16.85
N LEU B 243 48.57 -1.46 15.89
CA LEU B 243 49.33 -2.47 15.16
C LEU B 243 50.22 -3.27 16.09
N GLU B 244 50.83 -2.62 17.07
CA GLU B 244 51.77 -3.30 17.98
C GLU B 244 50.99 -4.28 18.85
N GLN B 245 49.73 -3.98 19.18
CA GLN B 245 48.90 -4.93 19.93
C GLN B 245 48.57 -6.16 19.10
N PHE B 246 48.21 -5.96 17.82
CA PHE B 246 47.91 -7.10 16.97
C PHE B 246 49.14 -7.96 16.69
N LYS B 247 50.31 -7.33 16.55
CA LYS B 247 51.54 -8.07 16.24
C LYS B 247 52.07 -8.87 17.42
N ASN B 248 51.51 -8.68 18.62
CA ASN B 248 51.92 -9.44 19.80
C ASN B 248 50.95 -10.55 20.14
N ILE B 249 50.12 -10.97 19.20
CA ILE B 249 49.20 -12.09 19.45
C ILE B 249 50.00 -13.32 19.82
N SER B 250 49.46 -14.10 20.76
CA SER B 250 50.12 -15.29 21.27
C SER B 250 49.49 -16.53 20.63
N LEU B 251 50.27 -17.23 19.81
CA LEU B 251 49.87 -18.49 19.22
C LEU B 251 51.01 -19.48 19.41
N LYS B 252 50.69 -20.70 19.82
CA LYS B 252 51.69 -21.69 20.23
C LYS B 252 51.89 -22.70 19.12
N SER B 253 53.13 -22.83 18.68
CA SER B 253 53.46 -23.85 17.68
C SER B 253 53.38 -25.20 18.38
N LYS B 254 52.79 -26.22 17.78
CA LYS B 254 52.72 -27.56 18.35
C LYS B 254 54.08 -28.25 18.30
N THR B 255 54.81 -28.10 17.20
CA THR B 255 56.07 -28.82 17.04
C THR B 255 57.12 -28.31 18.03
N ASN B 256 57.51 -27.04 17.90
CA ASN B 256 58.54 -26.50 18.79
C ASN B 256 58.07 -26.43 20.23
N GLY B 257 56.82 -26.02 20.45
CA GLY B 257 56.30 -25.82 21.77
C GLY B 257 56.63 -24.48 22.39
N SER B 258 57.39 -23.63 21.69
CA SER B 258 57.74 -22.32 22.19
C SER B 258 56.63 -21.31 21.90
N VAL B 259 56.80 -20.11 22.41
CA VAL B 259 55.85 -19.02 22.20
C VAL B 259 56.32 -18.19 21.02
N ILE B 260 55.43 -17.95 20.06
CA ILE B 260 55.73 -17.17 18.87
C ILE B 260 54.69 -16.07 18.73
N LYS B 261 55.01 -15.09 17.88
CA LYS B 261 54.18 -13.91 17.68
C LYS B 261 53.57 -13.93 16.29
N LEU B 262 52.52 -13.13 16.12
CA LEU B 262 51.86 -13.03 14.82
C LEU B 262 52.81 -12.48 13.76
N SER B 263 53.63 -11.50 14.12
CA SER B 263 54.55 -10.91 13.16
C SER B 263 55.47 -11.96 12.55
N ASP B 264 55.78 -13.01 13.32
CA ASP B 264 56.68 -14.05 12.83
C ASP B 264 56.10 -14.75 11.60
N VAL B 265 54.81 -15.08 11.65
CA VAL B 265 54.18 -15.86 10.58
C VAL B 265 53.34 -14.99 9.66
N ALA B 266 53.23 -13.69 9.92
CA ALA B 266 52.38 -12.83 9.09
C ALA B 266 52.89 -11.40 9.16
N ASN B 267 52.51 -10.63 8.16
CA ASN B 267 52.76 -9.19 8.12
C ASN B 267 51.45 -8.47 8.42
N VAL B 268 51.47 -7.58 9.42
CA VAL B 268 50.28 -6.92 9.91
C VAL B 268 50.31 -5.48 9.41
N GLU B 269 49.24 -5.05 8.74
CA GLU B 269 49.18 -3.71 8.17
C GLU B 269 47.76 -3.17 8.23
N ILE B 270 47.63 -1.89 7.93
CA ILE B 270 46.33 -1.27 7.69
C ILE B 270 46.16 -1.10 6.18
N GLY B 271 44.97 -1.47 5.70
CA GLY B 271 44.72 -1.40 4.27
C GLY B 271 43.25 -1.21 4.01
N SER B 272 42.88 -1.33 2.73
CA SER B 272 41.50 -1.17 2.34
C SER B 272 40.68 -2.39 2.74
N GLN B 273 39.42 -2.15 3.11
CA GLN B 273 38.52 -3.26 3.40
C GLN B 273 38.38 -4.20 2.21
N ALA B 274 38.53 -3.69 0.99
CA ALA B 274 38.48 -4.51 -0.20
C ALA B 274 39.24 -3.79 -1.31
N TYR B 275 39.65 -4.55 -2.33
CA TYR B 275 40.34 -4.03 -3.49
C TYR B 275 39.57 -4.48 -4.73
N ASN B 276 38.56 -3.71 -5.11
CA ASN B 276 37.68 -4.04 -6.22
C ASN B 276 37.61 -2.94 -7.27
N PHE B 277 37.38 -1.70 -6.84
CA PHE B 277 37.16 -0.57 -7.75
C PHE B 277 38.22 0.49 -7.52
N ALA B 278 38.71 1.07 -8.61
CA ALA B 278 39.63 2.20 -8.56
C ALA B 278 39.03 3.38 -9.32
N ILE B 279 39.42 4.58 -8.90
CA ILE B 279 38.88 5.81 -9.49
C ILE B 279 40.04 6.68 -9.93
N LEU B 280 40.04 7.09 -11.19
CA LEU B 280 41.02 8.03 -11.72
C LEU B 280 40.31 9.31 -12.17
N GLU B 281 40.78 10.44 -11.64
CA GLU B 281 40.35 11.76 -12.08
C GLU B 281 41.08 12.12 -13.36
N ASN B 282 41.09 13.41 -13.72
CA ASN B 282 41.66 13.85 -14.99
C ASN B 282 43.16 13.63 -14.94
N GLY B 283 43.55 12.35 -15.02
CA GLY B 283 44.93 11.95 -14.95
C GLY B 283 45.48 11.76 -13.55
N LYS B 284 44.62 11.83 -12.52
CA LYS B 284 45.08 11.73 -11.15
C LYS B 284 44.25 10.70 -10.37
N PRO B 285 44.90 9.86 -9.56
CA PRO B 285 44.13 8.97 -8.68
C PRO B 285 43.34 9.77 -7.65
N ALA B 286 42.19 9.24 -7.26
CA ALA B 286 41.32 9.86 -6.27
C ALA B 286 40.25 8.86 -5.88
N THR B 287 39.27 9.32 -5.11
CA THR B 287 38.12 8.51 -4.74
C THR B 287 36.86 9.22 -5.22
N ALA B 288 35.81 8.44 -5.48
CA ALA B 288 34.55 8.99 -5.96
C ALA B 288 33.39 8.13 -5.48
N ALA B 289 32.21 8.75 -5.44
CA ALA B 289 30.97 8.08 -5.10
C ALA B 289 29.88 8.54 -6.07
N ALA B 290 29.06 7.58 -6.50
CA ALA B 290 27.98 7.83 -7.44
C ALA B 290 26.67 7.98 -6.69
N ILE B 291 25.97 9.09 -6.95
CA ILE B 291 24.67 9.36 -6.35
C ILE B 291 23.61 8.93 -7.36
N GLN B 292 22.97 7.79 -7.10
CA GLN B 292 21.93 7.26 -7.97
C GLN B 292 20.58 7.78 -7.51
N LEU B 293 19.89 8.49 -8.40
CA LEU B 293 18.64 9.14 -8.06
C LEU B 293 17.59 8.11 -7.65
N SER B 294 16.81 8.44 -6.62
CA SER B 294 15.73 7.58 -6.20
C SER B 294 14.61 7.58 -7.25
N PRO B 295 13.89 6.47 -7.38
CA PRO B 295 12.74 6.46 -8.29
C PRO B 295 11.69 7.48 -7.88
N GLY B 296 11.08 8.11 -8.88
CA GLY B 296 10.05 9.10 -8.61
C GLY B 296 10.56 10.31 -7.85
N ALA B 297 11.71 10.84 -8.28
CA ALA B 297 12.31 12.00 -7.64
C ALA B 297 12.77 12.98 -8.71
N ASN B 298 12.99 14.23 -8.30
CA ASN B 298 13.40 15.28 -9.21
C ASN B 298 14.91 15.42 -9.18
N ALA B 299 15.52 15.46 -10.37
CA ALA B 299 16.97 15.50 -10.46
C ALA B 299 17.52 16.82 -9.94
N VAL B 300 16.85 17.94 -10.25
CA VAL B 300 17.38 19.24 -9.87
C VAL B 300 17.45 19.38 -8.35
N LYS B 301 16.38 18.96 -7.66
CA LYS B 301 16.36 19.05 -6.21
C LYS B 301 17.50 18.23 -5.60
N THR B 302 17.66 16.99 -6.07
CA THR B 302 18.72 16.13 -5.54
C THR B 302 20.09 16.73 -5.78
N ALA B 303 20.33 17.23 -6.99
CA ALA B 303 21.63 17.80 -7.31
C ALA B 303 21.93 19.01 -6.45
N GLU B 304 20.96 19.92 -6.30
CA GLU B 304 21.19 21.10 -5.49
C GLU B 304 21.42 20.74 -4.03
N GLY B 305 20.67 19.75 -3.52
CA GLY B 305 20.90 19.29 -2.15
C GLY B 305 22.28 18.71 -1.97
N VAL B 306 22.72 17.87 -2.90
CA VAL B 306 24.06 17.27 -2.80
C VAL B 306 25.11 18.37 -2.79
N ARG B 307 25.01 19.32 -3.72
CA ARG B 307 25.99 20.39 -3.78
C ARG B 307 25.97 21.28 -2.54
N ALA B 308 24.78 21.58 -1.99
CA ALA B 308 24.71 22.38 -0.78
C ALA B 308 25.36 21.67 0.39
N LYS B 309 25.09 20.37 0.54
CA LYS B 309 25.73 19.62 1.62
C LYS B 309 27.23 19.55 1.43
N ILE B 310 27.71 19.36 0.20
CA ILE B 310 29.15 19.35 -0.04
C ILE B 310 29.75 20.69 0.35
N GLU B 311 29.11 21.79 -0.05
CA GLU B 311 29.59 23.11 0.36
C GLU B 311 29.65 23.21 1.88
N GLU B 312 28.65 22.65 2.56
CA GLU B 312 28.65 22.67 4.03
C GLU B 312 29.85 21.91 4.58
N LEU B 313 30.17 20.75 3.99
CA LEU B 313 31.26 19.92 4.51
C LEU B 313 32.64 20.46 4.15
N LYS B 314 32.74 21.45 3.26
CA LYS B 314 34.05 22.00 2.92
C LYS B 314 34.73 22.59 4.13
N LEU B 315 33.95 23.04 5.12
CA LEU B 315 34.54 23.62 6.33
C LEU B 315 35.36 22.59 7.08
N ASN B 316 34.88 21.36 7.16
CA ASN B 316 35.54 20.33 7.99
C ASN B 316 36.64 19.61 7.23
N LEU B 317 36.86 19.89 5.95
CA LEU B 317 37.85 19.15 5.18
C LEU B 317 39.25 19.36 5.77
N PRO B 318 40.04 18.30 5.94
CA PRO B 318 41.46 18.49 6.26
C PRO B 318 42.17 19.16 5.10
N GLU B 319 43.21 19.93 5.43
CA GLU B 319 44.00 20.59 4.40
C GLU B 319 44.72 19.55 3.54
N GLY B 320 44.70 19.77 2.22
CA GLY B 320 45.27 18.85 1.27
C GLY B 320 44.27 17.94 0.58
N MET B 321 43.01 17.97 1.01
CA MET B 321 41.95 17.18 0.41
C MET B 321 40.92 18.11 -0.18
N GLU B 322 40.51 17.83 -1.43
CA GLU B 322 39.65 18.73 -2.19
C GLU B 322 38.48 17.95 -2.78
N PHE B 323 37.28 18.53 -2.67
CA PHE B 323 36.10 17.97 -3.32
C PHE B 323 36.13 18.24 -4.82
N SER B 324 35.30 17.50 -5.55
CA SER B 324 35.18 17.67 -6.99
C SER B 324 33.85 17.08 -7.45
N ILE B 325 33.33 17.65 -8.55
CA ILE B 325 32.11 17.17 -9.18
C ILE B 325 32.41 16.95 -10.65
N PRO B 326 33.19 15.92 -11.00
CA PRO B 326 33.59 15.73 -12.41
C PRO B 326 32.44 15.43 -13.34
N TYR B 327 31.29 14.97 -12.85
CA TYR B 327 30.21 14.52 -13.72
C TYR B 327 28.88 14.81 -13.06
N ASP B 328 28.08 15.68 -13.66
CA ASP B 328 26.74 16.01 -13.19
C ASP B 328 25.83 16.21 -14.39
N THR B 329 24.66 15.58 -14.36
CA THR B 329 23.70 15.65 -15.46
C THR B 329 22.57 16.63 -15.20
N ALA B 330 22.56 17.30 -14.06
CA ALA B 330 21.48 18.23 -13.70
C ALA B 330 21.39 19.41 -14.65
N PRO B 331 22.50 20.07 -15.00
CA PRO B 331 22.38 21.33 -15.76
C PRO B 331 21.63 21.19 -17.07
N PHE B 332 21.80 20.08 -17.78
CA PHE B 332 21.18 19.94 -19.10
C PHE B 332 19.66 20.03 -19.00
N VAL B 333 19.09 19.56 -17.89
CA VAL B 333 17.64 19.66 -17.71
C VAL B 333 17.22 21.13 -17.70
N LYS B 334 17.91 21.95 -16.91
CA LYS B 334 17.58 23.37 -16.86
C LYS B 334 17.79 24.02 -18.20
N ILE B 335 18.87 23.66 -18.91
CA ILE B 335 19.13 24.24 -20.23
C ILE B 335 17.97 23.92 -21.18
N SER B 336 17.53 22.66 -21.18
CA SER B 336 16.44 22.26 -22.07
C SER B 336 15.15 22.98 -21.72
N ILE B 337 14.84 23.10 -20.43
CA ILE B 337 13.61 23.78 -20.02
C ILE B 337 13.66 25.25 -20.44
N GLU B 338 14.81 25.91 -20.23
CA GLU B 338 14.94 27.31 -20.62
C GLU B 338 14.80 27.47 -22.12
N LYS B 339 15.39 26.56 -22.90
CA LYS B 339 15.26 26.64 -24.35
C LYS B 339 13.82 26.47 -24.78
N VAL B 340 13.09 25.53 -24.16
CA VAL B 340 11.69 25.34 -24.50
C VAL B 340 10.87 26.58 -24.16
N ILE B 341 11.15 27.20 -23.02
CA ILE B 341 10.44 28.42 -22.64
C ILE B 341 10.72 29.53 -23.64
N HIS B 342 11.98 29.67 -24.06
CA HIS B 342 12.33 30.69 -25.05
C HIS B 342 11.61 30.43 -26.36
N THR B 343 11.55 29.18 -26.79
CA THR B 343 10.81 28.84 -28.01
C THR B 343 9.33 29.19 -27.86
N LEU B 344 8.75 28.92 -26.69
CA LEU B 344 7.36 29.28 -26.46
C LEU B 344 7.15 30.78 -26.58
N LEU B 345 8.04 31.57 -25.96
CA LEU B 345 7.93 33.02 -26.04
C LEU B 345 8.04 33.50 -27.49
N GLU B 346 8.97 32.94 -28.25
CA GLU B 346 9.11 33.31 -29.65
C GLU B 346 7.83 32.98 -30.41
N ALA B 347 7.22 31.83 -30.11
CA ALA B 347 5.96 31.46 -30.75
C ALA B 347 4.87 32.47 -30.43
N MET B 348 4.75 32.89 -29.17
CA MET B 348 3.76 33.90 -28.83
C MET B 348 4.02 35.20 -29.60
N VAL B 349 5.29 35.60 -29.69
CA VAL B 349 5.61 36.84 -30.40
C VAL B 349 5.21 36.74 -31.87
N LEU B 350 5.53 35.62 -32.52
CA LEU B 350 5.18 35.46 -33.92
C LEU B 350 3.67 35.44 -34.12
N VAL B 351 2.95 34.75 -33.23
CA VAL B 351 1.50 34.72 -33.35
C VAL B 351 0.92 36.13 -33.19
N PHE B 352 1.46 36.90 -32.25
CA PHE B 352 1.01 38.28 -32.07
C PHE B 352 1.27 39.11 -33.32
N ILE B 353 2.44 38.94 -33.93
CA ILE B 353 2.75 39.69 -35.15
C ILE B 353 1.77 39.31 -36.26
N VAL B 354 1.43 38.02 -36.34
CA VAL B 354 0.50 37.57 -37.38
C VAL B 354 -0.88 38.20 -37.17
N MET B 355 -1.40 38.11 -35.94
CA MET B 355 -2.71 38.69 -35.66
C MET B 355 -2.68 40.20 -35.87
N TYR B 356 -1.54 40.84 -35.62
CA TYR B 356 -1.43 42.28 -35.84
C TYR B 356 -1.52 42.61 -37.32
N LEU B 357 -0.81 41.87 -38.15
CA LEU B 357 -0.77 42.25 -39.58
C LEU B 357 -2.07 41.92 -40.26
N PHE B 358 -2.91 41.05 -39.69
CA PHE B 358 -4.25 40.77 -40.27
C PHE B 358 -5.28 41.71 -39.65
N LEU B 359 -5.27 41.95 -38.33
CA LEU B 359 -6.33 42.74 -37.73
C LEU B 359 -6.10 44.25 -37.92
N HIS B 360 -4.85 44.64 -38.18
CA HIS B 360 -4.42 45.99 -38.54
C HIS B 360 -4.38 46.95 -37.35
N ASN B 361 -4.75 46.51 -36.15
CA ASN B 361 -4.80 47.41 -35.01
C ASN B 361 -4.40 46.66 -33.74
N VAL B 362 -3.73 47.37 -32.84
CA VAL B 362 -3.31 46.78 -31.58
C VAL B 362 -4.51 46.51 -30.69
N ARG B 363 -5.50 47.41 -30.70
CA ARG B 363 -6.68 47.23 -29.88
C ARG B 363 -7.40 45.92 -30.23
N TYR B 364 -7.55 45.65 -31.53
CA TYR B 364 -8.18 44.41 -31.95
C TYR B 364 -7.37 43.20 -31.51
N THR B 365 -6.04 43.28 -31.64
CA THR B 365 -5.19 42.11 -31.44
C THR B 365 -4.99 41.79 -29.96
N LEU B 366 -5.08 42.80 -29.09
CA LEU B 366 -4.90 42.53 -27.67
C LEU B 366 -6.02 41.65 -27.13
N ILE B 367 -7.21 41.71 -27.72
CA ILE B 367 -8.32 40.90 -27.24
C ILE B 367 -8.01 39.41 -27.33
N PRO B 368 -7.59 38.87 -28.47
CA PRO B 368 -7.24 37.43 -28.50
C PRO B 368 -5.91 37.14 -27.83
N ALA B 369 -5.01 38.13 -27.75
CA ALA B 369 -3.68 37.87 -27.22
C ALA B 369 -3.72 37.47 -25.75
N ILE B 370 -4.53 38.14 -24.94
CA ILE B 370 -4.54 37.85 -23.51
C ILE B 370 -5.26 36.55 -23.17
N VAL B 371 -5.95 35.95 -24.14
CA VAL B 371 -6.58 34.65 -23.89
C VAL B 371 -5.52 33.58 -23.67
N ALA B 372 -4.44 33.63 -24.45
CA ALA B 372 -3.44 32.56 -24.40
C ALA B 372 -2.79 32.42 -23.03
N PRO B 373 -2.24 33.48 -22.43
CA PRO B 373 -1.58 33.29 -21.12
C PRO B 373 -2.52 32.77 -20.04
N ILE B 374 -3.78 33.21 -20.05
CA ILE B 374 -4.71 32.79 -19.01
C ILE B 374 -5.05 31.31 -19.15
N ALA B 375 -5.21 30.84 -20.38
CA ALA B 375 -5.47 29.42 -20.60
C ALA B 375 -4.29 28.58 -20.14
N LEU B 376 -3.05 29.04 -20.41
CA LEU B 376 -1.88 28.30 -19.97
C LEU B 376 -1.77 28.29 -18.46
N LEU B 377 -2.13 29.41 -17.81
CA LEU B 377 -2.13 29.45 -16.35
C LEU B 377 -3.15 28.46 -15.77
N GLY B 378 -4.34 28.40 -16.38
CA GLY B 378 -5.31 27.40 -15.97
C GLY B 378 -4.79 25.98 -16.18
N THR B 379 -4.08 25.75 -17.27
CA THR B 379 -3.47 24.44 -17.49
C THR B 379 -2.44 24.13 -16.41
N PHE B 380 -1.67 25.13 -15.98
CA PHE B 380 -0.74 24.92 -14.88
C PHE B 380 -1.49 24.52 -13.61
N THR B 381 -2.60 25.18 -13.33
CA THR B 381 -3.40 24.82 -12.16
C THR B 381 -3.88 23.37 -12.26
N VAL B 382 -4.38 22.98 -13.44
CA VAL B 382 -4.87 21.62 -13.61
C VAL B 382 -3.74 20.61 -13.49
N MET B 383 -2.55 20.94 -13.99
CA MET B 383 -1.41 20.05 -13.84
C MET B 383 -1.04 19.86 -12.38
N LEU B 384 -1.06 20.95 -11.60
CA LEU B 384 -0.81 20.80 -10.17
C LEU B 384 -1.87 19.92 -9.52
N LEU B 385 -3.14 20.13 -9.88
CA LEU B 385 -4.20 19.34 -9.27
C LEU B 385 -4.06 17.86 -9.60
N ALA B 386 -3.75 17.54 -10.86
CA ALA B 386 -3.67 16.15 -11.27
C ALA B 386 -2.40 15.48 -10.75
N GLY B 387 -1.28 16.19 -10.78
CA GLY B 387 0.01 15.65 -10.36
C GLY B 387 1.08 15.67 -11.44
N PHE B 388 0.80 16.20 -12.62
CA PHE B 388 1.81 16.25 -13.66
C PHE B 388 2.87 17.30 -13.34
N SER B 389 4.03 17.12 -13.94
CA SER B 389 5.20 17.97 -13.69
C SER B 389 5.51 18.81 -14.92
N ILE B 390 6.36 19.81 -14.72
CA ILE B 390 6.82 20.68 -15.81
C ILE B 390 8.00 19.99 -16.48
N ASN B 391 7.74 19.32 -17.60
CA ASN B 391 8.76 18.62 -18.36
C ASN B 391 8.77 19.17 -19.79
N VAL B 392 9.75 18.74 -20.57
CA VAL B 392 9.92 19.28 -21.91
C VAL B 392 8.73 18.89 -22.78
N LEU B 393 8.15 17.70 -22.56
CA LEU B 393 7.00 17.28 -23.35
C LEU B 393 5.77 18.14 -23.05
N THR B 394 5.53 18.43 -21.77
CA THR B 394 4.38 19.26 -21.41
C THR B 394 4.51 20.65 -22.01
N MET B 395 5.71 21.23 -21.97
CA MET B 395 5.93 22.54 -22.56
C MET B 395 5.91 22.52 -24.07
N PHE B 396 6.34 21.42 -24.69
CA PHE B 396 6.18 21.27 -26.13
C PHE B 396 4.71 21.26 -26.52
N GLY B 397 3.89 20.59 -25.71
CA GLY B 397 2.45 20.65 -25.94
C GLY B 397 1.92 22.07 -25.84
N MET B 398 2.41 22.83 -24.86
CA MET B 398 2.02 24.24 -24.75
C MET B 398 2.41 25.01 -25.99
N VAL B 399 3.64 24.83 -26.46
CA VAL B 399 4.11 25.53 -27.66
C VAL B 399 3.24 25.18 -28.85
N LEU B 400 2.90 23.90 -29.00
CA LEU B 400 2.03 23.48 -30.09
C LEU B 400 0.66 24.14 -29.98
N ALA B 401 0.14 24.25 -28.75
CA ALA B 401 -1.21 24.74 -28.53
C ALA B 401 -1.34 26.25 -28.67
N ILE B 402 -0.22 26.99 -28.78
CA ILE B 402 -0.32 28.45 -28.84
C ILE B 402 -1.18 28.88 -30.01
N GLY B 403 -0.99 28.25 -31.17
CA GLY B 403 -1.76 28.64 -32.35
C GLY B 403 -3.21 28.19 -32.26
N ILE B 404 -3.49 27.17 -31.44
CA ILE B 404 -4.84 26.63 -31.34
C ILE B 404 -5.66 27.31 -30.25
N ILE B 405 -5.03 27.93 -29.25
CA ILE B 405 -5.74 28.57 -28.16
C ILE B 405 -6.09 30.01 -28.48
N VAL B 406 -5.91 30.44 -29.73
CA VAL B 406 -6.33 31.76 -30.17
C VAL B 406 -7.33 31.70 -31.32
N ASP B 407 -7.66 30.52 -31.84
CA ASP B 407 -8.56 30.42 -32.98
C ASP B 407 -9.95 30.95 -32.64
N ASP B 408 -10.47 30.57 -31.47
CA ASP B 408 -11.80 31.03 -31.09
C ASP B 408 -11.86 32.55 -31.03
N ALA B 409 -10.90 33.17 -30.33
CA ALA B 409 -10.86 34.62 -30.25
C ALA B 409 -10.61 35.24 -31.61
N ILE B 410 -9.82 34.56 -32.46
CA ILE B 410 -9.58 35.08 -33.81
C ILE B 410 -10.89 35.18 -34.57
N VAL B 411 -11.70 34.12 -34.55
CA VAL B 411 -12.99 34.15 -35.23
C VAL B 411 -13.89 35.22 -34.62
N VAL B 412 -13.92 35.31 -33.29
CA VAL B 412 -14.77 36.29 -32.63
C VAL B 412 -14.42 37.70 -33.10
N VAL B 413 -13.12 38.04 -33.07
CA VAL B 413 -12.72 39.39 -33.44
C VAL B 413 -12.94 39.64 -34.93
N GLU B 414 -12.64 38.66 -35.78
CA GLU B 414 -12.87 38.85 -37.21
C GLU B 414 -14.34 39.17 -37.47
N ASN B 415 -15.24 38.39 -36.87
CA ASN B 415 -16.66 38.60 -37.13
C ASN B 415 -17.16 39.91 -36.54
N VAL B 416 -16.74 40.24 -35.31
CA VAL B 416 -17.21 41.50 -34.72
C VAL B 416 -16.71 42.67 -35.55
N GLU B 417 -15.45 42.63 -35.99
CA GLU B 417 -14.92 43.69 -36.82
C GLU B 417 -15.69 43.81 -38.12
N ARG B 418 -15.97 42.68 -38.77
CA ARG B 418 -16.68 42.73 -40.04
C ARG B 418 -18.09 43.29 -39.87
N ILE B 419 -18.79 42.90 -38.80
CA ILE B 419 -20.13 43.42 -38.55
C ILE B 419 -20.07 44.91 -38.28
N MET B 420 -19.13 45.35 -37.45
CA MET B 420 -19.07 46.76 -37.08
C MET B 420 -18.70 47.62 -38.27
N ALA B 421 -17.85 47.11 -39.17
CA ALA B 421 -17.41 47.88 -40.33
C ALA B 421 -18.43 47.86 -41.46
N THR B 422 -18.74 46.68 -41.98
CA THR B 422 -19.63 46.59 -43.13
C THR B 422 -21.03 47.05 -42.78
N GLU B 423 -21.61 46.55 -41.68
CA GLU B 423 -22.97 46.90 -41.31
C GLU B 423 -23.06 48.22 -40.56
N GLY B 424 -21.94 48.75 -40.06
CA GLY B 424 -21.95 50.03 -39.38
C GLY B 424 -22.57 50.02 -38.01
N LEU B 425 -22.81 48.85 -37.42
CA LEU B 425 -23.41 48.78 -36.10
C LEU B 425 -22.43 49.24 -35.03
N SER B 426 -22.98 49.56 -33.85
CA SER B 426 -22.18 49.99 -32.73
C SER B 426 -21.39 48.80 -32.19
N PRO B 427 -20.32 49.07 -31.42
CA PRO B 427 -19.51 47.95 -30.92
C PRO B 427 -20.31 46.92 -30.15
N LYS B 428 -21.26 47.35 -29.32
CA LYS B 428 -22.08 46.38 -28.58
C LYS B 428 -22.99 45.60 -29.52
N ASP B 429 -23.62 46.29 -30.46
CA ASP B 429 -24.49 45.61 -31.42
C ASP B 429 -23.70 44.64 -32.28
N ALA B 430 -22.53 45.06 -32.75
CA ALA B 430 -21.69 44.18 -33.55
C ALA B 430 -21.24 42.97 -32.75
N THR B 431 -20.85 43.17 -31.49
CA THR B 431 -20.45 42.06 -30.65
C THR B 431 -21.60 41.09 -30.43
N SER B 432 -22.80 41.61 -30.18
CA SER B 432 -23.95 40.73 -29.99
C SER B 432 -24.25 39.93 -31.25
N LYS B 433 -24.22 40.59 -32.42
CA LYS B 433 -24.46 39.89 -33.68
C LYS B 433 -23.44 38.79 -33.89
N ALA B 434 -22.16 39.11 -33.73
CA ALA B 434 -21.11 38.12 -33.93
C ALA B 434 -21.29 36.95 -32.97
N MET B 435 -21.50 37.24 -31.68
CA MET B 435 -21.66 36.17 -30.70
C MET B 435 -22.83 35.27 -31.06
N LYS B 436 -23.97 35.86 -31.43
CA LYS B 436 -25.12 35.06 -31.81
C LYS B 436 -24.81 34.21 -33.05
N GLU B 437 -23.95 34.72 -33.94
CA GLU B 437 -23.70 34.03 -35.20
C GLU B 437 -22.82 32.79 -35.00
N ILE B 438 -21.77 32.91 -34.19
CA ILE B 438 -20.68 31.94 -34.19
C ILE B 438 -20.63 31.12 -32.91
N THR B 439 -21.74 31.01 -32.18
CA THR B 439 -21.74 30.19 -30.97
C THR B 439 -21.46 28.71 -31.26
N SER B 440 -22.08 28.14 -32.28
CA SER B 440 -21.97 26.71 -32.52
C SER B 440 -20.65 26.33 -33.19
N PRO B 441 -20.11 27.11 -34.13
CA PRO B 441 -18.78 26.76 -34.68
C PRO B 441 -17.72 26.62 -33.61
N ILE B 442 -17.69 27.57 -32.65
CA ILE B 442 -16.67 27.54 -31.61
C ILE B 442 -16.80 26.27 -30.78
N ILE B 443 -18.02 25.96 -30.34
CA ILE B 443 -18.24 24.76 -29.54
C ILE B 443 -17.85 23.53 -30.32
N GLY B 444 -18.23 23.47 -31.60
CA GLY B 444 -17.93 22.28 -32.39
C GLY B 444 -16.45 22.05 -32.54
N ILE B 445 -15.70 23.10 -32.91
CA ILE B 445 -14.27 22.92 -33.11
C ILE B 445 -13.57 22.62 -31.78
N THR B 446 -14.01 23.27 -30.70
CA THR B 446 -13.43 22.99 -29.39
C THR B 446 -13.65 21.53 -29.01
N LEU B 447 -14.89 21.04 -29.16
CA LEU B 447 -15.18 19.66 -28.80
C LEU B 447 -14.39 18.68 -29.66
N VAL B 448 -14.31 18.95 -30.97
CA VAL B 448 -13.57 18.06 -31.86
C VAL B 448 -12.10 17.99 -31.44
N LEU B 449 -11.48 19.16 -31.26
CA LEU B 449 -10.06 19.18 -30.90
C LEU B 449 -9.81 18.51 -29.56
N ALA B 450 -10.68 18.75 -28.58
CA ALA B 450 -10.51 18.14 -27.26
C ALA B 450 -10.67 16.62 -27.34
N ALA B 451 -11.61 16.15 -28.17
CA ALA B 451 -11.85 14.71 -28.26
C ALA B 451 -10.75 14.00 -29.05
N VAL B 452 -10.08 14.73 -29.96
CA VAL B 452 -9.08 14.10 -30.81
C VAL B 452 -7.94 13.53 -29.97
N PHE B 453 -7.56 14.22 -28.90
CA PHE B 453 -6.33 13.88 -28.19
C PHE B 453 -6.55 12.83 -27.12
N LEU B 454 -7.78 12.64 -26.66
CA LEU B 454 -8.02 11.70 -25.57
C LEU B 454 -7.62 10.27 -25.90
N PRO B 455 -7.99 9.71 -27.06
CA PRO B 455 -7.75 8.28 -27.28
C PRO B 455 -6.30 7.85 -27.11
N MET B 456 -5.34 8.68 -27.52
CA MET B 456 -3.91 8.29 -27.46
C MET B 456 -3.36 8.41 -26.05
N ALA B 457 -4.12 8.95 -25.09
CA ALA B 457 -3.65 9.00 -23.71
C ALA B 457 -3.75 7.63 -23.03
N PHE B 458 -4.63 6.76 -23.51
CA PHE B 458 -4.84 5.45 -22.91
C PHE B 458 -3.98 4.37 -23.56
N ALA B 459 -2.96 4.76 -24.32
CA ALA B 459 -2.08 3.77 -24.95
C ALA B 459 -1.29 3.01 -23.88
N SER B 460 -0.57 1.98 -24.34
CA SER B 460 0.20 1.12 -23.46
C SER B 460 1.69 1.31 -23.72
N GLY B 461 2.47 1.21 -22.65
CA GLY B 461 3.91 1.37 -22.73
C GLY B 461 4.36 2.78 -22.42
N SER B 462 5.63 3.03 -22.73
CA SER B 462 6.19 4.36 -22.50
C SER B 462 5.49 5.41 -23.37
N VAL B 463 5.10 5.02 -24.58
CA VAL B 463 4.42 5.96 -25.47
C VAL B 463 3.13 6.45 -24.85
N GLY B 464 2.48 5.61 -24.03
CA GLY B 464 1.30 6.07 -23.33
C GLY B 464 1.58 7.25 -22.42
N VAL B 465 2.64 7.15 -21.62
CA VAL B 465 3.02 8.25 -20.74
C VAL B 465 3.43 9.46 -21.56
N ILE B 466 4.17 9.25 -22.65
CA ILE B 466 4.60 10.37 -23.49
C ILE B 466 3.39 11.10 -24.06
N TYR B 467 2.39 10.35 -24.53
CA TYR B 467 1.22 10.96 -25.14
C TYR B 467 0.30 11.59 -24.09
N LYS B 468 0.35 11.11 -22.85
CA LYS B 468 -0.51 11.66 -21.82
C LYS B 468 -0.20 13.14 -21.58
N GLN B 469 1.08 13.51 -21.57
CA GLN B 469 1.44 14.90 -21.35
C GLN B 469 0.81 15.80 -22.41
N PHE B 470 1.03 15.46 -23.68
CA PHE B 470 0.47 16.26 -24.77
C PHE B 470 -1.05 16.29 -24.71
N THR B 471 -1.68 15.14 -24.49
CA THR B 471 -3.14 15.10 -24.45
C THR B 471 -3.68 16.01 -23.37
N LEU B 472 -3.21 15.84 -22.13
CA LEU B 472 -3.70 16.68 -21.04
C LEU B 472 -3.47 18.15 -21.34
N THR B 473 -2.23 18.51 -21.68
CA THR B 473 -1.90 19.92 -21.85
C THR B 473 -2.74 20.56 -22.94
N MET B 474 -2.76 19.95 -24.13
CA MET B 474 -3.46 20.56 -25.26
C MET B 474 -4.97 20.57 -25.04
N SER B 475 -5.53 19.48 -24.53
CA SER B 475 -6.97 19.43 -24.32
C SER B 475 -7.42 20.47 -23.31
N VAL B 476 -6.73 20.57 -22.17
CA VAL B 476 -7.11 21.55 -21.16
C VAL B 476 -6.89 22.97 -21.68
N SER B 477 -5.80 23.20 -22.42
CA SER B 477 -5.57 24.52 -22.99
C SER B 477 -6.70 24.91 -23.93
N ILE B 478 -7.14 23.98 -24.77
CA ILE B 478 -8.19 24.27 -25.74
C ILE B 478 -9.52 24.53 -25.02
N LEU B 479 -9.82 23.72 -24.00
CA LEU B 479 -11.06 23.92 -23.25
C LEU B 479 -11.06 25.27 -22.56
N PHE B 480 -9.97 25.64 -21.91
CA PHE B 480 -9.87 26.96 -21.23
C PHE B 480 -9.96 28.09 -22.26
N SER B 481 -9.33 27.94 -23.43
CA SER B 481 -9.43 28.98 -24.46
C SER B 481 -10.86 29.13 -24.95
N ALA B 482 -11.57 28.01 -25.14
CA ALA B 482 -12.97 28.08 -25.55
C ALA B 482 -13.81 28.75 -24.47
N LEU B 483 -13.56 28.43 -23.20
CA LEU B 483 -14.30 29.07 -22.12
C LEU B 483 -14.07 30.58 -22.13
N LEU B 484 -12.82 31.00 -22.33
CA LEU B 484 -12.51 32.43 -22.35
C LEU B 484 -13.10 33.11 -23.58
N ALA B 485 -13.21 32.39 -24.70
CA ALA B 485 -13.71 33.01 -25.92
C ALA B 485 -15.16 33.43 -25.79
N LEU B 486 -15.96 32.65 -25.06
CA LEU B 486 -17.37 32.96 -24.86
C LEU B 486 -17.63 33.81 -23.62
N ILE B 487 -16.59 34.19 -22.88
CA ILE B 487 -16.75 34.88 -21.62
C ILE B 487 -16.04 36.22 -21.65
N LEU B 488 -14.72 36.20 -21.91
CA LEU B 488 -13.94 37.43 -21.80
C LEU B 488 -13.98 38.24 -23.09
N THR B 489 -13.77 37.59 -24.23
CA THR B 489 -13.71 38.34 -25.49
C THR B 489 -14.98 39.10 -25.80
N PRO B 490 -16.19 38.60 -25.53
CA PRO B 490 -17.38 39.43 -25.78
C PRO B 490 -17.34 40.75 -25.03
N ALA B 491 -17.06 40.70 -23.73
CA ALA B 491 -16.99 41.94 -22.95
C ALA B 491 -15.85 42.83 -23.43
N LEU B 492 -14.71 42.22 -23.78
CA LEU B 492 -13.59 43.02 -24.28
C LEU B 492 -13.98 43.77 -25.55
N CYS B 493 -14.65 43.09 -26.48
CA CYS B 493 -15.09 43.76 -27.69
C CYS B 493 -16.13 44.84 -27.37
N ALA B 494 -17.05 44.55 -26.45
CA ALA B 494 -18.09 45.51 -26.13
C ALA B 494 -17.51 46.79 -25.54
N THR B 495 -16.53 46.66 -24.65
CA THR B 495 -16.03 47.80 -23.90
C THR B 495 -14.80 48.44 -24.55
N ILE B 496 -13.71 47.68 -24.70
CA ILE B 496 -12.45 48.27 -25.12
C ILE B 496 -12.57 48.87 -26.51
N LEU B 497 -13.18 48.14 -27.44
CA LEU B 497 -13.21 48.58 -28.84
C LEU B 497 -13.90 49.93 -28.96
N LYS B 498 -13.34 50.80 -29.81
CA LYS B 498 -13.88 52.11 -30.08
C LYS B 498 -14.42 52.16 -31.51
N PRO B 499 -15.62 52.68 -31.74
CA PRO B 499 -16.17 52.68 -33.10
C PRO B 499 -15.28 53.46 -34.06
N ILE B 500 -15.19 52.97 -35.28
CA ILE B 500 -14.38 53.60 -36.32
C ILE B 500 -15.28 54.00 -37.49
N GLY B 508 -0.62 52.79 -45.62
CA GLY B 508 0.62 52.12 -45.98
C GLY B 508 0.43 50.64 -46.28
N PHE B 509 0.99 49.80 -45.43
CA PHE B 509 0.87 48.35 -45.63
C PHE B 509 -0.58 47.89 -45.48
N PHE B 510 -1.33 48.52 -44.57
CA PHE B 510 -2.68 48.04 -44.26
C PHE B 510 -3.62 48.22 -45.45
N ALA B 511 -3.57 49.37 -46.12
CA ALA B 511 -4.45 49.58 -47.26
C ALA B 511 -4.14 48.61 -48.39
N TRP B 512 -2.86 48.41 -48.69
CA TRP B 512 -2.48 47.46 -49.72
C TRP B 512 -2.92 46.05 -49.34
N PHE B 513 -2.75 45.68 -48.06
CA PHE B 513 -3.19 44.38 -47.61
C PHE B 513 -4.68 44.21 -47.80
N ASP B 514 -5.47 45.23 -47.44
CA ASP B 514 -6.91 45.13 -47.57
C ASP B 514 -7.33 44.94 -49.03
N ARG B 515 -6.82 45.79 -49.92
CA ARG B 515 -7.22 45.68 -51.33
C ARG B 515 -6.73 44.37 -51.93
N SER B 516 -5.51 43.96 -51.62
CA SER B 516 -4.98 42.71 -52.16
C SER B 516 -5.77 41.52 -51.65
N PHE B 517 -6.21 41.57 -50.38
CA PHE B 517 -7.00 40.48 -49.84
C PHE B 517 -8.38 40.42 -50.46
N ASP B 518 -8.96 41.59 -50.78
CA ASP B 518 -10.22 41.60 -51.52
C ASP B 518 -10.04 40.97 -52.89
N LYS B 519 -8.96 41.32 -53.58
CA LYS B 519 -8.68 40.70 -54.87
C LYS B 519 -8.48 39.20 -54.73
N VAL B 520 -7.79 38.76 -53.68
CA VAL B 520 -7.56 37.34 -53.45
C VAL B 520 -8.87 36.62 -53.18
N THR B 521 -9.77 37.26 -52.42
CA THR B 521 -11.08 36.66 -52.16
C THR B 521 -11.86 36.51 -53.46
N LYS B 522 -11.84 37.54 -54.32
CA LYS B 522 -12.51 37.42 -55.61
C LYS B 522 -11.90 36.30 -56.45
N LYS B 523 -10.58 36.21 -56.49
CA LYS B 523 -9.92 35.14 -57.24
C LYS B 523 -10.29 33.77 -56.69
N TYR B 524 -10.36 33.64 -55.36
CA TYR B 524 -10.75 32.38 -54.75
C TYR B 524 -12.18 32.02 -55.13
N GLU B 525 -13.09 33.00 -55.12
CA GLU B 525 -14.46 32.72 -55.52
C GLU B 525 -14.53 32.26 -56.96
N LEU B 526 -13.83 32.94 -57.87
CA LEU B 526 -13.85 32.53 -59.27
C LEU B 526 -13.26 31.14 -59.46
N MET B 527 -12.14 30.86 -58.78
CA MET B 527 -11.52 29.55 -58.91
C MET B 527 -12.42 28.46 -58.36
N LEU B 528 -13.11 28.74 -57.24
CA LEU B 528 -14.05 27.76 -56.69
C LEU B 528 -15.19 27.50 -57.66
N LEU B 529 -15.74 28.55 -58.27
CA LEU B 529 -16.81 28.36 -59.25
C LEU B 529 -16.33 27.53 -60.42
N LYS B 530 -15.11 27.79 -60.91
CA LYS B 530 -14.58 27.01 -62.02
C LYS B 530 -14.37 25.55 -61.61
N ILE B 531 -13.85 25.33 -60.42
CA ILE B 531 -13.49 23.98 -59.98
C ILE B 531 -14.74 23.15 -59.75
N ILE B 532 -15.81 23.76 -59.23
CA ILE B 532 -17.00 23.00 -58.88
C ILE B 532 -17.53 22.22 -60.08
N LYS B 533 -17.32 22.73 -61.29
CA LYS B 533 -17.75 21.99 -62.47
C LYS B 533 -17.02 20.65 -62.57
N HIS B 534 -15.71 20.66 -62.32
CA HIS B 534 -14.92 19.43 -62.32
C HIS B 534 -14.94 18.78 -60.94
N THR B 535 -16.08 18.12 -60.64
CA THR B 535 -16.20 17.46 -59.35
C THR B 535 -15.54 16.09 -59.37
N VAL B 536 -15.85 15.24 -60.35
CA VAL B 536 -15.29 13.89 -60.38
C VAL B 536 -13.77 13.91 -60.54
N PRO B 537 -13.17 14.74 -61.40
CA PRO B 537 -11.70 14.70 -61.51
C PRO B 537 -11.03 15.06 -60.19
N MET B 538 -11.62 15.98 -59.42
CA MET B 538 -11.08 16.29 -58.10
C MET B 538 -11.22 15.12 -57.14
N MET B 539 -12.31 14.35 -57.22
CA MET B 539 -12.40 13.15 -56.41
C MET B 539 -11.33 12.14 -56.79
N VAL B 540 -11.04 12.00 -58.09
CA VAL B 540 -9.97 11.13 -58.52
C VAL B 540 -8.62 11.62 -57.98
N ILE B 541 -8.41 12.94 -58.01
CA ILE B 541 -7.17 13.51 -57.47
C ILE B 541 -7.07 13.21 -55.98
N PHE B 542 -8.19 13.31 -55.26
CA PHE B 542 -8.18 13.01 -53.84
C PHE B 542 -7.85 11.54 -53.59
N LEU B 543 -8.40 10.64 -54.42
CA LEU B 543 -8.07 9.22 -54.29
C LEU B 543 -6.59 8.98 -54.52
N VAL B 544 -6.02 9.63 -55.55
CA VAL B 544 -4.59 9.46 -55.82
C VAL B 544 -3.77 9.98 -54.64
N ILE B 545 -4.15 11.13 -54.10
CA ILE B 545 -3.42 11.69 -52.96
C ILE B 545 -3.50 10.74 -51.76
N THR B 546 -4.68 10.18 -51.52
CA THR B 546 -4.83 9.24 -50.41
C THR B 546 -3.95 8.01 -50.61
N GLY B 547 -3.90 7.50 -51.84
CA GLY B 547 -3.02 6.36 -52.11
C GLY B 547 -1.56 6.68 -51.88
N ILE B 548 -1.12 7.86 -52.33
CA ILE B 548 0.27 8.26 -52.13
C ILE B 548 0.57 8.38 -50.64
N THR B 549 -0.36 8.97 -49.87
CA THR B 549 -0.16 9.11 -48.43
C THR B 549 -0.07 7.75 -47.77
N PHE B 550 -0.95 6.81 -48.17
CA PHE B 550 -0.91 5.47 -47.60
C PHE B 550 0.43 4.80 -47.89
N ALA B 551 0.90 4.90 -49.14
CA ALA B 551 2.17 4.28 -49.50
C ALA B 551 3.31 4.88 -48.70
N GLY B 552 3.34 6.21 -48.60
CA GLY B 552 4.40 6.86 -47.83
C GLY B 552 4.38 6.51 -46.36
N MET B 553 3.18 6.43 -45.77
CA MET B 553 3.07 6.05 -44.36
C MET B 553 3.55 4.62 -44.16
N LYS B 554 3.19 3.72 -45.08
CA LYS B 554 3.53 2.31 -44.88
C LYS B 554 5.02 2.05 -45.09
N TYR B 555 5.60 2.62 -46.15
CA TYR B 555 6.93 2.21 -46.59
C TYR B 555 8.04 3.18 -46.21
N TRP B 556 7.76 4.22 -45.46
CA TRP B 556 8.82 5.12 -45.04
C TRP B 556 9.48 4.60 -43.75
N PRO B 557 10.78 4.78 -43.58
CA PRO B 557 11.43 4.28 -42.36
C PRO B 557 10.89 4.97 -41.12
N THR B 558 10.95 4.27 -39.98
CA THR B 558 10.40 4.74 -38.73
C THR B 558 11.47 4.67 -37.63
N ALA B 559 11.30 5.54 -36.63
CA ALA B 559 12.17 5.57 -35.47
C ALA B 559 11.28 5.72 -34.22
N PHE B 560 11.92 5.89 -33.06
CA PHE B 560 11.19 6.01 -31.82
C PHE B 560 11.38 7.41 -31.26
N MET B 561 12.61 7.85 -31.02
CA MET B 561 12.85 9.14 -30.38
C MET B 561 14.13 9.75 -30.93
N PRO B 562 14.12 11.03 -31.34
CA PRO B 562 15.36 11.65 -31.82
C PRO B 562 16.42 11.71 -30.74
N GLU B 563 17.68 11.59 -31.15
CA GLU B 563 18.80 11.70 -30.24
C GLU B 563 19.24 13.15 -30.11
N GLU B 564 19.70 13.51 -28.91
CA GLU B 564 20.15 14.86 -28.61
C GLU B 564 21.48 14.81 -27.89
N ASP B 565 22.28 15.86 -28.09
CA ASP B 565 23.60 15.97 -27.49
C ASP B 565 23.45 16.52 -26.08
N GLN B 566 23.76 15.69 -25.08
CA GLN B 566 23.62 16.08 -23.68
C GLN B 566 24.93 16.53 -23.05
N GLY B 567 26.03 16.57 -23.82
CA GLY B 567 27.27 17.13 -23.33
C GLY B 567 28.20 16.16 -22.66
N TRP B 568 27.97 14.85 -22.78
CA TRP B 568 28.87 13.86 -22.20
C TRP B 568 28.68 12.54 -22.92
N PHE B 569 29.74 11.74 -22.91
CA PHE B 569 29.66 10.40 -23.52
C PHE B 569 30.30 9.38 -22.56
N MET B 570 30.19 8.11 -22.85
CA MET B 570 30.70 7.04 -21.99
C MET B 570 31.51 6.05 -22.81
N THR B 571 32.71 5.71 -22.32
CA THR B 571 33.60 4.76 -22.98
C THR B 571 33.73 3.52 -22.12
N SER B 572 33.44 2.36 -22.71
CA SER B 572 33.56 1.08 -22.02
C SER B 572 34.75 0.32 -22.58
N PHE B 573 35.62 -0.15 -21.69
CA PHE B 573 36.80 -0.93 -22.05
C PHE B 573 36.62 -2.34 -21.51
N GLN B 574 36.80 -3.34 -22.39
CA GLN B 574 36.63 -4.75 -22.05
C GLN B 574 37.88 -5.51 -22.51
N LEU B 575 38.86 -5.63 -21.62
CA LEU B 575 40.05 -6.42 -21.91
C LEU B 575 39.71 -7.91 -21.85
N PRO B 576 40.55 -8.75 -22.46
CA PRO B 576 40.28 -10.19 -22.42
C PRO B 576 40.35 -10.73 -20.99
N SER B 577 39.86 -11.96 -20.83
CA SER B 577 39.69 -12.53 -19.50
C SER B 577 41.00 -12.63 -18.73
N ASP B 578 42.08 -13.08 -19.38
CA ASP B 578 43.37 -13.24 -18.70
C ASP B 578 44.11 -11.90 -18.64
N ALA B 579 43.44 -10.92 -18.04
CA ALA B 579 43.96 -9.56 -17.92
C ALA B 579 43.91 -9.12 -16.47
N THR B 580 44.99 -8.50 -16.01
CA THR B 580 45.05 -7.94 -14.67
C THR B 580 44.68 -6.46 -14.70
N ALA B 581 44.67 -5.85 -13.51
CA ALA B 581 44.32 -4.43 -13.43
C ALA B 581 45.34 -3.56 -14.15
N GLU B 582 46.58 -4.02 -14.27
CA GLU B 582 47.61 -3.20 -14.90
C GLU B 582 47.31 -2.95 -16.36
N ARG B 583 46.87 -3.97 -17.10
CA ARG B 583 46.63 -3.82 -18.53
C ARG B 583 45.41 -2.95 -18.79
N THR B 584 44.33 -3.15 -18.03
CA THR B 584 43.17 -2.28 -18.16
C THR B 584 43.52 -0.85 -17.80
N ARG B 585 44.34 -0.66 -16.77
CA ARG B 585 44.80 0.67 -16.42
C ARG B 585 45.61 1.30 -17.55
N ASN B 586 46.46 0.51 -18.20
CA ASN B 586 47.23 1.03 -19.33
C ASN B 586 46.31 1.47 -20.47
N VAL B 587 45.30 0.66 -20.77
CA VAL B 587 44.37 1.03 -21.84
C VAL B 587 43.62 2.31 -21.48
N VAL B 588 43.13 2.41 -20.24
CA VAL B 588 42.40 3.60 -19.82
C VAL B 588 43.32 4.82 -19.84
N ASN B 589 44.58 4.63 -19.46
CA ASN B 589 45.54 5.74 -19.49
C ASN B 589 45.80 6.19 -20.93
N GLN B 590 45.88 5.24 -21.87
CA GLN B 590 46.03 5.61 -23.27
C GLN B 590 44.82 6.41 -23.74
N PHE B 591 43.62 5.98 -23.34
CA PHE B 591 42.41 6.72 -23.71
C PHE B 591 42.46 8.14 -23.16
N GLU B 592 42.82 8.28 -21.89
CA GLU B 592 42.92 9.62 -21.29
C GLU B 592 43.96 10.46 -22.02
N ASN B 593 45.12 9.86 -22.32
CA ASN B 593 46.18 10.59 -23.01
C ASN B 593 45.71 11.08 -24.37
N ASN B 594 44.99 10.23 -25.11
CA ASN B 594 44.44 10.65 -26.38
C ASN B 594 43.45 11.79 -26.20
N LEU B 595 42.64 11.74 -25.14
CA LEU B 595 41.62 12.77 -24.96
C LEU B 595 42.18 14.06 -24.38
N LYS B 596 43.42 14.08 -23.96
CA LYS B 596 44.04 15.28 -23.38
C LYS B 596 44.27 16.32 -24.48
N ASP B 597 44.54 15.91 -25.73
CA ASP B 597 44.78 16.84 -26.83
C ASP B 597 43.50 17.56 -27.24
N ASN B 598 42.35 16.93 -27.04
CA ASN B 598 41.10 17.55 -27.43
C ASN B 598 40.83 18.79 -26.59
N PRO B 599 40.64 19.96 -27.21
CA PRO B 599 40.22 21.14 -26.44
C PRO B 599 38.74 21.14 -26.10
N ASP B 600 38.03 20.04 -26.35
CA ASP B 600 36.59 19.97 -26.20
C ASP B 600 36.16 19.07 -25.05
N VAL B 601 37.09 18.60 -24.23
CA VAL B 601 36.80 17.73 -23.10
C VAL B 601 37.03 18.53 -21.82
N LYS B 602 36.01 18.60 -20.97
CA LYS B 602 36.14 19.34 -19.72
C LYS B 602 36.66 18.42 -18.61
N SER B 603 36.00 17.29 -18.40
CA SER B 603 36.40 16.36 -17.35
C SER B 603 36.33 14.94 -17.89
N ASN B 604 37.23 14.08 -17.40
CA ASN B 604 37.32 12.69 -17.81
C ASN B 604 37.63 11.82 -16.59
N THR B 605 36.58 11.29 -15.97
CA THR B 605 36.76 10.37 -14.85
C THR B 605 36.61 8.93 -15.31
N ALA B 606 37.41 8.04 -14.72
CA ALA B 606 37.42 6.64 -15.10
C ALA B 606 37.22 5.78 -13.86
N ILE B 607 36.29 4.84 -13.96
CA ILE B 607 36.06 3.84 -12.93
C ILE B 607 36.61 2.52 -13.45
N LEU B 608 37.67 2.03 -12.81
CA LEU B 608 38.34 0.81 -13.25
C LEU B 608 37.93 -0.33 -12.34
N GLY B 609 37.39 -1.39 -12.94
CA GLY B 609 36.88 -2.53 -12.20
C GLY B 609 35.38 -2.66 -12.19
N TRP B 610 34.64 -1.67 -12.71
CA TRP B 610 33.18 -1.72 -12.73
C TRP B 610 32.68 -1.40 -14.13
N GLY B 611 31.70 -2.18 -14.58
CA GLY B 611 31.06 -1.93 -15.86
C GLY B 611 29.56 -2.19 -15.77
N PHE B 612 28.82 -1.52 -16.66
CA PHE B 612 27.37 -1.68 -16.67
C PHE B 612 26.95 -3.07 -17.11
N SER B 613 27.85 -3.82 -17.76
CA SER B 613 27.55 -5.17 -18.22
C SER B 613 28.17 -6.25 -17.34
N GLY B 614 29.17 -5.92 -16.55
CA GLY B 614 29.81 -6.90 -15.69
C GLY B 614 30.85 -6.24 -14.82
N ALA B 615 31.42 -7.05 -13.92
CA ALA B 615 32.44 -6.59 -12.98
C ALA B 615 33.63 -7.53 -13.04
N GLY B 616 34.82 -6.95 -13.01
CA GLY B 616 36.04 -7.75 -13.05
C GLY B 616 37.25 -6.85 -13.16
N GLN B 617 38.40 -7.48 -13.42
CA GLN B 617 39.66 -6.78 -13.59
C GLN B 617 39.93 -6.41 -15.04
N ASN B 618 39.03 -6.75 -15.97
CA ASN B 618 39.18 -6.44 -17.38
C ASN B 618 38.05 -5.56 -17.88
N VAL B 619 37.37 -4.85 -16.97
CA VAL B 619 36.24 -4.00 -17.31
C VAL B 619 36.50 -2.61 -16.75
N ALA B 620 36.22 -1.59 -17.56
CA ALA B 620 36.39 -0.21 -17.11
C ALA B 620 35.36 0.66 -17.81
N VAL B 621 34.93 1.71 -17.10
CA VAL B 621 33.98 2.68 -17.66
C VAL B 621 34.50 4.09 -17.38
N ALA B 622 34.53 4.92 -18.41
CA ALA B 622 35.01 6.28 -18.32
C ALA B 622 33.93 7.26 -18.77
N PHE B 623 33.71 8.29 -17.97
CA PHE B 623 32.74 9.34 -18.25
C PHE B 623 33.50 10.56 -18.78
N THR B 624 33.25 10.93 -20.03
CA THR B 624 33.91 12.08 -20.65
C THR B 624 32.87 13.20 -20.74
N THR B 625 33.06 14.24 -19.94
CA THR B 625 32.20 15.41 -19.99
C THR B 625 32.72 16.38 -21.04
N LEU B 626 31.80 17.00 -21.77
CA LEU B 626 32.15 17.89 -22.87
C LEU B 626 31.82 19.34 -22.52
N LYS B 627 32.64 20.25 -23.03
CA LYS B 627 32.47 21.66 -22.76
C LYS B 627 31.14 22.16 -23.33
N ASP B 628 30.81 23.41 -23.00
CA ASP B 628 29.55 23.99 -23.44
C ASP B 628 29.54 24.13 -24.96
N PHE B 629 28.33 24.00 -25.54
CA PHE B 629 28.22 23.97 -27.01
C PHE B 629 28.70 25.28 -27.62
N LYS B 630 28.40 26.41 -26.97
CA LYS B 630 28.79 27.69 -27.55
C LYS B 630 30.30 27.80 -27.71
N GLU B 631 31.06 27.33 -26.72
CA GLU B 631 32.51 27.34 -26.78
C GLU B 631 33.09 26.05 -27.35
N ARG B 632 32.25 25.10 -27.77
CA ARG B 632 32.70 23.80 -28.24
C ARG B 632 32.03 23.49 -29.58
N THR B 633 32.85 23.05 -30.54
CA THR B 633 32.37 22.66 -31.87
C THR B 633 32.92 21.26 -32.17
N SER B 634 32.22 20.24 -31.68
CA SER B 634 32.69 18.87 -31.89
C SER B 634 31.57 17.91 -32.29
N SER B 635 30.32 18.22 -31.96
CA SER B 635 29.23 17.31 -32.31
C SER B 635 29.43 15.95 -31.66
N ALA B 636 29.16 15.86 -30.34
CA ALA B 636 29.66 14.78 -29.50
C ALA B 636 29.74 13.44 -30.22
N SER B 637 28.76 13.14 -31.09
CA SER B 637 28.84 11.92 -31.87
C SER B 637 30.16 11.80 -32.61
N LYS B 638 30.69 12.92 -33.11
CA LYS B 638 31.99 12.90 -33.77
C LYS B 638 33.10 12.49 -32.80
N MET B 639 33.03 12.97 -31.56
CA MET B 639 34.01 12.52 -30.56
C MET B 639 33.90 11.04 -30.29
N THR B 640 32.68 10.51 -30.21
CA THR B 640 32.54 9.06 -30.02
C THR B 640 33.16 8.30 -31.17
N SER B 641 32.89 8.74 -32.40
CA SER B 641 33.46 8.07 -33.57
C SER B 641 34.97 8.16 -33.57
N ASP B 642 35.53 9.34 -33.26
CA ASP B 642 36.97 9.51 -33.26
C ASP B 642 37.63 8.68 -32.17
N VAL B 643 37.00 8.60 -30.99
CA VAL B 643 37.54 7.77 -29.92
C VAL B 643 37.55 6.31 -30.35
N ASN B 644 36.47 5.84 -30.96
CA ASN B 644 36.42 4.46 -31.44
C ASN B 644 37.53 4.21 -32.46
N SER B 645 37.69 5.12 -33.42
CA SER B 645 38.72 4.94 -34.44
C SER B 645 40.12 4.92 -33.83
N SER B 646 40.39 5.84 -32.91
CA SER B 646 41.71 5.90 -32.30
C SER B 646 42.00 4.66 -31.46
N MET B 647 41.01 4.17 -30.71
CA MET B 647 41.22 3.05 -29.81
C MET B 647 41.15 1.70 -30.50
N ALA B 648 40.62 1.63 -31.73
CA ALA B 648 40.60 0.36 -32.43
C ALA B 648 41.99 -0.05 -32.91
N ASN B 649 42.79 0.92 -33.34
CA ASN B 649 44.06 0.57 -34.03
C ASN B 649 45.17 0.09 -33.11
N SER B 650 45.29 0.53 -31.85
CA SER B 650 46.41 0.16 -31.01
C SER B 650 45.96 -0.07 -29.55
N THR B 651 44.91 -0.85 -29.38
CA THR B 651 44.43 -1.21 -28.05
C THR B 651 44.26 -2.72 -27.97
N GLU B 652 44.52 -3.26 -26.78
CA GLU B 652 44.48 -4.71 -26.59
C GLU B 652 43.05 -5.23 -26.57
N GLY B 653 42.13 -4.51 -25.92
CA GLY B 653 40.77 -4.97 -25.78
C GLY B 653 39.80 -3.99 -26.41
N GLU B 654 38.53 -4.43 -26.48
CA GLU B 654 37.49 -3.62 -27.07
C GLU B 654 37.32 -2.31 -26.30
N THR B 655 37.22 -1.21 -27.02
CA THR B 655 36.97 0.11 -26.42
C THR B 655 35.86 0.77 -27.22
N MET B 656 34.67 0.85 -26.62
CA MET B 656 33.48 1.33 -27.30
C MET B 656 33.05 2.66 -26.67
N ALA B 657 33.01 3.71 -27.49
CA ALA B 657 32.53 5.02 -27.04
C ALA B 657 31.11 5.23 -27.53
N VAL B 658 30.20 5.53 -26.60
CA VAL B 658 28.78 5.60 -26.90
C VAL B 658 28.21 6.88 -26.29
N LEU B 659 27.04 7.29 -26.82
CA LEU B 659 26.27 8.47 -26.47
C LEU B 659 25.25 8.16 -25.39
N PRO B 660 24.81 9.16 -24.64
CA PRO B 660 23.79 8.91 -23.60
C PRO B 660 22.49 8.45 -24.21
N PRO B 661 21.72 7.63 -23.49
CA PRO B 661 20.42 7.19 -24.03
C PRO B 661 19.44 8.35 -24.14
N ALA B 662 18.53 8.23 -25.10
CA ALA B 662 17.53 9.27 -25.29
C ALA B 662 16.65 9.42 -24.06
N ILE B 663 16.22 8.30 -23.48
CA ILE B 663 15.38 8.30 -22.29
C ILE B 663 16.28 8.14 -21.07
N ASP B 664 15.85 8.70 -19.93
CA ASP B 664 16.70 8.72 -18.75
C ASP B 664 16.98 7.31 -18.24
N GLU B 665 16.02 6.42 -18.18
CA GLU B 665 16.29 5.10 -17.56
C GLU B 665 16.05 3.94 -18.53
N LEU B 666 15.91 4.16 -19.86
CA LEU B 666 15.80 3.07 -20.82
C LEU B 666 17.20 2.73 -21.34
N GLY B 667 17.74 1.61 -20.87
CA GLY B 667 19.01 1.12 -21.35
C GLY B 667 20.18 1.93 -20.82
N THR B 668 21.37 1.59 -21.33
CA THR B 668 22.60 2.26 -20.97
C THR B 668 23.31 2.94 -22.14
N PHE B 669 22.99 2.56 -23.37
CA PHE B 669 23.61 3.14 -24.56
C PHE B 669 22.53 3.74 -25.44
N SER B 670 22.93 4.21 -26.62
CA SER B 670 22.02 4.75 -27.63
C SER B 670 22.06 3.82 -28.83
N GLY B 671 21.21 2.79 -28.81
CA GLY B 671 21.19 1.82 -29.88
C GLY B 671 20.23 0.70 -29.54
N PHE B 672 20.17 -0.29 -30.42
CA PHE B 672 19.27 -1.41 -30.22
C PHE B 672 19.94 -2.52 -29.41
N SER B 673 19.19 -3.05 -28.45
CA SER B 673 19.65 -4.12 -27.57
C SER B 673 18.79 -5.35 -27.83
N LEU B 674 19.44 -6.51 -27.92
CA LEU B 674 18.77 -7.76 -28.26
C LEU B 674 19.31 -8.85 -27.36
N ARG B 675 18.50 -9.90 -27.17
CA ARG B 675 18.89 -11.07 -26.40
C ARG B 675 18.75 -12.30 -27.29
N LEU B 676 19.87 -12.95 -27.57
CA LEU B 676 19.88 -14.19 -28.34
C LEU B 676 19.76 -15.36 -27.38
N GLN B 677 18.66 -16.10 -27.48
CA GLN B 677 18.33 -17.13 -26.51
C GLN B 677 18.41 -18.52 -27.15
N ASP B 678 18.85 -19.49 -26.34
CA ASP B 678 18.87 -20.89 -26.72
C ASP B 678 17.55 -21.51 -26.30
N ARG B 679 16.67 -21.75 -27.26
CA ARG B 679 15.31 -22.20 -26.99
C ARG B 679 15.11 -23.70 -27.19
N ALA B 680 16.18 -24.45 -27.43
CA ALA B 680 16.07 -25.88 -27.68
C ALA B 680 17.16 -26.65 -26.93
N ASN B 681 17.65 -26.08 -25.83
CA ASN B 681 18.67 -26.74 -25.01
C ASN B 681 19.88 -27.12 -25.86
N LEU B 682 20.27 -26.24 -26.78
CA LEU B 682 21.40 -26.48 -27.65
C LEU B 682 22.74 -26.40 -26.92
N GLY B 683 22.78 -25.80 -25.75
CA GLY B 683 24.02 -25.69 -25.00
C GLY B 683 24.69 -24.35 -25.20
N MET B 684 25.44 -23.93 -24.18
CA MET B 684 26.14 -22.65 -24.21
C MET B 684 27.14 -22.57 -25.35
N PRO B 685 27.97 -23.59 -25.58
CA PRO B 685 28.90 -23.49 -26.73
C PRO B 685 28.19 -23.30 -28.06
N ALA B 686 27.05 -23.95 -28.27
CA ALA B 686 26.27 -23.71 -29.48
C ALA B 686 25.75 -22.28 -29.56
N LEU B 687 25.30 -21.72 -28.43
CA LEU B 687 24.86 -20.33 -28.44
C LEU B 687 26.01 -19.39 -28.76
N LEU B 688 27.20 -19.68 -28.24
CA LEU B 688 28.36 -18.84 -28.56
C LEU B 688 28.77 -18.97 -30.02
N ALA B 689 28.66 -20.18 -30.58
CA ALA B 689 28.91 -20.33 -32.02
C ALA B 689 27.91 -19.53 -32.83
N ALA B 690 26.64 -19.55 -32.43
CA ALA B 690 25.63 -18.74 -33.09
C ALA B 690 25.96 -17.26 -32.98
N GLN B 691 26.45 -16.89 -31.81
CA GLN B 691 26.81 -15.48 -31.55
C GLN B 691 27.98 -15.12 -32.43
N ASP B 692 28.99 -15.93 -32.66
CA ASP B 692 30.11 -15.66 -33.55
C ASP B 692 29.65 -15.55 -34.99
N GLU B 693 28.78 -16.47 -35.41
CA GLU B 693 28.23 -16.40 -36.77
C GLU B 693 27.49 -15.09 -36.98
N LEU B 694 26.63 -14.72 -36.03
CA LEU B 694 25.81 -13.52 -36.18
C LEU B 694 26.70 -12.28 -36.27
N MET B 695 27.76 -12.23 -35.45
CA MET B 695 28.69 -11.11 -35.53
C MET B 695 29.37 -11.07 -36.90
N ALA B 696 29.76 -12.23 -37.43
CA ALA B 696 30.38 -12.25 -38.75
C ALA B 696 29.43 -11.72 -39.81
N MET B 697 28.16 -12.15 -39.78
CA MET B 697 27.20 -11.67 -40.76
C MET B 697 26.92 -10.17 -40.59
N ALA B 698 26.88 -9.69 -39.34
CA ALA B 698 26.61 -8.28 -39.11
C ALA B 698 27.78 -7.39 -39.50
N ALA B 699 29.01 -7.91 -39.45
CA ALA B 699 30.19 -7.12 -39.77
C ALA B 699 30.29 -6.78 -41.26
N LYS B 700 29.56 -7.48 -42.13
CA LYS B 700 29.62 -7.24 -43.56
C LYS B 700 28.38 -6.53 -44.09
N ASN B 701 27.59 -5.91 -43.22
CA ASN B 701 26.36 -5.24 -43.61
C ASN B 701 26.55 -3.73 -43.50
N LYS B 702 25.95 -2.99 -44.43
CA LYS B 702 26.04 -1.53 -44.43
C LYS B 702 24.99 -0.86 -43.56
N LYS B 703 24.00 -1.61 -43.07
CA LYS B 703 22.93 -1.02 -42.27
C LYS B 703 23.30 -0.84 -40.81
N PHE B 704 24.46 -1.35 -40.38
CA PHE B 704 24.91 -1.21 -39.00
C PHE B 704 26.27 -0.56 -38.97
N TYR B 705 26.51 0.24 -37.94
CA TYR B 705 27.80 0.94 -37.77
C TYR B 705 28.72 0.01 -36.97
N MET B 706 28.33 -0.41 -35.77
CA MET B 706 29.13 -1.32 -34.95
C MET B 706 28.20 -2.17 -34.10
N VAL B 707 28.12 -3.48 -34.22
CA VAL B 707 27.34 -4.42 -33.43
C VAL B 707 28.30 -5.30 -32.65
N TRP B 708 28.07 -5.42 -31.35
CA TRP B 708 28.98 -6.16 -30.48
C TRP B 708 28.18 -6.82 -29.37
N ASN B 709 28.89 -7.55 -28.52
CA ASN B 709 28.28 -8.25 -27.39
C ASN B 709 28.70 -7.56 -26.09
N GLU B 710 27.71 -7.26 -25.25
CA GLU B 710 27.96 -6.59 -23.97
C GLU B 710 27.97 -7.65 -22.88
N GLY B 711 29.16 -7.95 -22.36
CA GLY B 711 29.30 -8.94 -21.32
C GLY B 711 30.72 -9.45 -21.25
N LEU B 712 30.99 -10.19 -20.18
CA LEU B 712 32.33 -10.72 -19.98
C LEU B 712 32.60 -11.81 -21.01
N PRO B 713 33.86 -11.99 -21.45
CA PRO B 713 34.15 -12.99 -22.48
C PRO B 713 34.35 -14.39 -21.90
N GLN B 714 34.40 -15.35 -22.81
CA GLN B 714 34.73 -16.72 -22.44
C GLN B 714 36.19 -16.82 -22.05
N GLY B 715 36.49 -17.65 -21.05
CA GLY B 715 37.84 -17.70 -20.53
C GLY B 715 38.22 -19.07 -20.02
N ASP B 716 39.49 -19.20 -19.65
CA ASP B 716 40.05 -20.45 -19.18
C ASP B 716 39.97 -20.53 -17.65
N ASN B 717 39.96 -21.76 -17.14
CA ASN B 717 39.87 -22.02 -15.71
C ASN B 717 40.65 -23.29 -15.38
N ILE B 718 41.10 -23.37 -14.13
CA ILE B 718 41.79 -24.54 -13.61
C ILE B 718 40.85 -25.27 -12.66
N SER B 719 40.76 -26.59 -12.82
CA SER B 719 39.87 -27.43 -12.03
C SER B 719 40.71 -28.52 -11.37
N LEU B 720 41.13 -28.29 -10.13
CA LEU B 720 41.89 -29.28 -9.39
C LEU B 720 41.02 -30.49 -9.08
N LYS B 721 41.61 -31.68 -9.21
CA LYS B 721 40.94 -32.94 -8.93
C LYS B 721 41.70 -33.64 -7.81
N ILE B 722 41.11 -33.68 -6.61
CA ILE B 722 41.75 -34.28 -5.46
C ILE B 722 41.61 -35.80 -5.55
N ASP B 723 42.74 -36.51 -5.49
CA ASP B 723 42.74 -37.96 -5.56
C ASP B 723 42.54 -38.51 -4.16
N ARG B 724 41.29 -38.94 -3.87
CA ARG B 724 40.97 -39.38 -2.52
C ARG B 724 41.63 -40.72 -2.19
N GLU B 725 41.88 -41.55 -3.20
CA GLU B 725 42.53 -42.84 -2.94
C GLU B 725 43.93 -42.63 -2.39
N LYS B 726 44.76 -41.83 -3.08
CA LYS B 726 46.08 -41.51 -2.57
C LYS B 726 45.98 -40.67 -1.30
N LEU B 727 44.92 -39.86 -1.19
CA LEU B 727 44.75 -39.03 0.00
C LEU B 727 44.60 -39.90 1.25
N SER B 728 43.80 -40.97 1.16
CA SER B 728 43.63 -41.86 2.29
C SER B 728 44.84 -42.78 2.45
N ALA B 729 45.47 -43.17 1.34
CA ALA B 729 46.63 -44.05 1.42
C ALA B 729 47.75 -43.40 2.22
N LEU B 730 48.01 -42.11 1.98
CA LEU B 730 49.05 -41.40 2.70
C LEU B 730 48.63 -41.03 4.12
N GLY B 731 47.36 -41.21 4.48
CA GLY B 731 46.91 -40.93 5.82
C GLY B 731 46.63 -39.47 6.11
N VAL B 732 46.39 -38.66 5.08
CA VAL B 732 46.09 -37.24 5.26
C VAL B 732 44.58 -37.05 5.26
N LYS B 733 44.08 -36.32 6.25
CA LYS B 733 42.64 -36.11 6.37
C LYS B 733 42.13 -35.22 5.25
N PHE B 734 40.92 -35.52 4.77
CA PHE B 734 40.33 -34.73 3.70
C PHE B 734 40.07 -33.29 4.13
N SER B 735 39.61 -33.10 5.37
CA SER B 735 39.33 -31.75 5.86
C SER B 735 40.55 -30.86 5.75
N ASP B 736 41.74 -31.42 5.99
CA ASP B 736 42.97 -30.63 5.89
C ASP B 736 43.15 -30.06 4.50
N VAL B 737 42.96 -30.89 3.47
CA VAL B 737 43.07 -30.42 2.10
C VAL B 737 41.97 -29.41 1.78
N SER B 738 40.73 -29.73 2.18
CA SER B 738 39.63 -28.83 1.87
C SER B 738 39.79 -27.47 2.53
N ASP B 739 40.52 -27.41 3.65
CA ASP B 739 40.73 -26.17 4.36
C ASP B 739 41.99 -25.44 3.92
N ILE B 740 43.01 -26.16 3.44
CA ILE B 740 44.22 -25.52 2.94
C ILE B 740 44.01 -24.96 1.53
N ILE B 741 43.23 -25.64 0.70
CA ILE B 741 42.90 -25.10 -0.62
C ILE B 741 41.97 -23.90 -0.48
N SER B 742 40.97 -24.02 0.40
CA SER B 742 39.97 -22.96 0.52
C SER B 742 40.59 -21.66 1.01
N THR B 743 41.46 -21.72 2.01
CA THR B 743 42.05 -20.54 2.62
C THR B 743 43.28 -20.03 1.86
N SER B 744 43.69 -20.72 0.80
CA SER B 744 44.91 -20.33 0.09
C SER B 744 44.75 -18.98 -0.60
N MET B 745 43.58 -18.73 -1.20
CA MET B 745 43.37 -17.55 -2.01
C MET B 745 42.18 -16.71 -1.58
N GLY B 746 41.46 -17.11 -0.54
CA GLY B 746 40.20 -16.47 -0.17
C GLY B 746 40.37 -15.62 1.08
N SER B 747 39.81 -14.42 1.03
CA SER B 747 39.80 -13.55 2.20
C SER B 747 38.80 -14.07 3.24
N MET B 748 39.18 -13.97 4.50
CA MET B 748 38.38 -14.52 5.60
C MET B 748 38.29 -13.47 6.70
N TYR B 749 37.09 -12.93 6.91
CA TYR B 749 36.84 -11.93 7.92
C TYR B 749 36.65 -12.59 9.29
N ILE B 750 37.18 -11.96 10.34
CA ILE B 750 37.16 -12.55 11.68
C ILE B 750 36.29 -11.74 12.63
N ASN B 751 36.68 -10.50 12.90
CA ASN B 751 36.09 -9.72 13.98
C ASN B 751 36.24 -8.23 13.71
N ASP B 752 35.45 -7.43 14.42
CA ASP B 752 35.59 -5.98 14.36
C ASP B 752 36.56 -5.50 15.44
N PHE B 753 37.18 -4.36 15.18
CA PHE B 753 38.09 -3.72 16.11
C PHE B 753 37.85 -2.21 16.08
N PRO B 754 38.08 -1.51 17.20
CA PRO B 754 37.86 -0.06 17.21
C PRO B 754 39.07 0.72 16.73
N ASN B 755 38.91 1.49 15.65
CA ASN B 755 39.93 2.38 15.13
C ASN B 755 39.34 3.79 15.07
N GLN B 756 39.96 4.71 15.80
CA GLN B 756 39.56 6.12 15.78
C GLN B 756 38.07 6.28 16.05
N GLY B 757 37.53 5.43 16.94
CA GLY B 757 36.14 5.51 17.33
C GLY B 757 35.16 4.83 16.39
N ARG B 758 35.63 4.07 15.41
CA ARG B 758 34.77 3.38 14.47
C ARG B 758 35.14 1.90 14.44
N MET B 759 34.12 1.04 14.41
CA MET B 759 34.35 -0.40 14.38
C MET B 759 34.60 -0.83 12.94
N GLN B 760 35.82 -1.28 12.66
CA GLN B 760 36.22 -1.70 11.32
C GLN B 760 36.61 -3.16 11.32
N GLN B 761 36.65 -3.75 10.14
CA GLN B 761 36.84 -5.19 10.01
C GLN B 761 38.31 -5.57 10.18
N VAL B 762 38.53 -6.83 10.53
CA VAL B 762 39.87 -7.44 10.59
C VAL B 762 39.85 -8.61 9.61
N ILE B 763 40.73 -8.57 8.62
CA ILE B 763 40.76 -9.57 7.56
C ILE B 763 42.15 -10.18 7.49
N VAL B 764 42.21 -11.50 7.39
CA VAL B 764 43.46 -12.23 7.26
C VAL B 764 43.41 -12.99 5.94
N GLN B 765 44.47 -12.84 5.14
CA GLN B 765 44.54 -13.44 3.83
C GLN B 765 45.98 -13.83 3.54
N VAL B 766 46.16 -14.77 2.62
CA VAL B 766 47.49 -15.19 2.24
C VAL B 766 48.19 -14.04 1.52
N GLU B 767 49.51 -13.94 1.71
CA GLU B 767 50.28 -12.88 1.10
C GLU B 767 50.21 -12.97 -0.42
N ALA B 768 50.23 -11.81 -1.07
CA ALA B 768 50.07 -11.75 -2.52
C ALA B 768 51.16 -12.54 -3.25
N LYS B 769 52.31 -12.75 -2.62
CA LYS B 769 53.40 -13.46 -3.29
C LYS B 769 53.05 -14.93 -3.50
N SER B 770 52.32 -15.53 -2.57
CA SER B 770 52.05 -16.97 -2.58
C SER B 770 50.77 -17.35 -3.31
N ARG B 771 50.05 -16.37 -3.90
CA ARG B 771 48.82 -16.64 -4.61
C ARG B 771 48.84 -16.01 -6.00
N MET B 772 49.98 -16.06 -6.68
CA MET B 772 50.12 -15.51 -8.02
C MET B 772 50.26 -16.57 -9.11
N GLN B 773 50.78 -17.75 -8.78
CA GLN B 773 51.04 -18.79 -9.75
C GLN B 773 50.51 -20.12 -9.24
N LEU B 774 50.28 -21.04 -10.18
CA LEU B 774 49.72 -22.34 -9.82
C LEU B 774 50.67 -23.13 -8.94
N LYS B 775 51.97 -23.06 -9.21
CA LYS B 775 52.94 -23.81 -8.43
C LYS B 775 52.89 -23.42 -6.95
N ASP B 776 52.61 -22.16 -6.66
CA ASP B 776 52.55 -21.72 -5.27
C ASP B 776 51.46 -22.47 -4.51
N ILE B 777 50.27 -22.57 -5.08
CA ILE B 777 49.18 -23.28 -4.41
C ILE B 777 49.45 -24.78 -4.41
N LEU B 778 49.97 -25.31 -5.51
CA LEU B 778 50.22 -26.74 -5.61
C LEU B 778 51.39 -27.20 -4.75
N ASN B 779 52.17 -26.27 -4.19
CA ASN B 779 53.27 -26.61 -3.30
C ASN B 779 52.89 -26.41 -1.83
N LEU B 780 51.59 -26.35 -1.53
CA LEU B 780 51.11 -26.16 -0.16
C LEU B 780 51.18 -27.49 0.56
N LYS B 781 52.15 -27.64 1.44
CA LYS B 781 52.33 -28.90 2.16
C LYS B 781 51.22 -29.09 3.19
N VAL B 782 50.82 -30.34 3.39
CA VAL B 782 49.82 -30.71 4.38
C VAL B 782 50.38 -31.81 5.27
N MET B 783 49.85 -31.88 6.48
CA MET B 783 50.31 -32.84 7.46
C MET B 783 49.77 -34.24 7.15
N GLY B 784 50.45 -35.26 7.70
CA GLY B 784 50.06 -36.64 7.48
C GLY B 784 50.19 -37.45 8.75
N SER B 785 49.61 -38.65 8.70
CA SER B 785 49.63 -39.53 9.87
C SER B 785 51.06 -39.90 10.27
N SER B 786 51.91 -40.21 9.28
CA SER B 786 53.30 -40.55 9.57
C SER B 786 54.09 -39.34 10.06
N GLY B 787 53.53 -38.13 9.95
CA GLY B 787 54.24 -36.93 10.33
C GLY B 787 55.10 -36.33 9.23
N GLN B 788 54.99 -36.84 8.01
CA GLN B 788 55.76 -36.33 6.88
C GLN B 788 54.87 -35.45 6.01
N LEU B 789 55.34 -34.24 5.71
CA LEU B 789 54.56 -33.29 4.94
C LEU B 789 54.35 -33.79 3.52
N VAL B 790 53.15 -33.57 2.99
CA VAL B 790 52.78 -33.94 1.63
C VAL B 790 52.28 -32.71 0.91
N SER B 791 52.77 -32.50 -0.32
CA SER B 791 52.34 -31.36 -1.10
C SER B 791 51.05 -31.67 -1.86
N LEU B 792 50.35 -30.61 -2.25
CA LEU B 792 49.13 -30.79 -3.04
C LEU B 792 49.42 -31.46 -4.37
N SER B 793 50.54 -31.11 -5.02
CA SER B 793 50.83 -31.63 -6.34
C SER B 793 50.79 -33.15 -6.37
N GLU B 794 51.13 -33.79 -5.25
CA GLU B 794 51.12 -35.24 -5.20
C GLU B 794 49.70 -35.79 -5.25
N VAL B 795 48.73 -35.01 -4.78
CA VAL B 795 47.37 -35.52 -4.59
C VAL B 795 46.32 -34.87 -5.48
N VAL B 796 46.61 -33.70 -6.06
CA VAL B 796 45.66 -32.99 -6.91
C VAL B 796 46.24 -32.89 -8.32
N THR B 797 45.43 -33.24 -9.31
CA THR B 797 45.84 -33.16 -10.71
C THR B 797 45.24 -31.91 -11.33
N PRO B 798 46.03 -30.93 -11.78
CA PRO B 798 45.45 -29.73 -12.39
C PRO B 798 44.91 -29.99 -13.79
N GLN B 799 43.82 -29.31 -14.15
CA GLN B 799 43.21 -29.46 -15.46
C GLN B 799 42.72 -28.10 -15.93
N TRP B 800 43.17 -27.69 -17.13
CA TRP B 800 42.73 -26.43 -17.70
C TRP B 800 41.59 -26.67 -18.69
N ASN B 801 40.56 -25.84 -18.61
CA ASN B 801 39.41 -25.96 -19.50
C ASN B 801 38.86 -24.57 -19.82
N LYS B 802 38.35 -24.42 -21.04
CA LYS B 802 37.79 -23.16 -21.51
C LYS B 802 36.27 -23.20 -21.38
N ALA B 803 35.71 -22.19 -20.73
CA ALA B 803 34.27 -22.12 -20.51
C ALA B 803 33.89 -20.67 -20.30
N PRO B 804 32.59 -20.35 -20.40
CA PRO B 804 32.16 -18.96 -20.19
C PRO B 804 32.49 -18.49 -18.78
N GLN B 805 32.83 -17.20 -18.67
CA GLN B 805 33.09 -16.58 -17.38
C GLN B 805 31.86 -15.90 -16.80
N GLN B 806 30.82 -15.66 -17.59
CA GLN B 806 29.59 -15.04 -17.13
C GLN B 806 28.40 -15.81 -17.69
N TYR B 807 27.39 -16.02 -16.86
CA TYR B 807 26.16 -16.69 -17.27
C TYR B 807 25.01 -15.70 -17.21
N ASN B 808 24.30 -15.56 -18.32
CA ASN B 808 23.19 -14.63 -18.46
C ASN B 808 21.96 -15.39 -18.92
N ARG B 809 20.81 -15.05 -18.34
CA ARG B 809 19.53 -15.63 -18.71
C ARG B 809 18.52 -14.51 -18.91
N TYR B 810 17.65 -14.67 -19.91
CA TYR B 810 16.61 -13.69 -20.20
C TYR B 810 15.29 -14.43 -20.35
N ASN B 811 14.30 -14.03 -19.55
CA ASN B 811 12.96 -14.61 -19.59
C ASN B 811 13.01 -16.13 -19.38
N GLY B 812 13.89 -16.58 -18.48
CA GLY B 812 13.95 -17.98 -18.10
C GLY B 812 14.73 -18.88 -19.05
N ARG B 813 15.49 -18.31 -19.99
CA ARG B 813 16.27 -19.11 -20.93
C ARG B 813 17.71 -18.63 -20.95
N PRO B 814 18.66 -19.51 -21.24
CA PRO B 814 20.03 -19.05 -21.46
C PRO B 814 20.07 -18.05 -22.61
N SER B 815 20.84 -16.97 -22.44
CA SER B 815 20.80 -15.87 -23.38
C SER B 815 22.14 -15.17 -23.41
N LEU B 816 22.36 -14.44 -24.51
CA LEU B 816 23.51 -13.56 -24.68
C LEU B 816 23.01 -12.19 -25.11
N SER B 817 23.56 -11.14 -24.50
CA SER B 817 23.13 -9.78 -24.76
C SER B 817 23.98 -9.17 -25.86
N ILE B 818 23.32 -8.55 -26.84
CA ILE B 818 23.98 -7.94 -27.99
C ILE B 818 23.51 -6.51 -28.12
N ALA B 819 24.46 -5.59 -28.33
CA ALA B 819 24.16 -4.19 -28.55
C ALA B 819 24.57 -3.81 -29.96
N GLY B 820 23.91 -2.80 -30.51
CA GLY B 820 24.27 -2.31 -31.83
C GLY B 820 23.88 -0.87 -32.02
N ILE B 821 24.66 -0.18 -32.84
CA ILE B 821 24.43 1.22 -33.19
C ILE B 821 24.10 1.28 -34.68
N PRO B 822 22.88 1.66 -35.07
CA PRO B 822 22.55 1.70 -36.49
C PRO B 822 23.38 2.73 -37.23
N ASN B 823 23.69 2.42 -38.48
CA ASN B 823 24.45 3.33 -39.34
C ASN B 823 23.55 4.46 -39.81
N PHE B 824 24.20 5.61 -40.04
CA PHE B 824 23.49 6.81 -40.53
C PHE B 824 22.89 6.52 -41.88
N ASP B 825 21.71 7.02 -42.24
CA ASP B 825 20.86 6.77 -43.41
C ASP B 825 20.02 5.52 -43.18
N THR B 826 20.18 4.89 -42.01
CA THR B 826 19.31 3.78 -41.59
C THR B 826 18.73 4.13 -40.23
N SER B 827 17.40 3.98 -40.11
CA SER B 827 16.73 4.25 -38.85
C SER B 827 16.86 3.03 -37.92
N SER B 828 16.42 3.27 -36.71
CA SER B 828 16.51 2.22 -35.67
C SER B 828 15.56 1.09 -36.04
N GLY B 829 14.41 1.27 -36.66
CA GLY B 829 13.54 0.21 -37.15
C GLY B 829 14.13 -0.52 -38.35
N GLU B 830 14.75 0.22 -39.26
CA GLU B 830 15.37 -0.42 -40.42
C GLU B 830 16.49 -1.36 -40.00
N ALA B 831 17.33 -0.92 -39.06
CA ALA B 831 18.41 -1.77 -38.58
C ALA B 831 17.86 -3.01 -37.87
N MET B 832 16.82 -2.84 -37.06
CA MET B 832 16.26 -3.97 -36.33
C MET B 832 15.59 -4.96 -37.27
N ARG B 833 14.97 -4.47 -38.35
CA ARG B 833 14.36 -5.38 -39.31
C ARG B 833 15.39 -6.32 -39.91
N GLU B 834 16.52 -5.79 -40.37
CA GLU B 834 17.57 -6.61 -40.93
C GLU B 834 18.29 -7.43 -39.87
N MET B 835 18.33 -6.97 -38.62
CA MET B 835 18.83 -7.83 -37.55
C MET B 835 17.95 -9.06 -37.39
N GLU B 836 16.63 -8.87 -37.41
CA GLU B 836 15.72 -10.01 -37.37
C GLU B 836 15.94 -10.93 -38.57
N GLN B 837 16.08 -10.35 -39.76
CA GLN B 837 16.31 -11.16 -40.95
C GLN B 837 17.59 -11.98 -40.82
N LEU B 838 18.67 -11.37 -40.34
CA LEU B 838 19.92 -12.09 -40.18
C LEU B 838 19.80 -13.20 -39.15
N ILE B 839 19.13 -12.92 -38.03
CA ILE B 839 18.92 -13.95 -37.02
C ILE B 839 18.03 -15.07 -37.54
N ALA B 840 17.20 -14.79 -38.54
CA ALA B 840 16.31 -15.82 -39.08
C ALA B 840 17.12 -16.98 -39.66
N LYS B 841 18.30 -16.69 -40.22
CA LYS B 841 19.12 -17.72 -40.86
C LYS B 841 20.05 -18.43 -39.88
N LEU B 842 19.98 -18.11 -38.59
CA LEU B 842 20.82 -18.77 -37.60
C LEU B 842 20.34 -20.21 -37.39
N PRO B 843 21.17 -21.04 -36.75
CA PRO B 843 20.80 -22.45 -36.58
C PRO B 843 19.49 -22.63 -35.85
N LYS B 844 18.80 -23.72 -36.18
CA LYS B 844 17.51 -24.00 -35.56
C LYS B 844 17.65 -24.13 -34.05
N GLY B 845 16.62 -23.70 -33.33
CA GLY B 845 16.63 -23.71 -31.88
C GLY B 845 17.13 -22.44 -31.24
N ILE B 846 17.55 -21.45 -32.03
CA ILE B 846 18.03 -20.17 -31.51
C ILE B 846 16.97 -19.12 -31.81
N GLY B 847 16.51 -18.43 -30.77
CA GLY B 847 15.54 -17.37 -30.92
C GLY B 847 16.13 -16.06 -30.45
N TYR B 848 15.34 -15.00 -30.59
CA TYR B 848 15.77 -13.67 -30.18
C TYR B 848 14.61 -12.94 -29.53
N GLU B 849 14.91 -11.95 -28.68
CA GLU B 849 13.85 -11.12 -28.08
C GLU B 849 14.35 -9.71 -27.79
N TRP B 850 13.77 -8.67 -28.38
CA TRP B 850 14.14 -7.29 -28.18
C TRP B 850 13.83 -6.86 -26.74
N THR B 851 14.57 -5.88 -26.25
CA THR B 851 14.41 -5.42 -24.88
C THR B 851 14.78 -3.94 -24.81
N GLY B 852 14.39 -3.32 -23.70
CA GLY B 852 14.72 -1.92 -23.50
C GLY B 852 13.98 -1.04 -24.49
N ILE B 853 14.72 -0.13 -25.13
CA ILE B 853 14.08 0.88 -25.99
C ILE B 853 13.67 0.28 -27.33
N SER B 854 14.12 -0.92 -27.73
CA SER B 854 13.61 -1.57 -28.94
C SER B 854 12.22 -2.14 -28.73
N LEU B 855 11.97 -2.77 -27.59
CA LEU B 855 10.66 -3.33 -27.32
C LEU B 855 9.60 -2.23 -27.26
N GLN B 856 9.92 -1.11 -26.62
CA GLN B 856 8.98 0.01 -26.58
C GLN B 856 8.76 0.59 -27.96
N GLU B 857 9.80 0.60 -28.80
CA GLU B 857 9.63 1.06 -30.17
C GLU B 857 8.66 0.17 -30.93
N LYS B 858 8.80 -1.15 -30.79
CA LYS B 858 7.87 -2.06 -31.43
C LYS B 858 6.45 -1.87 -30.92
N GLN B 859 6.35 -1.76 -29.60
CA GLN B 859 5.04 -1.50 -28.97
C GLN B 859 4.47 -0.24 -29.61
N SER B 860 5.18 0.87 -29.71
CA SER B 860 4.69 2.13 -30.28
C SER B 860 4.24 1.94 -31.72
N GLU B 861 5.04 1.24 -32.52
CA GLU B 861 4.70 1.05 -33.93
C GLU B 861 3.46 0.19 -34.10
N SER B 862 3.24 -0.79 -33.22
CA SER B 862 2.10 -1.68 -33.36
C SER B 862 0.79 -0.93 -33.17
N GLN B 863 0.69 -0.06 -32.19
CA GLN B 863 -0.63 0.54 -31.91
C GLN B 863 -0.83 1.81 -32.73
N MET B 864 -0.03 2.21 -33.69
CA MET B 864 -0.29 3.42 -34.46
C MET B 864 -1.60 3.33 -35.23
N ALA B 865 -1.84 2.19 -35.90
CA ALA B 865 -3.04 2.07 -36.71
C ALA B 865 -4.30 2.18 -35.88
N PHE B 866 -4.36 1.47 -34.75
CA PHE B 866 -5.55 1.52 -33.91
C PHE B 866 -5.80 2.92 -33.37
N LEU B 867 -4.75 3.58 -32.88
CA LEU B 867 -4.92 4.92 -32.35
C LEU B 867 -5.39 5.90 -33.43
N LEU B 868 -4.75 5.85 -34.60
CA LEU B 868 -5.09 6.76 -35.68
C LEU B 868 -6.46 6.48 -36.28
N GLY B 869 -6.98 5.26 -36.14
CA GLY B 869 -8.33 4.97 -36.59
C GLY B 869 -9.37 5.37 -35.56
N LEU B 870 -9.10 5.08 -34.29
CA LEU B 870 -10.05 5.42 -33.24
C LEU B 870 -10.17 6.93 -33.07
N SER B 871 -9.08 7.68 -33.26
CA SER B 871 -9.18 9.12 -33.21
C SER B 871 -10.14 9.65 -34.27
N MET B 872 -9.99 9.17 -35.52
CA MET B 872 -10.87 9.60 -36.58
C MET B 872 -12.31 9.17 -36.32
N LEU B 873 -12.49 7.97 -35.77
CA LEU B 873 -13.84 7.53 -35.43
C LEU B 873 -14.46 8.43 -34.37
N VAL B 874 -13.68 8.85 -33.38
CA VAL B 874 -14.18 9.75 -32.34
C VAL B 874 -14.59 11.09 -32.95
N VAL B 875 -13.76 11.63 -33.86
CA VAL B 875 -14.14 12.87 -34.52
C VAL B 875 -15.43 12.69 -35.30
N PHE B 876 -15.56 11.58 -36.03
CA PHE B 876 -16.77 11.35 -36.82
C PHE B 876 -17.99 11.29 -35.91
N LEU B 877 -17.89 10.56 -34.80
CA LEU B 877 -19.03 10.44 -33.89
C LEU B 877 -19.39 11.78 -33.26
N VAL B 878 -18.38 12.56 -32.85
CA VAL B 878 -18.65 13.86 -32.24
C VAL B 878 -19.33 14.79 -33.24
N LEU B 879 -18.83 14.80 -34.48
CA LEU B 879 -19.44 15.66 -35.50
C LEU B 879 -20.86 15.23 -35.81
N ALA B 880 -21.10 13.93 -35.91
CA ALA B 880 -22.46 13.45 -36.16
C ALA B 880 -23.38 13.82 -35.01
N ALA B 881 -22.91 13.71 -33.78
CA ALA B 881 -23.72 14.09 -32.63
C ALA B 881 -24.04 15.58 -32.66
N LEU B 882 -23.04 16.40 -32.99
CA LEU B 882 -23.24 17.84 -32.97
C LEU B 882 -24.18 18.31 -34.07
N TYR B 883 -23.95 17.86 -35.31
CA TYR B 883 -24.65 18.41 -36.46
C TYR B 883 -25.84 17.57 -36.92
N GLU B 884 -26.18 16.51 -36.18
CA GLU B 884 -27.40 15.76 -36.42
C GLU B 884 -27.47 15.25 -37.86
N SER B 885 -26.37 14.66 -38.32
CA SER B 885 -26.33 14.09 -39.65
C SER B 885 -25.21 13.07 -39.73
N TRP B 886 -25.31 12.17 -40.71
CA TRP B 886 -24.29 11.17 -40.98
C TRP B 886 -23.46 11.49 -42.22
N ALA B 887 -23.94 12.36 -43.10
CA ALA B 887 -23.22 12.73 -44.31
C ALA B 887 -22.36 13.97 -44.12
N ILE B 888 -22.86 14.99 -43.42
CA ILE B 888 -22.05 16.19 -43.18
C ILE B 888 -20.76 15.86 -42.44
N PRO B 889 -20.77 15.06 -41.38
CA PRO B 889 -19.48 14.68 -40.76
C PRO B 889 -18.56 13.95 -41.72
N LEU B 890 -19.13 13.17 -42.64
CA LEU B 890 -18.30 12.42 -43.58
C LEU B 890 -17.49 13.37 -44.46
N SER B 891 -18.11 14.47 -44.92
CA SER B 891 -17.38 15.45 -45.71
C SER B 891 -16.23 16.05 -44.90
N VAL B 892 -16.48 16.37 -43.63
CA VAL B 892 -15.44 16.92 -42.77
C VAL B 892 -14.33 15.91 -42.53
N MET B 893 -14.63 14.61 -42.60
CA MET B 893 -13.65 13.57 -42.31
C MET B 893 -12.89 13.12 -43.55
N LEU B 894 -13.16 13.69 -44.71
CA LEU B 894 -12.41 13.36 -45.92
C LEU B 894 -11.20 14.26 -46.14
N VAL B 895 -10.94 15.21 -45.24
CA VAL B 895 -9.79 16.10 -45.38
C VAL B 895 -8.55 15.61 -44.65
N VAL B 896 -8.68 14.60 -43.80
CA VAL B 896 -7.55 14.06 -43.04
C VAL B 896 -6.47 13.57 -43.99
N PRO B 897 -6.82 12.82 -45.06
CA PRO B 897 -5.77 12.41 -46.00
C PRO B 897 -4.99 13.57 -46.57
N LEU B 898 -5.67 14.70 -46.84
CA LEU B 898 -4.96 15.88 -47.30
C LEU B 898 -3.99 16.37 -46.23
N GLY B 899 -4.40 16.32 -44.96
CA GLY B 899 -3.50 16.71 -43.89
C GLY B 899 -2.26 15.85 -43.81
N ILE B 900 -2.43 14.54 -43.95
CA ILE B 900 -1.27 13.64 -43.97
C ILE B 900 -0.39 13.94 -45.18
N PHE B 901 -1.03 14.26 -46.31
CA PHE B 901 -0.33 14.68 -47.52
C PHE B 901 0.24 16.08 -47.31
N GLY B 902 1.54 16.15 -47.06
CA GLY B 902 2.20 17.40 -46.79
C GLY B 902 3.04 17.26 -45.54
N ALA B 903 2.48 16.63 -44.50
CA ALA B 903 3.28 16.31 -43.32
C ALA B 903 4.24 15.17 -43.63
N ILE B 904 3.72 14.10 -44.25
CA ILE B 904 4.59 12.98 -44.58
C ILE B 904 5.70 13.43 -45.52
N ILE B 905 5.36 14.20 -46.56
CA ILE B 905 6.36 14.64 -47.52
C ILE B 905 7.31 15.67 -46.91
N ALA B 906 6.85 16.49 -45.95
CA ALA B 906 7.76 17.39 -45.27
C ALA B 906 8.82 16.61 -44.49
N ILE B 907 8.40 15.58 -43.75
CA ILE B 907 9.39 14.79 -43.02
C ILE B 907 10.29 14.04 -43.98
N MET B 908 9.76 13.60 -45.12
CA MET B 908 10.61 12.97 -46.13
C MET B 908 11.65 13.95 -46.65
N SER B 909 11.24 15.18 -46.99
CA SER B 909 12.16 16.16 -47.54
C SER B 909 13.25 16.52 -46.53
N ARG B 910 12.87 16.77 -45.28
CA ARG B 910 13.86 17.09 -44.27
C ARG B 910 14.67 15.87 -43.84
N GLY B 911 14.22 14.68 -44.18
CA GLY B 911 14.94 13.46 -43.82
C GLY B 911 14.64 12.93 -42.44
N LEU B 912 13.57 13.39 -41.80
CA LEU B 912 13.23 12.93 -40.47
C LEU B 912 12.44 11.62 -40.53
N MET B 913 12.74 10.72 -39.61
CA MET B 913 12.08 9.42 -39.56
C MET B 913 10.66 9.57 -39.01
N ASN B 914 9.92 8.46 -38.99
CA ASN B 914 8.57 8.41 -38.44
C ASN B 914 8.66 8.07 -36.96
N ASP B 915 8.85 9.11 -36.15
CA ASP B 915 8.97 8.96 -34.71
C ASP B 915 7.65 9.29 -34.01
N VAL B 916 7.68 9.23 -32.67
CA VAL B 916 6.48 9.50 -31.89
C VAL B 916 6.01 10.93 -32.10
N PHE B 917 6.95 11.87 -32.21
CA PHE B 917 6.58 13.26 -32.45
C PHE B 917 5.83 13.41 -33.77
N PHE B 918 6.21 12.66 -34.79
CA PHE B 918 5.46 12.68 -36.05
C PHE B 918 4.03 12.20 -35.83
N LYS B 919 3.85 11.16 -35.02
CA LYS B 919 2.50 10.66 -34.76
C LYS B 919 1.66 11.70 -34.01
N ILE B 920 2.26 12.37 -33.04
CA ILE B 920 1.54 13.43 -32.34
C ILE B 920 1.16 14.54 -33.30
N GLY B 921 2.08 14.92 -34.18
CA GLY B 921 1.76 15.90 -35.20
C GLY B 921 0.65 15.44 -36.12
N LEU B 922 0.62 14.15 -36.46
CA LEU B 922 -0.46 13.63 -37.29
C LEU B 922 -1.80 13.76 -36.59
N ILE B 923 -1.85 13.46 -35.30
CA ILE B 923 -3.09 13.64 -34.55
C ILE B 923 -3.50 15.11 -34.54
N THR B 924 -2.53 16.00 -34.32
CA THR B 924 -2.84 17.42 -34.30
C THR B 924 -3.40 17.89 -35.64
N ILE B 925 -2.82 17.41 -36.74
CA ILE B 925 -3.34 17.74 -38.07
C ILE B 925 -4.72 17.14 -38.29
N ILE B 926 -4.98 15.93 -37.78
CA ILE B 926 -6.32 15.38 -37.85
C ILE B 926 -7.32 16.35 -37.22
N GLY B 927 -6.96 16.89 -36.05
CA GLY B 927 -7.85 17.85 -35.41
C GLY B 927 -7.99 19.15 -36.19
N LEU B 928 -6.87 19.69 -36.67
CA LEU B 928 -6.89 21.01 -37.30
C LEU B 928 -7.60 20.98 -38.65
N SER B 929 -7.41 19.92 -39.42
CA SER B 929 -8.11 19.80 -40.69
C SER B 929 -9.62 19.70 -40.47
N ALA B 930 -10.03 18.98 -39.43
CA ALA B 930 -11.45 18.95 -39.07
C ALA B 930 -11.96 20.34 -38.70
N LYS B 931 -11.18 21.09 -37.94
CA LYS B 931 -11.56 22.48 -37.64
C LYS B 931 -11.79 23.27 -38.92
N ASN B 932 -10.82 23.22 -39.83
CA ASN B 932 -10.91 24.01 -41.05
C ASN B 932 -12.11 23.59 -41.89
N ALA B 933 -12.37 22.28 -41.99
CA ALA B 933 -13.52 21.81 -42.74
C ALA B 933 -14.83 22.27 -42.09
N ILE B 934 -14.92 22.17 -40.77
CA ILE B 934 -16.13 22.57 -40.07
C ILE B 934 -16.42 24.03 -40.30
N LEU B 935 -15.39 24.88 -40.28
CA LEU B 935 -15.61 26.32 -40.42
C LEU B 935 -16.43 26.64 -41.67
N ILE B 936 -16.22 25.88 -42.75
CA ILE B 936 -16.98 26.11 -43.98
C ILE B 936 -18.29 25.34 -43.95
N VAL B 937 -18.24 24.08 -43.50
CA VAL B 937 -19.40 23.21 -43.64
C VAL B 937 -20.56 23.70 -42.78
N GLU B 938 -20.27 24.26 -41.61
CA GLU B 938 -21.36 24.74 -40.75
C GLU B 938 -22.14 25.85 -41.43
N PHE B 939 -21.45 26.85 -41.97
CA PHE B 939 -22.12 27.94 -42.66
C PHE B 939 -22.81 27.44 -43.92
N ALA B 940 -22.20 26.50 -44.63
CA ALA B 940 -22.84 25.94 -45.81
C ALA B 940 -24.16 25.27 -45.44
N LYS B 941 -24.16 24.49 -44.36
CA LYS B 941 -25.37 23.84 -43.90
C LYS B 941 -26.44 24.86 -43.52
N MET B 942 -26.04 25.91 -42.80
CA MET B 942 -27.01 26.91 -42.37
C MET B 942 -27.63 27.62 -43.59
N LEU B 943 -26.79 28.02 -44.54
CA LEU B 943 -27.31 28.71 -45.72
C LEU B 943 -28.19 27.79 -46.55
N LYS B 944 -27.81 26.51 -46.67
CA LYS B 944 -28.66 25.56 -47.38
C LYS B 944 -30.01 25.43 -46.69
N GLU B 945 -30.01 25.37 -45.36
CA GLU B 945 -31.28 25.34 -44.63
C GLU B 945 -32.09 26.60 -44.86
N GLU B 946 -31.42 27.74 -45.06
CA GLU B 946 -32.13 28.99 -45.31
C GLU B 946 -32.83 29.03 -46.66
N GLY B 947 -32.70 27.98 -47.47
CA GLY B 947 -33.33 27.92 -48.77
C GLY B 947 -32.41 28.17 -49.94
N MET B 948 -31.20 28.66 -49.69
CA MET B 948 -30.24 28.86 -50.77
C MET B 948 -29.86 27.52 -51.39
N SER B 949 -29.58 27.53 -52.69
CA SER B 949 -29.16 26.32 -53.36
C SER B 949 -27.87 25.79 -52.73
N LEU B 950 -27.70 24.47 -52.81
CA LEU B 950 -26.56 23.84 -52.15
C LEU B 950 -25.24 24.39 -52.68
N ILE B 951 -25.12 24.51 -54.00
CA ILE B 951 -23.90 25.07 -54.58
C ILE B 951 -23.71 26.52 -54.15
N GLU B 952 -24.79 27.31 -54.18
CA GLU B 952 -24.69 28.70 -53.75
C GLU B 952 -24.29 28.79 -52.29
N ALA B 953 -24.88 27.93 -51.44
CA ALA B 953 -24.51 27.92 -50.03
C ALA B 953 -23.04 27.59 -49.84
N THR B 954 -22.55 26.58 -50.58
CA THR B 954 -21.14 26.21 -50.45
C THR B 954 -20.22 27.34 -50.86
N VAL B 955 -20.52 27.99 -52.00
CA VAL B 955 -19.67 29.09 -52.47
C VAL B 955 -19.71 30.24 -51.47
N ALA B 956 -20.90 30.59 -50.96
CA ALA B 956 -20.99 31.68 -50.01
C ALA B 956 -20.23 31.37 -48.73
N ALA B 957 -20.36 30.14 -48.22
CA ALA B 957 -19.64 29.77 -47.01
C ALA B 957 -18.13 29.81 -47.22
N ALA B 958 -17.67 29.32 -48.37
CA ALA B 958 -16.24 29.39 -48.67
C ALA B 958 -15.76 30.83 -48.75
N LYS B 959 -16.57 31.70 -49.37
CA LYS B 959 -16.16 33.10 -49.52
C LYS B 959 -16.08 33.80 -48.17
N LEU B 960 -17.14 33.69 -47.36
CA LEU B 960 -17.17 34.43 -46.10
C LEU B 960 -16.14 33.92 -45.10
N ARG B 961 -15.97 32.59 -45.03
CA ARG B 961 -15.08 32.00 -44.03
C ARG B 961 -13.64 31.88 -44.51
N LEU B 962 -13.27 32.60 -45.57
CA LEU B 962 -11.88 32.56 -46.03
C LEU B 962 -10.95 33.20 -45.01
N ARG B 963 -11.28 34.41 -44.56
CA ARG B 963 -10.39 35.11 -43.65
C ARG B 963 -10.20 34.40 -42.31
N PRO B 964 -11.25 33.95 -41.62
CA PRO B 964 -11.00 33.24 -40.35
C PRO B 964 -10.13 32.01 -40.51
N ILE B 965 -10.40 31.21 -41.54
CA ILE B 965 -9.61 29.99 -41.76
C ILE B 965 -8.17 30.34 -42.06
N LEU B 966 -7.94 31.33 -42.93
CA LEU B 966 -6.57 31.72 -43.25
C LEU B 966 -5.85 32.25 -42.02
N MET B 967 -6.54 33.06 -41.21
CA MET B 967 -5.92 33.61 -40.00
C MET B 967 -5.52 32.48 -39.05
N THR B 968 -6.45 31.56 -38.76
CA THR B 968 -6.12 30.48 -37.83
C THR B 968 -5.00 29.60 -38.37
N SER B 969 -5.07 29.23 -39.64
CA SER B 969 -4.05 28.36 -40.22
C SER B 969 -2.68 29.03 -40.20
N LEU B 970 -2.61 30.31 -40.58
CA LEU B 970 -1.32 30.99 -40.60
C LEU B 970 -0.80 31.22 -39.19
N ALA B 971 -1.69 31.49 -38.24
CA ALA B 971 -1.25 31.63 -36.85
C ALA B 971 -0.63 30.34 -36.35
N PHE B 972 -1.28 29.20 -36.59
CA PHE B 972 -0.70 27.93 -36.18
C PHE B 972 0.61 27.65 -36.91
N THR B 973 0.65 27.94 -38.21
CA THR B 973 1.85 27.66 -38.99
C THR B 973 3.03 28.48 -38.50
N CYS B 974 2.82 29.77 -38.21
CA CYS B 974 3.90 30.61 -37.72
C CYS B 974 4.23 30.32 -36.27
N GLY B 975 3.30 29.74 -35.51
CA GLY B 975 3.58 29.37 -34.15
C GLY B 975 4.49 28.18 -33.98
N VAL B 976 4.73 27.43 -35.05
CA VAL B 976 5.62 26.27 -35.02
C VAL B 976 6.90 26.52 -35.80
N ILE B 977 7.03 27.69 -36.42
CA ILE B 977 8.24 28.04 -37.18
C ILE B 977 9.45 27.96 -36.26
N PRO B 978 9.38 28.47 -35.02
CA PRO B 978 10.55 28.35 -34.13
C PRO B 978 10.99 26.91 -33.94
N LEU B 979 10.07 25.97 -33.85
CA LEU B 979 10.43 24.56 -33.76
C LEU B 979 11.15 24.10 -35.01
N VAL B 980 10.67 24.54 -36.18
CA VAL B 980 11.25 24.08 -37.45
C VAL B 980 12.65 24.64 -37.63
N ILE B 981 12.86 25.91 -37.27
CA ILE B 981 14.13 26.60 -37.55
C ILE B 981 15.06 26.59 -36.35
N ALA B 982 14.85 25.70 -35.39
CA ALA B 982 15.72 25.64 -34.23
C ALA B 982 17.15 25.30 -34.65
N THR B 983 18.12 25.99 -34.04
CA THR B 983 19.53 25.77 -34.33
C THR B 983 20.36 25.53 -33.09
N GLY B 984 19.79 25.66 -31.89
CA GLY B 984 20.53 25.47 -30.67
C GLY B 984 20.51 24.04 -30.17
N ALA B 985 20.82 23.89 -28.89
CA ALA B 985 20.81 22.57 -28.27
C ALA B 985 19.39 22.02 -28.22
N SER B 986 19.26 20.71 -28.38
CA SER B 986 17.99 19.99 -28.39
C SER B 986 17.16 20.36 -29.61
N SER B 987 17.77 20.87 -30.68
CA SER B 987 17.01 21.30 -31.84
C SER B 987 16.48 20.12 -32.63
N GLU B 988 17.06 18.93 -32.43
CA GLU B 988 16.59 17.76 -33.16
C GLU B 988 15.15 17.42 -32.80
N THR B 989 14.84 17.43 -31.49
CA THR B 989 13.47 17.15 -31.06
C THR B 989 12.51 18.21 -31.58
N GLN B 990 12.92 19.49 -31.54
CA GLN B 990 12.07 20.55 -32.05
C GLN B 990 11.80 20.37 -33.54
N HIS B 991 12.84 20.04 -34.32
CA HIS B 991 12.65 19.79 -35.74
C HIS B 991 11.69 18.63 -35.98
N ALA B 992 11.87 17.54 -35.23
CA ALA B 992 10.98 16.38 -35.40
C ALA B 992 9.54 16.75 -35.08
N LEU B 993 9.33 17.54 -34.02
CA LEU B 993 7.98 17.88 -33.61
C LEU B 993 7.36 18.93 -34.54
N GLY B 994 8.20 19.70 -35.24
CA GLY B 994 7.70 20.84 -35.99
C GLY B 994 7.54 20.64 -37.49
N THR B 995 8.47 19.92 -38.12
CA THR B 995 8.43 19.80 -39.58
C THR B 995 7.15 19.12 -40.06
N GLY B 996 6.79 18.00 -39.42
CA GLY B 996 5.62 17.27 -39.87
C GLY B 996 4.35 18.08 -39.74
N VAL B 997 4.16 18.72 -38.57
CA VAL B 997 2.96 19.53 -38.38
C VAL B 997 2.95 20.76 -39.27
N PHE B 998 4.12 21.37 -39.51
CA PHE B 998 4.20 22.49 -40.43
C PHE B 998 3.71 22.11 -41.82
N GLY B 999 4.28 21.03 -42.37
CA GLY B 999 3.84 20.57 -43.68
C GLY B 999 2.38 20.18 -43.70
N GLY B 1000 1.94 19.48 -42.65
CA GLY B 1000 0.55 19.04 -42.60
C GLY B 1000 -0.42 20.19 -42.58
N MET B 1001 -0.14 21.23 -41.78
CA MET B 1001 -1.00 22.40 -41.74
C MET B 1001 -1.00 23.14 -43.07
N ILE B 1002 0.17 23.33 -43.69
CA ILE B 1002 0.20 24.03 -44.97
C ILE B 1002 -0.65 23.28 -45.99
N SER B 1003 -0.41 21.97 -46.13
CA SER B 1003 -1.15 21.19 -47.12
C SER B 1003 -2.64 21.16 -46.79
N ALA B 1004 -2.97 20.96 -45.51
CA ALA B 1004 -4.37 20.91 -45.11
C ALA B 1004 -5.08 22.18 -45.51
N THR B 1005 -4.55 23.34 -45.13
CA THR B 1005 -5.21 24.60 -45.47
C THR B 1005 -5.34 24.74 -46.99
N ILE B 1006 -4.22 24.62 -47.70
CA ILE B 1006 -4.22 24.96 -49.12
C ILE B 1006 -5.16 24.03 -49.90
N LEU B 1007 -5.07 22.72 -49.64
CA LEU B 1007 -5.88 21.78 -50.39
C LEU B 1007 -7.33 21.78 -49.91
N ALA B 1008 -7.56 21.99 -48.61
CA ALA B 1008 -8.92 21.93 -48.09
C ALA B 1008 -9.75 23.10 -48.60
N ILE B 1009 -9.17 24.30 -48.65
CA ILE B 1009 -9.94 25.48 -49.03
C ILE B 1009 -10.60 25.26 -50.39
N PHE B 1010 -10.04 24.34 -51.20
CA PHE B 1010 -10.58 24.04 -52.51
C PHE B 1010 -11.27 22.69 -52.61
N PHE B 1011 -10.95 21.75 -51.73
CA PHE B 1011 -11.55 20.42 -51.79
C PHE B 1011 -12.79 20.27 -50.91
N VAL B 1012 -12.83 20.89 -49.73
CA VAL B 1012 -13.97 20.72 -48.84
C VAL B 1012 -15.26 21.14 -49.52
N PRO B 1013 -15.31 22.21 -50.33
CA PRO B 1013 -16.55 22.46 -51.08
C PRO B 1013 -16.86 21.35 -52.06
N VAL B 1014 -15.85 20.80 -52.71
CA VAL B 1014 -16.05 19.68 -53.63
C VAL B 1014 -16.54 18.45 -52.87
N PHE B 1015 -15.92 18.16 -51.72
CA PHE B 1015 -16.38 17.04 -50.92
C PHE B 1015 -17.82 17.22 -50.49
N PHE B 1016 -18.18 18.44 -50.06
CA PHE B 1016 -19.55 18.70 -49.63
C PHE B 1016 -20.53 18.49 -50.78
N ILE B 1017 -20.27 19.14 -51.92
CA ILE B 1017 -21.19 19.02 -53.06
C ILE B 1017 -21.34 17.56 -53.45
N PHE B 1018 -20.22 16.85 -53.62
CA PHE B 1018 -20.30 15.46 -54.09
C PHE B 1018 -21.03 14.58 -53.09
N ILE B 1019 -20.66 14.66 -51.81
CA ILE B 1019 -21.24 13.77 -50.81
C ILE B 1019 -22.72 14.05 -50.63
N LEU B 1020 -23.09 15.33 -50.50
CA LEU B 1020 -24.50 15.66 -50.31
C LEU B 1020 -25.34 15.28 -51.52
N GLY B 1021 -24.83 15.54 -52.72
CA GLY B 1021 -25.56 15.15 -53.92
C GLY B 1021 -25.73 13.65 -54.02
N ALA B 1022 -24.67 12.88 -53.71
CA ALA B 1022 -24.78 11.43 -53.74
C ALA B 1022 -25.77 10.92 -52.71
N VAL B 1023 -25.77 11.51 -51.51
CA VAL B 1023 -26.70 11.08 -50.48
C VAL B 1023 -28.13 11.38 -50.90
N GLU B 1024 -28.38 12.58 -51.43
CA GLU B 1024 -29.72 12.93 -51.87
C GLU B 1024 -30.18 12.02 -53.00
N LYS B 1025 -29.29 11.75 -53.97
CA LYS B 1025 -29.66 10.89 -55.10
C LYS B 1025 -29.96 9.47 -54.64
N LEU B 1026 -29.15 8.94 -53.71
CA LEU B 1026 -29.33 7.57 -53.26
C LEU B 1026 -30.69 7.40 -52.57
N PHE B 1027 -31.07 8.36 -51.73
CA PHE B 1027 -32.33 8.28 -51.01
C PHE B 1027 -33.26 9.43 -51.40
N MET C 1 -36.29 17.52 -21.03
CA MET C 1 -37.26 16.46 -21.42
C MET C 1 -36.59 15.43 -22.33
N SER C 2 -37.18 14.23 -22.40
CA SER C 2 -36.74 13.21 -23.33
C SER C 2 -37.03 13.59 -24.78
N GLN C 3 -37.92 14.56 -25.01
CA GLN C 3 -38.23 15.03 -26.35
C GLN C 3 -37.01 15.62 -27.05
N PHE C 4 -35.97 15.97 -26.31
CA PHE C 4 -34.72 16.39 -26.93
C PHE C 4 -34.16 15.28 -27.82
N PHE C 5 -34.29 14.04 -27.39
CA PHE C 5 -33.80 12.91 -28.17
C PHE C 5 -34.77 12.45 -29.24
N ILE C 6 -36.06 12.78 -29.11
CA ILE C 6 -37.02 12.51 -30.17
C ILE C 6 -36.70 13.39 -31.38
N ARG C 7 -36.29 14.63 -31.13
CA ARG C 7 -35.96 15.55 -32.22
C ARG C 7 -34.63 15.20 -32.87
N ARG C 8 -33.72 14.57 -32.12
CA ARG C 8 -32.36 14.33 -32.58
C ARG C 8 -32.00 12.85 -32.46
N PRO C 9 -32.48 12.01 -33.38
CA PRO C 9 -32.14 10.58 -33.28
C PRO C 9 -30.64 10.29 -33.37
N VAL C 10 -29.89 11.07 -34.14
CA VAL C 10 -28.48 10.75 -34.38
C VAL C 10 -27.68 10.84 -33.09
N PHE C 11 -28.03 11.78 -32.23
CA PHE C 11 -27.22 11.97 -31.01
C PHE C 11 -27.47 10.80 -30.08
N ALA C 12 -28.62 10.14 -29.99
CA ALA C 12 -28.82 8.91 -29.23
C ALA C 12 -28.04 7.76 -29.85
N TRP C 13 -28.01 7.70 -31.19
CA TRP C 13 -27.27 6.65 -31.86
C TRP C 13 -25.77 6.76 -31.57
N VAL C 14 -25.24 7.99 -31.55
CA VAL C 14 -23.83 8.17 -31.20
C VAL C 14 -23.57 7.74 -29.77
N ILE C 15 -24.47 8.10 -28.85
CA ILE C 15 -24.32 7.66 -27.46
C ILE C 15 -24.28 6.15 -27.39
N ALA C 16 -25.19 5.48 -28.09
CA ALA C 16 -25.22 4.02 -28.09
C ALA C 16 -23.95 3.43 -28.68
N ILE C 17 -23.46 4.03 -29.77
CA ILE C 17 -22.26 3.50 -30.43
C ILE C 17 -21.05 3.62 -29.50
N PHE C 18 -20.98 4.72 -28.75
CA PHE C 18 -19.87 4.87 -27.80
C PHE C 18 -19.90 3.76 -26.75
N ILE C 19 -21.09 3.46 -26.22
CA ILE C 19 -21.21 2.39 -25.23
C ILE C 19 -20.82 1.06 -25.85
N ILE C 20 -21.27 0.80 -27.08
CA ILE C 20 -20.92 -0.46 -27.74
C ILE C 20 -19.42 -0.58 -27.90
N ILE C 21 -18.77 0.49 -28.37
CA ILE C 21 -17.32 0.44 -28.60
C ILE C 21 -16.60 0.19 -27.28
N PHE C 22 -16.98 0.93 -26.23
CA PHE C 22 -16.29 0.77 -24.95
C PHE C 22 -16.51 -0.62 -24.38
N GLY C 23 -17.73 -1.17 -24.51
CA GLY C 23 -17.96 -2.52 -24.03
C GLY C 23 -17.16 -3.57 -24.78
N LEU C 24 -17.10 -3.44 -26.10
CA LEU C 24 -16.34 -4.39 -26.91
C LEU C 24 -14.85 -4.27 -26.61
N LEU C 25 -14.38 -3.07 -26.26
CA LEU C 25 -12.98 -2.92 -25.87
C LEU C 25 -12.72 -3.46 -24.47
N SER C 26 -13.74 -3.42 -23.61
CA SER C 26 -13.56 -3.88 -22.23
C SER C 26 -13.60 -5.39 -22.12
N ILE C 27 -14.49 -6.04 -22.89
CA ILE C 27 -14.70 -7.48 -22.71
C ILE C 27 -13.40 -8.29 -22.80
N PRO C 28 -12.54 -8.10 -23.80
CA PRO C 28 -11.35 -8.97 -23.90
C PRO C 28 -10.36 -8.78 -22.76
N LYS C 29 -10.45 -7.69 -22.00
CA LYS C 29 -9.54 -7.43 -20.88
C LYS C 29 -10.22 -7.64 -19.53
N LEU C 30 -11.25 -8.50 -19.48
CA LEU C 30 -11.93 -8.82 -18.25
C LEU C 30 -11.44 -10.15 -17.68
N PRO C 31 -10.97 -10.19 -16.44
CA PRO C 31 -10.57 -11.48 -15.84
C PRO C 31 -11.75 -12.44 -15.81
N ILE C 32 -11.51 -13.67 -16.27
CA ILE C 32 -12.52 -14.72 -16.29
C ILE C 32 -12.10 -15.80 -15.31
N ALA C 33 -12.86 -15.95 -14.23
CA ALA C 33 -12.60 -16.97 -13.22
C ALA C 33 -13.92 -17.56 -12.77
N ARG C 34 -13.87 -18.80 -12.29
CA ARG C 34 -15.10 -19.50 -11.93
C ARG C 34 -15.80 -18.83 -10.76
N PHE C 35 -15.06 -18.54 -9.69
CA PHE C 35 -15.63 -18.00 -8.47
C PHE C 35 -14.80 -16.81 -8.01
N PRO C 36 -15.39 -15.86 -7.31
CA PRO C 36 -14.64 -14.74 -6.75
C PRO C 36 -13.97 -15.15 -5.44
N SER C 37 -13.33 -14.18 -4.80
CA SER C 37 -12.69 -14.39 -3.50
C SER C 37 -13.72 -14.14 -2.41
N VAL C 38 -14.22 -15.22 -1.82
CA VAL C 38 -15.26 -15.12 -0.79
C VAL C 38 -14.72 -15.67 0.52
N ALA C 39 -13.41 -15.57 0.73
CA ALA C 39 -12.76 -16.02 1.94
C ALA C 39 -11.83 -14.94 2.47
N PRO C 40 -11.66 -14.85 3.78
CA PRO C 40 -10.73 -13.85 4.33
C PRO C 40 -9.30 -14.18 3.96
N PRO C 41 -8.42 -13.18 3.90
CA PRO C 41 -7.00 -13.48 3.67
C PRO C 41 -6.44 -14.39 4.75
N GLN C 42 -5.57 -15.31 4.34
CA GLN C 42 -5.03 -16.31 5.25
C GLN C 42 -3.57 -16.57 4.92
N VAL C 43 -2.76 -16.77 5.97
CA VAL C 43 -1.33 -17.01 5.83
C VAL C 43 -0.97 -18.26 6.61
N ASN C 44 -0.16 -19.14 6.03
CA ASN C 44 0.23 -20.41 6.62
C ASN C 44 1.73 -20.43 6.87
N ILE C 45 2.11 -20.93 8.04
CA ILE C 45 3.51 -21.11 8.43
C ILE C 45 3.70 -22.57 8.76
N SER C 46 4.72 -23.19 8.16
CA SER C 46 5.01 -24.60 8.31
C SER C 46 6.41 -24.78 8.88
N ALA C 47 6.52 -25.65 9.88
CA ALA C 47 7.79 -25.99 10.52
C ALA C 47 7.93 -27.51 10.55
N THR C 48 9.16 -27.99 10.33
CA THR C 48 9.45 -29.41 10.31
C THR C 48 10.56 -29.71 11.32
N TYR C 49 10.35 -30.74 12.13
CA TYR C 49 11.33 -31.16 13.12
C TYR C 49 11.21 -32.67 13.29
N PRO C 50 11.89 -33.44 12.43
CA PRO C 50 11.70 -34.89 12.45
C PRO C 50 12.03 -35.50 13.80
N GLY C 51 11.23 -36.49 14.20
CA GLY C 51 11.48 -37.27 15.39
C GLY C 51 11.04 -36.63 16.68
N ALA C 52 10.51 -35.41 16.65
CA ALA C 52 10.13 -34.73 17.88
C ALA C 52 8.70 -35.07 18.26
N THR C 53 8.43 -35.08 19.57
CA THR C 53 7.10 -35.33 20.08
C THR C 53 6.22 -34.11 19.86
N ALA C 54 4.91 -34.33 19.86
CA ALA C 54 3.98 -33.23 19.61
C ALA C 54 4.12 -32.14 20.67
N LYS C 55 4.24 -32.53 21.94
CA LYS C 55 4.43 -31.54 23.00
C LYS C 55 5.73 -30.79 22.83
N THR C 56 6.80 -31.50 22.43
CA THR C 56 8.10 -30.86 22.25
C THR C 56 8.04 -29.77 21.19
N ILE C 57 7.42 -30.08 20.04
CA ILE C 57 7.29 -29.08 18.99
C ILE C 57 6.35 -27.96 19.41
N ASN C 58 5.28 -28.30 20.13
CA ASN C 58 4.35 -27.27 20.59
C ASN C 58 5.06 -26.25 21.47
N ASP C 59 5.80 -26.72 22.48
CA ASP C 59 6.44 -25.82 23.42
C ASP C 59 7.65 -25.12 22.82
N SER C 60 8.48 -25.85 22.07
CA SER C 60 9.73 -25.27 21.58
C SER C 60 9.51 -24.35 20.39
N VAL C 61 8.52 -24.67 19.54
CA VAL C 61 8.38 -23.98 18.27
C VAL C 61 7.09 -23.16 18.22
N VAL C 62 5.95 -23.84 18.41
CA VAL C 62 4.66 -23.20 18.15
C VAL C 62 4.46 -21.99 19.04
N THR C 63 4.74 -22.15 20.34
CA THR C 63 4.45 -21.08 21.29
C THR C 63 5.27 -19.82 20.99
N LEU C 64 6.56 -19.99 20.70
CA LEU C 64 7.41 -18.83 20.50
C LEU C 64 7.04 -18.06 19.25
N ILE C 65 6.73 -18.76 18.15
CA ILE C 65 6.27 -18.08 16.95
C ILE C 65 4.92 -17.44 17.19
N GLU C 66 4.02 -18.13 17.90
CA GLU C 66 2.70 -17.60 18.17
C GLU C 66 2.76 -16.33 19.00
N ARG C 67 3.77 -16.21 19.87
CA ARG C 67 3.97 -14.96 20.58
C ARG C 67 4.21 -13.80 19.62
N GLU C 68 4.90 -14.00 18.51
CA GLU C 68 5.15 -12.84 17.62
C GLU C 68 3.91 -12.55 16.76
N LEU C 69 3.04 -13.53 16.53
CA LEU C 69 1.85 -13.34 15.65
C LEU C 69 0.85 -12.35 16.26
N SER C 70 0.80 -12.23 17.57
CA SER C 70 -0.20 -11.35 18.23
C SER C 70 0.01 -9.90 17.76
N GLY C 71 1.25 -9.48 17.56
CA GLY C 71 1.56 -8.10 17.12
C GLY C 71 0.96 -7.76 15.76
N VAL C 72 0.95 -8.67 14.80
CA VAL C 72 0.47 -8.35 13.42
C VAL C 72 -0.88 -7.62 13.43
N LYS C 73 -1.05 -6.60 12.59
CA LYS C 73 -2.27 -5.81 12.51
C LYS C 73 -3.30 -6.49 11.62
N ASN C 74 -4.57 -6.14 11.85
CA ASN C 74 -5.69 -6.66 11.07
C ASN C 74 -5.73 -8.19 11.13
N LEU C 75 -5.51 -8.74 12.32
CA LEU C 75 -5.56 -10.17 12.54
C LEU C 75 -6.90 -10.54 13.17
N LEU C 76 -7.75 -11.22 12.41
CA LEU C 76 -9.02 -11.67 12.95
C LEU C 76 -8.83 -12.79 13.97
N TYR C 77 -8.02 -13.78 13.64
CA TYR C 77 -7.71 -14.85 14.58
C TYR C 77 -6.59 -15.71 14.00
N TYR C 78 -6.20 -16.71 14.79
CA TYR C 78 -5.10 -17.60 14.36
C TYR C 78 -5.21 -18.96 15.07
N SER C 79 -4.75 -20.03 14.45
CA SER C 79 -4.77 -21.38 15.01
C SER C 79 -3.43 -22.04 14.75
N ALA C 80 -3.17 -23.11 15.49
CA ALA C 80 -1.94 -23.88 15.36
C ALA C 80 -2.23 -25.35 15.62
N THR C 81 -1.56 -26.22 14.86
CA THR C 81 -1.77 -27.65 14.96
C THR C 81 -0.43 -28.37 14.89
N THR C 82 -0.23 -29.32 15.79
CA THR C 82 0.95 -30.18 15.81
C THR C 82 0.51 -31.63 15.99
N ASP C 83 1.13 -32.52 15.24
CA ASP C 83 0.73 -33.95 15.24
C ASP C 83 1.97 -34.82 15.43
N THR C 84 1.85 -36.14 15.37
CA THR C 84 2.95 -37.09 15.47
C THR C 84 3.79 -37.18 14.20
N SER C 85 3.28 -36.69 13.07
CA SER C 85 4.02 -36.78 11.82
C SER C 85 5.30 -35.95 11.88
N GLY C 86 5.36 -34.98 12.80
CA GLY C 86 6.54 -34.16 12.97
C GLY C 86 6.48 -32.79 12.33
N THR C 87 5.31 -32.33 11.91
CA THR C 87 5.16 -31.03 11.27
C THR C 87 4.18 -30.17 12.07
N ALA C 88 4.50 -28.89 12.20
CA ALA C 88 3.66 -27.92 12.89
C ALA C 88 3.17 -26.89 11.89
N GLU C 89 1.86 -26.63 11.90
CA GLU C 89 1.23 -25.71 10.97
C GLU C 89 0.47 -24.64 11.73
N ILE C 90 0.79 -23.38 11.46
CA ILE C 90 0.13 -22.23 12.10
C ILE C 90 -0.55 -21.42 11.02
N THR C 91 -1.86 -21.22 11.18
CA THR C 91 -2.65 -20.46 10.23
C THR C 91 -3.09 -19.15 10.88
N ALA C 92 -3.08 -18.08 10.10
CA ALA C 92 -3.48 -16.75 10.55
C ALA C 92 -4.52 -16.21 9.58
N THR C 93 -5.73 -15.95 10.08
CA THR C 93 -6.82 -15.41 9.30
C THR C 93 -6.98 -13.93 9.65
N PHE C 94 -6.93 -13.07 8.65
CA PHE C 94 -6.92 -11.63 8.85
C PHE C 94 -8.29 -11.04 8.59
N LYS C 95 -8.47 -9.80 9.03
CA LYS C 95 -9.76 -9.13 8.88
C LYS C 95 -10.06 -8.91 7.38
N PRO C 96 -11.33 -8.85 7.01
CA PRO C 96 -11.67 -8.67 5.60
C PRO C 96 -11.23 -7.30 5.09
N GLY C 97 -10.88 -7.26 3.81
CA GLY C 97 -10.38 -6.05 3.20
C GLY C 97 -8.88 -5.85 3.33
N THR C 98 -8.20 -6.70 4.10
CA THR C 98 -6.76 -6.59 4.25
C THR C 98 -6.07 -7.08 2.97
N ASP C 99 -4.92 -6.47 2.69
CA ASP C 99 -4.10 -6.84 1.54
C ASP C 99 -3.27 -8.07 1.93
N VAL C 100 -3.42 -9.15 1.17
CA VAL C 100 -2.75 -10.39 1.52
C VAL C 100 -1.24 -10.20 1.50
N GLU C 101 -0.73 -9.42 0.54
CA GLU C 101 0.72 -9.20 0.47
C GLU C 101 1.24 -8.54 1.75
N MET C 102 0.55 -7.49 2.20
CA MET C 102 1.00 -6.78 3.39
C MET C 102 0.83 -7.61 4.65
N ALA C 103 -0.25 -8.38 4.75
CA ALA C 103 -0.40 -9.29 5.88
C ALA C 103 0.74 -10.30 5.92
N GLN C 104 1.07 -10.89 4.77
CA GLN C 104 2.19 -11.84 4.72
C GLN C 104 3.49 -11.16 5.12
N VAL C 105 3.73 -9.94 4.61
CA VAL C 105 4.96 -9.24 4.93
C VAL C 105 5.06 -8.95 6.43
N ASP C 106 3.93 -8.54 7.03
CA ASP C 106 3.92 -8.30 8.47
C ASP C 106 4.21 -9.59 9.24
N VAL C 107 3.64 -10.71 8.79
CA VAL C 107 3.93 -11.99 9.44
C VAL C 107 5.42 -12.29 9.37
N GLN C 108 6.01 -12.17 8.17
CA GLN C 108 7.44 -12.37 8.02
C GLN C 108 8.22 -11.49 8.98
N ASN C 109 7.90 -10.20 9.02
CA ASN C 109 8.67 -9.26 9.83
C ASN C 109 8.58 -9.61 11.31
N LYS C 110 7.39 -10.02 11.78
CA LYS C 110 7.23 -10.29 13.20
C LYS C 110 7.89 -11.61 13.59
N ILE C 111 7.81 -12.63 12.74
CA ILE C 111 8.42 -13.92 13.08
C ILE C 111 9.94 -13.87 13.05
N LYS C 112 10.52 -12.84 12.42
CA LYS C 112 11.97 -12.76 12.34
C LYS C 112 12.60 -12.56 13.71
N ALA C 113 11.86 -11.98 14.66
CA ALA C 113 12.45 -11.66 15.96
C ALA C 113 12.87 -12.91 16.71
N VAL C 114 12.05 -13.96 16.67
CA VAL C 114 12.29 -15.16 17.47
C VAL C 114 12.86 -16.30 16.64
N GLU C 115 13.37 -16.02 15.44
CA GLU C 115 13.93 -17.08 14.61
C GLU C 115 15.16 -17.70 15.28
N ALA C 116 16.01 -16.88 15.88
CA ALA C 116 17.26 -17.37 16.45
C ALA C 116 17.05 -18.27 17.66
N ARG C 117 15.91 -18.19 18.33
CA ARG C 117 15.65 -19.00 19.51
C ARG C 117 15.00 -20.34 19.18
N LEU C 118 14.70 -20.60 17.91
CA LEU C 118 14.08 -21.86 17.54
C LEU C 118 15.10 -23.00 17.57
N PRO C 119 14.64 -24.25 17.60
CA PRO C 119 15.57 -25.37 17.57
C PRO C 119 16.43 -25.33 16.32
N GLN C 120 17.67 -25.81 16.46
CA GLN C 120 18.62 -25.74 15.35
C GLN C 120 18.13 -26.53 14.15
N VAL C 121 17.49 -27.68 14.38
CA VAL C 121 16.97 -28.48 13.27
C VAL C 121 15.88 -27.71 12.53
N VAL C 122 15.00 -27.05 13.27
CA VAL C 122 13.93 -26.28 12.64
C VAL C 122 14.50 -25.17 11.76
N ARG C 123 15.50 -24.46 12.28
CA ARG C 123 16.15 -23.43 11.47
C ARG C 123 16.83 -24.04 10.25
N GLN C 124 17.46 -25.19 10.41
CA GLN C 124 18.12 -25.84 9.28
C GLN C 124 17.13 -26.15 8.17
N GLN C 125 15.98 -26.75 8.53
CA GLN C 125 14.98 -27.06 7.51
C GLN C 125 14.23 -25.81 7.07
N GLY C 126 14.17 -24.80 7.93
CA GLY C 126 13.59 -23.53 7.57
C GLY C 126 12.11 -23.46 7.87
N LEU C 127 11.61 -22.23 7.98
CA LEU C 127 10.19 -21.97 8.24
C LEU C 127 9.54 -21.51 6.94
N GLN C 128 8.52 -22.24 6.49
CA GLN C 128 7.87 -21.95 5.22
C GLN C 128 6.66 -21.05 5.46
N VAL C 129 6.73 -19.82 4.96
CA VAL C 129 5.66 -18.84 5.09
C VAL C 129 5.04 -18.63 3.71
N GLU C 130 3.72 -18.78 3.61
CA GLU C 130 3.07 -18.59 2.32
C GLU C 130 1.61 -18.20 2.54
N ALA C 131 1.14 -17.28 1.71
CA ALA C 131 -0.26 -16.87 1.76
C ALA C 131 -1.14 -17.97 1.17
N SER C 132 -2.44 -17.87 1.44
CA SER C 132 -3.38 -18.84 0.90
C SER C 132 -3.34 -18.82 -0.63
N SER C 133 -3.78 -19.93 -1.22
CA SER C 133 -3.72 -20.05 -2.67
C SER C 133 -4.45 -18.91 -3.36
N SER C 134 -5.75 -18.77 -3.10
CA SER C 134 -6.59 -17.72 -3.69
C SER C 134 -6.72 -18.00 -5.18
N GLY C 135 -6.16 -19.08 -5.71
CA GLY C 135 -6.26 -19.38 -7.13
C GLY C 135 -6.05 -20.86 -7.38
N PHE C 136 -6.92 -21.47 -8.19
CA PHE C 136 -6.87 -22.89 -8.46
C PHE C 136 -7.51 -23.15 -9.83
N LEU C 137 -6.69 -23.42 -10.83
CA LEU C 137 -7.18 -23.74 -12.16
C LEU C 137 -7.38 -25.23 -12.36
N MET C 138 -6.34 -26.04 -12.17
CA MET C 138 -6.47 -27.47 -12.43
C MET C 138 -5.43 -28.26 -11.65
N LEU C 139 -5.50 -29.57 -11.79
CA LEU C 139 -4.52 -30.50 -11.26
C LEU C 139 -4.02 -31.38 -12.40
N VAL C 140 -2.70 -31.49 -12.52
CA VAL C 140 -2.07 -32.32 -13.55
C VAL C 140 -1.27 -33.40 -12.83
N GLY C 141 -1.55 -34.66 -13.17
CA GLY C 141 -0.94 -35.78 -12.50
C GLY C 141 -0.25 -36.72 -13.45
N ILE C 142 0.80 -37.35 -12.95
CA ILE C 142 1.55 -38.38 -13.68
C ILE C 142 1.50 -39.66 -12.88
N ASN C 143 1.11 -40.76 -13.54
CA ASN C 143 0.98 -42.06 -12.90
C ASN C 143 1.76 -43.09 -13.71
N SER C 144 2.13 -44.19 -13.05
CA SER C 144 2.85 -45.27 -13.70
C SER C 144 1.99 -46.53 -13.70
N PRO C 145 1.13 -46.72 -14.70
CA PRO C 145 0.28 -47.93 -14.70
C PRO C 145 1.07 -49.22 -14.68
N ASN C 146 2.22 -49.27 -15.35
CA ASN C 146 3.04 -50.47 -15.37
C ASN C 146 3.68 -50.75 -14.02
N ASN C 147 3.74 -49.75 -13.14
CA ASN C 147 4.43 -49.81 -11.85
C ASN C 147 5.94 -49.79 -12.05
N GLN C 148 6.42 -49.42 -13.24
CA GLN C 148 7.85 -49.40 -13.49
C GLN C 148 8.55 -48.35 -12.62
N TYR C 149 7.93 -47.19 -12.44
CA TYR C 149 8.53 -46.08 -11.72
C TYR C 149 7.82 -45.88 -10.39
N SER C 150 8.54 -45.28 -9.45
CA SER C 150 8.01 -44.97 -8.13
C SER C 150 7.54 -43.52 -8.07
N GLU C 151 6.99 -43.16 -6.91
CA GLU C 151 6.50 -41.79 -6.73
C GLU C 151 7.63 -40.78 -6.84
N VAL C 152 8.80 -41.10 -6.28
CA VAL C 152 9.91 -40.16 -6.31
C VAL C 152 10.35 -39.90 -7.74
N ASP C 153 10.44 -40.95 -8.56
CA ASP C 153 10.84 -40.76 -9.95
C ASP C 153 9.84 -39.90 -10.71
N LEU C 154 8.55 -40.13 -10.47
CA LEU C 154 7.53 -39.32 -11.13
C LEU C 154 7.63 -37.86 -10.71
N SER C 155 7.81 -37.60 -9.42
CA SER C 155 7.95 -36.23 -8.95
C SER C 155 9.19 -35.56 -9.53
N ASP C 156 10.30 -36.29 -9.58
CA ASP C 156 11.53 -35.73 -10.15
C ASP C 156 11.35 -35.40 -11.62
N TYR C 157 10.66 -36.26 -12.36
CA TYR C 157 10.47 -36.05 -13.81
C TYR C 157 9.47 -34.93 -14.02
N LEU C 158 8.51 -34.72 -13.14
CA LEU C 158 7.61 -33.57 -13.23
C LEU C 158 8.36 -32.27 -12.95
N VAL C 159 9.18 -32.26 -11.90
CA VAL C 159 9.89 -31.03 -11.54
C VAL C 159 10.90 -30.65 -12.62
N ARG C 160 11.67 -31.62 -13.09
CA ARG C 160 12.79 -31.30 -13.97
C ARG C 160 12.34 -31.00 -15.39
N ASN C 161 11.30 -31.69 -15.89
CA ASN C 161 10.98 -31.68 -17.30
C ASN C 161 9.59 -31.15 -17.64
N VAL C 162 8.71 -30.95 -16.67
CA VAL C 162 7.33 -30.61 -16.95
C VAL C 162 6.95 -29.27 -16.33
N VAL C 163 7.32 -29.07 -15.06
CA VAL C 163 6.84 -27.90 -14.33
C VAL C 163 7.30 -26.61 -15.00
N GLU C 164 8.57 -26.56 -15.43
CA GLU C 164 9.07 -25.33 -16.03
C GLU C 164 8.32 -24.97 -17.30
N GLU C 165 8.05 -25.96 -18.16
CA GLU C 165 7.38 -25.68 -19.42
C GLU C 165 5.92 -25.25 -19.20
N LEU C 166 5.25 -25.84 -18.20
CA LEU C 166 3.84 -25.54 -17.99
C LEU C 166 3.62 -24.09 -17.57
N LYS C 167 4.63 -23.43 -17.02
CA LYS C 167 4.52 -22.02 -16.67
C LYS C 167 4.75 -21.09 -17.86
N ARG C 168 5.19 -21.62 -19.01
CA ARG C 168 5.35 -20.81 -20.21
C ARG C 168 4.03 -20.54 -20.91
N VAL C 169 2.95 -21.24 -20.53
CA VAL C 169 1.63 -20.93 -21.06
C VAL C 169 1.15 -19.61 -20.49
N GLU C 170 0.37 -18.88 -21.29
CA GLU C 170 -0.14 -17.58 -20.88
C GLU C 170 -1.18 -17.75 -19.78
N GLY C 171 -1.04 -16.98 -18.72
CA GLY C 171 -1.99 -17.02 -17.61
C GLY C 171 -1.73 -18.08 -16.57
N VAL C 172 -0.62 -18.82 -16.68
CA VAL C 172 -0.27 -19.85 -15.72
C VAL C 172 0.67 -19.26 -14.69
N GLY C 173 0.38 -19.49 -13.41
CA GLY C 173 1.22 -18.98 -12.35
C GLY C 173 1.24 -19.87 -11.12
N LYS C 174 2.41 -20.00 -10.49
CA LYS C 174 2.55 -20.75 -9.25
C LYS C 174 2.09 -22.19 -9.43
N VAL C 175 2.80 -22.97 -10.23
CA VAL C 175 2.59 -24.41 -10.35
C VAL C 175 3.28 -25.06 -9.16
N GLN C 176 2.50 -25.77 -8.34
CA GLN C 176 3.02 -26.30 -7.07
C GLN C 176 2.88 -27.81 -7.07
N SER C 177 3.98 -28.50 -6.78
CA SER C 177 4.02 -29.96 -6.76
C SER C 177 3.58 -30.49 -5.40
N PHE C 178 3.07 -31.72 -5.40
CA PHE C 178 2.62 -32.41 -4.18
C PHE C 178 3.31 -33.77 -4.12
N GLY C 179 4.61 -33.79 -4.37
CA GLY C 179 5.37 -35.03 -4.39
C GLY C 179 6.61 -34.93 -3.54
N ALA C 180 7.19 -36.09 -3.27
CA ALA C 180 8.40 -36.16 -2.46
C ALA C 180 9.60 -35.65 -3.26
N GLU C 181 10.59 -35.15 -2.55
CA GLU C 181 11.83 -34.65 -3.13
C GLU C 181 12.95 -35.65 -2.89
N LYS C 182 13.67 -36.00 -3.95
CA LYS C 182 14.72 -36.99 -3.83
C LYS C 182 15.85 -36.50 -2.93
N ALA C 183 16.48 -37.45 -2.25
CA ALA C 183 17.59 -37.16 -1.36
C ALA C 183 18.42 -38.41 -1.21
N MET C 184 19.61 -38.27 -0.63
CA MET C 184 20.49 -39.39 -0.37
C MET C 184 20.23 -39.86 1.07
N ARG C 185 20.08 -41.17 1.25
CA ARG C 185 19.74 -41.76 2.53
C ARG C 185 20.75 -42.86 2.87
N ILE C 186 21.19 -42.83 4.12
CA ILE C 186 22.18 -43.82 4.63
C ILE C 186 21.47 -44.60 5.74
N TRP C 187 21.19 -45.87 5.53
CA TRP C 187 20.58 -46.74 6.55
C TRP C 187 21.69 -47.56 7.19
N VAL C 188 21.98 -47.26 8.46
CA VAL C 188 23.09 -47.87 9.17
C VAL C 188 22.57 -49.10 9.92
N ASP C 189 23.47 -50.06 10.12
CA ASP C 189 23.15 -51.28 10.85
C ASP C 189 23.82 -51.23 12.22
N PRO C 190 23.07 -51.10 13.32
CA PRO C 190 23.73 -51.04 14.64
C PRO C 190 24.59 -52.26 14.93
N ASN C 191 24.17 -53.45 14.49
CA ASN C 191 24.98 -54.64 14.72
C ASN C 191 26.32 -54.54 14.02
N LYS C 192 26.32 -54.09 12.75
CA LYS C 192 27.58 -53.90 12.05
C LYS C 192 28.36 -52.71 12.62
N LEU C 193 27.65 -51.69 13.11
CA LEU C 193 28.34 -50.55 13.71
C LEU C 193 29.12 -50.97 14.94
N VAL C 194 28.51 -51.80 15.79
CA VAL C 194 29.21 -52.29 16.98
C VAL C 194 30.16 -53.45 16.68
N SER C 195 30.01 -54.09 15.51
CA SER C 195 30.99 -55.10 15.12
C SER C 195 32.38 -54.51 15.00
N TYR C 196 32.49 -53.32 14.39
CA TYR C 196 33.74 -52.60 14.29
C TYR C 196 33.96 -51.62 15.43
N GLY C 197 33.03 -51.54 16.38
CA GLY C 197 33.17 -50.63 17.50
C GLY C 197 32.87 -49.18 17.18
N LEU C 198 32.14 -48.91 16.11
CA LEU C 198 31.82 -47.54 15.72
C LEU C 198 30.46 -47.12 16.28
N SER C 199 30.13 -45.85 16.05
CA SER C 199 28.86 -45.28 16.47
C SER C 199 28.29 -44.46 15.32
N ILE C 200 26.97 -44.23 15.37
CA ILE C 200 26.32 -43.44 14.33
C ILE C 200 26.91 -42.04 14.26
N SER C 201 27.37 -41.50 15.39
CA SER C 201 28.02 -40.19 15.38
C SER C 201 29.28 -40.22 14.51
N ASP C 202 30.00 -41.34 14.52
CA ASP C 202 31.16 -41.46 13.65
C ASP C 202 30.77 -41.40 12.18
N VAL C 203 29.68 -42.05 11.81
CA VAL C 203 29.20 -41.99 10.43
C VAL C 203 28.83 -40.56 10.08
N ASN C 204 28.10 -39.88 10.96
CA ASN C 204 27.73 -38.50 10.70
C ASN C 204 28.96 -37.62 10.51
N ASN C 205 29.95 -37.77 11.39
CA ASN C 205 31.17 -36.96 11.28
C ASN C 205 31.91 -37.26 9.99
N ALA C 206 32.01 -38.53 9.62
CA ALA C 206 32.72 -38.89 8.39
C ALA C 206 32.05 -38.28 7.17
N ILE C 207 30.72 -38.38 7.08
CA ILE C 207 30.02 -37.84 5.92
C ILE C 207 30.10 -36.32 5.92
N ARG C 208 30.03 -35.69 7.10
CA ARG C 208 30.13 -34.24 7.20
C ARG C 208 31.52 -33.73 6.84
N GLU C 209 32.57 -34.51 7.10
CA GLU C 209 33.94 -34.10 6.82
C GLU C 209 34.34 -34.36 5.38
N ASN C 210 34.10 -35.57 4.87
CA ASN C 210 34.54 -35.90 3.52
C ASN C 210 33.72 -35.14 2.47
N ASN C 211 32.43 -34.97 2.70
CA ASN C 211 31.57 -34.23 1.79
C ASN C 211 31.55 -32.77 2.23
N VAL C 212 32.20 -31.91 1.45
CA VAL C 212 32.34 -30.49 1.79
C VAL C 212 32.45 -29.69 0.51
N GLU C 213 32.27 -28.38 0.63
CA GLU C 213 32.40 -27.44 -0.48
C GLU C 213 33.71 -26.68 -0.33
N ILE C 214 34.53 -26.70 -1.37
CA ILE C 214 35.82 -26.01 -1.38
C ILE C 214 35.63 -24.65 -2.04
N ALA C 215 36.05 -23.60 -1.35
CA ALA C 215 35.80 -22.25 -1.84
C ALA C 215 36.63 -21.97 -3.09
N PRO C 216 35.99 -21.60 -4.21
CA PRO C 216 36.76 -21.19 -5.39
C PRO C 216 37.50 -19.90 -5.16
N GLY C 217 38.55 -19.69 -5.96
CA GLY C 217 39.36 -18.49 -5.88
C GLY C 217 39.88 -18.08 -7.24
N ARG C 218 40.73 -17.05 -7.23
CA ARG C 218 41.36 -16.53 -8.43
C ARG C 218 42.84 -16.33 -8.19
N LEU C 219 43.67 -16.98 -9.02
CA LEU C 219 45.08 -16.68 -9.02
C LEU C 219 45.32 -15.38 -9.77
N GLY C 220 46.04 -14.46 -9.13
CA GLY C 220 46.16 -13.10 -9.63
C GLY C 220 45.20 -12.12 -9.03
N ASP C 221 44.54 -12.48 -7.92
CA ASP C 221 43.57 -11.61 -7.28
C ASP C 221 44.26 -10.38 -6.69
N LEU C 222 43.47 -9.31 -6.51
CA LEU C 222 43.98 -8.06 -5.98
C LEU C 222 43.88 -8.04 -4.45
N PRO C 223 44.90 -7.55 -3.75
CA PRO C 223 46.15 -6.99 -4.28
C PRO C 223 47.09 -8.06 -4.82
N ALA C 224 47.85 -7.72 -5.86
CA ALA C 224 48.71 -8.67 -6.55
C ALA C 224 50.11 -8.11 -6.66
N GLU C 225 51.08 -9.03 -6.72
CA GLU C 225 52.47 -8.64 -6.90
C GLU C 225 52.65 -7.96 -8.25
N LYS C 226 53.41 -6.87 -8.26
CA LYS C 226 53.65 -6.14 -9.51
C LYS C 226 54.31 -7.07 -10.53
N GLY C 227 53.89 -6.93 -11.78
CA GLY C 227 54.38 -7.77 -12.85
C GLY C 227 53.46 -8.93 -13.21
N GLN C 228 52.29 -9.02 -12.59
CA GLN C 228 51.34 -10.07 -12.92
C GLN C 228 50.70 -9.78 -14.28
N LEU C 229 50.71 -10.77 -15.16
CA LEU C 229 50.18 -10.62 -16.51
C LEU C 229 48.83 -11.31 -16.70
N ILE C 230 48.60 -12.42 -16.01
CA ILE C 230 47.39 -13.22 -16.19
C ILE C 230 46.74 -13.49 -14.84
N THR C 231 45.42 -13.45 -14.81
CA THR C 231 44.62 -13.87 -13.67
C THR C 231 43.68 -14.97 -14.13
N ILE C 232 43.67 -16.09 -13.42
CA ILE C 232 42.95 -17.29 -13.84
C ILE C 232 42.10 -17.78 -12.67
N PRO C 233 40.82 -18.05 -12.87
CA PRO C 233 40.04 -18.68 -11.80
C PRO C 233 40.52 -20.10 -11.54
N LEU C 234 40.30 -20.56 -10.31
CA LEU C 234 40.67 -21.91 -9.88
C LEU C 234 39.63 -22.40 -8.89
N SER C 235 39.18 -23.65 -9.07
CA SER C 235 38.17 -24.24 -8.22
C SER C 235 38.47 -25.71 -8.01
N ALA C 236 37.92 -26.27 -6.93
CA ALA C 236 38.08 -27.67 -6.60
C ALA C 236 36.74 -28.25 -6.20
N GLN C 237 36.60 -29.56 -6.40
CA GLN C 237 35.37 -30.28 -6.09
C GLN C 237 35.60 -31.07 -4.81
N GLY C 238 34.77 -30.81 -3.80
CA GLY C 238 34.85 -31.53 -2.54
C GLY C 238 33.61 -32.37 -2.28
N GLN C 239 32.50 -32.00 -2.91
CA GLN C 239 31.25 -32.72 -2.72
C GLN C 239 31.21 -33.97 -3.60
N LEU C 240 30.30 -34.87 -3.26
CA LEU C 240 30.13 -36.14 -3.94
C LEU C 240 28.77 -36.16 -4.64
N SER C 241 28.74 -36.65 -5.88
CA SER C 241 27.55 -36.61 -6.70
C SER C 241 26.97 -37.96 -7.05
N SER C 242 27.67 -39.06 -6.77
CA SER C 242 27.23 -40.40 -7.13
C SER C 242 27.20 -41.27 -5.89
N LEU C 243 26.39 -42.34 -5.97
CA LEU C 243 26.25 -43.25 -4.83
C LEU C 243 27.58 -43.91 -4.48
N GLU C 244 28.33 -44.36 -5.49
CA GLU C 244 29.56 -45.10 -5.22
C GLU C 244 30.53 -44.28 -4.39
N GLN C 245 30.59 -42.97 -4.64
CA GLN C 245 31.49 -42.12 -3.87
C GLN C 245 31.10 -42.10 -2.40
N PHE C 246 29.79 -42.05 -2.16
CA PHE C 246 29.26 -42.03 -0.78
C PHE C 246 29.46 -43.39 -0.14
N LYS C 247 29.42 -44.49 -0.86
CA LYS C 247 29.70 -45.83 -0.34
C LYS C 247 31.18 -46.00 -0.03
N ASN C 248 32.05 -45.29 -0.71
CA ASN C 248 33.50 -45.40 -0.52
C ASN C 248 34.02 -44.48 0.58
N ILE C 249 33.15 -43.73 1.26
CA ILE C 249 33.59 -42.90 2.36
C ILE C 249 34.30 -43.77 3.39
N SER C 250 35.49 -43.33 3.80
CA SER C 250 36.38 -44.13 4.62
C SER C 250 36.09 -43.92 6.10
N LEU C 251 36.03 -45.03 6.85
CA LEU C 251 35.91 -45.02 8.29
C LEU C 251 37.00 -45.91 8.86
N LYS C 252 37.30 -45.74 10.14
CA LYS C 252 38.35 -46.50 10.81
C LYS C 252 37.75 -47.33 11.92
N SER C 253 38.03 -48.64 11.90
CA SER C 253 37.53 -49.53 12.93
C SER C 253 38.23 -49.26 14.25
N LYS C 254 37.44 -48.96 15.29
CA LYS C 254 38.02 -48.65 16.59
C LYS C 254 38.51 -49.91 17.29
N THR C 255 37.89 -51.06 17.00
CA THR C 255 38.27 -52.29 17.68
C THR C 255 39.68 -52.74 17.29
N ASN C 256 39.97 -52.75 15.99
CA ASN C 256 41.23 -53.27 15.48
C ASN C 256 42.00 -52.31 14.59
N GLY C 257 41.39 -51.22 14.14
CA GLY C 257 42.09 -50.27 13.30
C GLY C 257 42.08 -50.58 11.82
N SER C 258 41.30 -51.56 11.38
CA SER C 258 41.21 -51.86 9.96
C SER C 258 40.28 -50.89 9.27
N VAL C 259 40.74 -50.27 8.19
CA VAL C 259 39.95 -49.29 7.47
C VAL C 259 38.76 -49.98 6.81
N ILE C 260 37.58 -49.38 6.95
CA ILE C 260 36.34 -49.88 6.38
C ILE C 260 35.68 -48.74 5.60
N LYS C 261 34.53 -49.04 5.01
CA LYS C 261 33.81 -48.09 4.19
C LYS C 261 32.38 -47.97 4.69
N LEU C 262 31.75 -46.84 4.36
CA LEU C 262 30.36 -46.61 4.75
C LEU C 262 29.46 -47.72 4.21
N SER C 263 29.85 -48.33 3.09
CA SER C 263 29.10 -49.47 2.56
C SER C 263 29.12 -50.64 3.54
N ASP C 264 30.25 -50.85 4.21
CA ASP C 264 30.37 -51.98 5.12
C ASP C 264 29.37 -51.89 6.26
N VAL C 265 29.17 -50.69 6.81
CA VAL C 265 28.34 -50.50 7.98
C VAL C 265 26.98 -49.89 7.66
N ALA C 266 26.71 -49.59 6.39
CA ALA C 266 25.45 -48.95 6.03
C ALA C 266 25.13 -49.22 4.57
N ASN C 267 23.85 -49.07 4.24
CA ASN C 267 23.36 -49.14 2.87
C ASN C 267 23.03 -47.72 2.42
N VAL C 268 23.58 -47.31 1.28
CA VAL C 268 23.45 -45.95 0.78
C VAL C 268 22.61 -45.97 -0.49
N GLU C 269 21.51 -45.24 -0.50
CA GLU C 269 20.63 -45.23 -1.66
C GLU C 269 19.93 -43.87 -1.76
N ILE C 270 19.46 -43.55 -2.96
CA ILE C 270 18.70 -42.33 -3.19
C ILE C 270 17.23 -42.64 -3.02
N GLY C 271 16.60 -41.98 -2.05
CA GLY C 271 15.20 -42.17 -1.77
C GLY C 271 14.46 -40.87 -1.52
N SER C 272 13.45 -40.90 -0.66
CA SER C 272 12.60 -39.75 -0.40
C SER C 272 13.16 -38.94 0.75
N GLN C 273 13.00 -37.62 0.66
CA GLN C 273 13.35 -36.75 1.77
C GLN C 273 12.49 -37.08 2.99
N ALA C 274 11.20 -37.32 2.78
CA ALA C 274 10.29 -37.74 3.84
C ALA C 274 9.37 -38.81 3.29
N TYR C 275 8.98 -39.73 4.17
CA TYR C 275 8.11 -40.84 3.81
C TYR C 275 6.73 -40.74 4.47
N ASN C 276 6.37 -39.56 5.00
CA ASN C 276 5.13 -39.44 5.75
C ASN C 276 3.91 -39.69 4.86
N PHE C 277 3.91 -39.13 3.66
CA PHE C 277 2.75 -39.16 2.78
C PHE C 277 3.06 -39.91 1.49
N ALA C 278 2.04 -40.56 0.95
CA ALA C 278 2.14 -41.25 -0.33
C ALA C 278 0.90 -40.96 -1.16
N ILE C 279 1.06 -40.97 -2.48
CA ILE C 279 -0.04 -40.70 -3.41
C ILE C 279 -0.16 -41.89 -4.36
N LEU C 280 -1.36 -42.44 -4.47
CA LEU C 280 -1.65 -43.56 -5.34
C LEU C 280 -2.78 -43.20 -6.30
N GLU C 281 -2.61 -43.54 -7.56
CA GLU C 281 -3.67 -43.40 -8.57
C GLU C 281 -4.17 -44.78 -8.95
N ASN C 282 -5.39 -45.10 -8.53
CA ASN C 282 -6.00 -46.41 -8.79
C ASN C 282 -5.18 -47.53 -8.18
N GLY C 283 -4.46 -47.24 -7.11
CA GLY C 283 -3.67 -48.22 -6.39
C GLY C 283 -2.22 -48.32 -6.82
N LYS C 284 -1.74 -47.40 -7.65
CA LYS C 284 -0.38 -47.43 -8.16
C LYS C 284 0.29 -46.08 -7.93
N PRO C 285 1.61 -46.04 -7.89
CA PRO C 285 2.30 -44.78 -7.57
C PRO C 285 1.96 -43.68 -8.56
N ALA C 286 1.88 -42.45 -8.05
CA ALA C 286 1.53 -41.30 -8.87
C ALA C 286 1.93 -40.03 -8.12
N THR C 287 2.01 -38.94 -8.89
CA THR C 287 2.28 -37.62 -8.34
C THR C 287 1.34 -36.63 -9.00
N ALA C 288 1.11 -35.50 -8.33
CA ALA C 288 0.20 -34.49 -8.83
C ALA C 288 0.76 -33.10 -8.56
N ALA C 289 0.36 -32.14 -9.38
CA ALA C 289 0.74 -30.74 -9.22
C ALA C 289 -0.45 -29.84 -9.54
N ALA C 290 -0.65 -28.84 -8.71
CA ALA C 290 -1.75 -27.89 -8.87
C ALA C 290 -1.27 -26.71 -9.69
N ILE C 291 -2.06 -26.35 -10.70
CA ILE C 291 -1.77 -25.20 -11.57
C ILE C 291 -2.81 -24.14 -11.25
N GLN C 292 -2.33 -22.99 -10.78
CA GLN C 292 -3.20 -21.87 -10.45
C GLN C 292 -3.32 -20.91 -11.63
N LEU C 293 -4.07 -19.84 -11.42
CA LEU C 293 -4.26 -18.80 -12.41
C LEU C 293 -3.53 -17.53 -12.02
N SER C 294 -2.86 -16.92 -12.98
CA SER C 294 -2.19 -15.65 -12.76
C SER C 294 -3.23 -14.56 -12.49
N PRO C 295 -2.87 -13.52 -11.74
CA PRO C 295 -3.84 -12.46 -11.43
C PRO C 295 -4.34 -11.80 -12.70
N GLY C 296 -5.65 -11.67 -12.81
CA GLY C 296 -6.26 -11.06 -13.97
C GLY C 296 -5.97 -11.82 -15.25
N ALA C 297 -6.45 -13.06 -15.34
CA ALA C 297 -6.21 -13.88 -16.52
C ALA C 297 -7.47 -14.68 -16.84
N ASN C 298 -7.60 -15.07 -18.11
CA ASN C 298 -8.75 -15.85 -18.56
C ASN C 298 -8.56 -17.30 -18.15
N ALA C 299 -9.56 -17.85 -17.45
CA ALA C 299 -9.44 -19.23 -16.96
C ALA C 299 -9.51 -20.23 -18.12
N VAL C 300 -10.47 -20.06 -19.03
CA VAL C 300 -10.66 -21.05 -20.08
C VAL C 300 -9.48 -21.05 -21.05
N LYS C 301 -8.98 -19.87 -21.41
CA LYS C 301 -7.84 -19.82 -22.31
C LYS C 301 -6.61 -20.45 -21.68
N THR C 302 -6.35 -20.15 -20.40
CA THR C 302 -5.21 -20.75 -19.72
C THR C 302 -5.36 -22.27 -19.63
N ALA C 303 -6.58 -22.74 -19.35
CA ALA C 303 -6.80 -24.18 -19.29
C ALA C 303 -6.55 -24.83 -20.64
N GLU C 304 -7.03 -24.21 -21.73
CA GLU C 304 -6.80 -24.76 -23.05
C GLU C 304 -5.31 -24.79 -23.39
N GLY C 305 -4.59 -23.73 -23.02
CA GLY C 305 -3.15 -23.72 -23.25
C GLY C 305 -2.43 -24.80 -22.48
N VAL C 306 -2.80 -25.02 -21.22
CA VAL C 306 -2.18 -26.06 -20.42
C VAL C 306 -2.47 -27.43 -21.02
N ARG C 307 -3.72 -27.65 -21.44
CA ARG C 307 -4.07 -28.92 -22.06
C ARG C 307 -3.28 -29.15 -23.35
N ALA C 308 -3.12 -28.10 -24.16
CA ALA C 308 -2.35 -28.22 -25.39
C ALA C 308 -0.89 -28.55 -25.09
N LYS C 309 -0.31 -27.89 -24.08
CA LYS C 309 1.07 -28.16 -23.74
C LYS C 309 1.25 -29.57 -23.21
N ILE C 310 0.29 -30.06 -22.42
CA ILE C 310 0.35 -31.45 -21.95
C ILE C 310 0.23 -32.41 -23.13
N GLU C 311 -0.64 -32.09 -24.09
CA GLU C 311 -0.73 -32.90 -25.30
C GLU C 311 0.61 -32.96 -26.01
N GLU C 312 1.29 -31.82 -26.12
CA GLU C 312 2.60 -31.78 -26.76
C GLU C 312 3.61 -32.63 -26.00
N LEU C 313 3.63 -32.51 -24.67
CA LEU C 313 4.59 -33.27 -23.87
C LEU C 313 4.30 -34.76 -23.87
N LYS C 314 3.06 -35.17 -24.13
CA LYS C 314 2.76 -36.60 -24.21
C LYS C 314 3.66 -37.30 -25.23
N LEU C 315 4.02 -36.60 -26.30
CA LEU C 315 4.86 -37.20 -27.33
C LEU C 315 6.22 -37.60 -26.77
N ASN C 316 6.80 -36.76 -25.92
CA ASN C 316 8.12 -37.00 -25.35
C ASN C 316 8.05 -37.76 -24.04
N LEU C 317 6.91 -38.33 -23.68
CA LEU C 317 6.80 -39.08 -22.44
C LEU C 317 7.71 -40.30 -22.49
N PRO C 318 8.42 -40.62 -21.42
CA PRO C 318 9.12 -41.91 -21.37
C PRO C 318 8.16 -43.04 -21.04
N GLU C 319 8.35 -44.17 -21.71
CA GLU C 319 7.43 -45.29 -21.56
C GLU C 319 7.36 -45.72 -20.09
N GLY C 320 6.14 -46.05 -19.66
CA GLY C 320 5.85 -46.36 -18.27
C GLY C 320 5.24 -45.22 -17.49
N MET C 321 5.16 -44.03 -18.07
CA MET C 321 4.56 -42.87 -17.43
C MET C 321 3.44 -42.32 -18.31
N GLU C 322 2.46 -41.71 -17.67
CA GLU C 322 1.32 -41.15 -18.39
C GLU C 322 0.87 -39.88 -17.70
N PHE C 323 0.00 -39.13 -18.40
CA PHE C 323 -0.51 -37.85 -17.94
C PHE C 323 -2.00 -37.95 -17.69
N SER C 324 -2.50 -37.04 -16.85
CA SER C 324 -3.92 -36.95 -16.56
C SER C 324 -4.23 -35.57 -16.01
N ILE C 325 -5.51 -35.22 -16.05
CA ILE C 325 -6.00 -33.96 -15.50
C ILE C 325 -7.19 -34.27 -14.59
N PRO C 326 -6.95 -34.75 -13.37
CA PRO C 326 -8.09 -35.21 -12.53
C PRO C 326 -9.15 -34.15 -12.30
N TYR C 327 -8.75 -32.89 -12.10
CA TYR C 327 -9.69 -31.82 -11.75
C TYR C 327 -9.35 -30.57 -12.54
N ASP C 328 -10.38 -29.88 -13.02
CA ASP C 328 -10.24 -28.62 -13.74
C ASP C 328 -11.50 -27.79 -13.56
N THR C 329 -11.36 -26.61 -12.95
CA THR C 329 -12.52 -25.77 -12.70
C THR C 329 -13.01 -25.05 -13.94
N ALA C 330 -12.11 -24.77 -14.88
CA ALA C 330 -12.47 -23.91 -16.01
C ALA C 330 -13.73 -24.36 -16.74
N PRO C 331 -13.89 -25.63 -17.12
CA PRO C 331 -15.17 -26.05 -17.72
C PRO C 331 -16.38 -25.38 -17.09
N PHE C 332 -16.48 -25.43 -15.76
CA PHE C 332 -17.65 -24.88 -15.08
C PHE C 332 -17.91 -23.43 -15.50
N VAL C 333 -16.89 -22.57 -15.41
CA VAL C 333 -17.13 -21.17 -15.77
C VAL C 333 -17.59 -21.06 -17.21
N LYS C 334 -17.03 -21.88 -18.11
CA LYS C 334 -17.50 -21.89 -19.48
C LYS C 334 -19.01 -22.14 -19.53
N ILE C 335 -19.47 -23.17 -18.82
CA ILE C 335 -20.89 -23.50 -18.84
C ILE C 335 -21.72 -22.29 -18.39
N SER C 336 -21.16 -21.48 -17.48
CA SER C 336 -21.89 -20.28 -17.07
C SER C 336 -22.02 -19.31 -18.23
N ILE C 337 -20.90 -18.97 -18.88
CA ILE C 337 -20.94 -17.93 -19.90
C ILE C 337 -21.88 -18.33 -21.02
N GLU C 338 -21.71 -19.56 -21.53
CA GLU C 338 -22.60 -20.03 -22.59
C GLU C 338 -24.06 -19.87 -22.19
N LYS C 339 -24.38 -20.16 -20.93
CA LYS C 339 -25.78 -20.01 -20.49
C LYS C 339 -26.30 -18.63 -20.83
N VAL C 340 -25.57 -17.59 -20.43
CA VAL C 340 -26.00 -16.23 -20.73
C VAL C 340 -26.22 -16.08 -22.22
N ILE C 341 -25.25 -16.52 -23.02
CA ILE C 341 -25.35 -16.39 -24.47
C ILE C 341 -26.66 -17.00 -24.95
N HIS C 342 -27.04 -18.15 -24.39
CA HIS C 342 -28.33 -18.74 -24.76
C HIS C 342 -29.48 -17.89 -24.27
N THR C 343 -29.48 -17.55 -22.98
CA THR C 343 -30.67 -16.95 -22.39
C THR C 343 -31.07 -15.68 -23.14
N LEU C 344 -30.12 -14.76 -23.32
CA LEU C 344 -30.38 -13.58 -24.13
C LEU C 344 -31.10 -13.96 -25.41
N LEU C 345 -30.48 -14.79 -26.24
CA LEU C 345 -31.13 -15.20 -27.47
C LEU C 345 -32.51 -15.76 -27.19
N GLU C 346 -32.61 -16.70 -26.25
CA GLU C 346 -33.91 -17.24 -25.91
C GLU C 346 -34.91 -16.13 -25.60
N ALA C 347 -34.51 -15.19 -24.73
CA ALA C 347 -35.39 -14.08 -24.42
C ALA C 347 -35.84 -13.38 -25.70
N MET C 348 -34.88 -13.03 -26.56
CA MET C 348 -35.23 -12.40 -27.82
C MET C 348 -36.27 -13.23 -28.56
N VAL C 349 -35.99 -14.52 -28.72
CA VAL C 349 -36.92 -15.38 -29.46
C VAL C 349 -38.30 -15.32 -28.82
N LEU C 350 -38.35 -15.31 -27.48
CA LEU C 350 -39.63 -15.12 -26.82
C LEU C 350 -40.18 -13.73 -27.08
N VAL C 351 -39.37 -12.71 -26.81
CA VAL C 351 -39.86 -11.33 -26.89
C VAL C 351 -40.49 -11.08 -28.24
N PHE C 352 -39.71 -11.24 -29.31
CA PHE C 352 -40.25 -11.12 -30.66
C PHE C 352 -41.62 -11.75 -30.75
N ILE C 353 -41.73 -13.04 -30.44
CA ILE C 353 -43.00 -13.73 -30.61
C ILE C 353 -44.09 -13.00 -29.86
N VAL C 354 -43.86 -12.71 -28.57
CA VAL C 354 -44.88 -12.04 -27.78
C VAL C 354 -45.30 -10.76 -28.45
N MET C 355 -44.32 -9.95 -28.88
CA MET C 355 -44.67 -8.69 -29.52
C MET C 355 -45.50 -8.94 -30.77
N TYR C 356 -45.09 -9.90 -31.60
CA TYR C 356 -45.84 -10.18 -32.81
C TYR C 356 -47.24 -10.72 -32.48
N LEU C 357 -47.37 -11.38 -31.33
CA LEU C 357 -48.69 -11.85 -30.93
C LEU C 357 -49.56 -10.70 -30.42
N PHE C 358 -48.91 -9.64 -29.90
CA PHE C 358 -49.65 -8.55 -29.27
C PHE C 358 -49.67 -7.29 -30.12
N LEU C 359 -48.51 -6.79 -30.54
CA LEU C 359 -48.48 -5.57 -31.33
C LEU C 359 -48.64 -5.87 -32.83
N HIS C 360 -48.27 -7.09 -33.24
CA HIS C 360 -48.63 -7.61 -34.56
C HIS C 360 -47.87 -6.93 -35.70
N ASN C 361 -46.69 -6.39 -35.41
CA ASN C 361 -45.82 -5.86 -36.45
C ASN C 361 -44.38 -6.23 -36.12
N VAL C 362 -43.60 -6.55 -37.16
CA VAL C 362 -42.21 -6.96 -36.97
C VAL C 362 -41.36 -5.81 -36.46
N ARG C 363 -41.73 -4.56 -36.76
CA ARG C 363 -40.86 -3.43 -36.42
C ARG C 363 -40.78 -3.21 -34.93
N TYR C 364 -41.87 -3.45 -34.18
CA TYR C 364 -41.80 -3.31 -32.74
C TYR C 364 -40.79 -4.25 -32.11
N THR C 365 -40.52 -5.38 -32.77
CA THR C 365 -39.62 -6.38 -32.19
C THR C 365 -38.18 -5.87 -32.17
N LEU C 366 -37.81 -5.03 -33.14
CA LEU C 366 -36.41 -4.63 -33.28
C LEU C 366 -35.94 -3.80 -32.08
N ILE C 367 -36.79 -2.90 -31.58
CA ILE C 367 -36.33 -1.94 -30.57
C ILE C 367 -35.79 -2.63 -29.32
N PRO C 368 -36.52 -3.58 -28.70
CA PRO C 368 -35.90 -4.31 -27.58
C PRO C 368 -34.63 -5.04 -27.98
N ALA C 369 -34.61 -5.60 -29.20
CA ALA C 369 -33.44 -6.35 -29.64
C ALA C 369 -32.20 -5.46 -29.72
N ILE C 370 -32.36 -4.23 -30.20
CA ILE C 370 -31.24 -3.30 -30.25
C ILE C 370 -30.87 -2.84 -28.84
N VAL C 371 -31.88 -2.54 -28.02
CA VAL C 371 -31.62 -1.90 -26.73
C VAL C 371 -30.93 -2.85 -25.77
N ALA C 372 -31.38 -4.10 -25.70
CA ALA C 372 -30.92 -5.00 -24.64
C ALA C 372 -29.41 -5.24 -24.67
N PRO C 373 -28.80 -5.61 -25.80
CA PRO C 373 -27.34 -5.88 -25.77
C PRO C 373 -26.52 -4.69 -25.31
N ILE C 374 -26.96 -3.46 -25.60
CA ILE C 374 -26.19 -2.29 -25.25
C ILE C 374 -26.11 -2.14 -23.73
N ALA C 375 -27.19 -2.47 -23.03
CA ALA C 375 -27.17 -2.41 -21.57
C ALA C 375 -26.14 -3.38 -21.00
N LEU C 376 -26.06 -4.59 -21.55
CA LEU C 376 -25.07 -5.56 -21.07
C LEU C 376 -23.66 -5.11 -21.42
N LEU C 377 -23.48 -4.47 -22.57
CA LEU C 377 -22.15 -3.97 -22.92
C LEU C 377 -21.72 -2.88 -21.95
N GLY C 378 -22.62 -1.96 -21.62
CA GLY C 378 -22.32 -0.96 -20.61
C GLY C 378 -22.02 -1.58 -19.26
N THR C 379 -22.76 -2.64 -18.91
CA THR C 379 -22.49 -3.35 -17.66
C THR C 379 -21.10 -3.96 -17.68
N PHE C 380 -20.68 -4.53 -18.81
CA PHE C 380 -19.33 -5.07 -18.91
C PHE C 380 -18.29 -3.97 -18.73
N THR C 381 -18.53 -2.80 -19.33
CA THR C 381 -17.61 -1.69 -19.14
C THR C 381 -17.51 -1.28 -17.68
N VAL C 382 -18.65 -1.21 -16.99
CA VAL C 382 -18.65 -0.85 -15.57
C VAL C 382 -17.93 -1.92 -14.75
N MET C 383 -18.11 -3.20 -15.12
CA MET C 383 -17.38 -4.27 -14.43
C MET C 383 -15.88 -4.09 -14.59
N LEU C 384 -15.44 -3.78 -15.82
CA LEU C 384 -14.01 -3.58 -16.03
C LEU C 384 -13.50 -2.41 -15.19
N LEU C 385 -14.21 -1.28 -15.21
CA LEU C 385 -13.71 -0.10 -14.51
C LEU C 385 -13.73 -0.30 -13.00
N ALA C 386 -14.78 -0.93 -12.47
CA ALA C 386 -14.90 -1.11 -11.03
C ALA C 386 -13.78 -1.99 -10.48
N GLY C 387 -13.47 -3.07 -11.19
CA GLY C 387 -12.46 -4.00 -10.75
C GLY C 387 -13.04 -5.38 -10.44
N PHE C 388 -14.11 -5.73 -11.13
CA PHE C 388 -14.77 -7.01 -10.99
C PHE C 388 -14.28 -7.97 -12.07
N SER C 389 -14.74 -9.21 -12.00
CA SER C 389 -14.29 -10.26 -12.89
C SER C 389 -15.49 -11.06 -13.40
N ILE C 390 -15.31 -11.69 -14.54
CA ILE C 390 -16.33 -12.55 -15.12
C ILE C 390 -16.36 -13.85 -14.34
N ASN C 391 -17.49 -14.13 -13.69
CA ASN C 391 -17.65 -15.35 -12.90
C ASN C 391 -19.10 -15.80 -12.99
N VAL C 392 -19.38 -16.92 -12.33
CA VAL C 392 -20.72 -17.50 -12.40
C VAL C 392 -21.76 -16.53 -11.84
N LEU C 393 -21.44 -15.89 -10.71
CA LEU C 393 -22.43 -15.05 -10.05
C LEU C 393 -22.80 -13.84 -10.89
N THR C 394 -21.81 -13.15 -11.46
CA THR C 394 -22.11 -11.97 -12.28
C THR C 394 -22.90 -12.35 -13.52
N MET C 395 -22.52 -13.45 -14.17
CA MET C 395 -23.22 -13.88 -15.38
C MET C 395 -24.66 -14.27 -15.08
N PHE C 396 -24.89 -14.97 -13.96
CA PHE C 396 -26.26 -15.31 -13.60
C PHE C 396 -27.05 -14.07 -13.17
N GLY C 397 -26.37 -13.07 -12.60
CA GLY C 397 -27.02 -11.80 -12.37
C GLY C 397 -27.46 -11.13 -13.66
N MET C 398 -26.62 -11.19 -14.69
CA MET C 398 -27.03 -10.72 -16.01
C MET C 398 -28.22 -11.49 -16.54
N VAL C 399 -28.20 -12.82 -16.37
CA VAL C 399 -29.35 -13.64 -16.78
C VAL C 399 -30.62 -13.15 -16.11
N LEU C 400 -30.56 -12.91 -14.80
CA LEU C 400 -31.74 -12.43 -14.09
C LEU C 400 -32.16 -11.05 -14.57
N ALA C 401 -31.20 -10.16 -14.82
CA ALA C 401 -31.50 -8.80 -15.22
C ALA C 401 -31.97 -8.67 -16.66
N ILE C 402 -31.85 -9.74 -17.46
CA ILE C 402 -32.33 -9.68 -18.84
C ILE C 402 -33.79 -9.24 -18.88
N GLY C 403 -34.63 -9.86 -18.04
CA GLY C 403 -36.04 -9.55 -18.06
C GLY C 403 -36.33 -8.10 -17.67
N ILE C 404 -35.69 -7.58 -16.62
CA ILE C 404 -35.90 -6.15 -16.22
C ILE C 404 -35.41 -5.25 -17.35
N ILE C 405 -34.34 -5.61 -18.03
CA ILE C 405 -33.90 -4.79 -19.15
C ILE C 405 -34.97 -4.75 -20.23
N VAL C 406 -35.54 -5.91 -20.56
CA VAL C 406 -36.54 -5.97 -21.62
C VAL C 406 -37.82 -5.24 -21.22
N ASP C 407 -38.12 -5.26 -19.96
CA ASP C 407 -39.40 -4.70 -19.47
C ASP C 407 -39.52 -3.21 -19.66
N ASP C 408 -38.53 -2.39 -19.65
CA ASP C 408 -38.66 -0.97 -19.95
C ASP C 408 -38.97 -0.75 -21.42
N ALA C 409 -38.20 -1.39 -22.30
CA ALA C 409 -38.44 -1.25 -23.73
C ALA C 409 -39.84 -1.72 -24.09
N ILE C 410 -40.27 -2.85 -23.54
CA ILE C 410 -41.64 -3.30 -23.77
C ILE C 410 -42.63 -2.21 -23.39
N VAL C 411 -42.67 -1.87 -22.09
CA VAL C 411 -43.61 -0.86 -21.61
C VAL C 411 -43.66 0.33 -22.56
N VAL C 412 -42.49 0.86 -22.92
CA VAL C 412 -42.46 2.03 -23.79
C VAL C 412 -43.12 1.72 -25.14
N VAL C 413 -42.80 0.55 -25.71
CA VAL C 413 -43.26 0.25 -27.06
C VAL C 413 -44.78 0.09 -27.11
N GLU C 414 -45.39 -0.65 -26.18
CA GLU C 414 -46.87 -0.81 -26.30
C GLU C 414 -47.58 0.38 -25.70
N ASN C 415 -46.94 1.20 -24.89
CA ASN C 415 -47.56 2.49 -24.59
C ASN C 415 -47.62 3.36 -25.83
N VAL C 416 -46.54 3.42 -26.59
CA VAL C 416 -46.52 4.20 -27.82
C VAL C 416 -47.55 3.68 -28.81
N GLU C 417 -47.64 2.35 -28.95
CA GLU C 417 -48.59 1.78 -29.89
C GLU C 417 -50.03 2.08 -29.48
N ARG C 418 -50.33 1.96 -28.18
CA ARG C 418 -51.69 2.25 -27.71
C ARG C 418 -52.05 3.70 -27.96
N ILE C 419 -51.12 4.62 -27.67
CA ILE C 419 -51.40 6.03 -27.90
C ILE C 419 -51.54 6.30 -29.40
N MET C 420 -50.77 5.59 -30.23
CA MET C 420 -50.89 5.74 -31.67
C MET C 420 -52.27 5.32 -32.15
N ALA C 421 -52.73 4.14 -31.72
CA ALA C 421 -53.97 3.56 -32.23
C ALA C 421 -55.20 4.28 -31.69
N THR C 422 -55.29 4.44 -30.37
CA THR C 422 -56.48 5.04 -29.77
C THR C 422 -56.66 6.48 -30.20
N GLU C 423 -55.58 7.26 -30.19
CA GLU C 423 -55.64 8.68 -30.50
C GLU C 423 -55.33 9.00 -31.96
N GLY C 424 -54.81 8.04 -32.71
CA GLY C 424 -54.65 8.23 -34.14
C GLY C 424 -53.74 9.38 -34.53
N LEU C 425 -52.56 9.48 -33.91
CA LEU C 425 -51.59 10.50 -34.23
C LEU C 425 -50.29 9.86 -34.70
N SER C 426 -49.41 10.71 -35.24
CA SER C 426 -48.21 10.23 -35.91
C SER C 426 -47.28 9.53 -34.91
N PRO C 427 -46.43 8.61 -35.39
CA PRO C 427 -45.54 7.89 -34.47
C PRO C 427 -44.69 8.82 -33.60
N LYS C 428 -44.17 9.91 -34.16
CA LYS C 428 -43.36 10.83 -33.37
C LYS C 428 -44.14 11.58 -32.32
N ASP C 429 -45.31 12.13 -32.68
CA ASP C 429 -46.16 12.78 -31.69
C ASP C 429 -46.66 11.79 -30.65
N ALA C 430 -46.99 10.57 -31.09
CA ALA C 430 -47.42 9.54 -30.15
C ALA C 430 -46.31 9.21 -29.16
N THR C 431 -45.07 9.08 -29.64
CA THR C 431 -43.95 8.83 -28.75
C THR C 431 -43.74 9.98 -27.78
N SER C 432 -43.85 11.22 -28.27
CA SER C 432 -43.73 12.37 -27.38
C SER C 432 -44.77 12.32 -26.28
N LYS C 433 -46.03 12.06 -26.65
CA LYS C 433 -47.10 12.00 -25.66
C LYS C 433 -46.86 10.86 -24.66
N ALA C 434 -46.42 9.70 -25.15
CA ALA C 434 -46.15 8.58 -24.27
C ALA C 434 -45.07 8.93 -23.26
N MET C 435 -43.97 9.52 -23.73
CA MET C 435 -42.90 9.93 -22.82
C MET C 435 -43.37 10.99 -21.84
N LYS C 436 -44.24 11.90 -22.25
CA LYS C 436 -44.80 12.87 -21.30
C LYS C 436 -45.38 12.14 -20.09
N GLU C 437 -46.08 11.02 -20.33
CA GLU C 437 -46.68 10.29 -19.22
C GLU C 437 -45.64 9.48 -18.45
N ILE C 438 -44.72 8.80 -19.15
CA ILE C 438 -43.88 7.80 -18.52
C ILE C 438 -42.46 8.28 -18.28
N THR C 439 -42.22 9.59 -18.25
CA THR C 439 -40.86 10.07 -17.99
C THR C 439 -40.49 9.95 -16.51
N SER C 440 -41.28 10.52 -15.62
CA SER C 440 -40.98 10.56 -14.18
C SER C 440 -41.26 9.24 -13.48
N PRO C 441 -42.23 8.39 -13.92
CA PRO C 441 -42.35 7.04 -13.35
C PRO C 441 -41.09 6.21 -13.52
N ILE C 442 -40.38 6.35 -14.64
CA ILE C 442 -39.17 5.56 -14.84
C ILE C 442 -38.11 5.96 -13.81
N ILE C 443 -37.96 7.26 -13.57
CA ILE C 443 -36.97 7.72 -12.59
C ILE C 443 -37.33 7.22 -11.20
N GLY C 444 -38.61 7.34 -10.82
CA GLY C 444 -39.03 6.84 -9.53
C GLY C 444 -38.82 5.35 -9.38
N ILE C 445 -39.11 4.59 -10.44
CA ILE C 445 -38.94 3.15 -10.41
C ILE C 445 -37.46 2.79 -10.27
N THR C 446 -36.60 3.52 -10.98
CA THR C 446 -35.17 3.27 -10.86
C THR C 446 -34.68 3.55 -9.44
N LEU C 447 -35.14 4.64 -8.84
CA LEU C 447 -34.75 4.93 -7.45
C LEU C 447 -35.26 3.86 -6.50
N VAL C 448 -36.50 3.40 -6.71
CA VAL C 448 -37.04 2.35 -5.84
C VAL C 448 -36.23 1.07 -5.97
N LEU C 449 -35.90 0.69 -7.20
CA LEU C 449 -35.10 -0.52 -7.40
C LEU C 449 -33.72 -0.38 -6.78
N ALA C 450 -33.11 0.80 -6.89
CA ALA C 450 -31.83 1.03 -6.24
C ALA C 450 -31.95 0.87 -4.73
N ALA C 451 -33.05 1.36 -4.16
CA ALA C 451 -33.30 1.18 -2.73
C ALA C 451 -33.43 -0.30 -2.39
N VAL C 452 -34.13 -1.06 -3.23
CA VAL C 452 -34.33 -2.49 -2.98
C VAL C 452 -33.01 -3.23 -2.92
N PHE C 453 -31.98 -2.74 -3.61
CA PHE C 453 -30.65 -3.36 -3.57
C PHE C 453 -29.85 -2.96 -2.35
N LEU C 454 -30.32 -2.00 -1.56
CA LEU C 454 -29.59 -1.58 -0.37
C LEU C 454 -29.36 -2.71 0.62
N PRO C 455 -30.35 -3.56 0.93
CA PRO C 455 -30.09 -4.63 1.91
C PRO C 455 -28.89 -5.49 1.54
N MET C 456 -28.70 -5.78 0.26
CA MET C 456 -27.62 -6.72 -0.13
C MET C 456 -26.34 -6.01 -0.60
N ALA C 457 -26.38 -4.73 -0.97
CA ALA C 457 -25.14 -4.05 -1.37
C ALA C 457 -24.17 -3.93 -0.21
N PHE C 458 -24.68 -3.64 1.00
CA PHE C 458 -23.85 -3.38 2.16
C PHE C 458 -23.80 -4.57 3.13
N ALA C 459 -24.19 -5.75 2.66
CA ALA C 459 -24.03 -6.95 3.47
C ALA C 459 -22.56 -7.26 3.67
N SER C 460 -22.25 -7.85 4.82
CA SER C 460 -20.87 -8.12 5.21
C SER C 460 -20.62 -9.63 5.25
N GLY C 461 -19.36 -9.99 5.04
CA GLY C 461 -18.93 -11.37 5.13
C GLY C 461 -18.87 -12.06 3.78
N SER C 462 -18.65 -13.38 3.85
CA SER C 462 -18.59 -14.19 2.64
C SER C 462 -19.91 -14.14 1.89
N VAL C 463 -21.03 -14.20 2.62
CA VAL C 463 -22.33 -14.06 1.98
C VAL C 463 -22.48 -12.67 1.40
N GLY C 464 -21.92 -11.66 2.07
CA GLY C 464 -21.98 -10.31 1.54
C GLY C 464 -21.25 -10.18 0.21
N VAL C 465 -20.12 -10.86 0.06
CA VAL C 465 -19.39 -10.81 -1.21
C VAL C 465 -20.25 -11.39 -2.32
N ILE C 466 -20.87 -12.55 -2.08
CA ILE C 466 -21.73 -13.16 -3.09
C ILE C 466 -22.90 -12.24 -3.41
N TYR C 467 -23.46 -11.59 -2.40
CA TYR C 467 -24.53 -10.63 -2.64
C TYR C 467 -24.06 -9.51 -3.55
N LYS C 468 -22.87 -8.97 -3.27
CA LYS C 468 -22.37 -7.83 -4.03
C LYS C 468 -22.09 -8.19 -5.48
N GLN C 469 -21.58 -9.40 -5.72
CA GLN C 469 -21.33 -9.81 -7.10
C GLN C 469 -22.59 -9.69 -7.95
N PHE C 470 -23.71 -10.20 -7.45
CA PHE C 470 -24.98 -10.04 -8.16
C PHE C 470 -25.43 -8.60 -8.18
N THR C 471 -25.28 -7.89 -7.05
CA THR C 471 -25.86 -6.57 -6.92
C THR C 471 -25.26 -5.58 -7.90
N LEU C 472 -23.93 -5.59 -8.05
CA LEU C 472 -23.30 -4.63 -8.95
C LEU C 472 -23.80 -4.84 -10.38
N THR C 473 -23.70 -6.07 -10.87
CA THR C 473 -24.11 -6.35 -12.24
C THR C 473 -25.57 -6.00 -12.47
N MET C 474 -26.45 -6.45 -11.57
CA MET C 474 -27.86 -6.11 -11.71
C MET C 474 -28.05 -4.60 -11.75
N SER C 475 -27.72 -3.92 -10.66
CA SER C 475 -27.98 -2.48 -10.56
C SER C 475 -27.45 -1.75 -11.79
N VAL C 476 -26.26 -2.13 -12.28
CA VAL C 476 -25.72 -1.48 -13.46
C VAL C 476 -26.60 -1.75 -14.67
N SER C 477 -27.05 -3.00 -14.85
CA SER C 477 -27.89 -3.32 -16.00
C SER C 477 -29.22 -2.55 -15.95
N ILE C 478 -29.86 -2.51 -14.79
CA ILE C 478 -31.11 -1.76 -14.67
C ILE C 478 -30.88 -0.26 -14.89
N LEU C 479 -29.79 0.30 -14.37
CA LEU C 479 -29.52 1.72 -14.60
C LEU C 479 -29.33 2.00 -16.08
N PHE C 480 -28.57 1.14 -16.77
CA PHE C 480 -28.36 1.34 -18.20
C PHE C 480 -29.66 1.19 -18.98
N SER C 481 -30.51 0.24 -18.58
CA SER C 481 -31.80 0.08 -19.25
C SER C 481 -32.64 1.34 -19.11
N ALA C 482 -32.69 1.92 -17.90
CA ALA C 482 -33.44 3.15 -17.70
C ALA C 482 -32.84 4.29 -18.52
N LEU C 483 -31.51 4.40 -18.54
CA LEU C 483 -30.88 5.49 -19.28
C LEU C 483 -31.16 5.37 -20.78
N LEU C 484 -31.12 4.15 -21.31
CA LEU C 484 -31.37 3.92 -22.73
C LEU C 484 -32.85 3.97 -23.08
N ALA C 485 -33.74 3.82 -22.11
CA ALA C 485 -35.18 3.97 -22.33
C ALA C 485 -35.63 5.41 -22.35
N LEU C 486 -34.80 6.34 -21.86
CA LEU C 486 -35.10 7.77 -21.92
C LEU C 486 -34.29 8.47 -23.00
N ILE C 487 -33.41 7.75 -23.70
CA ILE C 487 -32.52 8.34 -24.69
C ILE C 487 -32.71 7.65 -26.03
N LEU C 488 -32.50 6.34 -26.06
CA LEU C 488 -32.48 5.62 -27.34
C LEU C 488 -33.87 5.14 -27.73
N THR C 489 -34.60 4.55 -26.79
CA THR C 489 -35.91 3.99 -27.13
C THR C 489 -36.88 5.03 -27.65
N PRO C 490 -37.00 6.23 -27.07
CA PRO C 490 -37.84 7.25 -27.71
C PRO C 490 -37.51 7.46 -29.18
N ALA C 491 -36.23 7.63 -29.51
CA ALA C 491 -35.84 7.88 -30.89
C ALA C 491 -36.16 6.68 -31.78
N LEU C 492 -35.90 5.47 -31.29
CA LEU C 492 -36.19 4.28 -32.08
C LEU C 492 -37.68 4.18 -32.37
N CYS C 493 -38.52 4.44 -31.36
CA CYS C 493 -39.96 4.41 -31.57
C CYS C 493 -40.40 5.49 -32.55
N ALA C 494 -39.82 6.69 -32.43
CA ALA C 494 -40.22 7.80 -33.29
C ALA C 494 -39.86 7.53 -34.74
N THR C 495 -38.68 6.98 -35.00
CA THR C 495 -38.17 6.84 -36.35
C THR C 495 -38.52 5.50 -37.00
N ILE C 496 -38.17 4.39 -36.35
CA ILE C 496 -38.35 3.08 -36.97
C ILE C 496 -39.82 2.81 -37.24
N LEU C 497 -40.69 3.12 -36.28
CA LEU C 497 -42.09 2.74 -36.39
C LEU C 497 -42.77 3.47 -37.55
N LYS C 498 -43.77 2.81 -38.12
CA LYS C 498 -44.58 3.34 -39.20
C LYS C 498 -45.99 3.64 -38.68
N PRO C 499 -46.72 4.56 -39.31
CA PRO C 499 -48.09 4.82 -38.89
C PRO C 499 -48.95 3.57 -38.97
N ILE C 500 -49.87 3.44 -38.02
CA ILE C 500 -50.79 2.31 -38.00
C ILE C 500 -51.82 2.45 -39.11
N GLY C 508 -57.25 -14.37 -40.00
CA GLY C 508 -56.03 -14.99 -39.56
C GLY C 508 -55.85 -14.94 -38.05
N PHE C 509 -54.63 -15.26 -37.59
CA PHE C 509 -54.36 -15.23 -36.16
C PHE C 509 -54.50 -13.83 -35.59
N PHE C 510 -54.28 -12.81 -36.43
CA PHE C 510 -54.37 -11.44 -35.96
C PHE C 510 -55.76 -11.12 -35.41
N ALA C 511 -56.80 -11.37 -36.21
CA ALA C 511 -58.16 -11.06 -35.78
C ALA C 511 -58.59 -11.94 -34.62
N TRP C 512 -58.24 -13.23 -34.66
CA TRP C 512 -58.60 -14.11 -33.57
C TRP C 512 -58.00 -13.65 -32.26
N PHE C 513 -56.71 -13.30 -32.27
CA PHE C 513 -56.07 -12.83 -31.05
C PHE C 513 -56.68 -11.50 -30.60
N ASP C 514 -56.98 -10.61 -31.54
CA ASP C 514 -57.57 -9.33 -31.17
C ASP C 514 -58.89 -9.53 -30.45
N ARG C 515 -59.78 -10.36 -31.03
CA ARG C 515 -61.08 -10.59 -30.41
C ARG C 515 -60.94 -11.31 -29.08
N SER C 516 -60.05 -12.31 -29.01
CA SER C 516 -59.88 -13.05 -27.77
C SER C 516 -59.34 -12.15 -26.66
N PHE C 517 -58.38 -11.28 -26.98
CA PHE C 517 -57.85 -10.38 -25.96
C PHE C 517 -58.85 -9.31 -25.57
N ASP C 518 -59.71 -8.88 -26.52
CA ASP C 518 -60.81 -8.00 -26.14
C ASP C 518 -61.74 -8.68 -25.15
N LYS C 519 -62.05 -9.95 -25.40
CA LYS C 519 -62.89 -10.71 -24.47
C LYS C 519 -62.23 -10.81 -23.10
N VAL C 520 -60.93 -11.11 -23.08
CA VAL C 520 -60.21 -11.21 -21.80
C VAL C 520 -60.23 -9.86 -21.09
N THR C 521 -60.08 -8.77 -21.84
CA THR C 521 -60.11 -7.44 -21.25
C THR C 521 -61.48 -7.14 -20.64
N LYS C 522 -62.56 -7.51 -21.34
CA LYS C 522 -63.90 -7.33 -20.78
C LYS C 522 -64.09 -8.16 -19.52
N LYS C 523 -63.62 -9.41 -19.54
CA LYS C 523 -63.71 -10.25 -18.34
C LYS C 523 -62.94 -9.63 -17.18
N TYR C 524 -61.75 -9.11 -17.45
CA TYR C 524 -60.96 -8.46 -16.41
C TYR C 524 -61.70 -7.27 -15.84
N GLU C 525 -62.29 -6.43 -16.71
CA GLU C 525 -63.03 -5.28 -16.22
C GLU C 525 -64.20 -5.70 -15.35
N LEU C 526 -64.98 -6.68 -15.81
CA LEU C 526 -66.15 -7.11 -15.04
C LEU C 526 -65.74 -7.69 -13.69
N MET C 527 -64.73 -8.56 -13.68
CA MET C 527 -64.30 -9.17 -12.43
C MET C 527 -63.75 -8.12 -11.48
N LEU C 528 -62.96 -7.17 -12.00
CA LEU C 528 -62.42 -6.12 -11.15
C LEU C 528 -63.53 -5.27 -10.55
N LEU C 529 -64.53 -4.90 -11.36
CA LEU C 529 -65.63 -4.10 -10.85
C LEU C 529 -66.42 -4.86 -9.79
N LYS C 530 -66.62 -6.16 -10.00
CA LYS C 530 -67.27 -6.97 -8.97
C LYS C 530 -66.46 -6.97 -7.68
N ILE C 531 -65.12 -7.06 -7.79
CA ILE C 531 -64.27 -7.10 -6.61
C ILE C 531 -64.19 -5.76 -5.88
N ILE C 532 -64.32 -4.63 -6.57
CA ILE C 532 -64.20 -3.35 -5.88
C ILE C 532 -65.24 -3.24 -4.77
N LYS C 533 -66.45 -3.75 -5.00
CA LYS C 533 -67.50 -3.64 -4.00
C LYS C 533 -67.09 -4.30 -2.70
N HIS C 534 -66.47 -5.47 -2.78
CA HIS C 534 -66.07 -6.24 -1.60
C HIS C 534 -64.63 -5.91 -1.21
N THR C 535 -64.41 -4.64 -0.87
CA THR C 535 -63.05 -4.15 -0.64
C THR C 535 -62.47 -4.70 0.65
N VAL C 536 -63.22 -4.63 1.75
CA VAL C 536 -62.66 -4.99 3.05
C VAL C 536 -62.65 -6.51 3.23
N PRO C 537 -63.60 -7.28 2.69
CA PRO C 537 -63.34 -8.73 2.59
C PRO C 537 -62.06 -9.05 1.85
N MET C 538 -61.77 -8.31 0.78
CA MET C 538 -60.56 -8.58 0.02
C MET C 538 -59.31 -8.23 0.84
N MET C 539 -59.36 -7.15 1.61
CA MET C 539 -58.25 -6.86 2.50
C MET C 539 -58.09 -7.92 3.58
N VAL C 540 -59.20 -8.44 4.11
CA VAL C 540 -59.12 -9.53 5.07
C VAL C 540 -58.44 -10.74 4.45
N ILE C 541 -58.78 -11.04 3.20
CA ILE C 541 -58.12 -12.13 2.49
C ILE C 541 -56.63 -11.84 2.34
N PHE C 542 -56.28 -10.60 2.01
CA PHE C 542 -54.88 -10.22 1.86
C PHE C 542 -54.12 -10.41 3.17
N LEU C 543 -54.78 -10.15 4.30
CA LEU C 543 -54.14 -10.42 5.60
C LEU C 543 -53.75 -11.89 5.72
N VAL C 544 -54.66 -12.79 5.34
CA VAL C 544 -54.33 -14.22 5.40
C VAL C 544 -53.21 -14.55 4.42
N ILE C 545 -53.24 -13.95 3.23
CA ILE C 545 -52.21 -14.21 2.23
C ILE C 545 -50.83 -13.83 2.78
N THR C 546 -50.73 -12.66 3.40
CA THR C 546 -49.44 -12.22 3.92
C THR C 546 -49.05 -13.01 5.18
N GLY C 547 -50.04 -13.44 5.97
CA GLY C 547 -49.73 -14.26 7.12
C GLY C 547 -49.15 -15.60 6.75
N ILE C 548 -49.69 -16.23 5.70
CA ILE C 548 -49.14 -17.50 5.24
C ILE C 548 -47.71 -17.30 4.76
N THR C 549 -47.45 -16.21 4.04
CA THR C 549 -46.09 -15.91 3.58
C THR C 549 -45.15 -15.74 4.76
N PHE C 550 -45.58 -15.00 5.79
CA PHE C 550 -44.74 -14.80 6.97
C PHE C 550 -44.45 -16.14 7.65
N ALA C 551 -45.46 -16.98 7.81
CA ALA C 551 -45.27 -18.27 8.46
C ALA C 551 -44.30 -19.13 7.67
N GLY C 552 -44.46 -19.17 6.35
CA GLY C 552 -43.55 -19.96 5.52
C GLY C 552 -42.13 -19.43 5.56
N MET C 553 -41.97 -18.11 5.57
CA MET C 553 -40.64 -17.52 5.65
C MET C 553 -39.98 -17.88 6.97
N LYS C 554 -40.72 -17.82 8.07
CA LYS C 554 -40.12 -18.03 9.39
C LYS C 554 -39.82 -19.51 9.63
N TYR C 555 -40.75 -20.40 9.23
CA TYR C 555 -40.63 -21.79 9.64
C TYR C 555 -39.81 -22.62 8.65
N TRP C 556 -39.94 -22.36 7.36
CA TRP C 556 -39.25 -23.16 6.37
C TRP C 556 -37.74 -23.01 6.58
N PRO C 557 -36.98 -24.11 6.58
CA PRO C 557 -35.56 -24.01 6.93
C PRO C 557 -34.76 -23.26 5.87
N THR C 558 -33.65 -22.67 6.30
CA THR C 558 -32.78 -21.89 5.44
C THR C 558 -31.47 -22.63 5.23
N ALA C 559 -30.67 -22.13 4.28
CA ALA C 559 -29.38 -22.71 3.95
C ALA C 559 -28.47 -21.60 3.43
N PHE C 560 -27.27 -21.97 2.98
CA PHE C 560 -26.30 -21.03 2.47
C PHE C 560 -26.08 -21.24 0.97
N MET C 561 -25.73 -22.45 0.55
CA MET C 561 -25.60 -22.80 -0.86
C MET C 561 -26.20 -24.19 -1.06
N PRO C 562 -26.83 -24.44 -2.22
CA PRO C 562 -27.34 -25.78 -2.49
C PRO C 562 -26.24 -26.73 -2.92
N GLU C 563 -26.34 -27.98 -2.48
CA GLU C 563 -25.35 -28.99 -2.84
C GLU C 563 -25.34 -29.20 -4.35
N GLU C 564 -24.14 -29.42 -4.89
CA GLU C 564 -23.95 -29.59 -6.33
C GLU C 564 -23.18 -30.87 -6.58
N ASP C 565 -23.47 -31.50 -7.72
CA ASP C 565 -22.74 -32.69 -8.17
C ASP C 565 -21.65 -32.20 -9.11
N GLN C 566 -20.43 -32.09 -8.59
CA GLN C 566 -19.30 -31.54 -9.34
C GLN C 566 -18.49 -32.63 -10.05
N GLY C 567 -18.97 -33.86 -10.03
CA GLY C 567 -18.28 -34.95 -10.72
C GLY C 567 -17.22 -35.65 -9.92
N TRP C 568 -17.06 -35.31 -8.64
CA TRP C 568 -16.09 -35.98 -7.79
C TRP C 568 -16.55 -35.91 -6.35
N PHE C 569 -16.19 -36.94 -5.57
CA PHE C 569 -16.56 -36.99 -4.16
C PHE C 569 -15.34 -37.38 -3.32
N MET C 570 -15.38 -36.98 -2.05
CA MET C 570 -14.21 -37.01 -1.18
C MET C 570 -14.48 -37.92 0.02
N THR C 571 -13.59 -38.88 0.25
CA THR C 571 -13.76 -39.87 1.29
C THR C 571 -12.62 -39.74 2.30
N SER C 572 -12.94 -39.93 3.58
CA SER C 572 -11.98 -39.84 4.67
C SER C 572 -11.97 -41.17 5.42
N PHE C 573 -10.78 -41.67 5.64
CA PHE C 573 -10.61 -42.89 6.45
C PHE C 573 -9.90 -42.48 7.72
N GLN C 574 -10.27 -43.00 8.86
CA GLN C 574 -9.58 -42.79 10.13
C GLN C 574 -9.52 -44.11 10.88
N LEU C 575 -8.31 -44.63 11.07
CA LEU C 575 -8.11 -45.88 11.78
C LEU C 575 -7.69 -45.59 13.21
N PRO C 576 -7.70 -46.60 14.09
CA PRO C 576 -7.28 -46.36 15.48
C PRO C 576 -5.85 -45.86 15.55
N SER C 577 -5.47 -45.39 16.73
CA SER C 577 -4.16 -44.79 16.92
C SER C 577 -3.03 -45.77 16.63
N ASP C 578 -3.18 -47.02 17.11
CA ASP C 578 -2.13 -48.02 16.93
C ASP C 578 -2.01 -48.50 15.48
N ALA C 579 -2.94 -48.13 14.61
CA ALA C 579 -2.89 -48.60 13.23
C ALA C 579 -1.66 -48.04 12.52
N THR C 580 -1.04 -48.87 11.70
CA THR C 580 0.09 -48.50 10.87
C THR C 580 -0.39 -48.09 9.48
N ALA C 581 0.54 -47.89 8.55
CA ALA C 581 0.20 -47.54 7.18
C ALA C 581 -0.29 -48.71 6.35
N GLU C 582 0.17 -49.94 6.63
CA GLU C 582 -0.25 -51.09 5.83
C GLU C 582 -1.74 -51.35 6.02
N ARG C 583 -2.24 -51.24 7.24
CA ARG C 583 -3.66 -51.47 7.49
C ARG C 583 -4.51 -50.40 6.79
N THR C 584 -4.07 -49.14 6.86
CA THR C 584 -4.79 -48.08 6.16
C THR C 584 -4.75 -48.30 4.65
N ARG C 585 -3.62 -48.76 4.12
CA ARG C 585 -3.52 -49.04 2.70
C ARG C 585 -4.47 -50.17 2.31
N ASN C 586 -4.59 -51.19 3.16
CA ASN C 586 -5.53 -52.28 2.88
C ASN C 586 -6.96 -51.77 2.91
N VAL C 587 -7.28 -50.87 3.84
CA VAL C 587 -8.63 -50.29 3.88
C VAL C 587 -8.92 -49.51 2.60
N VAL C 588 -7.94 -48.71 2.14
CA VAL C 588 -8.11 -47.98 0.90
C VAL C 588 -8.29 -48.94 -0.26
N ASN C 589 -7.53 -50.04 -0.28
CA ASN C 589 -7.70 -51.04 -1.32
C ASN C 589 -9.11 -51.63 -1.31
N GLN C 590 -9.62 -51.93 -0.11
CA GLN C 590 -10.98 -52.46 -0.01
C GLN C 590 -11.99 -51.48 -0.56
N PHE C 591 -11.85 -50.20 -0.20
CA PHE C 591 -12.80 -49.19 -0.66
C PHE C 591 -12.74 -49.03 -2.18
N GLU C 592 -11.52 -48.95 -2.70
CA GLU C 592 -11.30 -48.85 -4.16
C GLU C 592 -11.98 -50.05 -4.83
N ASN C 593 -11.69 -51.26 -4.36
CA ASN C 593 -12.24 -52.47 -4.96
C ASN C 593 -13.76 -52.44 -4.94
N ASN C 594 -14.34 -51.99 -3.83
CA ASN C 594 -15.78 -51.88 -3.75
C ASN C 594 -16.33 -50.95 -4.82
N LEU C 595 -15.67 -49.81 -5.04
CA LEU C 595 -16.23 -48.82 -5.96
C LEU C 595 -15.94 -49.17 -7.42
N LYS C 596 -14.89 -49.93 -7.72
CA LYS C 596 -14.70 -50.40 -9.10
C LYS C 596 -15.91 -51.16 -9.62
N ASP C 597 -16.60 -51.89 -8.74
CA ASP C 597 -17.75 -52.67 -9.18
C ASP C 597 -18.79 -51.77 -9.84
N ASN C 598 -19.05 -50.62 -9.25
CA ASN C 598 -19.97 -49.66 -9.86
C ASN C 598 -19.28 -48.97 -11.04
N PRO C 599 -20.00 -48.72 -12.13
CA PRO C 599 -19.45 -47.87 -13.20
C PRO C 599 -19.44 -46.41 -12.78
N ASP C 600 -19.13 -45.55 -13.74
CA ASP C 600 -19.24 -44.11 -13.58
C ASP C 600 -18.13 -43.57 -12.68
N VAL C 601 -17.02 -44.30 -12.56
CA VAL C 601 -15.87 -43.88 -11.79
C VAL C 601 -14.70 -43.76 -12.77
N LYS C 602 -14.26 -42.52 -13.01
CA LYS C 602 -13.12 -42.32 -13.90
C LYS C 602 -11.81 -42.69 -13.22
N SER C 603 -11.66 -42.34 -11.94
CA SER C 603 -10.41 -42.62 -11.24
C SER C 603 -10.65 -42.45 -9.74
N ASN C 604 -9.67 -42.91 -8.95
CA ASN C 604 -9.71 -42.80 -7.50
C ASN C 604 -8.29 -42.51 -6.98
N THR C 605 -7.99 -41.23 -6.79
CA THR C 605 -6.73 -40.85 -6.17
C THR C 605 -6.81 -41.08 -4.67
N ALA C 606 -5.69 -41.44 -4.06
CA ALA C 606 -5.64 -41.72 -2.63
C ALA C 606 -4.36 -41.15 -2.05
N ILE C 607 -4.51 -40.28 -1.05
CA ILE C 607 -3.37 -39.74 -0.30
C ILE C 607 -3.36 -40.41 1.06
N LEU C 608 -2.28 -41.16 1.32
CA LEU C 608 -2.11 -41.91 2.56
C LEU C 608 -1.11 -41.19 3.44
N GLY C 609 -1.46 -41.01 4.70
CA GLY C 609 -0.64 -40.28 5.65
C GLY C 609 -1.13 -38.87 5.95
N TRP C 610 -2.09 -38.35 5.17
CA TRP C 610 -2.65 -37.03 5.38
C TRP C 610 -4.15 -37.16 5.62
N GLY C 611 -4.64 -36.49 6.66
CA GLY C 611 -6.04 -36.55 7.00
C GLY C 611 -6.59 -35.18 7.31
N PHE C 612 -7.92 -35.08 7.27
CA PHE C 612 -8.59 -33.81 7.53
C PHE C 612 -8.26 -33.30 8.93
N SER C 613 -8.44 -34.15 9.94
CA SER C 613 -8.18 -33.75 11.31
C SER C 613 -6.68 -33.60 11.56
N GLY C 614 -5.88 -34.48 10.98
CA GLY C 614 -4.44 -34.42 11.18
C GLY C 614 -3.74 -35.37 10.23
N ALA C 615 -2.43 -35.44 10.38
CA ALA C 615 -1.56 -36.27 9.55
C ALA C 615 -1.01 -37.42 10.39
N GLY C 616 -1.12 -38.64 9.88
CA GLY C 616 -0.61 -39.80 10.58
C GLY C 616 -0.80 -41.05 9.76
N GLN C 617 -0.24 -42.15 10.27
CA GLN C 617 -0.35 -43.42 9.56
C GLN C 617 -1.78 -43.96 9.60
N ASN C 618 -2.60 -43.49 10.54
CA ASN C 618 -3.95 -44.00 10.73
C ASN C 618 -5.00 -43.21 9.98
N VAL C 619 -4.61 -42.21 9.18
CA VAL C 619 -5.55 -41.36 8.47
C VAL C 619 -5.22 -41.37 6.99
N ALA C 620 -6.26 -41.25 6.17
CA ALA C 620 -6.07 -41.22 4.72
C ALA C 620 -7.27 -40.52 4.08
N VAL C 621 -7.05 -40.01 2.87
CA VAL C 621 -8.08 -39.33 2.11
C VAL C 621 -8.11 -39.90 0.71
N ALA C 622 -9.29 -39.85 0.08
CA ALA C 622 -9.47 -40.34 -1.28
C ALA C 622 -10.36 -39.37 -2.05
N PHE C 623 -10.02 -39.17 -3.32
CA PHE C 623 -10.80 -38.34 -4.24
C PHE C 623 -11.22 -39.21 -5.41
N THR C 624 -12.53 -39.45 -5.52
CA THR C 624 -13.08 -40.28 -6.59
C THR C 624 -13.65 -39.36 -7.66
N THR C 625 -13.12 -39.49 -8.88
CA THR C 625 -13.54 -38.69 -10.03
C THR C 625 -14.41 -39.56 -10.93
N LEU C 626 -15.60 -39.06 -11.24
CA LEU C 626 -16.61 -39.81 -11.96
C LEU C 626 -16.51 -39.54 -13.47
N LYS C 627 -17.45 -40.11 -14.22
CA LYS C 627 -17.50 -39.88 -15.65
C LYS C 627 -17.94 -38.44 -15.91
N ASP C 628 -17.91 -38.03 -17.19
CA ASP C 628 -17.97 -36.61 -17.48
C ASP C 628 -19.28 -35.99 -16.97
N PHE C 629 -20.39 -36.22 -17.69
CA PHE C 629 -21.70 -36.07 -17.07
C PHE C 629 -22.69 -37.12 -17.55
N LYS C 630 -22.66 -37.44 -18.85
CA LYS C 630 -23.78 -38.14 -19.47
C LYS C 630 -23.71 -39.64 -19.21
N GLU C 631 -22.52 -40.23 -19.32
CA GLU C 631 -22.39 -41.65 -18.99
C GLU C 631 -22.75 -41.90 -17.53
N ARG C 632 -22.74 -40.85 -16.71
CA ARG C 632 -23.09 -40.99 -15.30
C ARG C 632 -24.59 -41.26 -15.15
N THR C 633 -24.93 -42.45 -14.69
CA THR C 633 -26.32 -42.82 -14.40
C THR C 633 -26.65 -42.74 -12.92
N SER C 634 -25.70 -42.30 -12.08
CA SER C 634 -25.89 -42.23 -10.64
C SER C 634 -25.41 -40.87 -10.15
N SER C 635 -26.23 -40.22 -9.34
CA SER C 635 -25.84 -38.95 -8.72
C SER C 635 -24.76 -39.19 -7.68
N ALA C 636 -23.95 -38.15 -7.45
CA ALA C 636 -22.87 -38.27 -6.48
C ALA C 636 -23.39 -38.66 -5.11
N SER C 637 -24.58 -38.17 -4.74
CA SER C 637 -25.15 -38.50 -3.45
C SER C 637 -25.39 -40.01 -3.33
N LYS C 638 -25.92 -40.62 -4.39
CA LYS C 638 -26.19 -42.05 -4.36
C LYS C 638 -24.90 -42.84 -4.17
N MET C 639 -23.85 -42.45 -4.89
CA MET C 639 -22.58 -43.17 -4.79
C MET C 639 -21.97 -43.00 -3.40
N THR C 640 -22.03 -41.80 -2.85
CA THR C 640 -21.52 -41.58 -1.49
C THR C 640 -22.30 -42.39 -0.47
N SER C 641 -23.63 -42.45 -0.62
CA SER C 641 -24.44 -43.26 0.28
C SER C 641 -24.09 -44.74 0.17
N ASP C 642 -23.89 -45.23 -1.05
CA ASP C 642 -23.50 -46.62 -1.23
C ASP C 642 -22.14 -46.88 -0.58
N VAL C 643 -21.19 -45.97 -0.75
CA VAL C 643 -19.88 -46.12 -0.11
C VAL C 643 -20.04 -46.20 1.40
N ASN C 644 -20.81 -45.28 1.96
CA ASN C 644 -20.98 -45.26 3.41
C ASN C 644 -21.64 -46.53 3.92
N SER C 645 -22.67 -47.02 3.21
CA SER C 645 -23.38 -48.21 3.67
C SER C 645 -22.51 -49.45 3.57
N SER C 646 -21.87 -49.66 2.42
CA SER C 646 -21.05 -50.86 2.22
C SER C 646 -19.83 -50.85 3.12
N MET C 647 -19.25 -49.68 3.35
CA MET C 647 -18.01 -49.53 4.10
C MET C 647 -18.25 -49.27 5.59
N ALA C 648 -19.48 -49.49 6.06
CA ALA C 648 -19.85 -49.04 7.41
C ALA C 648 -19.13 -49.85 8.48
N ASN C 649 -19.16 -51.18 8.37
CA ASN C 649 -18.72 -52.05 9.46
C ASN C 649 -17.62 -53.02 9.09
N SER C 650 -17.40 -53.30 7.81
CA SER C 650 -16.42 -54.31 7.43
C SER C 650 -15.00 -53.86 7.79
N THR C 651 -14.74 -52.55 7.74
CA THR C 651 -13.39 -52.05 7.94
C THR C 651 -13.00 -52.06 9.41
N GLU C 652 -11.70 -51.87 9.64
CA GLU C 652 -11.16 -51.71 10.98
C GLU C 652 -11.22 -50.28 11.48
N GLY C 653 -11.60 -49.32 10.62
CA GLY C 653 -11.67 -47.94 11.00
C GLY C 653 -12.91 -47.28 10.42
N GLU C 654 -13.03 -45.98 10.71
CA GLU C 654 -14.20 -45.21 10.29
C GLU C 654 -13.99 -44.71 8.86
N THR C 655 -15.04 -44.88 8.04
CA THR C 655 -15.07 -44.44 6.65
C THR C 655 -16.22 -43.46 6.48
N MET C 656 -15.95 -42.33 5.84
CA MET C 656 -17.00 -41.34 5.59
C MET C 656 -16.81 -40.70 4.23
N ALA C 657 -17.83 -40.80 3.38
CA ALA C 657 -17.80 -40.21 2.04
C ALA C 657 -18.72 -38.99 2.01
N VAL C 658 -18.24 -37.90 1.42
CA VAL C 658 -18.95 -36.63 1.41
C VAL C 658 -18.86 -36.01 0.03
N LEU C 659 -19.79 -35.07 -0.24
CA LEU C 659 -19.87 -34.29 -1.46
C LEU C 659 -19.11 -32.99 -1.29
N PRO C 660 -18.15 -32.66 -2.16
CA PRO C 660 -17.37 -31.44 -1.95
C PRO C 660 -18.28 -30.22 -1.98
N PRO C 661 -17.95 -29.20 -1.19
CA PRO C 661 -18.77 -27.98 -1.22
C PRO C 661 -18.65 -27.28 -2.57
N ALA C 662 -19.71 -26.55 -2.93
CA ALA C 662 -19.68 -25.79 -4.17
C ALA C 662 -18.54 -24.79 -4.18
N ILE C 663 -18.32 -24.11 -3.06
CA ILE C 663 -17.19 -23.21 -2.88
C ILE C 663 -16.33 -23.76 -1.77
N ASP C 664 -15.00 -23.67 -1.95
CA ASP C 664 -14.05 -24.28 -1.02
C ASP C 664 -14.03 -23.46 0.26
N GLU C 665 -15.03 -23.70 1.11
CA GLU C 665 -15.16 -22.91 2.37
C GLU C 665 -15.39 -23.85 3.56
N LEU C 666 -14.36 -24.56 4.05
CA LEU C 666 -14.43 -25.44 5.21
C LEU C 666 -15.36 -26.63 4.96
N GLY C 667 -15.24 -27.23 3.78
CA GLY C 667 -15.95 -28.47 3.51
C GLY C 667 -17.45 -28.32 3.68
N THR C 668 -18.04 -29.19 4.49
CA THR C 668 -19.47 -29.26 4.65
C THR C 668 -20.02 -27.97 5.26
N PHE C 669 -21.35 -27.93 5.40
CA PHE C 669 -22.00 -26.75 5.93
C PHE C 669 -21.52 -26.46 7.35
N SER C 670 -21.45 -27.49 8.20
CA SER C 670 -20.93 -27.37 9.55
C SER C 670 -21.55 -26.14 10.25
N GLY C 671 -22.85 -26.22 10.46
CA GLY C 671 -23.62 -25.09 10.96
C GLY C 671 -22.96 -24.32 12.08
N PHE C 672 -22.23 -25.00 12.95
CA PHE C 672 -21.45 -24.33 13.98
C PHE C 672 -20.11 -25.04 14.16
N SER C 673 -19.02 -24.30 13.95
CA SER C 673 -17.68 -24.75 14.26
C SER C 673 -17.18 -23.93 15.45
N LEU C 674 -16.72 -24.62 16.49
CA LEU C 674 -16.37 -24.00 17.76
C LEU C 674 -14.99 -24.49 18.19
N ARG C 675 -14.30 -23.64 18.96
CA ARG C 675 -13.04 -24.02 19.59
C ARG C 675 -13.23 -23.91 21.10
N LEU C 676 -13.19 -25.06 21.77
CA LEU C 676 -13.27 -25.11 23.23
C LEU C 676 -11.87 -25.06 23.80
N GLN C 677 -11.54 -23.96 24.48
CA GLN C 677 -10.18 -23.66 24.88
C GLN C 677 -10.05 -23.61 26.39
N ASP C 678 -8.80 -23.72 26.84
CA ASP C 678 -8.45 -23.67 28.25
C ASP C 678 -7.95 -22.27 28.59
N ARG C 679 -8.56 -21.64 29.59
CA ARG C 679 -8.24 -20.28 29.96
C ARG C 679 -7.63 -20.15 31.35
N ALA C 680 -7.46 -21.25 32.07
CA ALA C 680 -6.92 -21.22 33.44
C ALA C 680 -5.80 -22.23 33.63
N ASN C 681 -5.12 -22.63 32.56
CA ASN C 681 -4.03 -23.61 32.63
C ASN C 681 -4.49 -24.90 33.31
N LEU C 682 -5.74 -25.30 33.04
CA LEU C 682 -6.26 -26.52 33.64
C LEU C 682 -5.49 -27.74 33.18
N GLY C 683 -4.93 -27.70 31.98
CA GLY C 683 -4.25 -28.83 31.40
C GLY C 683 -5.13 -29.58 30.42
N MET C 684 -4.47 -30.35 29.55
CA MET C 684 -5.20 -31.09 28.52
C MET C 684 -6.23 -32.05 29.08
N PRO C 685 -5.92 -32.89 30.08
CA PRO C 685 -6.93 -33.86 30.53
C PRO C 685 -8.24 -33.22 30.94
N ALA C 686 -8.18 -32.08 31.64
CA ALA C 686 -9.40 -31.39 32.02
C ALA C 686 -10.16 -30.90 30.79
N LEU C 687 -9.44 -30.37 29.81
CA LEU C 687 -10.10 -29.86 28.60
C LEU C 687 -10.81 -30.97 27.85
N LEU C 688 -10.16 -32.13 27.69
CA LEU C 688 -10.81 -33.21 26.95
C LEU C 688 -11.89 -33.89 27.78
N ALA C 689 -11.78 -33.88 29.11
CA ALA C 689 -12.90 -34.33 29.93
C ALA C 689 -14.10 -33.42 29.73
N ALA C 690 -13.88 -32.11 29.70
CA ALA C 690 -14.96 -31.18 29.40
C ALA C 690 -15.53 -31.43 28.01
N GLN C 691 -14.67 -31.74 27.04
CA GLN C 691 -15.15 -32.05 25.69
C GLN C 691 -16.04 -33.29 25.70
N ASP C 692 -15.64 -34.33 26.42
CA ASP C 692 -16.46 -35.54 26.49
C ASP C 692 -17.79 -35.25 27.16
N GLU C 693 -17.78 -34.46 28.24
CA GLU C 693 -19.03 -34.10 28.90
C GLU C 693 -19.94 -33.30 27.96
N LEU C 694 -19.35 -32.37 27.20
CA LEU C 694 -20.13 -31.57 26.26
C LEU C 694 -20.74 -32.46 25.18
N MET C 695 -19.97 -33.43 24.68
CA MET C 695 -20.52 -34.39 23.72
C MET C 695 -21.66 -35.18 24.33
N ALA C 696 -21.52 -35.59 25.59
CA ALA C 696 -22.60 -36.31 26.26
C ALA C 696 -23.86 -35.47 26.33
N MET C 697 -23.72 -34.18 26.68
CA MET C 697 -24.88 -33.31 26.70
C MET C 697 -25.48 -33.15 25.30
N ALA C 698 -24.64 -32.95 24.29
CA ALA C 698 -25.13 -32.71 22.94
C ALA C 698 -25.81 -33.93 22.36
N ALA C 699 -25.45 -35.13 22.81
CA ALA C 699 -26.07 -36.34 22.27
C ALA C 699 -27.57 -36.36 22.55
N LYS C 700 -28.01 -35.81 23.68
CA LYS C 700 -29.39 -35.86 24.11
C LYS C 700 -30.10 -34.52 23.96
N ASN C 701 -29.61 -33.62 23.11
CA ASN C 701 -30.11 -32.25 23.10
C ASN C 701 -31.39 -32.12 22.29
N LYS C 702 -31.40 -32.70 21.09
CA LYS C 702 -32.50 -32.68 20.12
C LYS C 702 -32.57 -31.37 19.33
N LYS C 703 -31.72 -30.38 19.62
CA LYS C 703 -31.69 -29.14 18.79
C LYS C 703 -30.53 -29.25 17.81
N PHE C 704 -29.73 -30.30 17.92
CA PHE C 704 -28.58 -30.50 17.00
C PHE C 704 -28.79 -31.84 16.29
N TYR C 705 -28.72 -31.87 14.97
CA TYR C 705 -28.84 -33.16 14.22
C TYR C 705 -27.66 -34.07 14.56
N MET C 706 -26.44 -33.55 14.54
CA MET C 706 -25.23 -34.35 14.85
C MET C 706 -24.16 -33.42 15.42
N VAL C 707 -23.45 -33.82 16.47
CA VAL C 707 -22.34 -32.99 17.00
C VAL C 707 -21.12 -33.91 17.17
N TRP C 708 -20.05 -33.63 16.44
CA TRP C 708 -18.86 -34.47 16.51
C TRP C 708 -17.66 -33.60 16.86
N ASN C 709 -16.54 -34.25 17.13
CA ASN C 709 -15.30 -33.59 17.51
C ASN C 709 -14.30 -33.73 16.37
N GLU C 710 -13.71 -32.62 15.96
CA GLU C 710 -12.68 -32.65 14.92
C GLU C 710 -11.31 -32.76 15.55
N GLY C 711 -10.59 -33.82 15.21
CA GLY C 711 -9.26 -34.04 15.77
C GLY C 711 -8.89 -35.51 15.69
N LEU C 712 -7.77 -35.82 16.30
CA LEU C 712 -7.24 -37.18 16.35
C LEU C 712 -7.46 -37.79 17.73
N PRO C 713 -7.60 -39.11 17.82
CA PRO C 713 -7.82 -39.74 19.13
C PRO C 713 -6.53 -39.85 19.91
N GLN C 714 -6.67 -39.89 21.24
CA GLN C 714 -5.53 -40.12 22.11
C GLN C 714 -4.97 -41.53 21.89
N GLY C 715 -3.69 -41.69 22.18
CA GLY C 715 -3.04 -42.96 21.91
C GLY C 715 -1.96 -43.28 22.92
N ASP C 716 -1.44 -44.50 22.82
CA ASP C 716 -0.41 -44.95 23.73
C ASP C 716 0.94 -44.36 23.36
N ASN C 717 1.69 -43.95 24.37
CA ASN C 717 3.04 -43.42 24.20
C ASN C 717 3.98 -44.14 25.16
N ILE C 718 5.19 -44.42 24.68
CA ILE C 718 6.22 -45.09 25.46
C ILE C 718 7.24 -44.04 25.87
N SER C 719 7.45 -43.91 27.18
CA SER C 719 8.41 -42.97 27.75
C SER C 719 9.66 -43.74 28.15
N LEU C 720 10.79 -43.35 27.59
CA LEU C 720 12.08 -43.89 28.00
C LEU C 720 12.70 -42.95 29.03
N LYS C 721 12.95 -43.48 30.21
CA LYS C 721 13.45 -42.60 31.30
C LYS C 721 14.95 -42.80 31.51
N ILE C 722 15.77 -42.02 30.83
CA ILE C 722 17.21 -42.06 31.00
C ILE C 722 17.55 -41.66 32.43
N ASP C 723 18.04 -42.64 33.20
CA ASP C 723 18.50 -42.33 34.57
C ASP C 723 19.81 -41.58 34.41
N ARG C 724 19.88 -40.34 34.84
CA ARG C 724 21.05 -39.51 34.56
C ARG C 724 22.24 -39.88 35.45
N GLU C 725 22.00 -40.21 36.72
CA GLU C 725 23.11 -40.60 37.58
C GLU C 725 23.70 -41.93 37.14
N LYS C 726 22.85 -42.86 36.68
CA LYS C 726 23.36 -44.12 36.14
C LYS C 726 24.21 -43.86 34.89
N LEU C 727 23.77 -42.95 34.04
CA LEU C 727 24.58 -42.58 32.88
C LEU C 727 25.91 -41.97 33.31
N SER C 728 25.89 -41.11 34.33
CA SER C 728 27.13 -40.53 34.83
C SER C 728 28.07 -41.61 35.36
N ALA C 729 27.51 -42.65 35.98
CA ALA C 729 28.34 -43.75 36.46
C ALA C 729 29.16 -44.36 35.33
N LEU C 730 28.61 -44.39 34.13
CA LEU C 730 29.32 -44.90 32.96
C LEU C 730 30.22 -43.85 32.32
N GLY C 731 30.22 -42.62 32.81
CA GLY C 731 31.02 -41.58 32.20
C GLY C 731 30.62 -41.26 30.78
N VAL C 732 29.31 -41.25 30.50
CA VAL C 732 28.76 -40.98 29.19
C VAL C 732 28.03 -39.65 29.24
N LYS C 733 28.42 -38.74 28.37
CA LYS C 733 27.78 -37.43 28.30
C LYS C 733 26.33 -37.58 27.87
N PHE C 734 25.43 -36.87 28.54
CA PHE C 734 24.03 -36.90 28.14
C PHE C 734 23.84 -36.38 26.73
N SER C 735 24.70 -35.47 26.30
CA SER C 735 24.64 -34.99 24.92
C SER C 735 24.85 -36.13 23.93
N ASP C 736 25.77 -37.06 24.27
CA ASP C 736 26.00 -38.20 23.39
C ASP C 736 24.76 -39.07 23.28
N VAL C 737 24.09 -39.34 24.41
CA VAL C 737 22.89 -40.16 24.38
C VAL C 737 21.81 -39.46 23.55
N SER C 738 21.64 -38.16 23.77
CA SER C 738 20.66 -37.40 23.00
C SER C 738 20.97 -37.48 21.51
N ASP C 739 22.24 -37.34 21.15
CA ASP C 739 22.63 -37.39 19.74
C ASP C 739 22.31 -38.74 19.13
N ILE C 740 22.64 -39.84 19.83
CA ILE C 740 22.41 -41.16 19.25
C ILE C 740 20.91 -41.43 19.13
N ILE C 741 20.12 -40.98 20.11
CA ILE C 741 18.68 -41.20 20.03
C ILE C 741 18.07 -40.36 18.91
N SER C 742 18.56 -39.14 18.72
CA SER C 742 18.03 -38.28 17.67
C SER C 742 18.41 -38.76 16.28
N THR C 743 19.63 -39.31 16.12
CA THR C 743 20.08 -39.72 14.80
C THR C 743 19.59 -41.12 14.44
N SER C 744 19.60 -42.04 15.41
CA SER C 744 19.25 -43.42 15.10
C SER C 744 17.78 -43.56 14.76
N MET C 745 16.89 -42.97 15.57
CA MET C 745 15.46 -43.06 15.35
C MET C 745 14.88 -41.85 14.65
N GLY C 746 15.53 -40.70 14.72
CA GLY C 746 15.10 -39.53 13.99
C GLY C 746 16.02 -39.22 12.83
N SER C 747 15.46 -38.70 11.74
CA SER C 747 16.29 -38.35 10.60
C SER C 747 17.25 -37.23 10.96
N MET C 748 18.49 -37.38 10.51
CA MET C 748 19.55 -36.40 10.76
C MET C 748 19.98 -35.79 9.44
N TYR C 749 19.83 -34.48 9.32
CA TYR C 749 20.21 -33.73 8.12
C TYR C 749 21.60 -33.17 8.34
N ILE C 750 22.55 -33.58 7.50
CA ILE C 750 23.95 -33.25 7.70
C ILE C 750 24.45 -32.22 6.69
N ASN C 751 24.11 -32.40 5.41
CA ASN C 751 24.59 -31.50 4.36
C ASN C 751 23.81 -31.78 3.09
N ASP C 752 24.24 -31.14 2.01
CA ASP C 752 23.64 -31.29 0.69
C ASP C 752 24.68 -31.80 -0.30
N PHE C 753 24.21 -32.53 -1.30
CA PHE C 753 25.03 -33.07 -2.37
C PHE C 753 24.42 -32.76 -3.72
N PRO C 754 25.24 -32.58 -4.76
CA PRO C 754 24.70 -32.27 -6.08
C PRO C 754 24.29 -33.51 -6.87
N ASN C 755 23.01 -33.61 -7.22
CA ASN C 755 22.49 -34.67 -8.08
C ASN C 755 22.05 -34.02 -9.38
N GLN C 756 22.83 -34.26 -10.45
CA GLN C 756 22.49 -33.79 -11.79
C GLN C 756 22.06 -32.33 -11.78
N GLY C 757 22.83 -31.49 -11.07
CA GLY C 757 22.61 -30.06 -11.09
C GLY C 757 21.70 -29.52 -10.00
N ARG C 758 21.09 -30.37 -9.18
CA ARG C 758 20.20 -29.94 -8.11
C ARG C 758 20.76 -30.39 -6.78
N MET C 759 20.85 -29.46 -5.82
CA MET C 759 21.33 -29.80 -4.49
C MET C 759 20.23 -30.50 -3.71
N GLN C 760 20.55 -31.65 -3.12
CA GLN C 760 19.59 -32.46 -2.41
C GLN C 760 20.17 -32.91 -1.07
N GLN C 761 19.29 -33.13 -0.10
CA GLN C 761 19.72 -33.41 1.26
C GLN C 761 20.43 -34.77 1.35
N VAL C 762 21.27 -34.90 2.36
CA VAL C 762 21.88 -36.17 2.74
C VAL C 762 21.44 -36.45 4.17
N ILE C 763 20.87 -37.64 4.39
CA ILE C 763 20.24 -37.99 5.66
C ILE C 763 20.76 -39.34 6.12
N VAL C 764 20.82 -39.51 7.43
CA VAL C 764 21.31 -40.74 8.06
C VAL C 764 20.26 -41.23 9.04
N GLN C 765 20.00 -42.53 9.01
CA GLN C 765 19.07 -43.14 9.96
C GLN C 765 19.41 -44.63 10.07
N VAL C 766 18.79 -45.29 11.05
CA VAL C 766 18.97 -46.72 11.20
C VAL C 766 18.07 -47.46 10.23
N GLU C 767 18.49 -48.66 9.85
CA GLU C 767 17.73 -49.48 8.93
C GLU C 767 16.36 -49.81 9.51
N ALA C 768 15.40 -50.11 8.64
CA ALA C 768 14.05 -50.39 9.08
C ALA C 768 14.00 -51.60 10.00
N LYS C 769 14.75 -52.65 9.67
CA LYS C 769 14.68 -53.89 10.44
C LYS C 769 15.06 -53.70 11.90
N SER C 770 15.81 -52.66 12.23
CA SER C 770 16.36 -52.48 13.57
C SER C 770 15.62 -51.42 14.40
N ARG C 771 14.48 -50.91 13.92
CA ARG C 771 13.74 -49.90 14.66
C ARG C 771 12.23 -50.11 14.59
N MET C 772 11.77 -51.36 14.52
CA MET C 772 10.35 -51.66 14.54
C MET C 772 9.86 -52.16 15.90
N GLN C 773 10.77 -52.55 16.79
CA GLN C 773 10.40 -53.08 18.10
C GLN C 773 11.23 -52.41 19.17
N LEU C 774 10.67 -52.34 20.38
CA LEU C 774 11.33 -51.66 21.48
C LEU C 774 12.65 -52.33 21.85
N LYS C 775 12.76 -53.64 21.63
CA LYS C 775 13.96 -54.35 22.04
C LYS C 775 15.20 -53.81 21.34
N ASP C 776 15.08 -53.53 20.04
CA ASP C 776 16.24 -53.01 19.29
C ASP C 776 16.66 -51.64 19.80
N ILE C 777 15.69 -50.79 20.15
CA ILE C 777 16.01 -49.45 20.64
C ILE C 777 16.81 -49.51 21.93
N LEU C 778 16.44 -50.40 22.85
CA LEU C 778 17.17 -50.54 24.10
C LEU C 778 18.57 -51.08 23.92
N ASN C 779 18.89 -51.59 22.73
CA ASN C 779 20.21 -52.11 22.41
C ASN C 779 21.06 -51.12 21.63
N LEU C 780 20.56 -49.91 21.40
CA LEU C 780 21.37 -48.90 20.74
C LEU C 780 22.56 -48.54 21.61
N LYS C 781 23.74 -48.48 20.99
CA LYS C 781 25.00 -48.34 21.72
C LYS C 781 25.51 -46.90 21.64
N VAL C 782 25.94 -46.37 22.77
CA VAL C 782 26.46 -45.01 22.87
C VAL C 782 27.94 -45.09 23.25
N MET C 783 28.77 -44.32 22.56
CA MET C 783 30.19 -44.28 22.88
C MET C 783 30.41 -43.71 24.28
N GLY C 784 31.41 -44.24 24.98
CA GLY C 784 31.72 -43.79 26.32
C GLY C 784 33.15 -43.31 26.47
N SER C 785 33.42 -42.55 27.52
CA SER C 785 34.78 -42.04 27.74
C SER C 785 35.76 -43.18 27.96
N SER C 786 35.35 -44.21 28.69
CA SER C 786 36.22 -45.35 28.95
C SER C 786 36.62 -46.08 27.68
N GLY C 787 35.87 -45.88 26.59
CA GLY C 787 36.15 -46.55 25.33
C GLY C 787 35.34 -47.81 25.08
N GLN C 788 34.36 -48.11 25.93
CA GLN C 788 33.51 -49.27 25.77
C GLN C 788 32.08 -48.82 25.47
N LEU C 789 31.50 -49.37 24.41
CA LEU C 789 30.15 -48.98 24.03
C LEU C 789 29.16 -49.33 25.12
N VAL C 790 28.24 -48.41 25.39
CA VAL C 790 27.20 -48.60 26.40
C VAL C 790 25.84 -48.60 25.69
N SER C 791 24.93 -49.43 26.20
CA SER C 791 23.62 -49.61 25.60
C SER C 791 22.58 -48.84 26.40
N LEU C 792 21.51 -48.44 25.71
CA LEU C 792 20.45 -47.70 26.37
C LEU C 792 19.76 -48.54 27.45
N SER C 793 19.68 -49.85 27.24
CA SER C 793 18.98 -50.71 28.20
C SER C 793 19.57 -50.56 29.60
N GLU C 794 20.85 -50.23 29.69
CA GLU C 794 21.49 -50.12 31.00
C GLU C 794 21.05 -48.87 31.77
N VAL C 795 20.48 -47.89 31.08
CA VAL C 795 20.17 -46.60 31.69
C VAL C 795 18.75 -46.13 31.43
N VAL C 796 17.95 -46.86 30.65
CA VAL C 796 16.59 -46.45 30.32
C VAL C 796 15.61 -47.45 30.90
N THR C 797 14.42 -46.96 31.24
CA THR C 797 13.35 -47.78 31.79
C THR C 797 12.05 -47.45 31.08
N PRO C 798 11.70 -48.15 29.99
CA PRO C 798 10.50 -47.80 29.25
C PRO C 798 9.24 -48.00 30.09
N GLN C 799 8.26 -47.13 29.88
CA GLN C 799 6.93 -47.29 30.46
C GLN C 799 5.89 -46.89 29.44
N TRP C 800 4.69 -47.46 29.55
CA TRP C 800 3.61 -47.22 28.61
C TRP C 800 2.53 -46.40 29.30
N ASN C 801 2.15 -45.28 28.69
CA ASN C 801 1.13 -44.39 29.23
C ASN C 801 0.21 -43.96 28.09
N LYS C 802 -0.83 -43.20 28.44
CA LYS C 802 -1.80 -42.71 27.47
C LYS C 802 -1.63 -41.19 27.32
N ALA C 803 -1.39 -40.74 26.10
CA ALA C 803 -1.11 -39.34 25.84
C ALA C 803 -1.86 -38.88 24.60
N PRO C 804 -2.13 -37.58 24.48
CA PRO C 804 -2.73 -37.07 23.24
C PRO C 804 -1.82 -37.28 22.04
N GLN C 805 -2.43 -37.48 20.88
CA GLN C 805 -1.70 -37.61 19.62
C GLN C 805 -1.82 -36.35 18.75
N GLN C 806 -2.35 -35.26 19.30
CA GLN C 806 -2.52 -34.03 18.56
C GLN C 806 -2.63 -32.88 19.54
N TYR C 807 -1.96 -31.76 19.22
CA TYR C 807 -2.00 -30.56 20.04
C TYR C 807 -2.47 -29.40 19.19
N ASN C 808 -3.61 -28.82 19.56
CA ASN C 808 -4.21 -27.72 18.82
C ASN C 808 -4.33 -26.50 19.73
N ARG C 809 -4.06 -25.33 19.17
CA ARG C 809 -4.14 -24.07 19.88
C ARG C 809 -4.95 -23.08 19.07
N TYR C 810 -5.77 -22.29 19.75
CA TYR C 810 -6.57 -21.25 19.13
C TYR C 810 -6.40 -19.96 19.92
N ASN C 811 -6.12 -18.87 19.20
CA ASN C 811 -6.00 -17.54 19.80
C ASN C 811 -5.10 -17.57 21.05
N GLY C 812 -4.01 -18.33 20.96
CA GLY C 812 -3.02 -18.34 22.01
C GLY C 812 -3.32 -19.23 23.20
N ARG C 813 -4.32 -20.12 23.09
CA ARG C 813 -4.66 -21.00 24.21
C ARG C 813 -4.90 -22.42 23.70
N PRO C 814 -4.57 -23.43 24.49
CA PRO C 814 -4.86 -24.81 24.06
C PRO C 814 -6.35 -24.98 23.82
N SER C 815 -6.70 -25.77 22.80
CA SER C 815 -8.08 -25.81 22.33
C SER C 815 -8.38 -27.14 21.67
N LEU C 816 -9.68 -27.42 21.55
CA LEU C 816 -10.20 -28.57 20.83
C LEU C 816 -11.23 -28.09 19.83
N SER C 817 -11.20 -28.64 18.63
CA SER C 817 -12.10 -28.24 17.56
C SER C 817 -13.35 -29.12 17.59
N ILE C 818 -14.53 -28.49 17.51
CA ILE C 818 -15.80 -29.18 17.49
C ILE C 818 -16.60 -28.64 16.31
N ALA C 819 -17.29 -29.54 15.60
CA ALA C 819 -18.15 -29.15 14.50
C ALA C 819 -19.49 -29.86 14.63
N GLY C 820 -20.57 -29.14 14.33
CA GLY C 820 -21.89 -29.71 14.43
C GLY C 820 -22.89 -29.05 13.51
N ILE C 821 -23.93 -29.80 13.21
CA ILE C 821 -24.98 -29.37 12.29
C ILE C 821 -26.25 -29.13 13.11
N PRO C 822 -27.04 -28.11 12.80
CA PRO C 822 -28.32 -27.94 13.51
C PRO C 822 -29.38 -28.86 12.93
N ASN C 823 -30.34 -29.22 13.79
CA ASN C 823 -31.48 -29.98 13.32
C ASN C 823 -32.28 -29.14 12.32
N PHE C 824 -32.89 -29.81 11.34
CA PHE C 824 -33.60 -29.09 10.29
C PHE C 824 -34.64 -28.14 10.87
N ASP C 825 -35.24 -28.51 12.01
CA ASP C 825 -36.15 -27.59 12.69
C ASP C 825 -35.38 -26.42 13.31
N THR C 826 -34.15 -26.67 13.77
CA THR C 826 -33.37 -25.66 14.46
C THR C 826 -32.61 -24.77 13.48
N SER C 827 -32.48 -23.49 13.84
CA SER C 827 -31.68 -22.55 13.09
C SER C 827 -30.30 -22.41 13.72
N SER C 828 -29.37 -21.83 12.94
CA SER C 828 -27.99 -21.73 13.39
C SER C 828 -27.87 -20.86 14.63
N GLY C 829 -28.56 -19.72 14.66
CA GLY C 829 -28.38 -18.79 15.77
C GLY C 829 -28.79 -19.39 17.11
N GLU C 830 -29.98 -19.99 17.15
CA GLU C 830 -30.45 -20.58 18.41
C GLU C 830 -29.61 -21.78 18.79
N ALA C 831 -29.15 -22.54 17.80
CA ALA C 831 -28.26 -23.67 18.09
C ALA C 831 -26.98 -23.19 18.75
N MET C 832 -26.39 -22.12 18.22
CA MET C 832 -25.18 -21.57 18.84
C MET C 832 -25.46 -21.03 20.23
N ARG C 833 -26.60 -20.37 20.42
CA ARG C 833 -26.94 -19.88 21.75
C ARG C 833 -27.06 -21.02 22.75
N GLU C 834 -27.72 -22.12 22.37
CA GLU C 834 -27.88 -23.22 23.29
C GLU C 834 -26.56 -23.95 23.52
N MET C 835 -25.69 -23.99 22.51
CA MET C 835 -24.35 -24.53 22.73
C MET C 835 -23.59 -23.68 23.74
N GLU C 836 -23.73 -22.35 23.67
CA GLU C 836 -23.14 -21.49 24.67
C GLU C 836 -23.70 -21.81 26.06
N GLN C 837 -25.02 -21.99 26.15
CA GLN C 837 -25.63 -22.35 27.43
C GLN C 837 -25.04 -23.63 27.99
N LEU C 838 -24.92 -24.65 27.14
CA LEU C 838 -24.36 -25.93 27.58
C LEU C 838 -22.92 -25.77 28.03
N ILE C 839 -22.12 -24.98 27.29
CA ILE C 839 -20.74 -24.74 27.68
C ILE C 839 -20.67 -24.06 29.03
N ALA C 840 -21.64 -23.19 29.32
CA ALA C 840 -21.65 -22.51 30.62
C ALA C 840 -21.63 -23.53 31.76
N LYS C 841 -22.21 -24.72 31.54
CA LYS C 841 -22.24 -25.76 32.56
C LYS C 841 -20.92 -26.52 32.67
N LEU C 842 -20.01 -26.35 31.71
CA LEU C 842 -18.72 -27.03 31.74
C LEU C 842 -17.88 -26.49 32.89
N PRO C 843 -16.88 -27.22 33.37
CA PRO C 843 -16.16 -26.79 34.57
C PRO C 843 -15.44 -25.46 34.36
N LYS C 844 -15.13 -24.82 35.47
CA LYS C 844 -14.50 -23.50 35.45
C LYS C 844 -13.17 -23.55 34.72
N GLY C 845 -12.86 -22.47 34.00
CA GLY C 845 -11.64 -22.38 33.22
C GLY C 845 -11.76 -22.87 31.80
N ILE C 846 -12.89 -23.43 31.40
CA ILE C 846 -13.12 -23.90 30.04
C ILE C 846 -13.94 -22.84 29.32
N GLY C 847 -13.32 -22.19 28.33
CA GLY C 847 -14.00 -21.18 27.55
C GLY C 847 -14.27 -21.70 26.14
N TYR C 848 -14.98 -20.88 25.37
CA TYR C 848 -15.36 -21.24 24.01
C TYR C 848 -15.16 -20.03 23.11
N GLU C 849 -14.96 -20.31 21.82
CA GLU C 849 -14.88 -19.23 20.84
C GLU C 849 -15.34 -19.74 19.48
N TRP C 850 -16.20 -18.97 18.82
CA TRP C 850 -16.65 -19.31 17.48
C TRP C 850 -15.58 -18.96 16.46
N THR C 851 -15.60 -19.68 15.34
CA THR C 851 -14.64 -19.47 14.27
C THR C 851 -15.33 -19.71 12.94
N GLY C 852 -14.76 -19.10 11.90
CA GLY C 852 -15.31 -19.26 10.56
C GLY C 852 -16.65 -18.55 10.38
N ILE C 853 -17.48 -19.10 9.50
CA ILE C 853 -18.73 -18.45 9.14
C ILE C 853 -19.56 -18.18 10.37
N SER C 854 -19.62 -19.13 11.30
CA SER C 854 -20.40 -18.93 12.52
C SER C 854 -20.01 -17.65 13.21
N LEU C 855 -18.71 -17.37 13.34
CA LEU C 855 -18.29 -16.12 13.96
C LEU C 855 -18.90 -14.93 13.22
N GLN C 856 -18.81 -14.93 11.89
CA GLN C 856 -19.45 -13.88 11.12
C GLN C 856 -20.94 -13.83 11.40
N GLU C 857 -21.57 -15.00 11.50
CA GLU C 857 -23.01 -15.04 11.79
C GLU C 857 -23.31 -14.32 13.10
N LYS C 858 -22.38 -14.36 14.05
CA LYS C 858 -22.58 -13.66 15.32
C LYS C 858 -22.47 -12.15 15.13
N GLN C 859 -21.57 -11.71 14.26
CA GLN C 859 -21.33 -10.27 14.11
C GLN C 859 -22.51 -9.58 13.42
N SER C 860 -23.06 -10.21 12.39
CA SER C 860 -24.20 -9.65 11.66
C SER C 860 -25.51 -10.21 12.22
N GLU C 861 -25.75 -9.90 13.50
CA GLU C 861 -26.92 -10.43 14.18
C GLU C 861 -28.21 -9.81 13.65
N SER C 862 -28.24 -8.47 13.51
CA SER C 862 -29.44 -7.76 13.10
C SER C 862 -29.20 -6.81 11.93
N GLN C 863 -28.11 -6.99 11.18
CA GLN C 863 -27.83 -6.11 10.06
C GLN C 863 -28.93 -6.19 9.01
N MET C 864 -29.37 -7.41 8.69
CA MET C 864 -30.34 -7.59 7.61
C MET C 864 -31.66 -6.90 7.93
N ALA C 865 -32.17 -7.05 9.16
CA ALA C 865 -33.44 -6.42 9.51
C ALA C 865 -33.34 -4.91 9.46
N PHE C 866 -32.25 -4.35 9.98
CA PHE C 866 -32.06 -2.90 9.94
C PHE C 866 -32.00 -2.39 8.51
N LEU C 867 -31.24 -3.08 7.66
CA LEU C 867 -31.15 -2.66 6.26
C LEU C 867 -32.49 -2.78 5.55
N LEU C 868 -33.26 -3.82 5.87
CA LEU C 868 -34.59 -3.96 5.29
C LEU C 868 -35.49 -2.80 5.70
N GLY C 869 -35.48 -2.45 6.98
CA GLY C 869 -36.27 -1.31 7.43
C GLY C 869 -35.85 -0.02 6.74
N LEU C 870 -34.54 0.19 6.60
CA LEU C 870 -34.06 1.39 5.92
C LEU C 870 -34.52 1.41 4.47
N SER C 871 -34.49 0.25 3.80
CA SER C 871 -34.92 0.19 2.41
C SER C 871 -36.42 0.49 2.29
N MET C 872 -37.23 -0.06 3.19
CA MET C 872 -38.65 0.29 3.17
C MET C 872 -38.87 1.78 3.39
N LEU C 873 -38.13 2.38 4.33
CA LEU C 873 -38.26 3.82 4.54
C LEU C 873 -37.88 4.60 3.28
N VAL C 874 -36.78 4.21 2.62
CA VAL C 874 -36.33 4.93 1.44
C VAL C 874 -37.33 4.81 0.31
N VAL C 875 -37.85 3.61 0.07
CA VAL C 875 -38.81 3.43 -1.01
C VAL C 875 -40.09 4.20 -0.69
N PHE C 876 -40.52 4.19 0.57
CA PHE C 876 -41.71 4.96 0.95
C PHE C 876 -41.50 6.44 0.65
N LEU C 877 -40.34 6.98 1.03
CA LEU C 877 -40.08 8.39 0.80
C LEU C 877 -40.04 8.71 -0.69
N VAL C 878 -39.39 7.86 -1.48
CA VAL C 878 -39.28 8.10 -2.92
C VAL C 878 -40.66 8.07 -3.56
N LEU C 879 -41.49 7.09 -3.19
CA LEU C 879 -42.82 7.00 -3.77
C LEU C 879 -43.71 8.16 -3.33
N ALA C 880 -43.58 8.60 -2.06
CA ALA C 880 -44.33 9.77 -1.61
C ALA C 880 -43.94 11.00 -2.41
N ALA C 881 -42.63 11.18 -2.66
CA ALA C 881 -42.20 12.29 -3.49
C ALA C 881 -42.76 12.17 -4.90
N LEU C 882 -42.77 10.95 -5.46
CA LEU C 882 -43.27 10.76 -6.81
C LEU C 882 -44.75 11.11 -6.91
N TYR C 883 -45.56 10.63 -5.97
CA TYR C 883 -47.00 10.88 -5.99
C TYR C 883 -47.42 12.13 -5.23
N GLU C 884 -46.48 12.79 -4.53
CA GLU C 884 -46.77 14.02 -3.79
C GLU C 884 -47.73 13.79 -2.64
N SER C 885 -47.90 12.55 -2.18
CA SER C 885 -48.83 12.23 -1.11
C SER C 885 -48.17 11.24 -0.15
N TRP C 886 -48.55 11.33 1.12
CA TRP C 886 -48.02 10.46 2.16
C TRP C 886 -48.79 9.16 2.32
N ALA C 887 -49.93 9.01 1.63
CA ALA C 887 -50.78 7.83 1.74
C ALA C 887 -50.78 6.96 0.51
N ILE C 888 -50.68 7.57 -0.68
CA ILE C 888 -50.67 6.84 -1.94
C ILE C 888 -49.54 5.81 -1.97
N PRO C 889 -48.31 6.13 -1.54
CA PRO C 889 -47.24 5.13 -1.66
C PRO C 889 -47.54 3.82 -0.96
N LEU C 890 -48.29 3.86 0.15
CA LEU C 890 -48.67 2.62 0.83
C LEU C 890 -49.28 1.63 -0.15
N SER C 891 -50.07 2.12 -1.10
CA SER C 891 -50.78 1.25 -2.07
C SER C 891 -49.78 0.45 -2.87
N VAL C 892 -48.62 1.03 -3.18
CA VAL C 892 -47.55 0.29 -3.83
C VAL C 892 -46.89 -0.66 -2.84
N MET C 893 -46.57 -0.17 -1.64
CA MET C 893 -45.80 -0.95 -0.69
C MET C 893 -46.49 -2.25 -0.30
N LEU C 894 -47.80 -2.34 -0.48
CA LEU C 894 -48.54 -3.53 -0.10
C LEU C 894 -48.47 -4.63 -1.15
N VAL C 895 -47.83 -4.39 -2.30
CA VAL C 895 -47.68 -5.43 -3.30
C VAL C 895 -46.54 -6.37 -2.99
N VAL C 896 -45.65 -5.99 -2.06
CA VAL C 896 -44.46 -6.82 -1.81
C VAL C 896 -44.84 -8.23 -1.39
N PRO C 897 -45.73 -8.45 -0.42
CA PRO C 897 -46.04 -9.82 -0.02
C PRO C 897 -46.55 -10.69 -1.16
N LEU C 898 -47.38 -10.13 -2.06
CA LEU C 898 -48.01 -10.93 -3.10
C LEU C 898 -46.97 -11.69 -3.92
N GLY C 899 -45.86 -11.02 -4.26
CA GLY C 899 -44.82 -11.70 -5.03
C GLY C 899 -44.18 -12.83 -4.25
N ILE C 900 -43.93 -12.63 -2.96
CA ILE C 900 -43.22 -13.64 -2.18
C ILE C 900 -44.07 -14.89 -2.01
N PHE C 901 -45.39 -14.73 -1.84
CA PHE C 901 -46.25 -15.86 -1.53
C PHE C 901 -45.98 -17.04 -2.46
N GLY C 902 -46.28 -16.88 -3.74
CA GLY C 902 -46.04 -17.98 -4.67
C GLY C 902 -44.61 -18.46 -4.59
N ALA C 903 -43.66 -17.53 -4.53
CA ALA C 903 -42.26 -17.91 -4.46
C ALA C 903 -42.03 -18.93 -3.36
N ILE C 904 -42.47 -18.61 -2.13
CA ILE C 904 -42.22 -19.56 -1.04
C ILE C 904 -42.84 -20.90 -1.37
N ILE C 905 -44.09 -20.89 -1.86
CA ILE C 905 -44.75 -22.14 -2.19
C ILE C 905 -43.88 -22.93 -3.15
N ALA C 906 -43.34 -22.26 -4.17
CA ALA C 906 -42.53 -22.96 -5.15
C ALA C 906 -41.45 -23.79 -4.47
N ILE C 907 -40.67 -23.17 -3.58
CA ILE C 907 -39.59 -23.93 -2.95
C ILE C 907 -40.16 -24.99 -2.03
N MET C 908 -41.25 -24.66 -1.32
CA MET C 908 -41.89 -25.65 -0.46
C MET C 908 -42.42 -26.80 -1.30
N SER C 909 -42.66 -26.57 -2.59
CA SER C 909 -43.12 -27.66 -3.44
C SER C 909 -41.96 -28.58 -3.82
N ARG C 910 -40.75 -28.03 -3.97
CA ARG C 910 -39.61 -28.80 -4.45
C ARG C 910 -38.68 -29.25 -3.33
N GLY C 911 -39.00 -28.96 -2.08
CA GLY C 911 -38.10 -29.30 -1.00
C GLY C 911 -36.79 -28.54 -1.08
N LEU C 912 -36.79 -27.39 -1.73
CA LEU C 912 -35.60 -26.56 -1.88
C LEU C 912 -35.50 -25.61 -0.69
N MET C 913 -34.43 -25.75 0.09
CA MET C 913 -34.27 -24.93 1.28
C MET C 913 -33.96 -23.48 0.89
N ASN C 914 -34.46 -22.56 1.70
CA ASN C 914 -34.18 -21.15 1.48
C ASN C 914 -32.67 -20.91 1.51
N ASP C 915 -32.17 -20.19 0.50
CA ASP C 915 -30.75 -19.95 0.36
C ASP C 915 -30.52 -18.56 -0.22
N VAL C 916 -29.27 -18.26 -0.54
CA VAL C 916 -28.92 -16.95 -1.08
C VAL C 916 -29.61 -16.73 -2.42
N PHE C 917 -29.53 -17.73 -3.30
CA PHE C 917 -30.11 -17.62 -4.67
C PHE C 917 -31.63 -17.44 -4.62
N PHE C 918 -32.30 -17.95 -3.62
CA PHE C 918 -33.73 -17.72 -3.46
C PHE C 918 -34.01 -16.27 -3.10
N LYS C 919 -33.17 -15.69 -2.25
CA LYS C 919 -33.30 -14.26 -1.94
C LYS C 919 -33.01 -13.41 -3.16
N ILE C 920 -32.02 -13.80 -3.97
CA ILE C 920 -31.74 -13.07 -5.20
C ILE C 920 -32.99 -13.03 -6.07
N GLY C 921 -33.66 -14.17 -6.22
CA GLY C 921 -34.89 -14.21 -6.99
C GLY C 921 -36.03 -13.44 -6.36
N LEU C 922 -36.15 -13.47 -5.03
CA LEU C 922 -37.17 -12.69 -4.34
C LEU C 922 -36.99 -11.21 -4.64
N ILE C 923 -35.74 -10.75 -4.69
CA ILE C 923 -35.51 -9.33 -4.99
C ILE C 923 -36.04 -8.98 -6.38
N THR C 924 -35.77 -9.85 -7.37
CA THR C 924 -36.28 -9.59 -8.72
C THR C 924 -37.79 -9.58 -8.74
N ILE C 925 -38.43 -10.53 -8.06
CA ILE C 925 -39.88 -10.57 -8.03
C ILE C 925 -40.44 -9.31 -7.40
N ILE C 926 -39.87 -8.86 -6.28
CA ILE C 926 -40.34 -7.65 -5.63
C ILE C 926 -40.14 -6.45 -6.54
N GLY C 927 -39.01 -6.38 -7.24
CA GLY C 927 -38.78 -5.27 -8.16
C GLY C 927 -39.82 -5.20 -9.27
N LEU C 928 -40.10 -6.35 -9.89
CA LEU C 928 -41.11 -6.37 -10.94
C LEU C 928 -42.48 -5.99 -10.41
N SER C 929 -42.85 -6.52 -9.24
CA SER C 929 -44.15 -6.20 -8.66
C SER C 929 -44.25 -4.71 -8.36
N ALA C 930 -43.19 -4.13 -7.79
CA ALA C 930 -43.20 -2.71 -7.48
C ALA C 930 -43.29 -1.87 -8.75
N LYS C 931 -42.57 -2.31 -9.78
CA LYS C 931 -42.55 -1.68 -11.12
C LYS C 931 -43.97 -1.63 -11.70
N ASN C 932 -44.73 -2.72 -11.65
CA ASN C 932 -46.11 -2.78 -12.15
C ASN C 932 -47.05 -1.96 -11.29
N ALA C 933 -46.91 -2.06 -9.97
CA ALA C 933 -47.79 -1.30 -9.08
C ALA C 933 -47.58 0.19 -9.26
N ILE C 934 -46.33 0.63 -9.41
CA ILE C 934 -46.05 2.05 -9.59
C ILE C 934 -46.71 2.56 -10.86
N LEU C 935 -46.57 1.80 -11.96
CA LEU C 935 -47.19 2.24 -13.20
C LEU C 935 -48.71 2.30 -13.06
N ILE C 936 -49.31 1.29 -12.45
CA ILE C 936 -50.77 1.28 -12.31
C ILE C 936 -51.23 2.47 -11.48
N VAL C 937 -50.55 2.72 -10.36
CA VAL C 937 -50.97 3.80 -9.47
C VAL C 937 -50.77 5.15 -10.13
N GLU C 938 -49.68 5.34 -10.88
CA GLU C 938 -49.49 6.61 -11.57
C GLU C 938 -50.57 6.85 -12.61
N PHE C 939 -50.91 5.81 -13.36
CA PHE C 939 -51.93 5.95 -14.42
C PHE C 939 -53.27 6.16 -13.75
N ALA C 940 -53.61 5.60 -12.59
CA ALA C 940 -54.86 5.86 -11.86
C ALA C 940 -54.89 7.28 -11.33
N LYS C 941 -53.76 7.75 -10.77
CA LYS C 941 -53.71 9.11 -10.23
C LYS C 941 -53.90 10.15 -11.31
N MET C 942 -53.24 9.92 -12.45
CA MET C 942 -53.32 10.84 -13.61
C MET C 942 -54.74 10.83 -14.16
N LEU C 943 -55.47 9.72 -14.20
CA LEU C 943 -56.85 9.64 -14.65
C LEU C 943 -57.78 10.32 -13.66
N LYS C 944 -57.54 10.16 -12.36
CA LYS C 944 -58.33 10.87 -11.37
C LYS C 944 -58.13 12.38 -11.51
N GLU C 945 -56.89 12.82 -11.72
CA GLU C 945 -56.62 14.24 -11.93
C GLU C 945 -57.41 14.76 -13.12
N GLU C 946 -57.65 13.91 -14.11
CA GLU C 946 -58.53 14.30 -15.21
C GLU C 946 -59.96 14.52 -14.76
N GLY C 947 -60.31 14.08 -13.55
CA GLY C 947 -61.59 14.36 -12.95
C GLY C 947 -62.63 13.27 -13.11
N MET C 948 -62.27 12.14 -13.72
CA MET C 948 -63.29 11.14 -14.07
C MET C 948 -63.90 10.52 -12.81
N SER C 949 -63.08 9.86 -11.98
CA SER C 949 -63.53 9.37 -10.66
C SER C 949 -62.41 8.65 -9.94
N LEU C 950 -62.68 8.21 -8.71
CA LEU C 950 -61.77 7.33 -7.98
C LEU C 950 -61.90 5.89 -8.45
N ILE C 951 -63.11 5.32 -8.39
CA ILE C 951 -63.29 3.95 -8.85
C ILE C 951 -63.03 3.85 -10.34
N GLU C 952 -63.62 4.76 -11.12
CA GLU C 952 -63.51 4.69 -12.57
C GLU C 952 -62.07 4.88 -13.03
N ALA C 953 -61.35 5.82 -12.43
CA ALA C 953 -59.97 6.05 -12.83
C ALA C 953 -59.10 4.83 -12.54
N THR C 954 -59.29 4.20 -11.37
CA THR C 954 -58.49 3.03 -11.05
C THR C 954 -58.80 1.88 -11.99
N VAL C 955 -60.09 1.67 -12.30
CA VAL C 955 -60.45 0.62 -13.23
C VAL C 955 -59.84 0.89 -14.60
N ALA C 956 -59.90 2.14 -15.07
CA ALA C 956 -59.34 2.48 -16.37
C ALA C 956 -57.82 2.29 -16.39
N ALA C 957 -57.15 2.64 -15.30
CA ALA C 957 -55.71 2.42 -15.22
C ALA C 957 -55.39 0.93 -15.29
N ALA C 958 -56.18 0.10 -14.60
CA ALA C 958 -55.99 -1.34 -14.69
C ALA C 958 -56.19 -1.82 -16.12
N LYS C 959 -57.23 -1.31 -16.79
CA LYS C 959 -57.47 -1.67 -18.18
C LYS C 959 -56.25 -1.34 -19.04
N LEU C 960 -55.71 -0.14 -18.88
CA LEU C 960 -54.57 0.27 -19.70
C LEU C 960 -53.35 -0.58 -19.41
N ARG C 961 -53.10 -0.90 -18.14
CA ARG C 961 -51.89 -1.61 -17.77
C ARG C 961 -52.00 -3.12 -17.93
N LEU C 962 -53.20 -3.65 -18.21
CA LEU C 962 -53.34 -5.10 -18.37
C LEU C 962 -52.35 -5.66 -19.37
N ARG C 963 -52.45 -5.23 -20.63
CA ARG C 963 -51.66 -5.85 -21.69
C ARG C 963 -50.16 -5.77 -21.43
N PRO C 964 -49.58 -4.63 -21.08
CA PRO C 964 -48.14 -4.62 -20.75
C PRO C 964 -47.77 -5.65 -19.70
N ILE C 965 -48.59 -5.78 -18.65
CA ILE C 965 -48.27 -6.69 -17.56
C ILE C 965 -48.29 -8.13 -18.07
N LEU C 966 -49.30 -8.49 -18.85
CA LEU C 966 -49.37 -9.86 -19.37
C LEU C 966 -48.20 -10.15 -20.32
N MET C 967 -47.86 -9.19 -21.17
CA MET C 967 -46.73 -9.40 -22.08
C MET C 967 -45.44 -9.63 -21.29
N THR C 968 -45.15 -8.76 -20.33
CA THR C 968 -43.93 -8.92 -19.55
C THR C 968 -43.95 -10.23 -18.76
N SER C 969 -45.09 -10.57 -18.18
CA SER C 969 -45.19 -11.80 -17.39
C SER C 969 -44.94 -13.02 -18.26
N LEU C 970 -45.59 -13.12 -19.41
CA LEU C 970 -45.35 -14.24 -20.29
C LEU C 970 -43.89 -14.32 -20.70
N ALA C 971 -43.32 -13.20 -21.16
CA ALA C 971 -41.94 -13.22 -21.64
C ALA C 971 -40.99 -13.69 -20.55
N PHE C 972 -41.04 -13.05 -19.38
CA PHE C 972 -40.08 -13.40 -18.28
C PHE C 972 -40.35 -14.80 -17.74
N THR C 973 -41.61 -15.18 -17.56
CA THR C 973 -41.91 -16.50 -17.01
C THR C 973 -41.41 -17.60 -17.94
N CYS C 974 -41.63 -17.45 -19.25
CA CYS C 974 -41.11 -18.42 -20.19
C CYS C 974 -39.60 -18.30 -20.37
N GLY C 975 -39.00 -17.18 -19.99
CA GLY C 975 -37.56 -17.04 -20.08
C GLY C 975 -36.82 -17.77 -18.97
N VAL C 976 -37.50 -18.04 -17.86
CA VAL C 976 -36.88 -18.72 -16.72
C VAL C 976 -37.21 -20.20 -16.68
N ILE C 977 -38.03 -20.70 -17.61
CA ILE C 977 -38.30 -22.14 -17.65
C ILE C 977 -37.01 -22.94 -17.78
N PRO C 978 -36.04 -22.57 -18.62
CA PRO C 978 -34.84 -23.40 -18.74
C PRO C 978 -34.14 -23.64 -17.42
N LEU C 979 -34.10 -22.64 -16.54
CA LEU C 979 -33.49 -22.83 -15.23
C LEU C 979 -34.36 -23.69 -14.32
N VAL C 980 -35.67 -23.65 -14.53
CA VAL C 980 -36.58 -24.47 -13.72
C VAL C 980 -36.38 -25.95 -14.03
N ILE C 981 -36.13 -26.28 -15.30
CA ILE C 981 -35.96 -27.66 -15.73
C ILE C 981 -34.54 -27.86 -16.22
N ALA C 982 -33.60 -27.12 -15.64
CA ALA C 982 -32.20 -27.21 -16.06
C ALA C 982 -31.62 -28.57 -15.72
N THR C 983 -30.59 -28.95 -16.47
CA THR C 983 -29.90 -30.21 -16.26
C THR C 983 -28.45 -30.04 -16.65
N GLY C 984 -27.62 -30.99 -16.23
CA GLY C 984 -26.19 -30.92 -16.48
C GLY C 984 -25.44 -30.38 -15.28
N ALA C 985 -24.17 -30.05 -15.53
CA ALA C 985 -23.31 -29.52 -14.49
C ALA C 985 -23.85 -28.18 -14.00
N SER C 986 -23.73 -27.95 -12.69
CA SER C 986 -24.21 -26.75 -12.02
C SER C 986 -25.73 -26.60 -12.11
N SER C 987 -26.46 -27.70 -12.30
CA SER C 987 -27.91 -27.60 -12.48
C SER C 987 -28.61 -27.18 -11.19
N GLU C 988 -28.01 -27.47 -10.03
CA GLU C 988 -28.70 -27.24 -8.78
C GLU C 988 -28.87 -25.75 -8.49
N THR C 989 -27.82 -24.94 -8.72
CA THR C 989 -27.94 -23.51 -8.52
C THR C 989 -28.93 -22.90 -9.52
N GLN C 990 -28.93 -23.41 -10.75
CA GLN C 990 -29.90 -22.96 -11.73
C GLN C 990 -31.33 -23.25 -11.25
N HIS C 991 -31.55 -24.44 -10.69
CA HIS C 991 -32.85 -24.76 -10.11
C HIS C 991 -33.19 -23.82 -8.97
N ALA C 992 -32.21 -23.52 -8.12
CA ALA C 992 -32.46 -22.64 -6.99
C ALA C 992 -32.92 -21.26 -7.46
N LEU C 993 -32.26 -20.71 -8.48
CA LEU C 993 -32.69 -19.44 -9.05
C LEU C 993 -34.06 -19.55 -9.70
N GLY C 994 -34.28 -20.60 -10.49
CA GLY C 994 -35.48 -20.65 -11.31
C GLY C 994 -36.75 -20.93 -10.52
N THR C 995 -36.66 -21.80 -9.51
CA THR C 995 -37.86 -22.27 -8.84
C THR C 995 -38.59 -21.13 -8.14
N GLY C 996 -37.88 -20.36 -7.33
CA GLY C 996 -38.52 -19.25 -6.64
C GLY C 996 -39.03 -18.19 -7.60
N VAL C 997 -38.24 -17.87 -8.63
CA VAL C 997 -38.63 -16.81 -9.56
C VAL C 997 -39.90 -17.20 -10.31
N PHE C 998 -39.99 -18.46 -10.74
CA PHE C 998 -41.17 -18.91 -11.49
C PHE C 998 -42.44 -18.74 -10.65
N GLY C 999 -42.40 -19.21 -9.40
CA GLY C 999 -43.58 -19.07 -8.54
C GLY C 999 -43.89 -17.63 -8.23
N GLY C 1000 -42.86 -16.83 -7.93
CA GLY C 1000 -43.10 -15.44 -7.58
C GLY C 1000 -43.71 -14.65 -8.71
N MET C 1001 -43.23 -14.86 -9.93
CA MET C 1001 -43.78 -14.13 -11.07
C MET C 1001 -45.25 -14.47 -11.28
N ILE C 1002 -45.60 -15.75 -11.23
CA ILE C 1002 -47.00 -16.15 -11.39
C ILE C 1002 -47.85 -15.52 -10.29
N SER C 1003 -47.43 -15.64 -9.03
CA SER C 1003 -48.23 -15.10 -7.95
C SER C 1003 -48.41 -13.60 -8.09
N ALA C 1004 -47.33 -12.87 -8.39
CA ALA C 1004 -47.43 -11.43 -8.54
C ALA C 1004 -48.37 -11.07 -9.69
N THR C 1005 -48.16 -11.67 -10.86
CA THR C 1005 -48.96 -11.31 -12.02
C THR C 1005 -50.45 -11.57 -11.76
N ILE C 1006 -50.78 -12.70 -11.14
CA ILE C 1006 -52.19 -13.02 -10.92
C ILE C 1006 -52.79 -12.13 -9.84
N LEU C 1007 -52.07 -11.93 -8.73
CA LEU C 1007 -52.68 -11.27 -7.58
C LEU C 1007 -52.67 -9.75 -7.72
N ALA C 1008 -51.53 -9.16 -8.09
CA ALA C 1008 -51.40 -7.72 -8.05
C ALA C 1008 -52.42 -7.03 -8.95
N ILE C 1009 -52.63 -7.56 -10.15
CA ILE C 1009 -53.52 -6.88 -11.11
C ILE C 1009 -54.91 -6.69 -10.50
N PHE C 1010 -55.36 -7.62 -9.66
CA PHE C 1010 -56.64 -7.48 -9.00
C PHE C 1010 -56.54 -6.69 -7.70
N PHE C 1011 -55.41 -6.78 -7.01
CA PHE C 1011 -55.33 -6.25 -5.65
C PHE C 1011 -54.99 -4.77 -5.64
N VAL C 1012 -54.00 -4.33 -6.41
CA VAL C 1012 -53.49 -2.96 -6.28
C VAL C 1012 -54.59 -1.94 -6.56
N PRO C 1013 -55.56 -2.18 -7.45
CA PRO C 1013 -56.70 -1.25 -7.50
C PRO C 1013 -57.43 -1.17 -6.17
N VAL C 1014 -57.63 -2.31 -5.52
CA VAL C 1014 -58.30 -2.32 -4.22
C VAL C 1014 -57.45 -1.60 -3.19
N PHE C 1015 -56.14 -1.82 -3.20
CA PHE C 1015 -55.26 -1.11 -2.28
C PHE C 1015 -55.39 0.39 -2.48
N PHE C 1016 -55.25 0.86 -3.71
CA PHE C 1016 -55.34 2.29 -3.99
C PHE C 1016 -56.67 2.86 -3.52
N ILE C 1017 -57.78 2.20 -3.89
CA ILE C 1017 -59.09 2.73 -3.55
C ILE C 1017 -59.30 2.75 -2.04
N PHE C 1018 -58.93 1.67 -1.35
CA PHE C 1018 -59.13 1.62 0.09
C PHE C 1018 -58.31 2.69 0.80
N ILE C 1019 -57.04 2.84 0.43
CA ILE C 1019 -56.20 3.83 1.09
C ILE C 1019 -56.73 5.23 0.82
N LEU C 1020 -57.12 5.53 -0.41
CA LEU C 1020 -57.63 6.87 -0.71
C LEU C 1020 -58.93 7.13 0.02
N GLY C 1021 -59.82 6.15 0.09
CA GLY C 1021 -61.06 6.32 0.81
C GLY C 1021 -60.83 6.54 2.31
N ALA C 1022 -59.90 5.79 2.88
CA ALA C 1022 -59.57 5.98 4.29
C ALA C 1022 -58.99 7.37 4.53
N VAL C 1023 -58.13 7.84 3.62
CA VAL C 1023 -57.58 9.18 3.76
C VAL C 1023 -58.69 10.22 3.72
N GLU C 1024 -59.63 10.06 2.78
CA GLU C 1024 -60.75 11.00 2.71
C GLU C 1024 -61.61 10.95 3.97
N LYS C 1025 -61.86 9.75 4.50
CA LYS C 1025 -62.67 9.62 5.71
C LYS C 1025 -62.01 10.31 6.89
N LEU C 1026 -60.70 10.08 7.08
CA LEU C 1026 -60.00 10.66 8.21
C LEU C 1026 -60.01 12.18 8.15
N PHE C 1027 -59.78 12.75 6.97
CA PHE C 1027 -59.77 14.20 6.80
C PHE C 1027 -61.14 14.70 6.40
#